data_2M7W
#
_entry.id   2M7W
#
_entity_poly.entity_id   1
_entity_poly.type   'polypeptide(L)'
_entity_poly.pdbx_seq_one_letter_code
;GYIPEAPRDGQAYVRKDGEWVLLSTFLGSSGNEQELLELDKWASLWNWFNITNWLWYIK
;
_entity_poly.pdbx_strand_id   A,B,C
#
# COMPACT_ATOMS: atom_id res chain seq x y z
N GLY A 1 -8.26 -27.40 -23.42
CA GLY A 1 -9.71 -27.08 -23.46
C GLY A 1 -10.09 -26.25 -22.22
N TYR A 2 -9.63 -26.70 -21.04
CA TYR A 2 -9.89 -26.01 -19.74
C TYR A 2 -8.56 -25.40 -19.25
N ILE A 3 -8.62 -24.15 -18.73
CA ILE A 3 -7.42 -23.39 -18.24
C ILE A 3 -7.08 -23.68 -16.77
N PRO A 4 -8.05 -23.85 -15.88
CA PRO A 4 -7.72 -24.13 -14.44
C PRO A 4 -6.91 -25.45 -14.23
N GLU A 5 -6.00 -25.39 -13.24
CA GLU A 5 -5.11 -26.51 -12.80
C GLU A 5 -5.39 -26.84 -11.33
N ALA A 6 -6.00 -25.90 -10.61
CA ALA A 6 -6.29 -26.07 -9.19
C ALA A 6 -4.96 -26.11 -8.41
N PRO A 7 -4.20 -25.00 -8.35
CA PRO A 7 -2.88 -24.96 -7.61
C PRO A 7 -3.17 -24.61 -6.14
N ARG A 8 -2.78 -25.49 -5.20
CA ARG A 8 -3.03 -25.32 -3.75
C ARG A 8 -1.68 -25.35 -3.04
N ASP A 9 -1.28 -24.21 -2.43
CA ASP A 9 0.02 -24.11 -1.71
C ASP A 9 -0.13 -23.18 -0.53
N GLY A 10 -1.36 -22.75 -0.28
CA GLY A 10 -1.65 -21.82 0.85
C GLY A 10 -1.21 -20.40 0.52
N GLN A 11 -0.54 -20.25 -0.62
CA GLN A 11 -0.04 -18.92 -1.12
C GLN A 11 -1.20 -18.23 -1.89
N ALA A 12 -1.12 -16.86 -2.08
CA ALA A 12 -2.19 -16.05 -2.78
C ALA A 12 -1.55 -15.53 -4.07
N TYR A 13 -2.36 -15.41 -5.15
CA TYR A 13 -1.89 -14.97 -6.46
C TYR A 13 -3.06 -14.41 -7.28
N VAL A 14 -2.72 -13.67 -8.35
CA VAL A 14 -3.68 -12.93 -9.24
C VAL A 14 -3.67 -13.58 -10.59
N ARG A 15 -4.64 -13.17 -11.42
CA ARG A 15 -4.78 -13.68 -12.78
C ARG A 15 -4.04 -12.73 -13.72
N LYS A 16 -2.92 -13.18 -14.29
CA LYS A 16 -2.13 -12.35 -15.30
C LYS A 16 -1.75 -13.24 -16.48
N ASP A 17 -2.03 -12.78 -17.74
CA ASP A 17 -1.68 -13.56 -18.96
C ASP A 17 -1.93 -15.07 -18.77
N GLY A 18 -3.06 -15.43 -18.15
CA GLY A 18 -3.36 -16.83 -17.92
C GLY A 18 -2.36 -17.49 -16.98
N GLU A 19 -1.80 -16.76 -15.96
CA GLU A 19 -0.81 -17.35 -15.03
C GLU A 19 -1.15 -16.86 -13.63
N TRP A 20 -0.87 -17.70 -12.65
CA TRP A 20 -1.12 -17.42 -11.23
C TRP A 20 0.19 -16.77 -10.74
N VAL A 21 0.11 -15.49 -10.31
CA VAL A 21 1.31 -14.71 -9.86
C VAL A 21 1.05 -14.08 -8.46
N LEU A 22 1.99 -14.25 -7.55
CA LEU A 22 1.91 -13.74 -6.19
C LEU A 22 1.70 -12.23 -6.24
N LEU A 23 0.51 -11.77 -5.79
CA LEU A 23 0.22 -10.35 -5.75
C LEU A 23 1.26 -9.63 -4.89
N SER A 24 1.85 -10.33 -3.88
CA SER A 24 2.83 -9.72 -3.01
C SER A 24 3.96 -9.03 -3.75
N THR A 25 4.35 -9.54 -4.92
CA THR A 25 5.44 -8.95 -5.68
C THR A 25 5.06 -7.56 -6.18
N PHE A 26 3.75 -7.33 -6.40
CA PHE A 26 3.20 -6.03 -6.85
C PHE A 26 2.74 -5.21 -5.66
N LEU A 27 2.49 -5.86 -4.50
CA LEU A 27 2.09 -5.14 -3.25
C LEU A 27 3.37 -4.43 -2.71
N GLY A 28 4.51 -5.16 -2.86
CA GLY A 28 5.87 -4.74 -2.41
C GLY A 28 6.33 -5.46 -1.13
N SER A 29 5.87 -6.69 -0.93
CA SER A 29 6.28 -7.54 0.20
C SER A 29 6.38 -6.78 1.55
N SER A 30 7.47 -7.06 2.31
CA SER A 30 7.73 -6.50 3.64
C SER A 30 6.66 -6.94 4.57
N GLY A 31 5.92 -7.98 4.12
CA GLY A 31 4.74 -8.44 4.86
C GLY A 31 3.62 -7.46 4.55
N ASN A 32 4.00 -6.35 3.87
CA ASN A 32 3.20 -5.19 3.59
C ASN A 32 3.32 -4.31 4.82
N GLU A 33 4.12 -4.79 5.82
CA GLU A 33 4.21 -4.12 7.09
C GLU A 33 4.71 -2.72 6.86
N GLN A 34 5.63 -2.63 5.96
CA GLN A 34 6.32 -1.31 5.71
C GLN A 34 5.40 -0.21 5.10
N GLU A 35 4.25 -0.61 4.54
CA GLU A 35 3.18 0.41 4.12
C GLU A 35 2.23 0.85 5.26
N LEU A 36 1.65 -0.17 5.90
CA LEU A 36 0.69 -0.02 7.04
C LEU A 36 1.30 0.19 8.44
N LEU A 37 2.09 -0.79 8.87
CA LEU A 37 2.62 -0.86 10.23
C LEU A 37 3.43 0.33 10.66
N GLU A 38 4.13 1.05 9.78
CA GLU A 38 4.94 2.17 10.24
C GLU A 38 3.96 3.25 10.72
N LEU A 39 2.89 3.49 9.95
CA LEU A 39 1.97 4.60 10.26
C LEU A 39 1.44 4.44 11.70
N ASP A 40 1.07 3.25 12.04
CA ASP A 40 0.58 2.95 13.35
C ASP A 40 1.64 3.26 14.42
N LYS A 41 2.91 2.93 14.14
CA LYS A 41 4.03 3.18 15.07
C LYS A 41 4.28 4.70 15.35
N TRP A 42 4.20 5.52 14.32
CA TRP A 42 4.53 6.95 14.47
C TRP A 42 3.73 7.63 15.55
N ALA A 43 2.49 7.30 15.60
CA ALA A 43 1.55 7.88 16.56
C ALA A 43 2.01 7.63 17.97
N SER A 44 2.40 6.39 18.19
CA SER A 44 2.77 5.96 19.51
C SER A 44 3.87 6.80 20.11
N LEU A 45 5.07 6.85 19.49
CA LEU A 45 6.14 7.72 20.08
C LEU A 45 5.71 9.19 20.02
N TRP A 46 5.10 9.61 18.92
CA TRP A 46 4.72 11.03 18.77
C TRP A 46 3.71 11.45 19.88
N ASN A 47 2.78 10.55 20.21
CA ASN A 47 1.75 10.81 21.25
C ASN A 47 2.37 10.97 22.67
N TRP A 48 3.40 10.18 23.03
CA TRP A 48 4.02 10.28 24.36
C TRP A 48 4.68 11.67 24.50
N PHE A 49 4.88 12.42 23.39
CA PHE A 49 5.56 13.77 23.44
C PHE A 49 4.53 14.89 23.63
N ASN A 50 3.27 14.55 23.79
CA ASN A 50 2.23 15.53 24.02
C ASN A 50 2.45 16.16 25.39
N ILE A 51 3.07 15.43 26.37
CA ILE A 51 3.22 15.99 27.73
C ILE A 51 3.93 17.33 27.65
N THR A 52 4.73 17.50 26.58
CA THR A 52 5.44 18.76 26.30
C THR A 52 4.51 19.74 25.59
N ASN A 53 3.51 19.22 24.83
CA ASN A 53 2.61 20.17 24.09
C ASN A 53 1.77 21.03 25.09
N TRP A 54 1.05 20.39 26.05
CA TRP A 54 0.16 21.13 27.04
C TRP A 54 1.02 21.87 28.06
N LEU A 55 2.26 21.44 28.22
CA LEU A 55 3.14 22.02 29.25
C LEU A 55 3.28 23.54 28.98
N TRP A 56 3.53 23.88 27.73
CA TRP A 56 3.67 25.30 27.34
C TRP A 56 2.37 26.07 27.58
N TYR A 57 1.28 25.41 27.19
CA TYR A 57 -0.05 26.02 27.29
C TYR A 57 -0.42 26.26 28.74
N ILE A 58 -0.33 25.22 29.58
CA ILE A 58 -0.69 25.32 30.99
C ILE A 58 0.33 26.16 31.75
N LYS A 59 1.57 26.24 31.24
CA LYS A 59 2.63 27.04 31.92
C LYS A 59 3.69 27.45 30.88
N GLY B 1 -15.73 -31.93 -10.08
CA GLY B 1 -15.10 -31.94 -11.43
C GLY B 1 -14.66 -30.53 -11.80
N TYR B 2 -15.57 -29.54 -11.59
CA TYR B 2 -15.31 -28.10 -11.88
C TYR B 2 -15.19 -27.36 -10.54
N ILE B 3 -14.20 -26.44 -10.44
CA ILE B 3 -13.91 -25.65 -9.19
C ILE B 3 -14.74 -24.35 -9.10
N PRO B 4 -14.97 -23.63 -10.18
CA PRO B 4 -15.76 -22.36 -10.11
C PRO B 4 -17.22 -22.58 -9.60
N GLU B 5 -17.70 -21.58 -8.81
CA GLU B 5 -19.06 -21.51 -8.21
C GLU B 5 -19.79 -20.25 -8.75
N ALA B 6 -19.01 -19.29 -9.25
CA ALA B 6 -19.58 -18.04 -9.74
C ALA B 6 -20.16 -17.23 -8.56
N PRO B 7 -19.33 -16.76 -7.62
CA PRO B 7 -19.82 -15.97 -6.43
C PRO B 7 -19.90 -14.48 -6.84
N ARG B 8 -21.11 -13.89 -6.75
CA ARG B 8 -21.38 -12.49 -7.14
C ARG B 8 -21.92 -11.76 -5.92
N ASP B 9 -21.17 -10.77 -5.40
CA ASP B 9 -21.58 -9.99 -4.21
C ASP B 9 -21.09 -8.57 -4.33
N GLY B 10 -20.50 -8.25 -5.48
CA GLY B 10 -19.96 -6.90 -5.74
C GLY B 10 -18.64 -6.69 -5.01
N GLN B 11 -18.27 -7.67 -4.18
CA GLN B 11 -17.00 -7.65 -3.38
C GLN B 11 -15.85 -8.19 -4.29
N ALA B 12 -14.56 -7.89 -3.93
CA ALA B 12 -13.35 -8.32 -4.73
C ALA B 12 -12.58 -9.32 -3.85
N TYR B 13 -11.94 -10.35 -4.48
CA TYR B 13 -11.22 -11.38 -3.77
C TYR B 13 -10.18 -12.02 -4.69
N VAL B 14 -9.22 -12.74 -4.08
CA VAL B 14 -8.05 -13.38 -4.78
C VAL B 14 -8.20 -14.87 -4.72
N ARG B 15 -7.35 -15.56 -5.48
CA ARG B 15 -7.34 -17.02 -5.53
C ARG B 15 -6.32 -17.52 -4.50
N LYS B 16 -6.79 -18.16 -3.42
CA LYS B 16 -5.88 -18.76 -2.37
C LYS B 16 -6.38 -20.16 -2.02
N ASP B 17 -5.49 -21.19 -2.03
CA ASP B 17 -5.89 -22.59 -1.69
C ASP B 17 -7.27 -22.95 -2.24
N GLY B 18 -7.57 -22.55 -3.47
CA GLY B 18 -8.86 -22.85 -4.06
C GLY B 18 -10.00 -22.12 -3.34
N GLU B 19 -9.78 -20.88 -2.78
CA GLU B 19 -10.84 -20.15 -2.04
C GLU B 19 -10.77 -18.70 -2.46
N TRP B 20 -11.94 -18.05 -2.47
CA TRP B 20 -12.08 -16.65 -2.85
C TRP B 20 -11.93 -15.89 -1.52
N VAL B 21 -10.87 -15.05 -1.41
CA VAL B 21 -10.56 -14.27 -0.16
C VAL B 21 -10.38 -12.77 -0.48
N LEU B 22 -11.05 -11.93 0.29
CA LEU B 22 -11.00 -10.48 0.13
C LEU B 22 -9.55 -10.01 0.21
N LEU B 23 -9.02 -9.50 -0.92
CA LEU B 23 -7.65 -9.00 -0.94
C LEU B 23 -7.51 -7.88 0.09
N SER B 24 -8.61 -7.14 0.41
CA SER B 24 -8.54 -6.05 1.37
C SER B 24 -7.92 -6.45 2.68
N THR B 25 -8.09 -7.69 3.11
CA THR B 25 -7.53 -8.14 4.38
C THR B 25 -6.00 -8.15 4.34
N PHE B 26 -5.44 -8.34 3.14
CA PHE B 26 -3.97 -8.35 2.90
C PHE B 26 -3.51 -6.98 2.45
N LEU B 27 -4.44 -6.13 1.93
CA LEU B 27 -4.09 -4.75 1.51
C LEU B 27 -3.90 -3.92 2.83
N GLY B 28 -4.77 -4.25 3.82
CA GLY B 28 -4.81 -3.59 5.16
C GLY B 28 -6.00 -2.61 5.31
N SER B 29 -7.10 -2.88 4.61
CA SER B 29 -8.34 -2.10 4.71
C SER B 29 -8.10 -0.56 4.77
N SER B 30 -8.83 0.12 5.68
CA SER B 30 -8.82 1.56 5.86
C SER B 30 -9.29 2.22 4.62
N GLY B 31 -9.94 1.40 3.76
CA GLY B 31 -10.35 1.86 2.44
C GLY B 31 -9.10 1.86 1.56
N ASN B 32 -7.94 1.62 2.24
CA ASN B 32 -6.61 1.71 1.70
C ASN B 32 -6.23 3.18 1.82
N GLU B 33 -7.17 3.99 2.39
CA GLU B 33 -6.99 5.42 2.43
C GLU B 33 -5.74 5.72 3.22
N GLN B 34 -5.57 4.95 4.24
CA GLN B 34 -4.41 5.23 5.19
C GLN B 34 -3.00 4.98 4.57
N GLU B 35 -2.93 4.24 3.44
CA GLU B 35 -1.63 4.15 2.65
C GLU B 35 -1.39 5.32 1.67
N LEU B 36 -2.41 5.52 0.82
CA LEU B 36 -2.44 6.58 -0.24
C LEU B 36 -2.83 8.00 0.22
N LEU B 37 -4.05 8.11 0.76
CA LEU B 37 -4.66 9.39 1.08
C LEU B 37 -3.89 10.26 2.03
N GLU B 38 -3.10 9.73 2.96
CA GLU B 38 -2.38 10.59 3.90
C GLU B 38 -1.34 11.36 3.08
N LEU B 39 -0.64 10.66 2.17
CA LEU B 39 0.49 11.27 1.46
C LEU B 39 -0.01 12.54 0.73
N ASP B 40 -1.15 12.41 0.10
CA ASP B 40 -1.74 13.51 -0.60
C ASP B 40 -2.03 14.69 0.35
N LYS B 41 -2.52 14.38 1.56
CA LYS B 41 -2.84 15.41 2.58
C LYS B 41 -1.59 16.21 3.05
N TRP B 42 -0.47 15.52 3.27
CA TRP B 42 0.71 16.19 3.84
C TRP B 42 1.18 17.38 3.04
N ALA B 43 1.11 17.24 1.76
CA ALA B 43 1.54 18.29 0.84
C ALA B 43 0.74 19.54 1.05
N SER B 44 -0.55 19.34 1.18
CA SER B 44 -1.46 20.46 1.28
C SER B 44 -1.12 21.38 2.44
N LEU B 45 -1.13 20.87 3.69
CA LEU B 45 -0.75 21.79 4.82
C LEU B 45 0.70 22.21 4.69
N TRP B 46 1.58 21.30 4.31
CA TRP B 46 3.02 21.63 4.21
C TRP B 46 3.27 22.76 3.18
N ASN B 47 2.53 22.70 2.06
CA ASN B 47 2.65 23.70 0.96
C ASN B 47 2.21 25.12 1.41
N TRP B 48 1.14 25.25 2.22
CA TRP B 48 0.67 26.56 2.68
C TRP B 48 1.75 27.22 3.56
N PHE B 49 2.77 26.45 4.03
CA PHE B 49 3.84 27.00 4.94
C PHE B 49 5.03 27.51 4.12
N ASN B 50 4.94 27.45 2.80
CA ASN B 50 6.00 27.95 1.94
C ASN B 50 6.09 29.47 2.11
N ILE B 51 4.96 30.17 2.45
CA ILE B 51 5.00 31.66 2.52
C ILE B 51 6.10 32.08 3.47
N THR B 52 6.43 31.18 4.41
CA THR B 52 7.51 31.41 5.38
C THR B 52 8.85 31.03 4.74
N ASN B 53 8.85 30.07 3.77
CA ASN B 53 10.16 29.67 3.17
C ASN B 53 10.81 30.84 2.38
N TRP B 54 10.05 31.48 1.43
CA TRP B 54 10.61 32.60 0.58
C TRP B 54 10.77 33.87 1.42
N LEU B 55 10.06 33.93 2.53
CA LEU B 55 10.06 35.15 3.35
C LEU B 55 11.52 35.43 3.81
N TRP B 56 12.19 34.40 4.28
CA TRP B 56 13.58 34.53 4.73
C TRP B 56 14.50 34.94 3.57
N TYR B 57 14.26 34.29 2.43
CA TYR B 57 15.08 34.50 1.24
C TYR B 57 14.91 35.94 0.74
N ILE B 58 13.65 36.35 0.52
CA ILE B 58 13.36 37.70 0.01
C ILE B 58 13.66 38.76 1.06
N LYS B 59 13.64 38.38 2.35
CA LYS B 59 13.91 39.36 3.44
C LYS B 59 14.40 38.59 4.68
N GLY C 1 -22.56 -21.54 -19.86
CA GLY C 1 -22.26 -22.76 -19.07
C GLY C 1 -20.93 -22.58 -18.34
N TYR C 2 -19.90 -22.10 -19.07
CA TYR C 2 -18.53 -21.85 -18.51
C TYR C 2 -18.33 -20.34 -18.44
N ILE C 3 -17.73 -19.85 -17.31
CA ILE C 3 -17.49 -18.40 -17.05
C ILE C 3 -16.13 -17.91 -17.64
N PRO C 4 -15.07 -18.68 -17.59
CA PRO C 4 -13.74 -18.20 -18.14
C PRO C 4 -13.81 -17.89 -19.67
N GLU C 5 -13.04 -16.83 -20.05
CA GLU C 5 -12.88 -16.33 -21.45
C GLU C 5 -11.40 -16.42 -21.85
N ALA C 6 -10.51 -16.52 -20.87
CA ALA C 6 -9.08 -16.56 -21.12
C ALA C 6 -8.61 -15.21 -21.69
N PRO C 7 -8.66 -14.12 -20.92
CA PRO C 7 -8.22 -12.76 -21.41
C PRO C 7 -6.71 -12.62 -21.17
N ARG C 8 -5.93 -12.40 -22.25
CA ARG C 8 -4.46 -12.29 -22.20
C ARG C 8 -4.07 -10.93 -22.76
N ASP C 9 -3.50 -10.06 -21.90
CA ASP C 9 -3.09 -8.69 -22.32
C ASP C 9 -1.85 -8.27 -21.57
N GLY C 10 -1.31 -9.20 -20.79
CA GLY C 10 -0.10 -8.93 -19.98
C GLY C 10 -0.43 -8.10 -18.75
N GLN C 11 -1.68 -7.64 -18.68
CA GLN C 11 -2.20 -6.82 -17.54
C GLN C 11 -2.65 -7.78 -16.40
N ALA C 12 -2.78 -7.28 -15.13
CA ALA C 12 -3.18 -8.10 -13.94
C ALA C 12 -4.55 -7.58 -13.48
N TYR C 13 -5.41 -8.49 -12.96
CA TYR C 13 -6.76 -8.15 -12.53
C TYR C 13 -7.26 -9.18 -11.53
N VAL C 14 -8.34 -8.81 -10.81
CA VAL C 14 -8.94 -9.61 -9.68
C VAL C 14 -10.31 -10.08 -10.11
N ARG C 15 -10.86 -10.99 -9.30
CA ARG C 15 -12.18 -11.55 -9.56
C ARG C 15 -13.20 -10.71 -8.78
N LYS C 16 -14.05 -9.96 -9.50
CA LYS C 16 -15.15 -9.12 -8.86
C LYS C 16 -16.45 -9.32 -9.66
N ASP C 17 -17.58 -9.65 -8.97
CA ASP C 17 -18.89 -9.83 -9.65
C ASP C 17 -18.75 -10.55 -11.00
N GLY C 18 -17.90 -11.59 -11.05
CA GLY C 18 -17.69 -12.31 -12.29
C GLY C 18 -17.02 -11.45 -13.36
N GLU C 19 -16.11 -10.49 -12.99
CA GLU C 19 -15.47 -9.61 -13.99
C GLU C 19 -14.01 -9.48 -13.61
N TRP C 20 -13.16 -9.33 -14.63
CA TRP C 20 -11.70 -9.20 -14.45
C TRP C 20 -11.49 -7.68 -14.34
N VAL C 21 -10.98 -7.22 -13.18
CA VAL C 21 -10.76 -5.76 -12.90
C VAL C 21 -9.31 -5.52 -12.41
N LEU C 22 -8.64 -4.54 -12.99
CA LEU C 22 -7.28 -4.18 -12.68
C LEU C 22 -7.18 -3.86 -11.18
N LEU C 23 -6.45 -4.70 -10.42
CA LEU C 23 -6.27 -4.47 -8.99
C LEU C 23 -5.62 -3.09 -8.78
N SER C 24 -4.81 -2.61 -9.77
CA SER C 24 -4.14 -1.33 -9.63
C SER C 24 -5.08 -0.19 -9.26
N THR C 25 -6.33 -0.25 -9.71
CA THR C 25 -7.28 0.82 -9.41
C THR C 25 -7.60 0.87 -7.92
N PHE C 26 -7.51 -0.30 -7.25
CA PHE C 26 -7.76 -0.43 -5.80
C PHE C 26 -6.44 -0.34 -5.03
N LEU C 27 -5.29 -0.58 -5.71
CA LEU C 27 -3.96 -0.46 -5.07
C LEU C 27 -3.67 1.07 -4.90
N GLY C 28 -4.11 1.83 -5.93
CA GLY C 28 -3.96 3.31 -6.05
C GLY C 28 -2.84 3.73 -7.04
N SER C 29 -2.62 2.91 -8.07
CA SER C 29 -1.66 3.20 -9.14
C SER C 29 -0.32 3.82 -8.64
N SER C 30 0.15 4.86 -9.35
CA SER C 30 1.41 5.54 -9.09
C SER C 30 2.53 4.57 -9.27
N GLY C 31 2.20 3.46 -9.94
CA GLY C 31 3.16 2.36 -10.08
C GLY C 31 3.18 1.61 -8.76
N ASN C 32 2.49 2.22 -7.76
CA ASN C 32 2.46 1.84 -6.37
C ASN C 32 3.68 2.49 -5.76
N GLU C 33 4.44 3.24 -6.59
CA GLU C 33 5.70 3.80 -6.16
C GLU C 33 5.44 4.72 -4.99
N GLN C 34 4.36 5.40 -5.08
CA GLN C 34 4.05 6.46 -4.04
C GLN C 34 3.72 5.87 -2.64
N GLU C 35 3.41 4.57 -2.55
CA GLU C 35 3.30 3.87 -1.20
C GLU C 35 4.65 3.37 -0.63
N LEU C 36 5.34 2.60 -1.47
CA LEU C 36 6.67 1.99 -1.17
C LEU C 36 7.91 2.88 -1.35
N LEU C 37 8.09 3.35 -2.59
CA LEU C 37 9.29 4.07 -3.00
C LEU C 37 9.61 5.31 -2.21
N GLU C 38 8.63 6.04 -1.66
CA GLU C 38 8.97 7.27 -0.92
C GLU C 38 9.72 6.83 0.34
N LEU C 39 9.22 5.78 1.01
CA LEU C 39 9.79 5.39 2.32
C LEU C 39 11.30 5.12 2.16
N ASP C 40 11.64 4.42 1.11
CA ASP C 40 13.01 4.11 0.82
C ASP C 40 13.83 5.41 0.64
N LYS C 41 13.25 6.40 -0.06
CA LYS C 41 13.92 7.69 -0.32
C LYS C 41 14.24 8.50 0.99
N TRP C 42 13.30 8.52 1.92
CA TRP C 42 13.45 9.35 3.12
C TRP C 42 14.72 9.06 3.90
N ALA C 43 15.03 7.81 3.98
CA ALA C 43 16.20 7.34 4.70
C ALA C 43 17.45 7.94 4.13
N SER C 44 17.52 7.91 2.81
CA SER C 44 18.70 8.33 2.11
C SER C 44 19.08 9.76 2.46
N LEU C 45 18.21 10.76 2.20
CA LEU C 45 18.59 12.15 2.59
C LEU C 45 18.71 12.27 4.10
N TRP C 46 17.81 11.64 4.84
CA TRP C 46 17.84 11.75 6.31
C TRP C 46 19.15 11.20 6.90
N ASN C 47 19.64 10.08 6.32
CA ASN C 47 20.89 9.42 6.77
C ASN C 47 22.14 10.32 6.53
N TRP C 48 22.22 11.06 5.40
CA TRP C 48 23.38 11.92 5.12
C TRP C 48 23.46 13.04 6.18
N PHE C 49 22.37 13.27 6.97
CA PHE C 49 22.34 14.37 8.00
C PHE C 49 22.82 13.86 9.36
N ASN C 50 23.23 12.60 9.44
CA ASN C 50 23.75 12.03 10.66
C ASN C 50 25.07 12.72 11.00
N ILE C 51 25.84 13.21 9.98
CA ILE C 51 27.17 13.81 10.28
C ILE C 51 27.00 14.92 11.32
N THR C 52 25.80 15.50 11.35
CA THR C 52 25.45 16.54 12.32
C THR C 52 25.02 15.89 13.64
N ASN C 53 24.46 14.65 13.59
CA ASN C 53 24.01 14.03 14.87
C ASN C 53 25.21 13.74 15.82
N TRP C 54 26.28 13.03 15.33
CA TRP C 54 27.46 12.66 16.19
C TRP C 54 28.33 13.91 16.47
N LEU C 55 28.16 14.92 15.62
CA LEU C 55 29.01 16.12 15.76
C LEU C 55 28.81 16.73 17.17
N TRP C 56 27.55 16.84 17.56
CA TRP C 56 27.23 17.39 18.89
C TRP C 56 27.79 16.52 20.01
N TYR C 57 27.62 15.21 19.80
CA TYR C 57 28.04 14.22 20.79
C TYR C 57 29.56 14.24 20.96
N ILE C 58 30.29 14.12 19.83
CA ILE C 58 31.75 14.09 19.86
C ILE C 58 32.30 15.46 20.22
N LYS C 59 31.54 16.53 19.95
CA LYS C 59 32.01 17.92 20.26
C LYS C 59 30.79 18.83 20.44
N GLY A 1 -6.96 -30.73 -21.45
CA GLY A 1 -8.45 -30.82 -21.52
C GLY A 1 -9.04 -29.42 -21.31
N TYR A 2 -9.22 -29.03 -20.04
CA TYR A 2 -9.78 -27.72 -19.64
C TYR A 2 -8.64 -26.74 -19.30
N ILE A 3 -8.65 -26.18 -18.06
CA ILE A 3 -7.62 -25.23 -17.55
C ILE A 3 -7.45 -25.36 -16.02
N PRO A 4 -8.49 -25.26 -15.18
CA PRO A 4 -8.30 -25.42 -13.68
C PRO A 4 -7.62 -26.77 -13.31
N GLU A 5 -6.75 -26.70 -12.29
CA GLU A 5 -5.97 -27.86 -11.74
C GLU A 5 -6.51 -28.17 -10.31
N ALA A 6 -7.17 -27.19 -9.70
CA ALA A 6 -7.74 -27.31 -8.35
C ALA A 6 -6.63 -27.09 -7.29
N PRO A 7 -5.90 -25.99 -7.34
CA PRO A 7 -4.81 -25.73 -6.34
C PRO A 7 -5.36 -25.26 -4.97
N ARG A 8 -5.20 -26.09 -3.94
CA ARG A 8 -5.71 -25.79 -2.57
C ARG A 8 -4.53 -25.86 -1.61
N ASP A 9 -3.99 -24.69 -1.20
CA ASP A 9 -2.83 -24.59 -0.27
C ASP A 9 -3.16 -23.58 0.84
N GLY A 10 -4.35 -23.00 0.76
CA GLY A 10 -4.82 -22.03 1.75
C GLY A 10 -4.17 -20.66 1.55
N GLN A 11 -3.32 -20.54 0.50
CA GLN A 11 -2.59 -19.27 0.15
C GLN A 11 -3.43 -18.56 -0.95
N ALA A 12 -3.11 -17.28 -1.26
CA ALA A 12 -3.85 -16.47 -2.29
C ALA A 12 -2.97 -16.28 -3.52
N TYR A 13 -3.58 -16.35 -4.73
CA TYR A 13 -2.90 -16.21 -6.03
C TYR A 13 -3.84 -15.64 -7.11
N VAL A 14 -3.24 -15.20 -8.20
CA VAL A 14 -3.93 -14.47 -9.33
C VAL A 14 -3.84 -15.23 -10.62
N ARG A 15 -4.52 -14.72 -11.68
CA ARG A 15 -4.38 -15.39 -13.03
C ARG A 15 -3.37 -14.51 -13.82
N LYS A 16 -2.18 -15.07 -14.10
CA LYS A 16 -1.13 -14.41 -14.93
C LYS A 16 -0.71 -15.46 -15.99
N ASP A 17 -0.84 -15.15 -17.29
CA ASP A 17 -0.45 -16.14 -18.35
C ASP A 17 -0.97 -17.56 -18.03
N GLY A 18 -2.19 -17.67 -17.49
CA GLY A 18 -2.71 -18.99 -17.18
C GLY A 18 -1.88 -19.66 -16.06
N GLU A 19 -1.38 -18.89 -15.03
CA GLU A 19 -0.55 -19.46 -13.94
C GLU A 19 -1.09 -18.95 -12.60
N TRP A 20 -1.06 -19.80 -11.58
CA TRP A 20 -1.53 -19.44 -10.23
C TRP A 20 -0.32 -18.74 -9.61
N VAL A 21 -0.33 -17.38 -9.28
CA VAL A 21 0.92 -16.71 -8.70
C VAL A 21 0.53 -15.84 -7.45
N LEU A 22 1.27 -16.02 -6.36
CA LEU A 22 1.17 -15.34 -5.10
C LEU A 22 1.08 -13.82 -5.29
N LEU A 23 -0.05 -13.27 -4.92
CA LEU A 23 -0.29 -11.84 -4.99
C LEU A 23 0.72 -11.13 -4.10
N SER A 24 1.04 -11.70 -2.96
CA SER A 24 1.94 -11.04 -2.00
C SER A 24 3.19 -10.43 -2.66
N THR A 25 3.69 -11.03 -3.74
CA THR A 25 4.82 -10.47 -4.51
C THR A 25 4.47 -9.20 -5.30
N PHE A 26 3.20 -9.10 -5.78
CA PHE A 26 2.71 -7.95 -6.59
C PHE A 26 2.31 -6.81 -5.70
N LEU A 27 1.90 -7.10 -4.46
CA LEU A 27 1.54 -6.03 -3.50
C LEU A 27 2.82 -5.37 -3.07
N GLY A 28 3.92 -6.12 -3.21
CA GLY A 28 5.25 -5.62 -2.85
C GLY A 28 5.44 -5.86 -1.38
N SER A 29 4.62 -6.79 -0.86
CA SER A 29 4.62 -7.11 0.57
C SER A 29 5.84 -7.97 0.85
N SER A 30 6.17 -8.02 2.12
CA SER A 30 7.42 -8.65 2.59
C SER A 30 8.54 -7.63 2.33
N GLY A 31 8.12 -6.43 1.85
CA GLY A 31 9.02 -5.31 1.56
C GLY A 31 8.26 -3.99 1.45
N ASN A 32 7.16 -3.89 2.21
CA ASN A 32 6.30 -2.68 2.20
C ASN A 32 5.46 -2.68 3.49
N GLU A 33 5.41 -3.82 4.19
CA GLU A 33 4.59 -3.96 5.37
C GLU A 33 5.05 -2.94 6.42
N GLN A 34 6.24 -2.45 6.15
CA GLN A 34 6.90 -1.45 7.03
C GLN A 34 6.07 -0.13 6.97
N GLU A 35 5.66 0.29 5.80
CA GLU A 35 4.94 1.59 5.66
C GLU A 35 3.56 1.58 6.41
N LEU A 36 2.83 0.48 6.33
CA LEU A 36 1.50 0.35 7.02
C LEU A 36 1.74 0.16 8.56
N LEU A 37 2.89 -0.45 8.95
CA LEU A 37 3.21 -0.79 10.38
C LEU A 37 4.08 0.27 11.10
N GLU A 38 4.96 1.00 10.38
CA GLU A 38 5.79 2.02 10.99
C GLU A 38 4.94 3.22 11.40
N LEU A 39 3.99 3.61 10.57
CA LEU A 39 3.23 4.86 10.81
C LEU A 39 2.57 4.76 12.22
N ASP A 40 2.03 3.61 12.52
CA ASP A 40 1.41 3.36 13.81
C ASP A 40 2.41 3.60 14.95
N LYS A 41 3.63 3.11 14.76
CA LYS A 41 4.72 3.27 15.75
C LYS A 41 5.10 4.76 15.95
N TRP A 42 5.05 5.55 14.88
CA TRP A 42 5.52 6.94 14.95
C TRP A 42 4.82 7.71 16.04
N ALA A 43 3.57 7.40 16.17
CA ALA A 43 2.71 7.99 17.17
C ALA A 43 3.23 7.70 18.57
N SER A 44 3.72 6.47 18.74
CA SER A 44 4.17 6.00 20.03
C SER A 44 5.26 6.92 20.59
N LEU A 45 6.37 7.13 19.87
CA LEU A 45 7.41 8.08 20.40
C LEU A 45 6.83 9.48 20.47
N TRP A 46 6.03 9.86 19.47
CA TRP A 46 5.48 11.23 19.38
C TRP A 46 4.59 11.58 20.59
N ASN A 47 3.79 10.61 21.02
CA ASN A 47 2.89 10.80 22.16
C ASN A 47 3.71 11.06 23.43
N TRP A 48 4.90 10.43 23.53
CA TRP A 48 5.71 10.59 24.73
C TRP A 48 6.05 12.09 24.93
N PHE A 49 5.90 12.95 23.88
CA PHE A 49 6.27 14.40 23.98
C PHE A 49 5.15 15.17 24.70
N ASN A 50 4.18 14.45 25.20
CA ASN A 50 3.09 15.05 25.95
C ASN A 50 3.70 15.71 27.23
N ILE A 51 4.67 15.06 27.87
CA ILE A 51 5.25 15.66 29.12
C ILE A 51 5.85 17.03 28.79
N THR A 52 6.62 17.03 27.73
CA THR A 52 7.38 18.20 27.31
C THR A 52 6.54 19.35 26.83
N ASN A 53 5.59 19.04 25.93
CA ASN A 53 4.78 20.17 25.32
C ASN A 53 3.89 20.92 26.36
N TRP A 54 3.20 20.20 27.25
CA TRP A 54 2.26 20.84 28.26
C TRP A 54 3.06 21.53 29.37
N LEU A 55 4.33 21.16 29.47
CA LEU A 55 5.24 21.70 30.53
C LEU A 55 5.20 23.27 30.43
N TRP A 56 5.22 23.75 29.19
CA TRP A 56 5.14 25.19 28.88
C TRP A 56 3.79 25.76 29.36
N TYR A 57 2.71 24.97 29.19
CA TYR A 57 1.36 25.43 29.57
C TYR A 57 1.23 25.55 31.09
N ILE A 58 1.54 24.45 31.79
CA ILE A 58 1.43 24.42 33.26
C ILE A 58 2.52 25.23 33.90
N LYS A 59 3.68 25.37 33.23
CA LYS A 59 4.79 26.15 33.77
C LYS A 59 5.85 26.34 32.70
N GLY B 1 -19.73 -31.17 -9.61
CA GLY B 1 -19.46 -31.36 -11.06
C GLY B 1 -18.11 -30.73 -11.41
N TYR B 2 -18.13 -29.41 -11.67
CA TYR B 2 -16.93 -28.62 -12.04
C TYR B 2 -16.39 -27.89 -10.79
N ILE B 3 -16.27 -26.53 -10.86
CA ILE B 3 -15.79 -25.66 -9.76
C ILE B 3 -16.45 -24.26 -9.82
N PRO B 4 -16.40 -23.51 -10.93
CA PRO B 4 -17.08 -22.15 -10.98
C PRO B 4 -18.58 -22.23 -10.62
N GLU B 5 -19.04 -21.18 -9.89
CA GLU B 5 -20.46 -21.02 -9.43
C GLU B 5 -21.09 -19.83 -10.20
N ALA B 6 -20.23 -18.97 -10.75
CA ALA B 6 -20.65 -17.78 -11.51
C ALA B 6 -21.05 -16.63 -10.54
N PRO B 7 -20.18 -16.25 -9.62
CA PRO B 7 -20.51 -15.16 -8.63
C PRO B 7 -20.39 -13.76 -9.28
N ARG B 8 -21.52 -13.06 -9.40
CA ARG B 8 -21.59 -11.71 -10.04
C ARG B 8 -22.22 -10.75 -9.03
N ASP B 9 -21.39 -9.93 -8.35
CA ASP B 9 -21.85 -8.94 -7.32
C ASP B 9 -21.22 -7.58 -7.60
N GLY B 10 -20.40 -7.54 -8.64
CA GLY B 10 -19.71 -6.30 -9.06
C GLY B 10 -18.53 -5.98 -8.14
N GLN B 11 -18.28 -6.86 -7.15
CA GLN B 11 -17.15 -6.71 -6.16
C GLN B 11 -15.96 -7.54 -6.70
N ALA B 12 -14.75 -7.38 -6.10
CA ALA B 12 -13.52 -8.10 -6.53
C ALA B 12 -13.13 -9.14 -5.48
N TYR B 13 -12.66 -10.34 -5.92
CA TYR B 13 -12.27 -11.45 -5.05
C TYR B 13 -11.20 -12.33 -5.72
N VAL B 14 -10.56 -13.16 -4.91
CA VAL B 14 -9.36 -14.01 -5.29
C VAL B 14 -9.67 -15.48 -5.17
N ARG B 15 -8.70 -16.34 -5.59
CA ARG B 15 -8.91 -17.82 -5.39
C ARG B 15 -8.07 -18.19 -4.15
N LYS B 16 -8.76 -18.57 -3.05
CA LYS B 16 -8.11 -19.06 -1.78
C LYS B 16 -8.82 -20.38 -1.44
N ASP B 17 -8.09 -21.51 -1.33
CA ASP B 17 -8.73 -22.81 -0.99
C ASP B 17 -10.04 -23.03 -1.80
N GLY B 18 -10.04 -22.65 -3.08
CA GLY B 18 -11.25 -22.84 -3.87
C GLY B 18 -12.41 -21.97 -3.34
N GLU B 19 -12.15 -20.71 -2.85
CA GLU B 19 -13.22 -19.83 -2.30
C GLU B 19 -13.05 -18.44 -2.92
N TRP B 20 -14.17 -17.77 -3.18
CA TRP B 20 -14.18 -16.42 -3.76
C TRP B 20 -14.00 -15.51 -2.53
N VAL B 21 -12.86 -14.74 -2.34
CA VAL B 21 -12.70 -13.87 -1.07
C VAL B 21 -12.21 -12.43 -1.46
N LEU B 22 -12.90 -11.43 -0.92
CA LEU B 22 -12.66 -10.02 -1.07
C LEU B 22 -11.18 -9.68 -0.83
N LEU B 23 -10.54 -9.22 -1.89
CA LEU B 23 -9.15 -8.79 -1.84
C LEU B 23 -9.01 -7.66 -0.86
N SER B 24 -9.98 -6.76 -0.80
CA SER B 24 -9.88 -5.58 0.07
C SER B 24 -9.38 -5.90 1.49
N THR B 25 -9.69 -7.10 2.00
CA THR B 25 -9.18 -7.54 3.31
C THR B 25 -7.67 -7.87 3.30
N PHE B 26 -7.15 -8.38 2.16
CA PHE B 26 -5.73 -8.77 2.01
C PHE B 26 -4.86 -7.55 1.71
N LEU B 27 -5.45 -6.53 1.10
CA LEU B 27 -4.70 -5.29 0.80
C LEU B 27 -4.51 -4.57 2.11
N GLY B 28 -5.39 -4.89 3.05
CA GLY B 28 -5.34 -4.29 4.40
C GLY B 28 -6.09 -2.99 4.34
N SER B 29 -6.92 -2.87 3.30
CA SER B 29 -7.70 -1.64 3.06
C SER B 29 -8.82 -1.60 4.05
N SER B 30 -9.37 -0.41 4.19
CA SER B 30 -10.37 -0.11 5.21
C SER B 30 -9.59 0.08 6.53
N GLY B 31 -8.24 0.02 6.42
CA GLY B 31 -7.32 0.20 7.54
C GLY B 31 -5.91 0.49 7.05
N ASN B 32 -5.80 1.17 5.90
CA ASN B 32 -4.50 1.53 5.29
C ASN B 32 -4.74 2.68 4.29
N GLU B 33 -6.01 2.93 3.94
CA GLU B 33 -6.33 3.94 2.94
C GLU B 33 -5.84 5.30 3.45
N GLN B 34 -5.57 5.29 4.73
CA GLN B 34 -5.08 6.51 5.43
C GLN B 34 -3.66 6.85 4.89
N GLU B 35 -2.80 5.88 4.72
CA GLU B 35 -1.40 6.15 4.27
C GLU B 35 -1.35 6.76 2.83
N LEU B 36 -2.17 6.25 1.92
CA LEU B 36 -2.24 6.77 0.51
C LEU B 36 -2.95 8.17 0.49
N LEU B 37 -3.89 8.39 1.45
CA LEU B 37 -4.74 9.63 1.52
C LEU B 37 -4.19 10.72 2.46
N GLU B 38 -3.48 10.37 3.54
CA GLU B 38 -2.92 11.35 4.46
C GLU B 38 -1.78 12.09 3.80
N LEU B 39 -0.92 11.38 3.06
CA LEU B 39 0.31 12.00 2.52
C LEU B 39 -0.08 13.23 1.67
N ASP B 40 -1.13 13.08 0.89
CA ASP B 40 -1.64 14.15 0.06
C ASP B 40 -2.01 15.38 0.93
N LYS B 41 -2.66 15.11 2.04
CA LYS B 41 -3.08 16.16 3.01
C LYS B 41 -1.85 16.88 3.62
N TRP B 42 -0.77 16.16 3.86
CA TRP B 42 0.37 16.73 4.57
C TRP B 42 0.89 17.98 3.88
N ALA B 43 0.84 17.91 2.59
CA ALA B 43 1.24 18.99 1.72
C ALA B 43 0.40 20.23 1.99
N SER B 44 -0.89 19.99 2.21
CA SER B 44 -1.83 21.07 2.40
C SER B 44 -1.41 21.99 3.54
N LEU B 45 -1.22 21.45 4.77
CA LEU B 45 -0.75 22.35 5.88
C LEU B 45 0.64 22.85 5.57
N TRP B 46 1.49 22.00 5.00
CA TRP B 46 2.90 22.36 4.73
C TRP B 46 3.02 23.54 3.76
N ASN B 47 2.17 23.57 2.74
CA ASN B 47 2.18 24.64 1.75
C ASN B 47 1.81 25.97 2.41
N TRP B 48 0.95 25.93 3.44
CA TRP B 48 0.52 27.16 4.11
C TRP B 48 1.77 27.88 4.69
N PHE B 49 2.93 27.19 4.83
CA PHE B 49 4.16 27.80 5.45
C PHE B 49 4.88 28.67 4.42
N ASN B 50 4.26 28.83 3.26
CA ASN B 50 4.81 29.67 2.21
C ASN B 50 4.87 31.14 2.75
N ILE B 51 3.85 31.58 3.49
CA ILE B 51 3.87 32.99 3.99
C ILE B 51 5.11 33.19 4.88
N THR B 52 5.28 32.26 5.78
CA THR B 52 6.31 32.32 6.79
C THR B 52 7.73 32.20 6.24
N ASN B 53 7.94 31.20 5.38
CA ASN B 53 9.35 30.95 4.90
C ASN B 53 9.91 32.13 4.02
N TRP B 54 9.10 32.67 3.10
CA TRP B 54 9.57 33.78 2.17
C TRP B 54 9.67 35.12 2.92
N LEU B 55 9.02 35.15 4.07
CA LEU B 55 8.97 36.39 4.92
C LEU B 55 10.45 36.84 5.17
N TRP B 56 11.29 35.85 5.45
CA TRP B 56 12.73 36.05 5.68
C TRP B 56 13.41 36.62 4.41
N TYR B 57 12.98 36.10 3.24
CA TYR B 57 13.56 36.53 1.96
C TYR B 57 13.21 37.99 1.66
N ILE B 58 11.91 38.29 1.64
CA ILE B 58 11.43 39.65 1.34
C ILE B 58 11.72 40.61 2.46
N LYS B 59 11.82 40.09 3.70
CA LYS B 59 12.12 40.93 4.85
C LYS B 59 12.41 40.07 6.08
N GLY C 1 -21.10 -21.11 -23.72
CA GLY C 1 -20.86 -22.52 -23.31
C GLY C 1 -20.47 -22.54 -21.83
N TYR C 2 -19.16 -22.33 -21.57
CA TYR C 2 -18.58 -22.32 -20.20
C TYR C 2 -18.45 -20.85 -19.71
N ILE C 3 -17.21 -20.44 -19.33
CA ILE C 3 -16.89 -19.07 -18.84
C ILE C 3 -15.42 -18.67 -19.22
N PRO C 4 -14.37 -19.44 -18.88
CA PRO C 4 -12.96 -19.05 -19.29
C PRO C 4 -12.83 -18.82 -20.81
N GLU C 5 -12.01 -17.80 -21.17
CA GLU C 5 -11.71 -17.39 -22.57
C GLU C 5 -10.22 -17.73 -22.87
N ALA C 6 -9.44 -17.89 -21.80
CA ALA C 6 -7.99 -18.20 -21.89
C ALA C 6 -7.19 -16.92 -22.19
N PRO C 7 -7.34 -15.87 -21.40
CA PRO C 7 -6.59 -14.58 -21.64
C PRO C 7 -5.11 -14.67 -21.19
N ARG C 8 -4.19 -14.61 -22.15
CA ARG C 8 -2.72 -14.73 -21.87
C ARG C 8 -2.04 -13.49 -22.44
N ASP C 9 -1.70 -12.51 -21.57
CA ASP C 9 -1.04 -11.23 -21.97
C ASP C 9 0.16 -10.98 -21.07
N GLY C 10 0.37 -11.89 -20.12
CA GLY C 10 1.49 -11.78 -19.17
C GLY C 10 1.23 -10.75 -18.08
N GLN C 11 0.02 -10.12 -18.13
CA GLN C 11 -0.41 -9.08 -17.13
C GLN C 11 -1.25 -9.80 -16.06
N ALA C 12 -1.57 -9.13 -14.93
CA ALA C 12 -2.36 -9.71 -13.79
C ALA C 12 -3.75 -9.06 -13.75
N TYR C 13 -4.80 -9.88 -13.47
CA TYR C 13 -6.20 -9.44 -13.41
C TYR C 13 -7.02 -10.30 -12.43
N VAL C 14 -8.19 -9.82 -12.07
CA VAL C 14 -9.11 -10.39 -11.01
C VAL C 14 -10.41 -10.82 -11.61
N ARG C 15 -11.29 -11.46 -10.76
CA ARG C 15 -12.67 -11.81 -11.27
C ARG C 15 -13.61 -10.73 -10.67
N LYS C 16 -14.16 -9.89 -11.57
CA LYS C 16 -15.17 -8.84 -11.20
C LYS C 16 -16.34 -9.03 -12.18
N ASP C 17 -17.58 -9.28 -11.69
CA ASP C 17 -18.74 -9.46 -12.61
C ASP C 17 -18.39 -10.38 -13.80
N GLY C 18 -17.61 -11.43 -13.58
CA GLY C 18 -17.25 -12.32 -14.67
C GLY C 18 -16.38 -11.58 -15.71
N GLU C 19 -15.45 -10.65 -15.29
CA GLU C 19 -14.60 -9.89 -16.24
C GLU C 19 -13.15 -9.97 -15.75
N TRP C 20 -12.20 -10.04 -16.67
CA TRP C 20 -10.76 -10.10 -16.35
C TRP C 20 -10.39 -8.62 -16.17
N VAL C 21 -9.99 -8.10 -14.95
CA VAL C 21 -9.66 -6.61 -14.79
C VAL C 21 -8.31 -6.43 -14.01
N LEU C 22 -7.42 -5.60 -14.55
CA LEU C 22 -6.13 -5.24 -14.04
C LEU C 22 -6.22 -4.81 -12.57
N LEU C 23 -5.59 -5.60 -11.72
CA LEU C 23 -5.52 -5.32 -10.30
C LEU C 23 -4.84 -3.98 -10.08
N SER C 24 -3.82 -3.67 -10.86
CA SER C 24 -3.05 -2.45 -10.67
C SER C 24 -3.94 -1.21 -10.42
N THR C 25 -5.13 -1.16 -11.01
CA THR C 25 -6.09 -0.07 -10.77
C THR C 25 -6.72 -0.09 -9.36
N PHE C 26 -6.92 -1.32 -8.80
CA PHE C 26 -7.54 -1.51 -7.46
C PHE C 26 -6.52 -1.31 -6.35
N LEU C 27 -5.24 -1.56 -6.67
CA LEU C 27 -4.17 -1.35 -5.66
C LEU C 27 -3.99 0.14 -5.51
N GLY C 28 -4.40 0.87 -6.55
CA GLY C 28 -4.32 2.32 -6.57
C GLY C 28 -2.94 2.69 -7.06
N SER C 29 -2.29 1.71 -7.71
CA SER C 29 -0.93 1.87 -8.20
C SER C 29 -0.97 2.74 -9.43
N SER C 30 0.20 3.27 -9.75
CA SER C 30 0.35 4.27 -10.80
C SER C 30 -0.09 5.62 -10.18
N GLY C 31 -0.40 5.57 -8.86
CA GLY C 31 -0.81 6.73 -8.09
C GLY C 31 -0.69 6.46 -6.59
N ASN C 32 0.29 5.63 -6.21
CA ASN C 32 0.54 5.26 -4.80
C ASN C 32 1.97 4.73 -4.68
N GLU C 33 2.60 4.41 -5.82
CA GLU C 33 3.93 3.83 -5.82
C GLU C 33 4.91 4.80 -5.16
N GLN C 34 4.42 6.03 -5.06
CA GLN C 34 5.18 7.14 -4.46
C GLN C 34 5.36 6.83 -2.94
N GLU C 35 4.34 6.38 -2.26
CA GLU C 35 4.43 6.14 -0.78
C GLU C 35 5.47 5.02 -0.42
N LEU C 36 5.48 3.93 -1.21
CA LEU C 36 6.44 2.80 -0.99
C LEU C 36 7.88 3.24 -1.42
N LEU C 37 7.97 4.16 -2.43
CA LEU C 37 9.27 4.61 -3.03
C LEU C 37 9.84 5.91 -2.41
N GLU C 38 9.00 6.84 -1.93
CA GLU C 38 9.46 8.07 -1.33
C GLU C 38 10.11 7.78 0.02
N LEU C 39 9.53 6.89 0.81
CA LEU C 39 10.00 6.68 2.19
C LEU C 39 11.50 6.30 2.15
N ASP C 40 11.85 5.45 1.22
CA ASP C 40 13.22 5.03 1.02
C ASP C 40 14.13 6.25 0.78
N LYS C 41 13.66 7.17 -0.06
CA LYS C 41 14.39 8.40 -0.40
C LYS C 41 14.59 9.31 0.84
N TRP C 42 13.59 9.34 1.74
CA TRP C 42 13.64 10.27 2.86
C TRP C 42 14.90 10.09 3.68
N ALA C 43 15.28 8.87 3.80
CA ALA C 43 16.48 8.47 4.51
C ALA C 43 17.70 9.10 3.88
N SER C 44 17.69 9.16 2.56
CA SER C 44 18.82 9.65 1.81
C SER C 44 19.19 11.07 2.24
N LEU C 45 18.25 12.03 2.16
CA LEU C 45 18.59 13.42 2.63
C LEU C 45 18.87 13.39 4.13
N TRP C 46 18.08 12.61 4.88
CA TRP C 46 18.20 12.55 6.35
C TRP C 46 19.58 12.08 6.81
N ASN C 47 20.13 11.09 6.12
CA ASN C 47 21.44 10.54 6.46
C ASN C 47 22.51 11.62 6.26
N TRP C 48 22.33 12.51 5.29
CA TRP C 48 23.32 13.54 5.00
C TRP C 48 23.51 14.41 6.27
N PHE C 49 22.58 14.38 7.26
CA PHE C 49 22.66 15.23 8.49
C PHE C 49 23.65 14.62 9.48
N ASN C 50 24.31 13.56 9.07
CA ASN C 50 25.31 12.91 9.89
C ASN C 50 26.46 13.94 10.15
N ILE C 51 26.85 14.73 9.15
CA ILE C 51 27.96 15.70 9.36
C ILE C 51 27.59 16.67 10.49
N THR C 52 26.39 17.18 10.36
CA THR C 52 25.88 18.22 11.25
C THR C 52 25.65 17.75 12.67
N ASN C 53 24.96 16.60 12.81
CA ASN C 53 24.60 16.14 14.21
C ASN C 53 25.84 15.78 15.07
N TRP C 54 26.82 15.06 14.52
CA TRP C 54 28.06 14.61 15.30
C TRP C 54 29.00 15.79 15.54
N LEU C 55 28.79 16.84 14.76
CA LEU C 55 29.66 18.07 14.84
C LEU C 55 29.65 18.55 16.33
N TRP C 56 28.47 18.52 16.93
CA TRP C 56 28.26 18.87 18.34
C TRP C 56 29.06 17.93 19.27
N TYR C 57 29.07 16.64 18.90
CA TYR C 57 29.77 15.62 19.72
C TYR C 57 31.28 15.83 19.69
N ILE C 58 31.84 15.85 18.48
CA ILE C 58 33.29 16.02 18.30
C ILE C 58 33.73 17.43 18.62
N LYS C 59 32.83 18.41 18.46
CA LYS C 59 33.14 19.80 18.75
C LYS C 59 31.88 20.65 18.72
N GLY A 1 -7.34 -31.73 -20.69
CA GLY A 1 -8.81 -31.67 -20.92
C GLY A 1 -9.28 -30.22 -20.81
N TYR A 2 -9.47 -29.75 -19.55
CA TYR A 2 -9.94 -28.37 -19.24
C TYR A 2 -8.73 -27.46 -18.89
N ILE A 3 -8.75 -26.84 -17.69
CA ILE A 3 -7.67 -25.93 -17.20
C ILE A 3 -7.55 -26.01 -15.68
N PRO A 4 -8.64 -25.97 -14.94
CA PRO A 4 -8.55 -26.00 -13.44
C PRO A 4 -7.89 -27.29 -12.93
N GLU A 5 -7.10 -27.14 -11.87
CA GLU A 5 -6.34 -28.22 -11.20
C GLU A 5 -6.93 -28.43 -9.81
N ALA A 6 -7.61 -27.39 -9.32
CA ALA A 6 -8.22 -27.36 -7.99
C ALA A 6 -7.13 -27.40 -6.88
N PRO A 7 -6.30 -26.36 -6.74
CA PRO A 7 -5.25 -26.32 -5.66
C PRO A 7 -5.88 -25.90 -4.30
N ARG A 8 -5.86 -26.78 -3.29
CA ARG A 8 -6.42 -26.52 -1.94
C ARG A 8 -5.25 -26.53 -0.94
N ASP A 9 -4.83 -25.35 -0.44
CA ASP A 9 -3.72 -25.25 0.54
C ASP A 9 -3.96 -24.02 1.42
N GLY A 10 -5.04 -23.29 1.09
CA GLY A 10 -5.45 -22.10 1.87
C GLY A 10 -4.68 -20.82 1.50
N GLN A 11 -3.77 -20.89 0.51
CA GLN A 11 -2.99 -19.70 0.04
C GLN A 11 -3.82 -19.00 -1.07
N ALA A 12 -3.47 -17.75 -1.47
CA ALA A 12 -4.22 -17.00 -2.54
C ALA A 12 -3.31 -16.83 -3.76
N TYR A 13 -3.90 -16.90 -4.99
CA TYR A 13 -3.18 -16.77 -6.26
C TYR A 13 -4.10 -16.17 -7.34
N VAL A 14 -3.52 -15.62 -8.41
CA VAL A 14 -4.28 -14.90 -9.52
C VAL A 14 -4.06 -15.58 -10.84
N ARG A 15 -4.78 -15.15 -11.93
CA ARG A 15 -4.57 -15.79 -13.28
C ARG A 15 -3.55 -14.92 -14.07
N LYS A 16 -2.35 -15.51 -14.33
CA LYS A 16 -1.27 -14.88 -15.17
C LYS A 16 -0.79 -15.99 -16.12
N ASP A 17 -0.73 -15.71 -17.45
CA ASP A 17 -0.29 -16.72 -18.45
C ASP A 17 -0.81 -18.14 -18.14
N GLY A 18 -2.07 -18.26 -17.72
CA GLY A 18 -2.62 -19.57 -17.42
C GLY A 18 -1.87 -20.26 -16.28
N GLU A 19 -1.39 -19.52 -15.24
CA GLU A 19 -0.65 -20.12 -14.11
C GLU A 19 -1.15 -19.45 -12.84
N TRP A 20 -1.12 -20.22 -11.78
CA TRP A 20 -1.55 -19.83 -10.47
C TRP A 20 -0.34 -19.15 -9.82
N VAL A 21 -0.41 -17.82 -9.47
CA VAL A 21 0.77 -17.11 -8.82
C VAL A 21 0.25 -16.23 -7.64
N LEU A 22 0.95 -16.36 -6.52
CA LEU A 22 0.75 -15.71 -5.28
C LEU A 22 0.72 -14.19 -5.48
N LEU A 23 -0.41 -13.59 -5.17
CA LEU A 23 -0.60 -12.15 -5.26
C LEU A 23 0.43 -11.46 -4.35
N SER A 24 0.71 -12.04 -3.20
CA SER A 24 1.62 -11.44 -2.22
C SER A 24 2.89 -10.86 -2.83
N THR A 25 3.42 -11.48 -3.89
CA THR A 25 4.61 -10.93 -4.58
C THR A 25 4.31 -9.65 -5.36
N PHE A 26 3.05 -9.51 -5.85
CA PHE A 26 2.61 -8.34 -6.64
C PHE A 26 2.39 -7.11 -5.75
N LEU A 27 1.79 -7.28 -4.52
CA LEU A 27 1.58 -6.08 -3.66
C LEU A 27 2.93 -5.57 -3.18
N GLY A 28 3.86 -6.50 -2.96
CA GLY A 28 5.21 -6.19 -2.46
C GLY A 28 5.17 -6.37 -0.96
N SER A 29 4.28 -7.28 -0.55
CA SER A 29 4.08 -7.58 0.86
C SER A 29 5.22 -8.44 1.33
N SER A 30 5.43 -8.40 2.64
CA SER A 30 6.54 -9.11 3.27
C SER A 30 7.80 -8.29 3.04
N GLY A 31 7.62 -7.07 2.48
CA GLY A 31 8.76 -6.18 2.18
C GLY A 31 8.32 -4.73 1.95
N ASN A 32 7.21 -4.34 2.53
CA ASN A 32 6.69 -2.95 2.41
C ASN A 32 5.69 -2.74 3.53
N GLU A 33 5.36 -3.85 4.21
CA GLU A 33 4.42 -3.86 5.29
C GLU A 33 5.00 -3.02 6.44
N GLN A 34 6.31 -2.79 6.31
CA GLN A 34 7.09 -2.12 7.35
C GLN A 34 6.55 -0.67 7.48
N GLU A 35 6.33 0.03 6.38
CA GLU A 35 5.87 1.44 6.44
C GLU A 35 4.41 1.62 7.00
N LEU A 36 3.53 0.63 6.74
CA LEU A 36 2.10 0.72 7.25
C LEU A 36 2.15 0.55 8.79
N LEU A 37 3.14 -0.23 9.26
CA LEU A 37 3.32 -0.58 10.69
C LEU A 37 4.26 0.41 11.45
N GLU A 38 5.22 1.06 10.77
CA GLU A 38 6.16 1.97 11.44
C GLU A 38 5.43 3.24 11.86
N LEU A 39 4.56 3.79 11.01
CA LEU A 39 3.90 5.09 11.31
C LEU A 39 3.19 4.99 12.67
N ASP A 40 2.61 3.85 12.96
CA ASP A 40 1.91 3.62 14.22
C ASP A 40 2.92 3.85 15.39
N LYS A 41 4.17 3.36 15.24
CA LYS A 41 5.22 3.58 16.26
C LYS A 41 5.56 5.08 16.43
N TRP A 42 5.61 5.86 15.32
CA TRP A 42 6.06 7.29 15.36
C TRP A 42 5.36 8.03 16.52
N ALA A 43 4.13 7.66 16.72
CA ALA A 43 3.29 8.19 17.79
C ALA A 43 3.89 7.90 19.18
N SER A 44 4.43 6.69 19.35
CA SER A 44 4.92 6.28 20.66
C SER A 44 6.00 7.19 21.20
N LEU A 45 7.02 7.49 20.38
CA LEU A 45 8.11 8.42 20.85
C LEU A 45 7.49 9.79 21.10
N TRP A 46 6.56 10.19 20.22
CA TRP A 46 5.91 11.49 20.34
C TRP A 46 5.03 11.63 21.61
N ASN A 47 4.20 10.61 21.90
CA ASN A 47 3.29 10.63 23.09
C ASN A 47 4.05 10.59 24.46
N TRP A 48 5.15 9.80 24.63
CA TRP A 48 5.84 9.74 25.95
C TRP A 48 6.54 11.10 26.22
N PHE A 49 6.71 11.92 25.15
CA PHE A 49 7.40 13.27 25.21
C PHE A 49 6.40 14.42 25.53
N ASN A 50 5.15 14.12 25.84
CA ASN A 50 4.19 15.17 26.20
C ASN A 50 4.59 15.82 27.54
N ILE A 51 5.46 15.15 28.31
CA ILE A 51 5.84 15.66 29.67
C ILE A 51 6.33 17.09 29.55
N THR A 52 7.04 17.27 28.45
CA THR A 52 7.71 18.50 28.06
C THR A 52 6.75 19.44 27.35
N ASN A 53 5.70 18.88 26.69
CA ASN A 53 4.80 19.77 25.95
C ASN A 53 4.02 20.74 26.91
N TRP A 54 3.23 20.18 27.84
CA TRP A 54 2.33 21.00 28.77
C TRP A 54 3.07 21.76 29.87
N LEU A 55 4.18 21.20 30.32
CA LEU A 55 4.88 21.82 31.47
C LEU A 55 5.26 23.28 31.14
N TRP A 56 5.78 23.48 29.94
CA TRP A 56 6.14 24.83 29.45
C TRP A 56 4.93 25.78 29.34
N TYR A 57 3.80 25.24 28.90
CA TYR A 57 2.58 26.06 28.72
C TYR A 57 2.07 26.56 30.07
N ILE A 58 1.85 25.63 31.01
CA ILE A 58 1.31 25.96 32.35
C ILE A 58 2.38 26.60 33.23
N LYS A 59 3.68 26.46 32.85
CA LYS A 59 4.77 27.06 33.64
C LYS A 59 6.04 27.22 32.78
N GLY B 1 -20.73 -30.86 -10.32
CA GLY B 1 -20.27 -31.14 -11.71
C GLY B 1 -18.88 -30.55 -11.92
N TYR B 2 -18.82 -29.23 -12.18
CA TYR B 2 -17.55 -28.48 -12.43
C TYR B 2 -17.10 -27.77 -11.12
N ILE B 3 -16.91 -26.42 -11.19
CA ILE B 3 -16.47 -25.60 -10.03
C ILE B 3 -17.08 -24.18 -10.13
N PRO B 4 -17.05 -23.54 -11.28
CA PRO B 4 -17.58 -22.16 -11.39
C PRO B 4 -19.09 -22.09 -11.04
N GLU B 5 -19.46 -21.00 -10.39
CA GLU B 5 -20.84 -20.70 -9.95
C GLU B 5 -21.37 -19.51 -10.73
N ALA B 6 -20.43 -18.73 -11.26
CA ALA B 6 -20.70 -17.50 -12.03
C ALA B 6 -21.34 -16.42 -11.13
N PRO B 7 -20.62 -15.88 -10.14
CA PRO B 7 -21.16 -14.79 -9.25
C PRO B 7 -21.09 -13.41 -9.96
N ARG B 8 -22.24 -12.77 -10.24
CA ARG B 8 -22.32 -11.45 -10.92
C ARG B 8 -22.91 -10.45 -9.90
N ASP B 9 -22.08 -9.55 -9.35
CA ASP B 9 -22.55 -8.53 -8.38
C ASP B 9 -21.68 -7.29 -8.51
N GLY B 10 -20.66 -7.40 -9.36
CA GLY B 10 -19.72 -6.28 -9.65
C GLY B 10 -18.59 -6.14 -8.62
N GLN B 11 -18.54 -7.04 -7.61
CA GLN B 11 -17.45 -7.01 -6.57
C GLN B 11 -16.27 -7.85 -7.10
N ALA B 12 -15.06 -7.78 -6.48
CA ALA B 12 -13.86 -8.56 -6.93
C ALA B 12 -13.50 -9.59 -5.86
N TYR B 13 -13.03 -10.80 -6.28
CA TYR B 13 -12.65 -11.90 -5.39
C TYR B 13 -11.54 -12.75 -6.03
N VAL B 14 -10.81 -13.53 -5.23
CA VAL B 14 -9.62 -14.36 -5.68
C VAL B 14 -9.86 -15.81 -5.43
N ARG B 15 -8.94 -16.73 -5.90
CA ARG B 15 -9.13 -18.20 -5.64
C ARG B 15 -8.30 -18.57 -4.38
N LYS B 16 -9.01 -18.95 -3.29
CA LYS B 16 -8.40 -19.44 -2.02
C LYS B 16 -9.20 -20.71 -1.63
N ASP B 17 -8.53 -21.84 -1.34
CA ASP B 17 -9.21 -23.10 -0.98
C ASP B 17 -10.50 -23.34 -1.78
N GLY B 18 -10.48 -23.07 -3.09
CA GLY B 18 -11.66 -23.28 -3.91
C GLY B 18 -12.84 -22.41 -3.44
N GLU B 19 -12.60 -21.15 -2.98
CA GLU B 19 -13.68 -20.25 -2.52
C GLU B 19 -13.38 -18.86 -3.06
N TRP B 20 -14.45 -18.14 -3.31
CA TRP B 20 -14.43 -16.80 -3.83
C TRP B 20 -14.28 -15.88 -2.60
N VAL B 21 -13.16 -15.10 -2.47
CA VAL B 21 -12.98 -14.18 -1.27
C VAL B 21 -12.45 -12.80 -1.77
N LEU B 22 -13.09 -11.75 -1.25
CA LEU B 22 -12.85 -10.37 -1.50
C LEU B 22 -11.38 -10.04 -1.22
N LEU B 23 -10.70 -9.60 -2.24
CA LEU B 23 -9.31 -9.20 -2.14
C LEU B 23 -9.19 -8.04 -1.14
N SER B 24 -10.16 -7.15 -1.11
CA SER B 24 -10.14 -5.98 -0.25
C SER B 24 -9.67 -6.26 1.16
N THR B 25 -10.01 -7.44 1.71
CA THR B 25 -9.54 -7.82 3.05
C THR B 25 -8.04 -8.12 3.10
N PHE B 26 -7.48 -8.60 1.97
CA PHE B 26 -6.05 -8.97 1.87
C PHE B 26 -5.16 -7.71 1.75
N LEU B 27 -5.59 -6.66 0.99
CA LEU B 27 -4.72 -5.45 0.89
C LEU B 27 -4.71 -4.74 2.23
N GLY B 28 -5.85 -4.81 2.94
CA GLY B 28 -6.02 -4.14 4.24
C GLY B 28 -6.66 -2.81 3.97
N SER B 29 -7.44 -2.79 2.89
CA SER B 29 -8.14 -1.60 2.45
C SER B 29 -9.34 -1.38 3.35
N SER B 30 -9.78 -0.13 3.39
CA SER B 30 -10.89 0.27 4.25
C SER B 30 -10.32 0.41 5.66
N GLY B 31 -8.99 0.30 5.79
CA GLY B 31 -8.31 0.41 7.10
C GLY B 31 -6.81 0.67 6.97
N ASN B 32 -6.40 1.29 5.88
CA ASN B 32 -4.97 1.62 5.64
C ASN B 32 -4.93 2.69 4.56
N GLU B 33 -6.10 2.91 3.94
CA GLU B 33 -6.26 3.87 2.90
C GLU B 33 -5.99 5.27 3.46
N GLN B 34 -6.02 5.30 4.79
CA GLN B 34 -5.92 6.56 5.54
C GLN B 34 -4.52 7.16 5.27
N GLU B 35 -3.46 6.35 5.33
CA GLU B 35 -2.08 6.88 5.13
C GLU B 35 -1.79 7.38 3.68
N LEU B 36 -2.41 6.74 2.67
CA LEU B 36 -2.19 7.15 1.22
C LEU B 36 -2.86 8.55 1.04
N LEU B 37 -3.95 8.77 1.79
CA LEU B 37 -4.79 10.00 1.72
C LEU B 37 -4.33 11.11 2.72
N GLU B 38 -3.71 10.75 3.87
CA GLU B 38 -3.31 11.76 4.86
C GLU B 38 -2.12 12.55 4.33
N LEU B 39 -1.14 11.90 3.69
CA LEU B 39 0.09 12.59 3.25
C LEU B 39 -0.30 13.79 2.36
N ASP B 40 -1.31 13.63 1.55
CA ASP B 40 -1.78 14.69 0.66
C ASP B 40 -2.17 15.92 1.54
N LYS B 41 -2.85 15.68 2.67
CA LYS B 41 -3.21 16.77 3.61
C LYS B 41 -1.97 17.48 4.20
N TRP B 42 -0.89 16.72 4.53
CA TRP B 42 0.31 17.28 5.24
C TRP B 42 0.75 18.58 4.54
N ALA B 43 0.62 18.57 3.24
CA ALA B 43 0.94 19.70 2.38
C ALA B 43 0.07 20.93 2.74
N SER B 44 -1.21 20.70 3.02
CA SER B 44 -2.13 21.81 3.24
C SER B 44 -1.71 22.70 4.40
N LEU B 45 -1.37 22.09 5.56
CA LEU B 45 -0.92 22.92 6.73
C LEU B 45 0.40 23.60 6.34
N TRP B 46 1.25 22.87 5.62
CA TRP B 46 2.56 23.39 5.21
C TRP B 46 2.45 24.58 4.22
N ASN B 47 1.61 24.44 3.17
CA ASN B 47 1.43 25.52 2.14
C ASN B 47 0.77 26.83 2.70
N TRP B 48 -0.25 26.77 3.60
CA TRP B 48 -0.89 28.02 4.10
C TRP B 48 0.12 28.79 4.99
N PHE B 49 1.18 28.09 5.44
CA PHE B 49 2.26 28.65 6.36
C PHE B 49 3.42 29.30 5.56
N ASN B 50 3.33 29.41 4.23
CA ASN B 50 4.38 30.05 3.45
C ASN B 50 4.45 31.56 3.79
N ILE B 51 3.40 32.10 4.42
CA ILE B 51 3.34 33.56 4.70
C ILE B 51 4.57 33.99 5.47
N THR B 52 4.94 33.06 6.33
CA THR B 52 6.06 33.17 7.26
C THR B 52 7.35 32.77 6.58
N ASN B 53 7.29 31.90 5.55
CA ASN B 53 8.55 31.47 4.93
C ASN B 53 9.29 32.66 4.23
N TRP B 54 8.64 33.29 3.23
CA TRP B 54 9.30 34.38 2.39
C TRP B 54 9.46 35.72 3.12
N LEU B 55 8.57 36.02 4.02
CA LEU B 55 8.60 37.35 4.68
C LEU B 55 9.97 37.57 5.36
N TRP B 56 10.44 36.55 6.05
CA TRP B 56 11.76 36.59 6.72
C TRP B 56 12.93 36.75 5.73
N TYR B 57 12.81 36.08 4.58
CA TYR B 57 13.91 36.13 3.57
C TYR B 57 14.03 37.53 3.00
N ILE B 58 12.90 38.07 2.49
CA ILE B 58 12.88 39.41 1.84
C ILE B 58 12.95 40.52 2.89
N LYS B 59 12.67 40.19 4.17
CA LYS B 59 12.73 41.22 5.25
C LYS B 59 12.88 40.53 6.63
N GLY C 1 -20.42 -21.64 -24.57
CA GLY C 1 -20.31 -23.01 -24.00
C GLY C 1 -20.01 -22.92 -22.51
N TYR C 2 -18.73 -22.70 -22.17
CA TYR C 2 -18.24 -22.59 -20.76
C TYR C 2 -18.11 -21.10 -20.35
N ILE C 3 -16.89 -20.67 -19.92
CA ILE C 3 -16.61 -19.27 -19.49
C ILE C 3 -15.14 -18.91 -19.79
N PRO C 4 -14.19 -19.76 -19.50
CA PRO C 4 -12.76 -19.41 -19.75
C PRO C 4 -12.48 -19.16 -21.25
N GLU C 5 -11.61 -18.18 -21.49
CA GLU C 5 -11.18 -17.75 -22.84
C GLU C 5 -9.71 -18.10 -23.04
N ALA C 6 -9.03 -18.27 -21.90
CA ALA C 6 -7.59 -18.57 -21.84
C ALA C 6 -6.76 -17.39 -22.38
N PRO C 7 -6.74 -16.23 -21.70
CA PRO C 7 -5.91 -15.05 -22.15
C PRO C 7 -4.43 -15.24 -21.72
N ARG C 8 -3.50 -15.35 -22.69
CA ARG C 8 -2.04 -15.51 -22.43
C ARG C 8 -1.33 -14.25 -22.96
N ASP C 9 -0.87 -13.37 -22.05
CA ASP C 9 -0.14 -12.14 -22.45
C ASP C 9 0.85 -11.77 -21.34
N GLY C 10 0.80 -12.56 -20.27
CA GLY C 10 1.71 -12.39 -19.11
C GLY C 10 1.26 -11.30 -18.12
N GLN C 11 0.10 -10.66 -18.36
CA GLN C 11 -0.46 -9.61 -17.45
C GLN C 11 -1.32 -10.34 -16.37
N ALA C 12 -1.72 -9.65 -15.27
CA ALA C 12 -2.56 -10.28 -14.18
C ALA C 12 -3.93 -9.62 -14.17
N TYR C 13 -5.01 -10.41 -13.87
CA TYR C 13 -6.39 -9.94 -13.83
C TYR C 13 -7.20 -10.76 -12.81
N VAL C 14 -8.35 -10.24 -12.35
CA VAL C 14 -9.22 -10.89 -11.29
C VAL C 14 -10.58 -11.18 -11.83
N ARG C 15 -11.47 -11.88 -11.04
CA ARG C 15 -12.87 -12.16 -11.54
C ARG C 15 -13.80 -11.06 -10.96
N LYS C 16 -14.36 -10.21 -11.87
CA LYS C 16 -15.37 -9.16 -11.53
C LYS C 16 -16.47 -9.29 -12.60
N ASP C 17 -17.76 -9.37 -12.19
CA ASP C 17 -18.89 -9.51 -13.14
C ASP C 17 -18.56 -10.43 -14.34
N GLY C 18 -17.88 -11.54 -14.10
CA GLY C 18 -17.55 -12.46 -15.17
C GLY C 18 -16.64 -11.80 -16.22
N GLU C 19 -15.68 -10.90 -15.81
CA GLU C 19 -14.79 -10.23 -16.76
C GLU C 19 -13.40 -10.22 -16.14
N TRP C 20 -12.42 -10.27 -17.00
CA TRP C 20 -11.02 -10.28 -16.67
C TRP C 20 -10.61 -8.81 -16.52
N VAL C 21 -10.19 -8.35 -15.30
CA VAL C 21 -9.76 -6.90 -15.11
C VAL C 21 -8.45 -6.84 -14.27
N LEU C 22 -7.52 -6.05 -14.76
CA LEU C 22 -6.23 -5.77 -14.24
C LEU C 22 -6.33 -5.31 -12.79
N LEU C 23 -5.74 -6.07 -11.91
CA LEU C 23 -5.71 -5.76 -10.49
C LEU C 23 -5.01 -4.41 -10.29
N SER C 24 -3.98 -4.15 -11.07
CA SER C 24 -3.18 -2.92 -10.95
C SER C 24 -4.02 -1.67 -10.73
N THR C 25 -5.21 -1.59 -11.35
CA THR C 25 -6.10 -0.43 -11.14
C THR C 25 -6.72 -0.40 -9.75
N PHE C 26 -6.93 -1.59 -9.14
CA PHE C 26 -7.53 -1.74 -7.80
C PHE C 26 -6.54 -1.35 -6.68
N LEU C 27 -5.22 -1.73 -6.81
CA LEU C 27 -4.26 -1.35 -5.72
C LEU C 27 -4.06 0.15 -5.76
N GLY C 28 -4.11 0.73 -6.96
CA GLY C 28 -3.89 2.17 -7.19
C GLY C 28 -2.43 2.34 -7.52
N SER C 29 -1.88 1.29 -8.14
CA SER C 29 -0.49 1.25 -8.54
C SER C 29 -0.32 2.09 -9.78
N SER C 30 0.90 2.54 -9.98
CA SER C 30 1.24 3.44 -11.09
C SER C 30 0.78 4.84 -10.72
N GLY C 31 0.33 4.99 -9.44
CA GLY C 31 -0.14 6.29 -8.94
C GLY C 31 -0.19 6.35 -7.41
N ASN C 32 0.64 5.57 -6.75
CA ASN C 32 0.72 5.54 -5.27
C ASN C 32 2.03 4.91 -4.89
N GLU C 33 2.71 4.35 -5.90
CA GLU C 33 3.97 3.69 -5.74
C GLU C 33 5.00 4.72 -5.30
N GLN C 34 4.61 5.98 -5.50
CA GLN C 34 5.50 7.13 -5.26
C GLN C 34 5.83 7.16 -3.75
N GLU C 35 4.84 6.99 -2.88
CA GLU C 35 5.09 7.08 -1.42
C GLU C 35 5.95 5.90 -0.84
N LEU C 36 5.84 4.70 -1.44
CA LEU C 36 6.65 3.51 -0.96
C LEU C 36 8.13 3.79 -1.33
N LEU C 37 8.33 4.50 -2.44
CA LEU C 37 9.67 4.81 -3.02
C LEU C 37 10.25 6.17 -2.50
N GLU C 38 9.41 7.14 -2.11
CA GLU C 38 9.91 8.44 -1.66
C GLU C 38 10.57 8.31 -0.29
N LEU C 39 9.96 7.53 0.63
CA LEU C 39 10.47 7.44 2.01
C LEU C 39 11.94 7.00 1.98
N ASP C 40 12.28 6.12 1.06
CA ASP C 40 13.65 5.64 0.91
C ASP C 40 14.59 6.86 0.65
N LYS C 41 14.15 7.80 -0.20
CA LYS C 41 14.92 9.04 -0.48
C LYS C 41 15.09 9.91 0.80
N TRP C 42 14.05 10.01 1.65
CA TRP C 42 14.08 10.94 2.84
C TRP C 42 15.40 10.77 3.61
N ALA C 43 15.84 9.54 3.64
CA ALA C 43 17.10 9.15 4.28
C ALA C 43 18.30 9.86 3.62
N SER C 44 18.28 9.97 2.28
CA SER C 44 19.43 10.51 1.57
C SER C 44 19.77 11.93 1.99
N LEU C 45 18.76 12.83 2.05
CA LEU C 45 19.03 14.22 2.50
C LEU C 45 19.50 14.17 3.96
N TRP C 46 18.88 13.30 4.75
CA TRP C 46 19.20 13.19 6.16
C TRP C 46 20.65 12.67 6.42
N ASN C 47 21.05 11.58 5.71
CA ASN C 47 22.41 10.99 5.86
C ASN C 47 23.57 11.92 5.40
N TRP C 48 23.45 12.68 4.28
CA TRP C 48 24.57 13.54 3.82
C TRP C 48 24.77 14.70 4.83
N PHE C 49 23.74 14.96 5.67
CA PHE C 49 23.72 16.06 6.70
C PHE C 49 24.32 15.63 8.07
N ASN C 50 24.88 14.41 8.16
CA ASN C 50 25.50 13.96 9.41
C ASN C 50 26.76 14.81 9.72
N ILE C 51 27.29 15.52 8.71
CA ILE C 51 28.56 16.29 8.88
C ILE C 51 28.41 17.23 10.07
N THR C 52 27.20 17.74 10.14
CA THR C 52 26.74 18.71 11.13
C THR C 52 26.31 18.01 12.41
N ASN C 53 25.87 16.74 12.31
CA ASN C 53 25.40 16.08 13.55
C ASN C 53 26.55 15.89 14.58
N TRP C 54 27.61 15.14 14.19
CA TRP C 54 28.74 14.77 15.14
C TRP C 54 29.69 15.92 15.46
N LEU C 55 29.87 16.82 14.52
CA LEU C 55 30.88 17.91 14.72
C LEU C 55 30.55 18.69 16.00
N TRP C 56 29.29 19.01 16.18
CA TRP C 56 28.81 19.73 17.38
C TRP C 56 29.02 18.93 18.69
N TYR C 57 28.81 17.61 18.60
CA TYR C 57 28.95 16.75 19.80
C TYR C 57 30.40 16.71 20.26
N ILE C 58 31.31 16.35 19.33
CA ILE C 58 32.76 16.22 19.65
C ILE C 58 33.42 17.59 19.78
N LYS C 59 32.76 18.66 19.28
CA LYS C 59 33.32 20.03 19.38
C LYS C 59 32.21 21.08 19.22
N GLY A 1 -8.18 -31.42 -20.44
CA GLY A 1 -9.66 -31.40 -20.48
C GLY A 1 -10.11 -30.04 -20.99
N TYR A 2 -9.87 -28.99 -20.17
CA TYR A 2 -10.23 -27.59 -20.50
C TYR A 2 -9.06 -26.65 -20.18
N ILE A 3 -8.90 -26.32 -18.86
CA ILE A 3 -7.83 -25.40 -18.38
C ILE A 3 -7.51 -25.68 -16.88
N PRO A 4 -8.50 -25.84 -16.03
CA PRO A 4 -8.24 -26.06 -14.59
C PRO A 4 -7.44 -27.36 -14.39
N GLU A 5 -6.54 -27.31 -13.39
CA GLU A 5 -5.66 -28.44 -13.00
C GLU A 5 -6.03 -28.88 -11.59
N ALA A 6 -6.76 -28.01 -10.90
CA ALA A 6 -7.22 -28.26 -9.52
C ALA A 6 -6.08 -28.28 -8.50
N PRO A 7 -5.30 -27.22 -8.38
CA PRO A 7 -4.18 -27.15 -7.37
C PRO A 7 -4.73 -26.80 -5.97
N ARG A 8 -4.58 -27.73 -5.01
CA ARG A 8 -5.07 -27.57 -3.62
C ARG A 8 -3.87 -27.46 -2.68
N ASP A 9 -3.58 -26.27 -2.11
CA ASP A 9 -2.44 -26.16 -1.16
C ASP A 9 -2.67 -24.95 -0.28
N GLY A 10 -3.76 -24.23 -0.57
CA GLY A 10 -4.18 -23.02 0.20
C GLY A 10 -3.56 -21.72 -0.33
N GLN A 11 -2.77 -21.80 -1.42
CA GLN A 11 -2.14 -20.61 -2.02
C GLN A 11 -3.15 -19.84 -2.87
N ALA A 12 -2.98 -18.52 -2.89
CA ALA A 12 -3.81 -17.61 -3.71
C ALA A 12 -3.05 -17.35 -4.98
N TYR A 13 -3.72 -17.35 -6.15
CA TYR A 13 -3.08 -17.02 -7.44
C TYR A 13 -4.14 -16.44 -8.34
N VAL A 14 -3.70 -15.80 -9.40
CA VAL A 14 -4.59 -15.06 -10.36
C VAL A 14 -4.41 -15.67 -11.71
N ARG A 15 -5.18 -15.26 -12.78
CA ARG A 15 -4.96 -15.92 -14.16
C ARG A 15 -4.09 -15.01 -15.05
N LYS A 16 -2.91 -15.53 -15.48
CA LYS A 16 -2.03 -14.86 -16.49
C LYS A 16 -1.78 -15.88 -17.61
N ASP A 17 -2.18 -15.56 -18.84
CA ASP A 17 -1.99 -16.46 -20.00
C ASP A 17 -2.26 -17.95 -19.62
N GLY A 18 -3.40 -18.16 -18.95
CA GLY A 18 -3.79 -19.50 -18.56
C GLY A 18 -2.81 -20.14 -17.57
N GLU A 19 -2.20 -19.37 -16.60
CA GLU A 19 -1.24 -19.95 -15.63
C GLU A 19 -1.56 -19.38 -14.25
N TRP A 20 -1.30 -20.18 -13.24
CA TRP A 20 -1.52 -19.81 -11.85
C TRP A 20 -0.31 -18.99 -11.45
N VAL A 21 -0.54 -17.71 -11.04
CA VAL A 21 0.56 -16.80 -10.60
C VAL A 21 0.19 -16.31 -9.22
N LEU A 22 1.12 -16.50 -8.29
CA LEU A 22 1.05 -16.13 -6.89
C LEU A 22 0.64 -14.64 -6.82
N LEU A 23 -0.48 -14.42 -6.19
CA LEU A 23 -1.06 -13.12 -6.00
C LEU A 23 -0.10 -12.18 -5.21
N SER A 24 0.61 -12.72 -4.22
CA SER A 24 1.49 -11.89 -3.35
C SER A 24 2.63 -11.19 -4.06
N THR A 25 3.08 -11.69 -5.21
CA THR A 25 4.16 -11.03 -5.97
C THR A 25 3.65 -9.70 -6.51
N PHE A 26 2.31 -9.61 -6.64
CA PHE A 26 1.58 -8.41 -7.12
C PHE A 26 1.20 -7.53 -5.93
N LEU A 27 0.88 -8.08 -4.73
CA LEU A 27 0.59 -7.16 -3.58
C LEU A 27 1.92 -6.58 -3.09
N GLY A 28 2.71 -7.42 -2.41
CA GLY A 28 3.97 -6.99 -1.80
C GLY A 28 3.64 -6.44 -0.40
N SER A 29 2.38 -6.67 0.01
CA SER A 29 1.87 -6.19 1.30
C SER A 29 2.36 -7.08 2.43
N SER A 30 3.62 -6.89 2.68
CA SER A 30 4.38 -7.56 3.71
C SER A 30 5.66 -6.76 3.89
N GLY A 31 6.00 -6.01 2.82
CA GLY A 31 7.15 -5.14 2.81
C GLY A 31 6.80 -3.89 3.59
N ASN A 32 6.24 -2.87 2.93
CA ASN A 32 5.97 -1.59 3.58
C ASN A 32 4.83 -1.68 4.50
N GLU A 33 4.41 -2.89 4.77
CA GLU A 33 3.28 -3.14 5.65
C GLU A 33 3.63 -2.53 7.06
N GLN A 34 4.96 -2.49 7.21
CA GLN A 34 5.65 -1.98 8.39
C GLN A 34 5.42 -0.43 8.48
N GLU A 35 5.49 0.31 7.35
CA GLU A 35 5.32 1.79 7.36
C GLU A 35 3.86 2.19 7.78
N LEU A 36 2.90 1.45 7.22
CA LEU A 36 1.46 1.77 7.46
C LEU A 36 1.19 1.53 8.99
N LEU A 37 2.18 0.89 9.68
CA LEU A 37 2.10 0.52 11.15
C LEU A 37 3.03 1.44 12.03
N GLU A 38 4.16 1.94 11.49
CA GLU A 38 5.13 2.76 12.26
C GLU A 38 4.54 4.13 12.56
N LEU A 39 3.86 4.75 11.59
CA LEU A 39 3.33 6.11 11.76
C LEU A 39 2.45 6.17 13.00
N ASP A 40 1.65 5.15 13.19
CA ASP A 40 0.77 5.07 14.35
C ASP A 40 1.62 5.17 15.66
N LYS A 41 2.74 4.45 15.71
CA LYS A 41 3.66 4.41 16.87
C LYS A 41 4.33 5.77 17.19
N TRP A 42 4.63 6.52 16.15
CA TRP A 42 5.34 7.82 16.29
C TRP A 42 4.59 8.73 17.25
N ALA A 43 3.29 8.58 17.22
CA ALA A 43 2.38 9.34 18.08
C ALA A 43 2.72 9.09 19.53
N SER A 44 3.06 7.84 19.81
CA SER A 44 3.36 7.40 21.17
C SER A 44 4.49 8.21 21.74
N LEU A 45 5.50 8.45 20.92
CA LEU A 45 6.62 9.25 21.35
C LEU A 45 6.14 10.66 21.68
N TRP A 46 5.28 11.18 20.81
CA TRP A 46 4.69 12.52 20.94
C TRP A 46 3.75 12.61 22.16
N ASN A 47 2.99 11.56 22.43
CA ASN A 47 1.96 11.66 23.47
C ASN A 47 2.54 11.98 24.85
N TRP A 48 3.68 11.38 25.27
CA TRP A 48 4.21 11.71 26.61
C TRP A 48 4.82 13.11 26.64
N PHE A 49 5.19 13.72 25.49
CA PHE A 49 5.78 15.13 25.53
C PHE A 49 4.68 16.15 25.87
N ASN A 50 3.45 15.64 25.97
CA ASN A 50 2.30 16.39 26.44
C ASN A 50 2.59 16.60 27.92
N ILE A 51 3.44 15.72 28.53
CA ILE A 51 3.81 15.88 29.96
C ILE A 51 4.61 17.21 30.22
N THR A 52 5.58 17.43 29.33
CA THR A 52 6.59 18.52 29.30
C THR A 52 6.08 19.89 28.86
N ASN A 53 5.34 19.88 27.74
CA ASN A 53 5.16 21.21 27.06
C ASN A 53 4.52 22.29 27.95
N TRP A 54 3.64 21.89 28.84
CA TRP A 54 2.84 22.83 29.74
C TRP A 54 3.65 23.36 30.91
N LEU A 55 4.70 22.62 31.30
CA LEU A 55 5.50 23.00 32.50
C LEU A 55 5.89 24.50 32.45
N TRP A 56 6.36 24.93 31.29
CA TRP A 56 6.69 26.35 31.09
C TRP A 56 5.42 27.21 31.23
N TYR A 57 4.31 26.66 30.71
CA TYR A 57 3.02 27.39 30.74
C TYR A 57 2.59 27.59 32.22
N ILE A 58 2.58 26.51 33.01
CA ILE A 58 2.18 26.56 34.42
C ILE A 58 3.23 27.32 35.24
N LYS A 59 4.53 27.15 34.94
CA LYS A 59 5.58 27.84 35.70
C LYS A 59 6.90 27.86 34.89
N GLY B 1 -20.34 -30.60 -11.12
CA GLY B 1 -19.98 -30.72 -12.56
C GLY B 1 -18.47 -30.75 -12.68
N TYR B 2 -17.83 -29.61 -12.36
CA TYR B 2 -16.35 -29.45 -12.40
C TYR B 2 -15.85 -28.74 -11.14
N ILE B 3 -16.02 -27.39 -11.09
CA ILE B 3 -15.56 -26.55 -9.94
C ILE B 3 -16.39 -25.23 -9.88
N PRO B 4 -16.60 -24.54 -10.99
CA PRO B 4 -17.33 -23.26 -10.95
C PRO B 4 -18.76 -23.47 -10.46
N GLU B 5 -19.26 -22.48 -9.71
CA GLU B 5 -20.61 -22.46 -9.11
C GLU B 5 -21.40 -21.31 -9.73
N ALA B 6 -20.67 -20.40 -10.36
CA ALA B 6 -21.25 -19.24 -11.05
C ALA B 6 -21.86 -18.21 -10.08
N PRO B 7 -21.10 -17.69 -9.14
CA PRO B 7 -21.60 -16.65 -8.17
C PRO B 7 -21.62 -15.24 -8.81
N ARG B 8 -22.83 -14.67 -8.97
CA ARG B 8 -23.04 -13.35 -9.60
C ARG B 8 -23.50 -12.36 -8.54
N ASP B 9 -22.67 -11.40 -8.11
CA ASP B 9 -23.13 -10.40 -7.10
C ASP B 9 -22.25 -9.16 -7.22
N GLY B 10 -21.25 -9.25 -8.11
CA GLY B 10 -20.31 -8.14 -8.39
C GLY B 10 -19.08 -8.14 -7.47
N GLN B 11 -18.97 -9.12 -6.58
CA GLN B 11 -17.81 -9.24 -5.67
C GLN B 11 -16.61 -9.83 -6.40
N ALA B 12 -15.41 -9.37 -6.00
CA ALA B 12 -14.13 -9.87 -6.52
C ALA B 12 -13.65 -10.92 -5.55
N TYR B 13 -13.11 -12.07 -6.05
CA TYR B 13 -12.53 -13.10 -5.21
C TYR B 13 -11.46 -13.80 -6.00
N VAL B 14 -10.62 -14.54 -5.33
CA VAL B 14 -9.43 -15.24 -5.92
C VAL B 14 -9.59 -16.70 -5.69
N ARG B 15 -8.68 -17.62 -6.22
CA ARG B 15 -8.89 -19.11 -5.94
C ARG B 15 -7.94 -19.58 -4.82
N LYS B 16 -8.54 -20.09 -3.71
CA LYS B 16 -7.79 -20.75 -2.58
C LYS B 16 -8.41 -22.13 -2.39
N ASP B 17 -7.62 -23.20 -2.55
CA ASP B 17 -8.11 -24.59 -2.38
C ASP B 17 -9.54 -24.78 -2.97
N GLY B 18 -9.71 -24.29 -4.21
CA GLY B 18 -10.98 -24.41 -4.89
C GLY B 18 -12.11 -23.65 -4.19
N GLU B 19 -11.86 -22.44 -3.58
CA GLU B 19 -12.92 -21.67 -2.87
C GLU B 19 -12.77 -20.21 -3.26
N TRP B 20 -13.90 -19.52 -3.30
CA TRP B 20 -13.97 -18.12 -3.62
C TRP B 20 -13.61 -17.37 -2.34
N VAL B 21 -12.54 -16.56 -2.39
CA VAL B 21 -12.08 -15.76 -1.21
C VAL B 21 -12.01 -14.32 -1.66
N LEU B 22 -12.68 -13.46 -0.91
CA LEU B 22 -12.79 -12.04 -1.09
C LEU B 22 -11.36 -11.47 -1.23
N LEU B 23 -11.12 -10.87 -2.36
CA LEU B 23 -9.86 -10.27 -2.70
C LEU B 23 -9.46 -9.15 -1.70
N SER B 24 -10.45 -8.37 -1.24
CA SER B 24 -10.16 -7.20 -0.36
C SER B 24 -9.53 -7.56 0.99
N THR B 25 -9.71 -8.80 1.49
CA THR B 25 -9.09 -9.20 2.76
C THR B 25 -7.57 -9.28 2.58
N PHE B 26 -7.16 -9.44 1.31
CA PHE B 26 -5.75 -9.52 0.88
C PHE B 26 -5.25 -8.12 0.53
N LEU B 27 -6.08 -7.20 -0.05
CA LEU B 27 -5.55 -5.82 -0.31
C LEU B 27 -5.47 -5.09 1.03
N GLY B 28 -6.65 -4.69 1.54
CA GLY B 28 -6.72 -3.89 2.78
C GLY B 28 -6.61 -2.42 2.37
N SER B 29 -6.68 -2.19 1.05
CA SER B 29 -6.55 -0.85 0.47
C SER B 29 -7.84 -0.07 0.63
N SER B 30 -8.03 0.30 1.86
CA SER B 30 -9.15 1.08 2.35
C SER B 30 -8.75 1.60 3.72
N GLY B 31 -7.79 0.89 4.32
CA GLY B 31 -7.24 1.25 5.61
C GLY B 31 -6.28 2.39 5.40
N ASN B 32 -4.99 2.11 5.13
CA ASN B 32 -3.98 3.13 5.02
C ASN B 32 -4.12 3.90 3.77
N GLU B 33 -5.22 3.70 3.10
CA GLU B 33 -5.48 4.38 1.83
C GLU B 33 -5.46 5.93 2.11
N GLN B 34 -5.77 6.15 3.39
CA GLN B 34 -5.84 7.48 4.00
C GLN B 34 -4.41 8.09 4.05
N GLU B 35 -3.36 7.30 4.41
CA GLU B 35 -1.98 7.82 4.50
C GLU B 35 -1.42 8.25 3.11
N LEU B 36 -1.70 7.43 2.12
CA LEU B 36 -1.18 7.67 0.73
C LEU B 36 -1.85 9.00 0.23
N LEU B 37 -2.88 9.47 0.98
CA LEU B 37 -3.67 10.72 0.64
C LEU B 37 -3.34 11.93 1.60
N GLU B 38 -2.94 11.66 2.87
CA GLU B 38 -2.66 12.72 3.85
C GLU B 38 -1.36 13.46 3.51
N LEU B 39 -0.33 12.71 3.07
CA LEU B 39 0.99 13.32 2.80
C LEU B 39 0.83 14.44 1.78
N ASP B 40 0.00 14.22 0.79
CA ASP B 40 -0.28 15.22 -0.23
C ASP B 40 -0.80 16.54 0.44
N LYS B 41 -1.72 16.39 1.39
CA LYS B 41 -2.34 17.53 2.12
C LYS B 41 -1.34 18.34 2.99
N TRP B 42 -0.38 17.64 3.56
CA TRP B 42 0.61 18.28 4.48
C TRP B 42 1.30 19.44 3.78
N ALA B 43 1.46 19.29 2.49
CA ALA B 43 2.07 20.30 1.64
C ALA B 43 1.29 21.60 1.74
N SER B 44 -0.03 21.44 1.81
CA SER B 44 -0.95 22.57 1.83
C SER B 44 -0.63 23.45 3.00
N LEU B 45 -0.37 22.83 4.14
CA LEU B 45 -0.01 23.58 5.33
C LEU B 45 1.28 24.37 5.07
N TRP B 46 2.23 23.67 4.45
CA TRP B 46 3.54 24.23 4.10
C TRP B 46 3.43 25.35 3.05
N ASN B 47 2.54 25.19 2.08
CA ASN B 47 2.51 26.13 0.95
C ASN B 47 2.22 27.56 1.40
N TRP B 48 1.29 27.81 2.33
CA TRP B 48 1.03 29.23 2.73
C TRP B 48 2.19 29.77 3.59
N PHE B 49 3.04 28.93 4.21
CA PHE B 49 4.18 29.49 5.04
C PHE B 49 5.25 30.10 4.11
N ASN B 50 5.02 29.96 2.81
CA ASN B 50 5.80 30.58 1.76
C ASN B 50 5.45 32.05 1.88
N ILE B 51 4.26 32.36 2.48
CA ILE B 51 3.84 33.77 2.69
C ILE B 51 4.81 34.54 3.67
N THR B 52 5.09 33.84 4.78
CA THR B 52 5.87 34.25 5.96
C THR B 52 7.38 34.30 5.77
N ASN B 53 7.91 33.21 5.20
CA ASN B 53 9.40 33.03 5.36
C ASN B 53 10.23 34.20 4.81
N TRP B 54 9.77 34.83 3.78
CA TRP B 54 10.50 35.95 3.05
C TRP B 54 10.43 37.28 3.79
N LEU B 55 9.40 37.45 4.61
CA LEU B 55 9.18 38.75 5.32
C LEU B 55 10.49 39.25 5.97
N TRP B 56 11.15 38.35 6.67
CA TRP B 56 12.45 38.67 7.27
C TRP B 56 13.47 39.03 6.18
N TYR B 57 13.38 38.29 5.06
CA TYR B 57 14.33 38.50 3.94
C TYR B 57 14.13 39.92 3.36
N ILE B 58 12.87 40.29 3.05
CA ILE B 58 12.55 41.60 2.49
C ILE B 58 12.74 42.69 3.53
N LYS B 59 12.40 42.42 4.81
CA LYS B 59 12.54 43.45 5.87
C LYS B 59 12.54 42.77 7.25
N GLY C 1 -20.01 -22.24 -24.04
CA GLY C 1 -19.72 -23.61 -23.53
C GLY C 1 -20.04 -23.64 -22.04
N TYR C 2 -19.24 -22.90 -21.26
CA TYR C 2 -19.41 -22.80 -19.77
C TYR C 2 -19.28 -21.34 -19.32
N ILE C 3 -18.02 -20.84 -19.24
CA ILE C 3 -17.72 -19.44 -18.79
C ILE C 3 -16.35 -18.97 -19.36
N PRO C 4 -15.30 -19.78 -19.28
CA PRO C 4 -13.97 -19.35 -19.76
C PRO C 4 -14.02 -19.05 -21.26
N GLU C 5 -13.25 -18.03 -21.65
CA GLU C 5 -13.12 -17.55 -23.04
C GLU C 5 -11.69 -17.78 -23.52
N ALA C 6 -10.80 -18.01 -22.55
CA ALA C 6 -9.38 -18.29 -22.81
C ALA C 6 -8.62 -17.06 -23.34
N PRO C 7 -8.62 -15.95 -22.62
CA PRO C 7 -7.87 -14.71 -23.05
C PRO C 7 -6.36 -14.84 -22.72
N ARG C 8 -5.51 -14.85 -23.76
CA ARG C 8 -4.05 -14.99 -23.64
C ARG C 8 -3.37 -13.69 -24.05
N ASP C 9 -2.82 -12.89 -23.11
CA ASP C 9 -2.13 -11.64 -23.50
C ASP C 9 -1.15 -11.25 -22.41
N GLY C 10 -1.16 -12.06 -21.33
CA GLY C 10 -0.26 -11.88 -20.17
C GLY C 10 -0.83 -10.95 -19.09
N GLN C 11 -2.05 -10.46 -19.29
CA GLN C 11 -2.71 -9.57 -18.30
C GLN C 11 -3.28 -10.37 -17.14
N ALA C 12 -3.26 -9.77 -15.96
CA ALA C 12 -3.83 -10.36 -14.72
C ALA C 12 -5.23 -9.79 -14.57
N TYR C 13 -6.22 -10.62 -14.20
CA TYR C 13 -7.59 -10.16 -13.95
C TYR C 13 -8.21 -11.09 -12.93
N VAL C 14 -9.30 -10.66 -12.35
CA VAL C 14 -10.00 -11.38 -11.23
C VAL C 14 -11.39 -11.68 -11.69
N ARG C 15 -12.25 -12.43 -10.91
CA ARG C 15 -13.68 -12.71 -11.44
C ARG C 15 -14.68 -11.76 -10.76
N LYS C 16 -15.38 -10.94 -11.58
CA LYS C 16 -16.52 -10.07 -11.11
C LYS C 16 -17.72 -10.40 -12.01
N ASP C 17 -18.82 -10.88 -11.41
CA ASP C 17 -20.05 -11.23 -12.17
C ASP C 17 -19.70 -11.95 -13.52
N GLY C 18 -18.81 -12.93 -13.43
CA GLY C 18 -18.42 -13.69 -14.60
C GLY C 18 -17.71 -12.83 -15.65
N GLU C 19 -16.84 -11.83 -15.26
CA GLU C 19 -16.13 -10.97 -16.24
C GLU C 19 -14.70 -10.82 -15.78
N TRP C 20 -13.80 -10.69 -16.74
CA TRP C 20 -12.38 -10.51 -16.50
C TRP C 20 -12.21 -9.02 -16.18
N VAL C 21 -11.68 -8.71 -14.97
CA VAL C 21 -11.44 -7.31 -14.53
C VAL C 21 -9.99 -7.22 -14.14
N LEU C 22 -9.28 -6.28 -14.74
CA LEU C 22 -7.89 -5.95 -14.55
C LEU C 22 -7.65 -5.79 -13.04
N LEU C 23 -6.78 -6.63 -12.53
CA LEU C 23 -6.39 -6.66 -11.15
C LEU C 23 -5.78 -5.32 -10.69
N SER C 24 -4.99 -4.67 -11.56
CA SER C 24 -4.28 -3.42 -11.17
C SER C 24 -5.18 -2.25 -10.81
N THR C 25 -6.44 -2.22 -11.28
CA THR C 25 -7.36 -1.13 -10.93
C THR C 25 -7.72 -1.24 -9.45
N PHE C 26 -7.54 -2.45 -8.91
CA PHE C 26 -7.78 -2.79 -7.48
C PHE C 26 -6.50 -2.63 -6.68
N LEU C 27 -5.28 -2.89 -7.24
CA LEU C 27 -4.05 -2.63 -6.43
C LEU C 27 -3.82 -1.11 -6.40
N GLY C 28 -3.36 -0.57 -7.54
CA GLY C 28 -3.02 0.87 -7.63
C GLY C 28 -1.56 1.01 -7.19
N SER C 29 -0.89 -0.16 -7.03
CA SER C 29 0.50 -0.22 -6.57
C SER C 29 1.45 0.12 -7.71
N SER C 30 1.43 1.39 -8.00
CA SER C 30 2.23 2.04 -9.01
C SER C 30 2.18 3.53 -8.69
N GLY C 31 1.11 3.90 -7.97
CA GLY C 31 0.89 5.27 -7.54
C GLY C 31 1.80 5.54 -6.36
N ASN C 32 1.34 5.26 -5.13
CA ASN C 32 2.10 5.58 -3.93
C ASN C 32 3.25 4.66 -3.76
N GLU C 33 3.53 3.90 -4.79
CA GLU C 33 4.61 2.92 -4.75
C GLU C 33 5.94 3.73 -4.48
N GLN C 34 5.80 4.98 -4.90
CA GLN C 34 6.84 6.02 -4.80
C GLN C 34 7.07 6.37 -3.29
N GLU C 35 6.00 6.49 -2.47
CA GLU C 35 6.12 6.85 -1.05
C GLU C 35 6.86 5.72 -0.24
N LEU C 36 6.49 4.47 -0.54
CA LEU C 36 7.05 3.31 0.21
C LEU C 36 8.58 3.25 -0.13
N LEU C 37 9.01 4.06 -1.14
CA LEU C 37 10.43 4.13 -1.63
C LEU C 37 11.15 5.47 -1.21
N GLU C 38 10.40 6.58 -1.05
CA GLU C 38 11.00 7.89 -0.69
C GLU C 38 11.50 7.90 0.74
N LEU C 39 10.72 7.30 1.67
CA LEU C 39 11.08 7.34 3.10
C LEU C 39 12.48 6.77 3.28
N ASP C 40 12.79 5.70 2.58
CA ASP C 40 14.11 5.08 2.63
C ASP C 40 15.21 6.13 2.28
N LYS C 41 14.97 6.92 1.23
CA LYS C 41 15.91 7.96 0.74
C LYS C 41 16.15 9.12 1.75
N TRP C 42 15.12 9.47 2.48
CA TRP C 42 15.17 10.60 3.45
C TRP C 42 16.32 10.40 4.42
N ALA C 43 16.56 9.14 4.73
CA ALA C 43 17.64 8.74 5.62
C ALA C 43 18.97 9.22 5.09
N SER C 44 19.09 9.16 3.76
CA SER C 44 20.32 9.51 3.08
C SER C 44 20.70 10.94 3.40
N LEU C 45 19.68 11.80 3.40
CA LEU C 45 19.90 13.19 3.71
C LEU C 45 20.43 13.31 5.16
N TRP C 46 19.78 12.54 6.03
CA TRP C 46 20.12 12.49 7.46
C TRP C 46 21.51 11.88 7.70
N ASN C 47 21.88 10.86 6.94
CA ASN C 47 23.12 10.14 7.23
C ASN C 47 24.35 11.04 7.16
N TRP C 48 24.49 11.94 6.18
CA TRP C 48 25.71 12.79 6.13
C TRP C 48 25.67 13.86 7.25
N PHE C 49 24.51 14.20 7.84
CA PHE C 49 24.50 15.24 8.95
C PHE C 49 25.13 14.64 10.23
N ASN C 50 25.47 13.36 10.15
CA ASN C 50 26.21 12.65 11.16
C ASN C 50 27.60 13.25 11.07
N ILE C 51 27.97 13.84 9.90
CA ILE C 51 29.29 14.50 9.74
C ILE C 51 29.46 15.74 10.69
N THR C 52 28.39 16.55 10.67
CA THR C 52 28.20 17.86 11.36
C THR C 52 27.96 17.79 12.86
N ASN C 53 27.04 16.91 13.25
CA ASN C 53 26.49 17.08 14.64
C ASN C 53 27.56 17.02 15.75
N TRP C 54 28.58 16.25 15.55
CA TRP C 54 29.69 16.00 16.57
C TRP C 54 30.69 17.15 16.66
N LEU C 55 30.80 17.92 15.57
CA LEU C 55 31.81 19.01 15.51
C LEU C 55 31.77 19.88 16.79
N TRP C 56 30.57 20.25 17.17
CA TRP C 56 30.37 21.02 18.42
C TRP C 56 30.84 20.18 19.63
N TYR C 57 30.54 18.87 19.55
CA TYR C 57 30.89 17.94 20.66
C TYR C 57 32.44 17.89 20.80
N ILE C 58 33.14 17.65 19.69
CA ILE C 58 34.61 17.56 19.70
C ILE C 58 35.23 18.93 19.95
N LYS C 59 34.63 20.01 19.40
CA LYS C 59 35.20 21.37 19.59
C LYS C 59 34.13 22.43 19.27
N GLY A 1 -7.56 -29.94 -22.79
CA GLY A 1 -9.04 -29.89 -22.69
C GLY A 1 -9.49 -28.48 -22.33
N TYR A 2 -9.69 -28.23 -21.03
CA TYR A 2 -10.14 -26.92 -20.48
C TYR A 2 -8.93 -25.99 -20.21
N ILE A 3 -8.94 -25.31 -19.04
CA ILE A 3 -7.86 -24.35 -18.62
C ILE A 3 -7.48 -24.56 -17.14
N PRO A 4 -8.40 -24.85 -16.22
CA PRO A 4 -8.00 -25.08 -14.80
C PRO A 4 -7.06 -26.31 -14.67
N GLU A 5 -6.07 -26.21 -13.77
CA GLU A 5 -5.07 -27.29 -13.49
C GLU A 5 -5.24 -27.75 -12.05
N ALA A 6 -5.83 -26.87 -11.24
CA ALA A 6 -6.09 -27.14 -9.81
C ALA A 6 -4.81 -27.02 -8.97
N PRO A 7 -4.11 -25.91 -9.02
CA PRO A 7 -2.86 -25.72 -8.20
C PRO A 7 -3.22 -25.35 -6.75
N ARG A 8 -2.87 -26.23 -5.80
CA ARG A 8 -3.20 -26.08 -4.37
C ARG A 8 -1.90 -26.20 -3.55
N ASP A 9 -1.50 -25.11 -2.84
CA ASP A 9 -0.28 -25.14 -1.98
C ASP A 9 -0.47 -24.12 -0.86
N GLY A 10 -1.69 -23.57 -0.82
CA GLY A 10 -2.10 -22.60 0.21
C GLY A 10 -1.62 -21.18 -0.10
N GLN A 11 -0.93 -20.98 -1.24
CA GLN A 11 -0.45 -19.62 -1.66
C GLN A 11 -1.53 -18.99 -2.53
N ALA A 12 -1.42 -17.67 -2.84
CA ALA A 12 -2.43 -16.93 -3.67
C ALA A 12 -1.80 -16.38 -4.94
N TYR A 13 -2.61 -16.30 -6.02
CA TYR A 13 -2.18 -15.80 -7.35
C TYR A 13 -3.37 -15.11 -8.02
N VAL A 14 -3.05 -14.41 -9.12
CA VAL A 14 -4.02 -13.55 -9.88
C VAL A 14 -4.11 -14.08 -11.28
N ARG A 15 -5.12 -13.64 -12.06
CA ARG A 15 -5.30 -14.14 -13.45
C ARG A 15 -4.58 -13.23 -14.44
N LYS A 16 -3.52 -13.75 -15.07
CA LYS A 16 -2.74 -13.03 -16.11
C LYS A 16 -2.37 -14.02 -17.22
N ASP A 17 -2.55 -13.61 -18.51
CA ASP A 17 -2.16 -14.46 -19.66
C ASP A 17 -2.43 -15.96 -19.43
N GLY A 18 -3.59 -16.26 -18.88
CA GLY A 18 -3.97 -17.65 -18.65
C GLY A 18 -2.96 -18.36 -17.76
N GLU A 19 -2.39 -17.70 -16.72
CA GLU A 19 -1.39 -18.34 -15.84
C GLU A 19 -1.61 -17.82 -14.43
N TRP A 20 -1.21 -18.64 -13.47
CA TRP A 20 -1.33 -18.37 -12.05
C TRP A 20 -0.09 -17.56 -11.73
N VAL A 21 -0.23 -16.31 -11.27
CA VAL A 21 0.95 -15.44 -10.94
C VAL A 21 0.75 -14.97 -9.50
N LEU A 22 1.78 -15.18 -8.66
CA LEU A 22 1.81 -14.80 -7.27
C LEU A 22 1.48 -13.32 -7.17
N LEU A 23 0.41 -13.07 -6.47
CA LEU A 23 -0.13 -11.76 -6.28
C LEU A 23 0.90 -10.88 -5.59
N SER A 24 1.68 -11.47 -4.69
CA SER A 24 2.70 -10.76 -3.93
C SER A 24 3.57 -9.87 -4.81
N THR A 25 3.76 -10.26 -6.08
CA THR A 25 4.54 -9.47 -7.03
C THR A 25 3.86 -8.14 -7.36
N PHE A 26 2.50 -8.12 -7.33
CA PHE A 26 1.69 -6.91 -7.61
C PHE A 26 1.36 -6.22 -6.32
N LEU A 27 1.48 -6.88 -5.17
CA LEU A 27 1.06 -6.25 -3.91
C LEU A 27 2.00 -5.10 -3.65
N GLY A 28 3.20 -5.25 -4.17
CA GLY A 28 4.22 -4.20 -4.11
C GLY A 28 5.09 -4.37 -2.90
N SER A 29 6.15 -5.14 -3.09
CA SER A 29 7.15 -5.44 -2.07
C SER A 29 6.68 -6.53 -1.11
N SER A 30 5.64 -6.25 -0.29
CA SER A 30 5.16 -7.21 0.72
C SER A 30 6.04 -7.04 1.97
N GLY A 31 7.28 -6.59 1.73
CA GLY A 31 8.21 -6.28 2.81
C GLY A 31 7.84 -4.95 3.40
N ASN A 32 7.66 -3.95 2.51
CA ASN A 32 7.37 -2.57 2.89
C ASN A 32 5.96 -2.50 3.37
N GLU A 33 5.23 -3.63 3.38
CA GLU A 33 3.82 -3.59 3.85
C GLU A 33 3.86 -3.03 5.34
N GLN A 34 5.05 -3.19 5.86
CA GLN A 34 5.37 -2.80 7.24
C GLN A 34 5.24 -1.25 7.35
N GLU A 35 5.63 -0.52 6.31
CA GLU A 35 5.56 0.97 6.30
C GLU A 35 4.11 1.44 6.33
N LEU A 36 3.22 0.53 5.97
CA LEU A 36 1.77 0.84 5.99
C LEU A 36 1.31 1.00 7.44
N LEU A 37 1.75 0.10 8.33
CA LEU A 37 1.38 0.11 9.78
C LEU A 37 2.44 0.77 10.65
N GLU A 38 3.58 1.18 10.07
CA GLU A 38 4.62 1.83 10.84
C GLU A 38 4.14 3.22 11.22
N LEU A 39 3.48 3.95 10.25
CA LEU A 39 3.05 5.37 10.45
C LEU A 39 2.39 5.54 11.80
N ASP A 40 1.74 4.51 12.24
CA ASP A 40 1.08 4.51 13.53
C ASP A 40 2.08 4.79 14.69
N LYS A 41 3.24 4.17 14.62
CA LYS A 41 4.25 4.29 15.69
C LYS A 41 4.77 5.73 15.89
N TRP A 42 4.98 6.42 14.80
CA TRP A 42 5.54 7.77 14.79
C TRP A 42 4.67 8.70 15.64
N ALA A 43 3.36 8.51 15.55
CA ALA A 43 2.41 9.27 16.34
C ALA A 43 2.69 9.04 17.82
N SER A 44 3.00 7.78 18.15
CA SER A 44 3.25 7.42 19.54
C SER A 44 4.40 8.24 20.11
N LEU A 45 5.48 8.35 19.33
CA LEU A 45 6.62 9.12 19.79
C LEU A 45 6.20 10.59 19.98
N TRP A 46 5.45 11.05 18.97
CA TRP A 46 4.95 12.42 18.92
C TRP A 46 3.99 12.69 20.07
N ASN A 47 3.25 11.67 20.46
CA ASN A 47 2.18 11.88 21.45
C ASN A 47 2.68 12.44 22.80
N TRP A 48 3.68 11.83 23.45
CA TRP A 48 4.15 12.39 24.74
C TRP A 48 4.84 13.73 24.49
N PHE A 49 5.50 13.88 23.36
CA PHE A 49 6.23 15.14 23.05
C PHE A 49 5.31 16.39 23.22
N ASN A 50 3.99 16.17 23.31
CA ASN A 50 3.04 17.23 23.49
C ASN A 50 3.22 17.80 24.90
N ILE A 51 3.84 17.01 25.79
CA ILE A 51 4.08 17.42 27.17
C ILE A 51 4.87 18.72 27.18
N THR A 52 5.74 18.88 26.16
CA THR A 52 6.57 20.10 25.95
C THR A 52 5.78 21.16 25.17
N ASN A 53 4.78 20.71 24.40
CA ASN A 53 4.03 21.68 23.58
C ASN A 53 3.25 22.70 24.44
N TRP A 54 2.42 22.19 25.37
CA TRP A 54 1.54 23.06 26.22
C TRP A 54 2.39 23.77 27.28
N LEU A 55 3.54 23.18 27.55
CA LEU A 55 4.40 23.69 28.63
C LEU A 55 4.75 25.17 28.41
N TRP A 56 5.24 25.47 27.21
CA TRP A 56 5.59 26.88 26.89
C TRP A 56 4.33 27.77 26.89
N TYR A 57 3.24 27.16 26.44
CA TYR A 57 1.95 27.88 26.33
C TYR A 57 1.41 28.26 27.73
N ILE A 58 1.28 27.24 28.58
CA ILE A 58 0.76 27.42 29.93
C ILE A 58 1.81 28.15 30.76
N LYS A 59 3.08 28.04 30.36
CA LYS A 59 4.16 28.72 31.08
C LYS A 59 5.44 28.69 30.24
N GLY B 1 -18.34 -32.20 -9.95
CA GLY B 1 -18.01 -32.18 -11.40
C GLY B 1 -16.74 -31.38 -11.62
N TYR B 2 -16.90 -30.08 -11.93
CA TYR B 2 -15.78 -29.14 -12.20
C TYR B 2 -15.28 -28.49 -10.90
N ILE B 3 -15.04 -27.15 -10.92
CA ILE B 3 -14.52 -26.36 -9.75
C ILE B 3 -15.29 -25.04 -9.60
N PRO B 4 -15.66 -24.34 -10.67
CA PRO B 4 -16.42 -23.05 -10.52
C PRO B 4 -17.79 -23.31 -9.84
N GLU B 5 -18.22 -22.37 -8.98
CA GLU B 5 -19.52 -22.43 -8.24
C GLU B 5 -20.38 -21.26 -8.67
N ALA B 6 -19.72 -20.22 -9.19
CA ALA B 6 -20.37 -19.01 -9.68
C ALA B 6 -20.82 -18.10 -8.52
N PRO B 7 -19.93 -17.72 -7.62
CA PRO B 7 -20.30 -16.80 -6.48
C PRO B 7 -20.35 -15.34 -6.96
N ARG B 8 -21.56 -14.74 -6.90
CA ARG B 8 -21.81 -13.36 -7.38
C ARG B 8 -22.48 -12.57 -6.24
N ASP B 9 -21.80 -11.51 -5.74
CA ASP B 9 -22.38 -10.64 -4.67
C ASP B 9 -21.77 -9.24 -4.81
N GLY B 10 -21.01 -9.08 -5.89
CA GLY B 10 -20.37 -7.81 -6.24
C GLY B 10 -19.06 -7.57 -5.48
N GLN B 11 -18.65 -8.53 -4.61
CA GLN B 11 -17.37 -8.43 -3.84
C GLN B 11 -16.28 -9.08 -4.67
N ALA B 12 -14.98 -8.91 -4.28
CA ALA B 12 -13.81 -9.48 -5.02
C ALA B 12 -13.03 -10.44 -4.13
N TYR B 13 -12.41 -11.48 -4.76
CA TYR B 13 -11.62 -12.53 -4.08
C TYR B 13 -10.50 -12.97 -5.02
N VAL B 14 -9.57 -13.74 -4.44
CA VAL B 14 -8.31 -14.21 -5.13
C VAL B 14 -8.32 -15.71 -5.14
N ARG B 15 -7.44 -16.33 -5.93
CA ARG B 15 -7.40 -17.81 -6.03
C ARG B 15 -6.40 -18.39 -5.03
N LYS B 16 -6.91 -19.10 -4.01
CA LYS B 16 -6.07 -19.78 -2.97
C LYS B 16 -6.69 -21.14 -2.66
N ASP B 17 -5.86 -22.22 -2.59
CA ASP B 17 -6.35 -23.57 -2.21
C ASP B 17 -7.74 -23.89 -2.80
N GLY B 18 -7.94 -23.55 -4.06
CA GLY B 18 -9.20 -23.83 -4.71
C GLY B 18 -10.37 -23.19 -3.98
N GLU B 19 -10.23 -21.95 -3.42
CA GLU B 19 -11.33 -21.29 -2.69
C GLU B 19 -11.27 -19.80 -2.98
N TRP B 20 -12.43 -19.17 -2.88
CA TRP B 20 -12.61 -17.76 -3.13
C TRP B 20 -12.25 -17.10 -1.80
N VAL B 21 -11.21 -16.25 -1.78
CA VAL B 21 -10.79 -15.57 -0.50
C VAL B 21 -10.79 -14.07 -0.81
N LEU B 22 -11.47 -13.30 0.05
CA LEU B 22 -11.60 -11.86 -0.02
C LEU B 22 -10.21 -11.27 -0.09
N LEU B 23 -9.97 -10.58 -1.17
CA LEU B 23 -8.70 -9.99 -1.47
C LEU B 23 -8.35 -8.97 -0.40
N SER B 24 -9.36 -8.29 0.13
CA SER B 24 -9.18 -7.28 1.15
C SER B 24 -8.26 -7.75 2.29
N THR B 25 -8.23 -9.05 2.56
CA THR B 25 -7.37 -9.62 3.58
C THR B 25 -5.89 -9.50 3.21
N PHE B 26 -5.59 -9.56 1.90
CA PHE B 26 -4.22 -9.44 1.36
C PHE B 26 -3.92 -8.01 1.01
N LEU B 27 -4.94 -7.16 0.85
CA LEU B 27 -4.68 -5.78 0.40
C LEU B 27 -3.91 -5.09 1.49
N GLY B 28 -4.15 -5.56 2.70
CA GLY B 28 -3.42 -5.07 3.88
C GLY B 28 -4.17 -3.96 4.54
N SER B 29 -5.04 -4.33 5.45
CA SER B 29 -5.87 -3.42 6.24
C SER B 29 -7.08 -2.93 5.45
N SER B 30 -6.88 -2.12 4.39
CA SER B 30 -7.99 -1.55 3.61
C SER B 30 -8.42 -0.27 4.34
N GLY B 31 -8.20 -0.26 5.66
CA GLY B 31 -8.48 0.90 6.49
C GLY B 31 -7.37 1.90 6.29
N ASN B 32 -6.12 1.41 6.43
CA ASN B 32 -4.91 2.23 6.34
C ASN B 32 -4.70 2.63 4.93
N GLU B 33 -5.57 2.20 4.00
CA GLU B 33 -5.38 2.57 2.58
C GLU B 33 -5.37 4.15 2.52
N GLN B 34 -5.95 4.66 3.58
CA GLN B 34 -6.11 6.11 3.79
C GLN B 34 -4.70 6.74 3.93
N GLU B 35 -3.77 6.05 4.58
CA GLU B 35 -2.39 6.54 4.79
C GLU B 35 -1.64 6.66 3.46
N LEU B 36 -2.16 5.95 2.48
CA LEU B 36 -1.58 6.00 1.12
C LEU B 36 -1.80 7.38 0.51
N LEU B 37 -3.02 7.91 0.66
CA LEU B 37 -3.40 9.25 0.11
C LEU B 37 -3.31 10.37 1.16
N GLU B 38 -2.99 10.04 2.42
CA GLU B 38 -2.88 11.04 3.46
C GLU B 38 -1.63 11.85 3.19
N LEU B 39 -0.49 11.16 2.82
CA LEU B 39 0.83 11.81 2.64
C LEU B 39 0.70 13.11 1.84
N ASP B 40 -0.26 13.12 0.96
CA ASP B 40 -0.53 14.29 0.15
C ASP B 40 -0.87 15.52 1.01
N LYS B 41 -1.67 15.32 2.05
CA LYS B 41 -2.14 16.41 2.92
C LYS B 41 -0.99 17.13 3.67
N TRP B 42 -0.05 16.36 4.14
CA TRP B 42 1.07 16.86 4.94
C TRP B 42 1.84 17.92 4.15
N ALA B 43 1.99 17.70 2.85
CA ALA B 43 2.62 18.65 1.96
C ALA B 43 1.87 19.97 2.00
N SER B 44 0.54 19.86 2.04
CA SER B 44 -0.31 21.05 2.02
C SER B 44 0.01 21.93 3.23
N LEU B 45 0.14 21.31 4.39
CA LEU B 45 0.43 22.08 5.60
C LEU B 45 1.82 22.74 5.44
N TRP B 46 2.74 21.91 4.92
CA TRP B 46 4.12 22.31 4.69
C TRP B 46 4.21 23.43 3.66
N ASN B 47 3.30 23.39 2.69
CA ASN B 47 3.40 24.32 1.56
C ASN B 47 3.36 25.80 1.99
N TRP B 48 2.37 26.26 2.76
CA TRP B 48 2.35 27.69 3.15
C TRP B 48 3.51 27.97 4.10
N PHE B 49 3.89 26.99 4.92
CA PHE B 49 4.98 27.19 5.90
C PHE B 49 6.27 27.73 5.22
N ASN B 50 6.33 27.67 3.89
CA ASN B 50 7.45 28.15 3.13
C ASN B 50 7.49 29.68 3.23
N ILE B 51 6.32 30.27 3.57
CA ILE B 51 6.20 31.72 3.71
C ILE B 51 7.22 32.22 4.72
N THR B 52 7.51 31.38 5.72
CA THR B 52 8.51 31.65 6.78
C THR B 52 9.91 31.25 6.31
N ASN B 53 9.98 30.32 5.35
CA ASN B 53 11.30 29.84 4.90
C ASN B 53 12.12 30.95 4.22
N TRP B 54 11.52 31.60 3.21
CA TRP B 54 12.25 32.65 2.40
C TRP B 54 12.36 33.93 3.22
N LEU B 55 11.48 34.05 4.20
CA LEU B 55 11.41 35.29 4.98
C LEU B 55 12.76 35.61 5.63
N TRP B 56 13.32 34.63 6.32
CA TRP B 56 14.65 34.84 6.96
C TRP B 56 15.75 35.07 5.90
N TYR B 57 15.57 34.38 4.78
CA TYR B 57 16.55 34.46 3.67
C TYR B 57 16.56 35.86 3.04
N ILE B 58 15.36 36.29 2.62
CA ILE B 58 15.20 37.60 1.96
C ILE B 58 15.37 38.68 3.01
N LYS B 59 15.13 38.34 4.28
CA LYS B 59 15.27 39.32 5.37
C LYS B 59 15.24 38.59 6.71
N GLY C 1 -22.30 -21.63 -22.53
CA GLY C 1 -21.87 -22.96 -22.01
C GLY C 1 -21.35 -22.81 -20.58
N TYR C 2 -20.02 -22.66 -20.46
CA TYR C 2 -19.31 -22.52 -19.17
C TYR C 2 -19.25 -21.03 -18.73
N ILE C 3 -18.07 -20.58 -18.25
CA ILE C 3 -17.84 -19.18 -17.75
C ILE C 3 -16.50 -18.63 -18.28
N PRO C 4 -15.42 -19.40 -18.36
CA PRO C 4 -14.13 -18.85 -18.89
C PRO C 4 -14.29 -18.39 -20.36
N GLU C 5 -13.62 -17.28 -20.71
CA GLU C 5 -13.63 -16.70 -22.09
C GLU C 5 -12.22 -16.73 -22.66
N ALA C 6 -11.24 -16.82 -21.75
CA ALA C 6 -9.83 -16.90 -22.10
C ALA C 6 -9.27 -15.51 -22.52
N PRO C 7 -9.42 -14.49 -21.70
CA PRO C 7 -8.87 -13.12 -22.04
C PRO C 7 -7.36 -13.06 -21.77
N ARG C 8 -6.56 -12.87 -22.83
CA ARG C 8 -5.09 -12.86 -22.77
C ARG C 8 -4.58 -11.55 -23.41
N ASP C 9 -3.91 -10.67 -22.63
CA ASP C 9 -3.35 -9.40 -23.17
C ASP C 9 -2.16 -9.00 -22.30
N GLY C 10 -1.81 -9.93 -21.39
CA GLY C 10 -0.67 -9.77 -20.48
C GLY C 10 -0.99 -8.89 -19.27
N GLN C 11 -2.24 -8.39 -19.16
CA GLN C 11 -2.68 -7.56 -17.99
C GLN C 11 -3.25 -8.50 -16.93
N ALA C 12 -3.50 -7.99 -15.70
CA ALA C 12 -4.04 -8.82 -14.56
C ALA C 12 -5.39 -8.28 -14.10
N TYR C 13 -6.26 -9.19 -13.60
CA TYR C 13 -7.61 -8.87 -13.10
C TYR C 13 -7.96 -9.84 -11.97
N VAL C 14 -9.06 -9.52 -11.29
CA VAL C 14 -9.55 -10.25 -10.06
C VAL C 14 -10.92 -10.78 -10.35
N ARG C 15 -11.42 -11.70 -9.50
CA ARG C 15 -12.76 -12.29 -9.73
C ARG C 15 -13.83 -11.51 -8.97
N LYS C 16 -14.71 -10.83 -9.74
CA LYS C 16 -15.86 -10.05 -9.19
C LYS C 16 -17.08 -10.26 -10.09
N ASP C 17 -18.27 -10.52 -9.48
CA ASP C 17 -19.53 -10.67 -10.25
C ASP C 17 -19.34 -11.41 -11.59
N GLY C 18 -18.55 -12.48 -11.56
CA GLY C 18 -18.33 -13.27 -12.76
C GLY C 18 -17.73 -12.43 -13.88
N GLU C 19 -16.81 -11.47 -13.58
CA GLU C 19 -16.20 -10.62 -14.62
C GLU C 19 -14.75 -10.37 -14.25
N TRP C 20 -13.96 -10.12 -15.28
CA TRP C 20 -12.52 -9.86 -15.17
C TRP C 20 -12.44 -8.38 -14.87
N VAL C 21 -11.88 -7.99 -13.70
CA VAL C 21 -11.77 -6.55 -13.33
C VAL C 21 -10.30 -6.31 -13.01
N LEU C 22 -9.72 -5.27 -13.65
CA LEU C 22 -8.35 -4.85 -13.50
C LEU C 22 -8.09 -4.62 -12.01
N LEU C 23 -7.16 -5.38 -11.53
CA LEU C 23 -6.78 -5.38 -10.15
C LEU C 23 -6.29 -4.00 -9.75
N SER C 24 -5.60 -3.33 -10.68
CA SER C 24 -5.05 -2.00 -10.44
C SER C 24 -6.06 -1.05 -9.78
N THR C 25 -7.35 -1.25 -10.04
CA THR C 25 -8.40 -0.45 -9.44
C THR C 25 -8.49 -0.66 -7.92
N PHE C 26 -8.17 -1.89 -7.47
CA PHE C 26 -8.18 -2.27 -6.03
C PHE C 26 -6.82 -2.08 -5.45
N LEU C 27 -5.77 -2.00 -6.25
CA LEU C 27 -4.41 -1.93 -5.69
C LEU C 27 -4.30 -0.62 -4.96
N GLY C 28 -5.08 0.35 -5.43
CA GLY C 28 -5.18 1.66 -4.79
C GLY C 28 -4.20 2.62 -5.39
N SER C 29 -4.67 3.29 -6.43
CA SER C 29 -3.91 4.29 -7.18
C SER C 29 -2.94 3.66 -8.16
N SER C 30 -1.89 2.96 -7.68
CA SER C 30 -0.86 2.37 -8.56
C SER C 30 0.17 3.47 -8.83
N GLY C 31 -0.31 4.72 -8.79
CA GLY C 31 0.55 5.88 -8.96
C GLY C 31 1.29 6.11 -7.66
N ASN C 32 0.53 6.14 -6.55
CA ASN C 32 1.04 6.42 -5.21
C ASN C 32 1.82 5.25 -4.75
N GLU C 33 1.92 4.18 -5.56
CA GLU C 33 2.69 2.99 -5.12
C GLU C 33 4.17 3.49 -4.81
N GLN C 34 4.41 4.63 -5.42
CA GLN C 34 5.71 5.32 -5.34
C GLN C 34 5.93 5.76 -3.86
N GLU C 35 4.87 6.18 -3.17
CA GLU C 35 4.96 6.63 -1.76
C GLU C 35 5.34 5.47 -0.85
N LEU C 36 5.14 4.26 -1.35
CA LEU C 36 5.49 3.05 -0.60
C LEU C 36 7.01 2.95 -0.47
N LEU C 37 7.73 3.21 -1.59
CA LEU C 37 9.22 3.14 -1.63
C LEU C 37 9.88 4.50 -1.49
N GLU C 38 9.09 5.59 -1.40
CA GLU C 38 9.64 6.92 -1.23
C GLU C 38 10.20 7.03 0.17
N LEU C 39 9.44 6.50 1.19
CA LEU C 39 9.82 6.64 2.63
C LEU C 39 11.28 6.34 2.84
N ASP C 40 11.81 5.47 2.02
CA ASP C 40 13.20 5.10 2.08
C ASP C 40 14.13 6.32 1.86
N LYS C 41 13.77 7.17 0.91
CA LYS C 41 14.59 8.34 0.55
C LYS C 41 14.76 9.36 1.70
N TRP C 42 13.69 9.59 2.42
CA TRP C 42 13.64 10.57 3.50
C TRP C 42 14.70 10.25 4.54
N ALA C 43 14.91 8.96 4.80
CA ALA C 43 15.93 8.51 5.72
C ALA C 43 17.29 8.96 5.23
N SER C 44 17.47 8.88 3.90
CA SER C 44 18.75 9.22 3.30
C SER C 44 19.09 10.67 3.61
N LEU C 45 18.11 11.56 3.47
CA LEU C 45 18.35 12.97 3.74
C LEU C 45 18.71 13.13 5.23
N TRP C 46 17.93 12.41 6.05
CA TRP C 46 18.07 12.43 7.50
C TRP C 46 19.41 11.85 7.92
N ASN C 47 19.90 10.88 7.16
CA ASN C 47 21.11 10.16 7.57
C ASN C 47 22.34 11.07 7.76
N TRP C 48 22.72 11.89 6.77
CA TRP C 48 23.90 12.76 6.97
C TRP C 48 23.59 13.81 8.03
N PHE C 49 22.35 14.27 8.11
CA PHE C 49 21.97 15.31 9.08
C PHE C 49 22.41 14.93 10.53
N ASN C 50 22.78 13.67 10.75
CA ASN C 50 23.22 13.20 12.03
C ASN C 50 24.58 13.83 12.32
N ILE C 51 25.27 14.28 11.25
CA ILE C 51 26.59 14.91 11.38
C ILE C 51 26.49 16.09 12.33
N THR C 52 25.32 16.76 12.33
CA THR C 52 25.01 17.89 13.22
C THR C 52 24.48 17.40 14.57
N ASN C 53 23.93 16.18 14.59
CA ASN C 53 23.35 15.67 15.85
C ASN C 53 24.42 15.47 16.94
N TRP C 54 25.48 14.71 16.62
CA TRP C 54 26.55 14.36 17.62
C TRP C 54 27.44 15.60 17.85
N LEU C 55 27.41 16.50 16.90
CA LEU C 55 28.31 17.66 16.95
C LEU C 55 28.09 18.46 18.24
N TRP C 56 26.85 18.79 18.52
CA TRP C 56 26.54 19.54 19.76
C TRP C 56 26.86 18.70 21.00
N TYR C 57 26.63 17.39 20.87
CA TYR C 57 26.86 16.45 21.98
C TYR C 57 28.35 16.36 22.32
N ILE C 58 29.15 16.02 21.29
CA ILE C 58 30.60 15.87 21.47
C ILE C 58 31.22 17.24 21.69
N LYS C 59 30.53 18.29 21.23
CA LYS C 59 31.04 19.66 21.41
C LYS C 59 29.93 20.67 21.07
N GLY A 1 -7.51 -31.08 -22.18
CA GLY A 1 -8.84 -30.97 -21.51
C GLY A 1 -9.24 -29.49 -21.33
N TYR A 2 -9.43 -29.07 -20.06
CA TYR A 2 -9.84 -27.68 -19.70
C TYR A 2 -8.62 -26.83 -19.29
N ILE A 3 -8.64 -26.24 -18.06
CA ILE A 3 -7.52 -25.41 -17.51
C ILE A 3 -7.38 -25.61 -15.99
N PRO A 4 -8.46 -25.67 -15.21
CA PRO A 4 -8.34 -25.86 -13.74
C PRO A 4 -7.63 -27.18 -13.45
N GLU A 5 -6.83 -27.20 -12.37
CA GLU A 5 -6.05 -28.39 -11.95
C GLU A 5 -6.46 -28.75 -10.50
N ALA A 6 -7.15 -27.79 -9.87
CA ALA A 6 -7.63 -27.90 -8.48
C ALA A 6 -6.46 -27.79 -7.48
N PRO A 7 -5.73 -26.67 -7.42
CA PRO A 7 -4.55 -26.50 -6.49
C PRO A 7 -4.96 -25.80 -5.20
N ARG A 8 -4.84 -26.51 -4.05
CA ARG A 8 -5.20 -25.98 -2.72
C ARG A 8 -3.99 -26.17 -1.80
N ASP A 9 -3.42 -25.04 -1.29
CA ASP A 9 -2.21 -25.05 -0.42
C ASP A 9 -2.37 -23.96 0.65
N GLY A 10 -3.54 -23.31 0.62
CA GLY A 10 -3.91 -22.23 1.59
C GLY A 10 -3.30 -20.90 1.20
N GLN A 11 -2.49 -20.92 0.13
CA GLN A 11 -1.79 -19.74 -0.42
C GLN A 11 -2.75 -19.12 -1.47
N ALA A 12 -2.60 -17.78 -1.74
CA ALA A 12 -3.50 -17.03 -2.69
C ALA A 12 -2.66 -16.62 -3.89
N TYR A 13 -3.28 -16.42 -5.08
CA TYR A 13 -2.55 -16.03 -6.30
C TYR A 13 -3.43 -15.14 -7.19
N VAL A 14 -3.14 -15.12 -8.48
CA VAL A 14 -3.91 -14.29 -9.49
C VAL A 14 -3.89 -14.99 -10.88
N ARG A 15 -4.74 -14.54 -11.86
CA ARG A 15 -4.70 -15.12 -13.24
C ARG A 15 -3.79 -14.24 -14.11
N LYS A 16 -2.62 -14.80 -14.51
CA LYS A 16 -1.63 -14.11 -15.43
C LYS A 16 -1.22 -15.14 -16.49
N ASP A 17 -1.32 -14.79 -17.81
CA ASP A 17 -0.92 -15.71 -18.92
C ASP A 17 -1.09 -17.20 -18.59
N GLY A 18 -2.22 -17.50 -17.95
CA GLY A 18 -2.56 -18.87 -17.58
C GLY A 18 -1.66 -19.46 -16.48
N GLU A 19 -1.13 -18.66 -15.49
CA GLU A 19 -0.26 -19.19 -14.42
C GLU A 19 -0.73 -18.57 -13.09
N TRP A 20 -0.65 -19.35 -12.03
CA TRP A 20 -1.03 -18.89 -10.69
C TRP A 20 0.16 -18.08 -10.14
N VAL A 21 -0.02 -16.74 -9.84
CA VAL A 21 1.08 -15.86 -9.28
C VAL A 21 0.61 -15.34 -7.89
N LEU A 22 1.37 -15.71 -6.89
CA LEU A 22 1.25 -15.33 -5.51
C LEU A 22 1.18 -13.81 -5.43
N LEU A 23 0.01 -13.25 -5.09
CA LEU A 23 -0.13 -11.77 -4.91
C LEU A 23 1.06 -11.17 -4.14
N SER A 24 1.53 -11.85 -3.08
CA SER A 24 2.58 -11.29 -2.20
C SER A 24 3.72 -10.66 -2.97
N THR A 25 3.95 -11.12 -4.19
CA THR A 25 5.03 -10.56 -4.99
C THR A 25 4.76 -9.12 -5.35
N PHE A 26 3.45 -8.77 -5.46
CA PHE A 26 2.95 -7.43 -5.83
C PHE A 26 2.74 -6.51 -4.65
N LEU A 27 2.20 -6.96 -3.47
CA LEU A 27 2.13 -6.05 -2.29
C LEU A 27 3.45 -6.05 -1.48
N GLY A 28 4.17 -7.20 -1.59
CA GLY A 28 5.44 -7.47 -0.86
C GLY A 28 5.14 -8.30 0.40
N SER A 29 4.17 -7.82 1.16
CA SER A 29 3.69 -8.47 2.40
C SER A 29 4.76 -8.52 3.52
N SER A 30 5.96 -8.10 3.19
CA SER A 30 7.08 -8.05 4.12
C SER A 30 8.08 -7.14 3.45
N GLY A 31 7.50 -6.09 2.84
CA GLY A 31 8.25 -5.08 2.10
C GLY A 31 7.42 -3.83 1.95
N ASN A 32 6.28 -3.80 2.64
CA ASN A 32 5.38 -2.62 2.56
C ASN A 32 4.43 -2.70 3.72
N GLU A 33 4.29 -3.89 4.33
CA GLU A 33 3.42 -4.04 5.50
C GLU A 33 4.00 -3.12 6.60
N GLN A 34 5.28 -2.79 6.41
CA GLN A 34 5.99 -1.92 7.38
C GLN A 34 5.36 -0.51 7.36
N GLU A 35 5.14 0.06 6.17
CA GLU A 35 4.60 1.42 6.03
C GLU A 35 3.17 1.46 6.60
N LEU A 36 2.46 0.34 6.54
CA LEU A 36 1.09 0.31 7.06
C LEU A 36 1.05 0.46 8.58
N LEU A 37 2.00 -0.21 9.30
CA LEU A 37 2.07 -0.17 10.81
C LEU A 37 3.19 0.75 11.34
N GLU A 38 3.98 1.44 10.49
CA GLU A 38 5.00 2.34 11.01
C GLU A 38 4.30 3.56 11.65
N LEU A 39 3.31 4.16 10.97
CA LEU A 39 2.66 5.37 11.49
C LEU A 39 2.09 5.12 12.88
N ASP A 40 1.49 3.97 13.09
CA ASP A 40 0.95 3.61 14.40
C ASP A 40 2.05 3.71 15.48
N LYS A 41 3.22 3.18 15.18
CA LYS A 41 4.37 3.25 16.10
C LYS A 41 4.83 4.68 16.33
N TRP A 42 4.87 5.45 15.26
CA TRP A 42 5.42 6.82 15.34
C TRP A 42 4.57 7.65 16.29
N ALA A 43 3.28 7.40 16.27
CA ALA A 43 2.32 8.09 17.14
C ALA A 43 2.68 7.85 18.62
N SER A 44 3.02 6.61 18.91
CA SER A 44 3.33 6.20 20.27
C SER A 44 4.49 7.01 20.84
N LEU A 45 5.58 7.15 20.07
CA LEU A 45 6.75 7.93 20.54
C LEU A 45 6.32 9.41 20.74
N TRP A 46 5.56 9.91 19.76
CA TRP A 46 5.10 11.32 19.73
C TRP A 46 4.06 11.60 20.86
N ASN A 47 3.19 10.62 21.14
CA ASN A 47 2.11 10.79 22.14
C ASN A 47 2.64 11.11 23.55
N TRP A 48 3.50 10.27 24.14
CA TRP A 48 4.00 10.58 25.49
C TRP A 48 4.85 11.84 25.44
N PHE A 49 5.39 12.18 24.26
CA PHE A 49 6.28 13.35 24.14
C PHE A 49 5.51 14.67 24.44
N ASN A 50 4.20 14.57 24.68
CA ASN A 50 3.36 15.64 25.00
C ASN A 50 3.68 16.10 26.45
N ILE A 51 4.45 15.24 27.19
CA ILE A 51 4.81 15.53 28.59
C ILE A 51 5.60 16.82 28.68
N THR A 52 6.52 17.00 27.73
CA THR A 52 7.39 18.18 27.63
C THR A 52 6.61 19.31 26.97
N ASN A 53 5.59 18.94 26.17
CA ASN A 53 4.81 20.01 25.50
C ASN A 53 4.01 20.86 26.53
N TRP A 54 3.35 20.20 27.52
CA TRP A 54 2.42 20.84 28.50
C TRP A 54 3.18 21.70 29.52
N LEU A 55 4.41 21.24 29.79
CA LEU A 55 5.32 21.88 30.79
C LEU A 55 5.28 23.45 30.62
N TRP A 56 5.20 23.93 29.38
CA TRP A 56 5.19 25.39 29.09
C TRP A 56 3.99 26.15 29.71
N TYR A 57 2.88 25.42 29.93
CA TYR A 57 1.66 25.98 30.51
C TYR A 57 1.81 26.26 32.02
N ILE A 58 2.26 25.21 32.75
CA ILE A 58 2.36 25.22 34.25
C ILE A 58 3.77 25.63 34.72
N LYS A 59 4.79 25.57 33.84
CA LYS A 59 6.17 25.99 34.18
C LYS A 59 6.88 26.32 32.86
N GLY B 1 -19.61 -32.04 -10.17
CA GLY B 1 -19.44 -31.45 -11.53
C GLY B 1 -18.05 -30.79 -11.67
N TYR B 2 -18.04 -29.48 -11.94
CA TYR B 2 -16.80 -28.67 -12.14
C TYR B 2 -16.41 -27.92 -10.83
N ILE B 3 -16.27 -26.57 -10.91
CA ILE B 3 -15.93 -25.70 -9.73
C ILE B 3 -16.65 -24.33 -9.84
N PRO B 4 -16.72 -23.69 -11.00
CA PRO B 4 -17.41 -22.37 -11.11
C PRO B 4 -18.87 -22.52 -10.72
N GLU B 5 -19.42 -21.46 -10.08
CA GLU B 5 -20.83 -21.45 -9.59
C GLU B 5 -21.54 -20.24 -10.26
N ALA B 6 -20.72 -19.35 -10.82
CA ALA B 6 -21.17 -18.13 -11.49
C ALA B 6 -21.65 -17.08 -10.46
N PRO B 7 -20.80 -16.59 -9.55
CA PRO B 7 -21.21 -15.60 -8.50
C PRO B 7 -20.90 -14.16 -8.94
N ARG B 8 -21.96 -13.32 -9.10
CA ARG B 8 -21.83 -11.92 -9.53
C ARG B 8 -22.58 -11.05 -8.51
N ASP B 9 -21.83 -10.15 -7.81
CA ASP B 9 -22.38 -9.27 -6.75
C ASP B 9 -21.71 -7.89 -6.85
N GLY B 10 -20.84 -7.77 -7.86
CA GLY B 10 -20.10 -6.52 -8.14
C GLY B 10 -18.87 -6.38 -7.26
N GLN B 11 -18.73 -7.32 -6.33
CA GLN B 11 -17.60 -7.40 -5.35
C GLN B 11 -16.47 -8.21 -6.04
N ALA B 12 -15.20 -7.99 -5.62
CA ALA B 12 -13.99 -8.67 -6.22
C ALA B 12 -13.40 -9.59 -5.17
N TYR B 13 -12.70 -10.69 -5.57
CA TYR B 13 -12.09 -11.64 -4.63
C TYR B 13 -10.81 -12.22 -5.20
N VAL B 14 -10.41 -13.40 -4.76
CA VAL B 14 -9.15 -14.10 -5.22
C VAL B 14 -9.34 -15.64 -5.14
N ARG B 15 -8.41 -16.44 -5.77
CA ARG B 15 -8.50 -17.94 -5.65
C ARG B 15 -7.60 -18.39 -4.48
N LYS B 16 -8.24 -18.89 -3.40
CA LYS B 16 -7.54 -19.45 -2.19
C LYS B 16 -8.21 -20.78 -1.83
N ASP B 17 -7.45 -21.89 -1.69
CA ASP B 17 -8.01 -23.23 -1.33
C ASP B 17 -9.45 -23.45 -1.81
N GLY B 18 -9.69 -23.03 -3.06
CA GLY B 18 -11.00 -23.17 -3.69
C GLY B 18 -12.10 -22.30 -3.07
N GLU B 19 -11.80 -21.07 -2.53
CA GLU B 19 -12.83 -20.20 -1.92
C GLU B 19 -12.60 -18.77 -2.44
N TRP B 20 -13.68 -18.04 -2.64
CA TRP B 20 -13.62 -16.65 -3.11
C TRP B 20 -13.31 -15.78 -1.87
N VAL B 21 -12.13 -15.04 -1.85
CA VAL B 21 -11.74 -14.15 -0.68
C VAL B 21 -11.64 -12.70 -1.22
N LEU B 22 -12.48 -11.85 -0.68
CA LEU B 22 -12.55 -10.43 -0.91
C LEU B 22 -11.16 -9.82 -0.71
N LEU B 23 -10.50 -9.38 -1.78
CA LEU B 23 -9.17 -8.71 -1.68
C LEU B 23 -9.13 -7.71 -0.51
N SER B 24 -10.21 -6.92 -0.31
CA SER B 24 -10.22 -5.84 0.70
C SER B 24 -9.63 -6.27 2.02
N THR B 25 -9.70 -7.56 2.32
CA THR B 25 -9.17 -8.06 3.58
C THR B 25 -7.66 -7.91 3.64
N PHE B 26 -7.02 -7.96 2.44
CA PHE B 26 -5.55 -7.87 2.25
C PHE B 26 -5.06 -6.45 2.06
N LEU B 27 -5.74 -5.55 1.30
CA LEU B 27 -5.26 -4.12 1.24
C LEU B 27 -5.83 -3.30 2.42
N GLY B 28 -7.01 -3.75 2.93
CA GLY B 28 -7.76 -3.08 4.02
C GLY B 28 -8.88 -2.21 3.41
N SER B 29 -8.48 -1.39 2.44
CA SER B 29 -9.39 -0.48 1.70
C SER B 29 -10.03 0.60 2.58
N SER B 30 -9.80 0.51 3.87
CA SER B 30 -10.30 1.47 4.85
C SER B 30 -9.46 1.22 6.08
N GLY B 31 -8.18 0.98 5.80
CA GLY B 31 -7.18 0.68 6.80
C GLY B 31 -5.79 0.92 6.25
N ASN B 32 -5.73 1.51 5.06
CA ASN B 32 -4.43 1.80 4.41
C ASN B 32 -4.67 2.81 3.32
N GLU B 33 -5.94 2.95 2.88
CA GLU B 33 -6.27 3.94 1.86
C GLU B 33 -5.92 5.32 2.43
N GLN B 34 -5.84 5.34 3.78
CA GLN B 34 -5.50 6.59 4.49
C GLN B 34 -4.06 7.03 4.15
N GLU B 35 -3.11 6.10 4.20
CA GLU B 35 -1.69 6.41 3.94
C GLU B 35 -1.52 6.88 2.48
N LEU B 36 -2.37 6.39 1.60
CA LEU B 36 -2.28 6.77 0.18
C LEU B 36 -2.64 8.24 -0.03
N LEU B 37 -3.70 8.75 0.68
CA LEU B 37 -4.17 10.18 0.56
C LEU B 37 -3.74 11.06 1.75
N GLU B 38 -3.01 10.56 2.76
CA GLU B 38 -2.58 11.42 3.85
C GLU B 38 -1.50 12.39 3.31
N LEU B 39 -0.52 11.91 2.53
CA LEU B 39 0.57 12.79 2.06
C LEU B 39 0.01 13.96 1.28
N ASP B 40 -0.99 13.71 0.45
CA ASP B 40 -1.63 14.78 -0.32
C ASP B 40 -2.13 15.89 0.64
N LYS B 41 -2.78 15.50 1.72
CA LYS B 41 -3.28 16.45 2.73
C LYS B 41 -2.13 17.20 3.42
N TRP B 42 -1.08 16.47 3.74
CA TRP B 42 0.03 17.05 4.52
C TRP B 42 0.66 18.19 3.73
N ALA B 43 0.73 18.00 2.41
CA ALA B 43 1.27 18.99 1.49
C ALA B 43 0.50 20.31 1.61
N SER B 44 -0.82 20.17 1.68
CA SER B 44 -1.71 21.32 1.72
C SER B 44 -1.40 22.21 2.92
N LEU B 45 -1.27 21.61 4.11
CA LEU B 45 -0.95 22.38 5.33
C LEU B 45 0.43 23.05 5.17
N TRP B 46 1.39 22.27 4.65
CA TRP B 46 2.79 22.71 4.46
C TRP B 46 2.90 23.80 3.36
N ASN B 47 2.10 23.67 2.29
CA ASN B 47 2.16 24.60 1.13
C ASN B 47 1.88 26.05 1.52
N TRP B 48 0.73 26.37 2.12
CA TRP B 48 0.46 27.77 2.50
C TRP B 48 1.44 28.20 3.57
N PHE B 49 2.02 27.26 4.31
CA PHE B 49 2.95 27.62 5.42
C PHE B 49 4.23 28.31 4.87
N ASN B 50 4.35 28.42 3.54
CA ASN B 50 5.39 29.05 2.88
C ASN B 50 5.27 30.58 3.08
N ILE B 51 4.09 31.02 3.58
CA ILE B 51 3.81 32.44 3.80
C ILE B 51 4.80 33.03 4.80
N THR B 52 5.07 32.25 5.85
CA THR B 52 5.99 32.63 6.93
C THR B 52 7.41 32.36 6.47
N ASN B 53 7.56 31.42 5.51
CA ASN B 53 8.94 31.12 5.03
C ASN B 53 9.55 32.33 4.27
N TRP B 54 8.77 32.98 3.38
CA TRP B 54 9.23 34.07 2.47
C TRP B 54 9.53 35.37 3.23
N LEU B 55 8.75 35.54 4.30
CA LEU B 55 8.80 36.75 5.19
C LEU B 55 10.30 37.14 5.46
N TRP B 56 11.18 36.14 5.63
CA TRP B 56 12.62 36.38 5.93
C TRP B 56 13.37 37.15 4.82
N TYR B 57 12.87 37.05 3.58
CA TYR B 57 13.46 37.71 2.42
C TYR B 57 13.19 39.21 2.41
N ILE B 58 11.89 39.57 2.56
CA ILE B 58 11.39 40.97 2.47
C ILE B 58 11.29 41.64 3.85
N LYS B 59 11.30 40.86 4.95
CA LYS B 59 11.28 41.42 6.33
C LYS B 59 11.86 40.34 7.25
N GLY C 1 -21.79 -21.85 -23.72
CA GLY C 1 -20.83 -22.90 -23.26
C GLY C 1 -20.49 -22.72 -21.78
N TYR C 2 -19.19 -22.51 -21.49
CA TYR C 2 -18.66 -22.35 -20.10
C TYR C 2 -18.49 -20.84 -19.75
N ILE C 3 -17.25 -20.43 -19.37
CA ILE C 3 -16.91 -19.01 -19.01
C ILE C 3 -15.46 -18.67 -19.45
N PRO C 4 -14.48 -19.54 -19.24
CA PRO C 4 -13.07 -19.22 -19.66
C PRO C 4 -13.02 -18.98 -21.16
N GLU C 5 -12.15 -18.06 -21.58
CA GLU C 5 -11.98 -17.67 -23.02
C GLU C 5 -10.51 -17.92 -23.40
N ALA C 6 -9.68 -18.09 -22.37
CA ALA C 6 -8.24 -18.31 -22.48
C ALA C 6 -7.50 -17.02 -22.89
N PRO C 7 -7.55 -15.94 -22.09
CA PRO C 7 -6.88 -14.64 -22.44
C PRO C 7 -5.49 -14.52 -21.82
N ARG C 8 -4.45 -14.44 -22.68
CA ARG C 8 -3.03 -14.35 -22.23
C ARG C 8 -2.41 -13.13 -22.94
N ASP C 9 -1.98 -12.12 -22.12
CA ASP C 9 -1.39 -10.85 -22.64
C ASP C 9 -0.25 -10.41 -21.70
N GLY C 10 0.01 -11.27 -20.71
CA GLY C 10 1.09 -11.06 -19.71
C GLY C 10 0.66 -10.11 -18.61
N GLN C 11 -0.55 -9.57 -18.76
CA GLN C 11 -1.18 -8.61 -17.81
C GLN C 11 -1.95 -9.47 -16.77
N ALA C 12 -2.17 -8.93 -15.55
CA ALA C 12 -2.86 -9.66 -14.42
C ALA C 12 -4.18 -8.96 -14.15
N TYR C 13 -5.21 -9.68 -13.61
CA TYR C 13 -6.52 -9.10 -13.32
C TYR C 13 -7.14 -9.77 -12.10
N VAL C 14 -8.46 -9.73 -12.00
CA VAL C 14 -9.23 -10.34 -10.84
C VAL C 14 -10.63 -10.81 -11.32
N ARG C 15 -11.37 -11.62 -10.49
CA ARG C 15 -12.76 -12.05 -10.86
C ARG C 15 -13.75 -11.06 -10.23
N LYS C 16 -14.44 -10.26 -11.09
CA LYS C 16 -15.50 -9.27 -10.66
C LYS C 16 -16.69 -9.45 -11.62
N ASP C 17 -17.92 -9.67 -11.09
CA ASP C 17 -19.16 -9.82 -11.93
C ASP C 17 -18.88 -10.44 -13.31
N GLY C 18 -18.02 -11.47 -13.30
CA GLY C 18 -17.67 -12.18 -14.53
C GLY C 18 -16.82 -11.37 -15.52
N GLU C 19 -15.94 -10.41 -15.06
CA GLU C 19 -15.12 -9.60 -15.99
C GLU C 19 -13.69 -9.57 -15.43
N TRP C 20 -12.71 -9.57 -16.32
CA TRP C 20 -11.30 -9.51 -15.95
C TRP C 20 -10.98 -8.03 -15.65
N VAL C 21 -10.56 -7.69 -14.36
CA VAL C 21 -10.21 -6.27 -13.98
C VAL C 21 -8.72 -6.26 -13.53
N LEU C 22 -7.93 -5.50 -14.26
CA LEU C 22 -6.53 -5.22 -14.03
C LEU C 22 -6.36 -4.74 -12.59
N LEU C 23 -5.73 -5.56 -11.73
CA LEU C 23 -5.45 -5.15 -10.32
C LEU C 23 -4.93 -3.70 -10.25
N SER C 24 -4.03 -3.30 -11.18
CA SER C 24 -3.38 -1.98 -11.12
C SER C 24 -4.33 -0.86 -10.80
N THR C 25 -5.59 -1.03 -11.14
CA THR C 25 -6.58 0.00 -10.88
C THR C 25 -6.79 0.20 -9.39
N PHE C 26 -6.59 -0.90 -8.64
CA PHE C 26 -6.77 -0.97 -7.16
C PHE C 26 -5.51 -0.62 -6.38
N LEU C 27 -4.27 -1.06 -6.78
CA LEU C 27 -3.05 -0.58 -6.05
C LEU C 27 -2.56 0.77 -6.60
N GLY C 28 -2.89 1.02 -7.90
CA GLY C 28 -2.46 2.23 -8.66
C GLY C 28 -1.22 1.91 -9.50
N SER C 29 -0.24 1.31 -8.83
CA SER C 29 1.04 0.88 -9.44
C SER C 29 1.89 2.04 -9.98
N SER C 30 1.33 3.22 -9.95
CA SER C 30 2.00 4.45 -10.38
C SER C 30 1.17 5.57 -9.77
N GLY C 31 0.77 5.29 -8.53
CA GLY C 31 -0.06 6.18 -7.74
C GLY C 31 0.04 5.83 -6.27
N ASN C 32 0.97 4.92 -5.94
CA ASN C 32 1.16 4.50 -4.54
C ASN C 32 2.50 3.81 -4.45
N GLU C 33 3.05 3.38 -5.60
CA GLU C 33 4.37 2.75 -5.61
C GLU C 33 5.37 3.80 -5.09
N GLN C 34 4.93 5.06 -5.17
CA GLN C 34 5.77 6.18 -4.71
C GLN C 34 5.96 6.10 -3.18
N GLU C 35 4.88 5.88 -2.43
CA GLU C 35 4.95 5.83 -0.96
C GLU C 35 5.82 4.64 -0.52
N LEU C 36 5.85 3.59 -1.33
CA LEU C 36 6.65 2.40 -0.98
C LEU C 36 8.14 2.70 -1.03
N LEU C 37 8.61 3.48 -2.06
CA LEU C 37 10.07 3.83 -2.23
C LEU C 37 10.39 5.28 -1.81
N GLU C 38 9.43 6.09 -1.32
CA GLU C 38 9.77 7.44 -0.89
C GLU C 38 10.61 7.34 0.41
N LEU C 39 10.20 6.50 1.39
CA LEU C 39 10.93 6.44 2.67
C LEU C 39 12.39 6.08 2.44
N ASP C 40 12.65 5.16 1.53
CA ASP C 40 14.03 4.77 1.21
C ASP C 40 14.85 6.03 0.80
N LYS C 41 14.27 6.86 -0.05
CA LYS C 41 14.92 8.11 -0.48
C LYS C 41 15.12 9.08 0.67
N TRP C 42 14.11 9.19 1.53
CA TRP C 42 14.15 10.18 2.61
C TRP C 42 15.32 9.88 3.53
N ALA C 43 15.56 8.58 3.74
CA ALA C 43 16.66 8.11 4.58
C ALA C 43 18.01 8.63 4.06
N SER C 44 18.14 8.56 2.74
CA SER C 44 19.37 8.96 2.08
C SER C 44 19.73 10.42 2.39
N LEU C 45 18.75 11.32 2.26
CA LEU C 45 18.99 12.75 2.54
C LEU C 45 19.37 12.92 4.04
N TRP C 46 18.61 12.20 4.89
CA TRP C 46 18.76 12.27 6.37
C TRP C 46 20.10 11.63 6.82
N ASN C 47 20.52 10.54 6.15
CA ASN C 47 21.73 9.78 6.53
C ASN C 47 23.01 10.63 6.48
N TRP C 48 23.35 11.24 5.33
CA TRP C 48 24.57 12.06 5.28
C TRP C 48 24.40 13.28 6.18
N PHE C 49 23.17 13.68 6.48
CA PHE C 49 22.92 14.89 7.30
C PHE C 49 23.46 14.69 8.74
N ASN C 50 23.97 13.49 9.05
CA ASN C 50 24.54 13.15 10.28
C ASN C 50 25.90 13.88 10.42
N ILE C 51 26.40 14.42 9.28
CA ILE C 51 27.70 15.12 9.25
C ILE C 51 27.69 16.32 10.19
N THR C 52 26.57 17.03 10.16
CA THR C 52 26.36 18.23 11.00
C THR C 52 25.95 17.78 12.40
N ASN C 53 25.37 16.57 12.49
CA ASN C 53 24.95 16.10 13.84
C ASN C 53 26.18 15.85 14.75
N TRP C 54 27.25 15.19 14.23
CA TRP C 54 28.46 14.76 15.01
C TRP C 54 29.32 15.93 15.43
N LEU C 55 29.30 16.95 14.57
CA LEU C 55 30.10 18.20 14.73
C LEU C 55 30.05 18.68 16.23
N TRP C 56 28.88 18.55 16.87
CA TRP C 56 28.69 18.99 18.28
C TRP C 56 29.59 18.27 19.30
N TYR C 57 30.01 17.03 18.96
CA TYR C 57 30.88 16.22 19.81
C TYR C 57 32.33 16.73 19.82
N ILE C 58 32.88 16.91 18.59
CA ILE C 58 34.32 17.29 18.38
C ILE C 58 34.49 18.81 18.24
N LYS C 59 33.42 19.56 17.96
CA LYS C 59 33.47 21.04 17.86
C LYS C 59 32.05 21.56 18.10
N GLY A 1 -7.24 -30.08 -21.06
CA GLY A 1 -8.73 -30.18 -21.02
C GLY A 1 -9.34 -28.78 -21.06
N TYR A 2 -9.17 -28.01 -19.96
CA TYR A 2 -9.70 -26.60 -19.86
C TYR A 2 -8.57 -25.64 -19.51
N ILE A 3 -8.40 -25.32 -18.22
CA ILE A 3 -7.33 -24.38 -17.77
C ILE A 3 -6.99 -24.66 -16.29
N PRO A 4 -7.96 -24.75 -15.41
CA PRO A 4 -7.69 -24.96 -13.96
C PRO A 4 -6.95 -26.26 -13.72
N GLU A 5 -6.09 -26.25 -12.68
CA GLU A 5 -5.27 -27.42 -12.27
C GLU A 5 -5.66 -27.81 -10.82
N ALA A 6 -6.30 -26.85 -10.12
CA ALA A 6 -6.74 -26.99 -8.73
C ALA A 6 -5.55 -27.00 -7.75
N PRO A 7 -4.73 -25.95 -7.74
CA PRO A 7 -3.56 -25.84 -6.81
C PRO A 7 -3.99 -25.31 -5.44
N ARG A 8 -3.77 -26.12 -4.41
CA ARG A 8 -4.15 -25.79 -3.01
C ARG A 8 -2.86 -25.86 -2.19
N ASP A 9 -2.39 -24.70 -1.70
CA ASP A 9 -1.15 -24.62 -0.89
C ASP A 9 -1.30 -23.54 0.14
N GLY A 10 -2.47 -22.89 0.12
CA GLY A 10 -2.77 -21.79 1.06
C GLY A 10 -2.12 -20.49 0.58
N GLN A 11 -1.30 -20.61 -0.46
CA GLN A 11 -0.65 -19.47 -1.09
C GLN A 11 -1.73 -18.74 -1.87
N ALA A 12 -1.62 -17.39 -2.02
CA ALA A 12 -2.58 -16.58 -2.80
C ALA A 12 -1.88 -16.18 -4.09
N TYR A 13 -2.63 -16.10 -5.21
CA TYR A 13 -2.11 -15.74 -6.53
C TYR A 13 -3.21 -15.09 -7.31
N VAL A 14 -2.83 -14.36 -8.38
CA VAL A 14 -3.77 -13.55 -9.23
C VAL A 14 -3.75 -14.12 -10.63
N ARG A 15 -4.62 -13.62 -11.56
CA ARG A 15 -4.64 -14.16 -12.95
C ARG A 15 -3.88 -13.20 -13.87
N LYS A 16 -2.75 -13.69 -14.40
CA LYS A 16 -1.89 -12.98 -15.37
C LYS A 16 -1.42 -13.99 -16.43
N ASP A 17 -1.53 -13.62 -17.72
CA ASP A 17 -1.06 -14.47 -18.82
C ASP A 17 -1.45 -15.94 -18.63
N GLY A 18 -2.65 -16.21 -18.14
CA GLY A 18 -3.07 -17.58 -17.95
C GLY A 18 -2.17 -18.31 -16.98
N GLU A 19 -1.56 -17.61 -15.99
CA GLU A 19 -0.66 -18.20 -14.98
C GLU A 19 -1.03 -17.64 -13.61
N TRP A 20 -0.82 -18.47 -12.61
CA TRP A 20 -1.11 -18.17 -11.21
C TRP A 20 0.16 -17.54 -10.65
N VAL A 21 0.10 -16.23 -10.30
CA VAL A 21 1.30 -15.46 -9.79
C VAL A 21 0.95 -14.83 -8.44
N LEU A 22 1.84 -15.05 -7.47
CA LEU A 22 1.73 -14.58 -6.10
C LEU A 22 1.47 -13.06 -6.13
N LEU A 23 0.27 -12.67 -5.73
CA LEU A 23 -0.11 -11.26 -5.73
C LEU A 23 0.78 -10.44 -4.80
N SER A 24 1.45 -11.05 -3.79
CA SER A 24 2.26 -10.27 -2.84
C SER A 24 3.39 -9.56 -3.56
N THR A 25 3.78 -10.08 -4.73
CA THR A 25 4.85 -9.49 -5.52
C THR A 25 4.46 -8.13 -6.10
N PHE A 26 3.15 -7.94 -6.40
CA PHE A 26 2.60 -6.67 -6.95
C PHE A 26 2.02 -5.83 -5.83
N LEU A 27 1.60 -6.49 -4.71
CA LEU A 27 1.05 -5.78 -3.52
C LEU A 27 2.21 -5.14 -2.76
N GLY A 28 3.29 -5.93 -2.66
CA GLY A 28 4.53 -5.51 -1.98
C GLY A 28 4.45 -5.92 -0.51
N SER A 29 3.59 -6.91 -0.19
CA SER A 29 3.40 -7.37 1.18
C SER A 29 4.60 -8.20 1.62
N SER A 30 4.94 -8.06 2.90
CA SER A 30 6.16 -8.67 3.49
C SER A 30 7.34 -7.75 3.13
N GLY A 31 6.97 -6.58 2.59
CA GLY A 31 7.88 -5.54 2.15
C GLY A 31 7.10 -4.23 2.04
N ASN A 32 6.00 -4.16 2.79
CA ASN A 32 5.10 -3.00 2.80
C ASN A 32 4.21 -3.06 4.02
N GLU A 33 4.04 -4.25 4.59
CA GLU A 33 3.19 -4.41 5.78
C GLU A 33 3.73 -3.54 6.90
N GLN A 34 4.99 -3.16 6.70
CA GLN A 34 5.69 -2.30 7.65
C GLN A 34 5.02 -0.92 7.58
N GLU A 35 4.79 -0.43 6.37
CA GLU A 35 4.21 0.90 6.15
C GLU A 35 2.77 0.94 6.69
N LEU A 36 2.09 -0.18 6.57
CA LEU A 36 0.70 -0.29 7.05
C LEU A 36 0.68 -0.21 8.56
N LEU A 37 1.77 -0.73 9.22
CA LEU A 37 1.90 -0.80 10.72
C LEU A 37 2.82 0.31 11.30
N GLU A 38 3.52 1.12 10.49
CA GLU A 38 4.40 2.18 11.01
C GLU A 38 3.57 3.33 11.59
N LEU A 39 2.55 3.76 10.85
CA LEU A 39 1.77 4.94 11.24
C LEU A 39 1.23 4.75 12.65
N ASP A 40 0.76 3.55 12.93
CA ASP A 40 0.24 3.20 14.24
C ASP A 40 1.34 3.51 15.32
N LYS A 41 2.56 3.09 15.03
CA LYS A 41 3.70 3.33 15.92
C LYS A 41 4.02 4.83 16.04
N TRP A 42 3.94 5.59 14.94
CA TRP A 42 4.34 7.02 14.97
C TRP A 42 3.54 7.75 15.99
N ALA A 43 2.29 7.38 16.08
CA ALA A 43 1.39 7.97 17.08
C ALA A 43 1.94 7.75 18.48
N SER A 44 2.45 6.55 18.73
CA SER A 44 2.97 6.24 20.06
C SER A 44 4.13 7.18 20.42
N LEU A 45 5.07 7.38 19.47
CA LEU A 45 6.18 8.29 19.69
C LEU A 45 5.68 9.73 19.82
N TRP A 46 4.72 10.12 18.97
CA TRP A 46 4.24 11.52 18.90
C TRP A 46 3.25 11.91 20.01
N ASN A 47 2.32 11.00 20.35
CA ASN A 47 1.26 11.31 21.34
C ASN A 47 1.78 11.55 22.75
N TRP A 48 2.69 10.69 23.23
CA TRP A 48 3.25 10.85 24.59
C TRP A 48 4.19 12.09 24.60
N PHE A 49 4.59 12.61 23.40
CA PHE A 49 5.53 13.74 23.31
C PHE A 49 4.82 15.01 23.66
N ASN A 50 3.53 14.88 23.97
CA ASN A 50 2.70 15.96 24.43
C ASN A 50 3.13 16.30 25.85
N ILE A 51 3.97 15.46 26.49
CA ILE A 51 4.38 15.74 27.88
C ILE A 51 5.02 17.13 27.95
N THR A 52 5.56 17.56 26.79
CA THR A 52 6.16 18.87 26.60
C THR A 52 5.09 19.90 26.20
N ASN A 53 3.96 19.44 25.63
CA ASN A 53 2.95 20.43 25.17
C ASN A 53 2.33 21.26 26.35
N TRP A 54 1.94 20.57 27.42
CA TRP A 54 1.23 21.15 28.62
C TRP A 54 2.19 21.91 29.53
N LEU A 55 3.44 21.61 29.33
CA LEU A 55 4.49 22.12 30.23
C LEU A 55 4.43 23.67 30.29
N TRP A 56 4.26 24.30 29.13
CA TRP A 56 4.17 25.79 29.02
C TRP A 56 2.97 26.40 29.78
N TYR A 57 1.90 25.60 29.88
CA TYR A 57 0.67 26.01 30.55
C TYR A 57 0.88 26.10 32.06
N ILE A 58 1.38 24.99 32.64
CA ILE A 58 1.57 24.87 34.11
C ILE A 58 2.98 25.26 34.48
N LYS A 59 3.87 25.44 33.49
CA LYS A 59 5.27 25.89 33.74
C LYS A 59 5.79 26.61 32.49
N GLY B 1 -19.14 -30.62 -9.87
CA GLY B 1 -18.91 -30.71 -11.34
C GLY B 1 -17.48 -30.29 -11.66
N TYR B 2 -17.16 -28.99 -11.51
CA TYR B 2 -15.79 -28.44 -11.78
C TYR B 2 -15.27 -27.70 -10.55
N ILE B 3 -15.42 -26.37 -10.49
CA ILE B 3 -14.95 -25.56 -9.33
C ILE B 3 -15.77 -24.26 -9.25
N PRO B 4 -15.93 -23.53 -10.33
CA PRO B 4 -16.65 -22.22 -10.28
C PRO B 4 -18.10 -22.40 -9.86
N GLU B 5 -18.61 -21.37 -9.15
CA GLU B 5 -20.01 -21.35 -8.63
C GLU B 5 -20.75 -20.15 -9.27
N ALA B 6 -19.96 -19.21 -9.80
CA ALA B 6 -20.45 -17.98 -10.44
C ALA B 6 -21.04 -16.99 -9.41
N PRO B 7 -20.26 -16.57 -8.42
CA PRO B 7 -20.72 -15.59 -7.38
C PRO B 7 -20.58 -14.14 -7.88
N ARG B 8 -21.71 -13.45 -7.96
CA ARG B 8 -21.78 -12.06 -8.46
C ARG B 8 -22.39 -11.23 -7.33
N ASP B 9 -21.60 -10.34 -6.71
CA ASP B 9 -22.07 -9.49 -5.59
C ASP B 9 -21.37 -8.14 -5.68
N GLY B 10 -20.51 -8.01 -6.68
CA GLY B 10 -19.75 -6.76 -6.90
C GLY B 10 -18.54 -6.73 -5.97
N GLN B 11 -18.49 -7.69 -5.05
CA GLN B 11 -17.38 -7.84 -4.13
C GLN B 11 -16.21 -8.39 -4.94
N ALA B 12 -14.96 -8.05 -4.55
CA ALA B 12 -13.74 -8.56 -5.23
C ALA B 12 -13.10 -9.58 -4.31
N TYR B 13 -12.50 -10.65 -4.87
CA TYR B 13 -11.86 -11.72 -4.12
C TYR B 13 -10.75 -12.29 -4.98
N VAL B 14 -9.81 -13.02 -4.33
CA VAL B 14 -8.59 -13.59 -4.98
C VAL B 14 -8.65 -15.09 -4.88
N ARG B 15 -7.70 -15.85 -5.52
CA ARG B 15 -7.74 -17.33 -5.44
C ARG B 15 -6.72 -17.81 -4.41
N LYS B 16 -7.26 -18.41 -3.32
CA LYS B 16 -6.46 -19.02 -2.22
C LYS B 16 -7.15 -20.33 -1.81
N ASP B 17 -6.36 -21.41 -1.68
CA ASP B 17 -6.89 -22.72 -1.24
C ASP B 17 -8.22 -23.08 -1.92
N GLY B 18 -8.35 -22.78 -3.20
CA GLY B 18 -9.58 -23.11 -3.89
C GLY B 18 -10.78 -22.41 -3.27
N GLU B 19 -10.58 -21.18 -2.69
CA GLU B 19 -11.66 -20.41 -2.06
C GLU B 19 -11.51 -18.94 -2.50
N TRP B 20 -12.64 -18.28 -2.57
CA TRP B 20 -12.78 -16.89 -2.99
C TRP B 20 -12.65 -16.07 -1.71
N VAL B 21 -11.56 -15.28 -1.57
CA VAL B 21 -11.27 -14.46 -0.34
C VAL B 21 -11.07 -13.01 -0.73
N LEU B 22 -11.77 -12.12 -0.03
CA LEU B 22 -11.77 -10.68 -0.23
C LEU B 22 -10.31 -10.20 -0.20
N LEU B 23 -9.82 -9.76 -1.35
CA LEU B 23 -8.44 -9.29 -1.45
C LEU B 23 -8.18 -8.09 -0.55
N SER B 24 -9.22 -7.32 -0.16
CA SER B 24 -8.99 -6.11 0.66
C SER B 24 -8.36 -6.47 1.99
N THR B 25 -8.53 -7.72 2.42
CA THR B 25 -7.97 -8.19 3.68
C THR B 25 -6.44 -8.28 3.63
N PHE B 26 -5.89 -8.57 2.43
CA PHE B 26 -4.42 -8.67 2.20
C PHE B 26 -3.89 -7.36 1.65
N LEU B 27 -4.76 -6.58 0.97
CA LEU B 27 -4.38 -5.25 0.41
C LEU B 27 -4.30 -4.25 1.55
N GLY B 28 -5.30 -4.36 2.45
CA GLY B 28 -5.41 -3.50 3.63
C GLY B 28 -6.25 -2.27 3.29
N SER B 29 -7.07 -2.38 2.23
CA SER B 29 -7.89 -1.27 1.77
C SER B 29 -9.06 -1.07 2.73
N SER B 30 -9.43 0.20 2.91
CA SER B 30 -10.45 0.61 3.91
C SER B 30 -9.75 0.66 5.28
N GLY B 31 -8.42 0.55 5.21
CA GLY B 31 -7.52 0.56 6.34
C GLY B 31 -6.11 0.86 5.85
N ASN B 32 -6.05 1.51 4.69
CA ASN B 32 -4.79 1.87 4.03
C ASN B 32 -5.04 2.94 2.99
N GLU B 33 -6.29 3.06 2.53
CA GLU B 33 -6.64 4.06 1.51
C GLU B 33 -6.32 5.45 2.05
N GLN B 34 -6.19 5.46 3.37
CA GLN B 34 -5.86 6.69 4.10
C GLN B 34 -4.42 7.08 3.71
N GLU B 35 -3.51 6.09 3.73
CA GLU B 35 -2.10 6.32 3.44
C GLU B 35 -1.93 6.74 1.98
N LEU B 36 -2.76 6.21 1.12
CA LEU B 36 -2.72 6.52 -0.31
C LEU B 36 -3.14 7.97 -0.51
N LEU B 37 -4.07 8.47 0.36
CA LEU B 37 -4.65 9.86 0.28
C LEU B 37 -4.02 10.84 1.30
N GLU B 38 -3.17 10.41 2.23
CA GLU B 38 -2.56 11.31 3.23
C GLU B 38 -1.51 12.21 2.55
N LEU B 39 -0.65 11.60 1.74
CA LEU B 39 0.48 12.34 1.15
C LEU B 39 -0.04 13.55 0.39
N ASP B 40 -1.12 13.37 -0.31
CA ASP B 40 -1.77 14.45 -1.05
C ASP B 40 -2.07 15.62 -0.08
N LYS B 41 -2.64 15.28 1.06
CA LYS B 41 -2.97 16.27 2.11
C LYS B 41 -1.69 16.92 2.69
N TRP B 42 -0.62 16.16 2.90
CA TRP B 42 0.60 16.70 3.54
C TRP B 42 1.11 17.86 2.77
N ALA B 43 1.03 17.75 1.46
CA ALA B 43 1.44 18.82 0.57
C ALA B 43 0.65 20.10 0.87
N SER B 44 -0.65 19.95 1.12
CA SER B 44 -1.48 21.11 1.40
C SER B 44 -0.98 21.83 2.65
N LEU B 45 -0.71 21.09 3.72
CA LEU B 45 -0.18 21.67 4.95
C LEU B 45 1.21 22.27 4.71
N TRP B 46 2.06 21.54 3.97
CA TRP B 46 3.47 21.94 3.76
C TRP B 46 3.69 23.05 2.73
N ASN B 47 2.94 23.00 1.61
CA ASN B 47 3.15 23.97 0.50
C ASN B 47 2.78 25.39 0.86
N TRP B 48 1.64 25.60 1.53
CA TRP B 48 1.21 26.97 1.92
C TRP B 48 2.14 27.47 3.06
N PHE B 49 2.91 26.55 3.72
CA PHE B 49 3.78 26.91 4.85
C PHE B 49 5.00 27.64 4.34
N ASN B 50 5.06 27.80 3.03
CA ASN B 50 6.08 28.56 2.36
C ASN B 50 5.84 30.04 2.65
N ILE B 51 4.66 30.39 3.23
CA ILE B 51 4.38 31.81 3.50
C ILE B 51 5.50 32.41 4.37
N THR B 52 6.14 31.51 5.13
CA THR B 52 7.28 31.82 5.99
C THR B 52 8.60 31.73 5.19
N ASN B 53 8.61 30.97 4.07
CA ASN B 53 9.90 30.82 3.33
C ASN B 53 10.41 32.18 2.73
N TRP B 54 9.51 32.92 2.08
CA TRP B 54 9.80 34.19 1.34
C TRP B 54 9.99 35.37 2.30
N LEU B 55 9.51 35.16 3.49
CA LEU B 55 9.44 36.23 4.48
C LEU B 55 10.87 36.84 4.71
N TRP B 56 11.85 35.95 4.81
CA TRP B 56 13.28 36.37 5.01
C TRP B 56 13.86 37.22 3.85
N TYR B 57 13.34 36.96 2.65
CA TYR B 57 13.75 37.66 1.45
C TYR B 57 13.29 39.11 1.47
N ILE B 58 11.98 39.31 1.67
CA ILE B 58 11.36 40.66 1.64
C ILE B 58 11.27 41.22 3.03
N LYS B 59 11.58 40.41 4.07
CA LYS B 59 11.59 40.88 5.47
C LYS B 59 12.55 39.99 6.28
N GLY C 1 -20.69 -21.06 -23.02
CA GLY C 1 -20.34 -22.45 -22.62
C GLY C 1 -20.16 -22.53 -21.11
N TYR C 2 -19.08 -21.90 -20.57
CA TYR C 2 -18.78 -21.88 -19.10
C TYR C 2 -18.64 -20.45 -18.63
N ILE C 3 -17.40 -19.93 -18.54
CA ILE C 3 -17.14 -18.54 -18.08
C ILE C 3 -15.79 -18.05 -18.65
N PRO C 4 -14.72 -18.82 -18.51
CA PRO C 4 -13.38 -18.36 -18.99
C PRO C 4 -13.37 -18.11 -20.49
N GLU C 5 -12.55 -17.12 -20.89
CA GLU C 5 -12.40 -16.70 -22.31
C GLU C 5 -10.92 -16.92 -22.73
N ALA C 6 -10.06 -17.04 -21.71
CA ALA C 6 -8.60 -17.24 -21.88
C ALA C 6 -7.91 -15.96 -22.41
N PRO C 7 -8.02 -14.85 -21.70
CA PRO C 7 -7.37 -13.57 -22.10
C PRO C 7 -5.90 -13.51 -21.64
N ARG C 8 -4.99 -13.41 -22.60
CA ARG C 8 -3.53 -13.39 -22.34
C ARG C 8 -3.01 -12.09 -22.94
N ASP C 9 -2.58 -11.14 -22.08
CA ASP C 9 -2.05 -9.84 -22.52
C ASP C 9 -0.95 -9.41 -21.58
N GLY C 10 -0.68 -10.25 -20.59
CA GLY C 10 0.36 -9.97 -19.58
C GLY C 10 -0.17 -9.01 -18.52
N GLN C 11 -1.37 -8.49 -18.77
CA GLN C 11 -2.06 -7.60 -17.84
C GLN C 11 -2.54 -8.49 -16.69
N ALA C 12 -2.63 -7.94 -15.45
CA ALA C 12 -3.14 -8.68 -14.28
C ALA C 12 -4.52 -8.14 -13.97
N TYR C 13 -5.46 -9.01 -13.51
CA TYR C 13 -6.83 -8.64 -13.17
C TYR C 13 -7.30 -9.57 -12.09
N VAL C 14 -8.40 -9.17 -11.40
CA VAL C 14 -8.97 -9.90 -10.23
C VAL C 14 -10.38 -10.34 -10.59
N ARG C 15 -11.06 -11.14 -9.72
CA ARG C 15 -12.44 -11.60 -10.03
C ARG C 15 -13.45 -10.73 -9.26
N LYS C 16 -14.24 -9.96 -10.03
CA LYS C 16 -15.34 -9.10 -9.52
C LYS C 16 -16.52 -9.22 -10.48
N ASP C 17 -17.73 -9.44 -9.94
CA ASP C 17 -18.96 -9.51 -10.75
C ASP C 17 -18.77 -10.34 -12.03
N GLY C 18 -18.05 -11.45 -11.93
CA GLY C 18 -17.86 -12.27 -13.11
C GLY C 18 -17.15 -11.52 -14.21
N GLU C 19 -16.27 -10.54 -13.87
CA GLU C 19 -15.52 -9.74 -14.87
C GLU C 19 -14.07 -9.63 -14.40
N TRP C 20 -13.18 -9.54 -15.37
CA TRP C 20 -11.74 -9.44 -15.18
C TRP C 20 -11.44 -7.95 -15.08
N VAL C 21 -11.01 -7.49 -13.88
CA VAL C 21 -10.72 -6.02 -13.61
C VAL C 21 -9.30 -5.87 -13.09
N LEU C 22 -8.56 -4.95 -13.70
CA LEU C 22 -7.18 -4.64 -13.40
C LEU C 22 -7.07 -4.34 -11.91
N LEU C 23 -6.38 -5.23 -11.18
CA LEU C 23 -6.22 -5.09 -9.75
C LEU C 23 -5.47 -3.81 -9.40
N SER C 24 -4.67 -3.23 -10.32
CA SER C 24 -3.88 -2.04 -9.97
C SER C 24 -4.78 -0.88 -9.60
N THR C 25 -6.03 -0.92 -10.05
CA THR C 25 -7.01 0.12 -9.75
C THR C 25 -7.41 0.13 -8.28
N PHE C 26 -7.39 -1.06 -7.64
CA PHE C 26 -7.75 -1.22 -6.19
C PHE C 26 -6.47 -1.25 -5.36
N LEU C 27 -5.33 -1.66 -5.99
CA LEU C 27 -4.01 -1.70 -5.29
C LEU C 27 -3.49 -0.28 -5.18
N GLY C 28 -3.68 0.47 -6.28
CA GLY C 28 -3.25 1.87 -6.39
C GLY C 28 -1.83 1.94 -6.93
N SER C 29 -1.39 0.85 -7.61
CA SER C 29 -0.04 0.77 -8.15
C SER C 29 0.08 1.67 -9.37
N SER C 30 1.26 2.26 -9.53
CA SER C 30 1.54 3.27 -10.58
C SER C 30 0.98 4.61 -10.07
N GLY C 31 0.60 4.58 -8.78
CA GLY C 31 0.04 5.70 -8.04
C GLY C 31 0.17 5.42 -6.55
N ASN C 32 1.15 4.57 -6.22
CA ASN C 32 1.42 4.16 -4.84
C ASN C 32 2.80 3.55 -4.75
N GLU C 33 3.33 3.09 -5.89
CA GLU C 33 4.66 2.46 -5.91
C GLU C 33 5.69 3.47 -5.42
N GLN C 34 5.24 4.72 -5.46
CA GLN C 34 6.05 5.84 -5.00
C GLN C 34 6.22 5.70 -3.48
N GLU C 35 5.11 5.42 -2.79
CA GLU C 35 5.10 5.33 -1.32
C GLU C 35 5.94 4.11 -0.89
N LEU C 36 5.91 3.08 -1.69
CA LEU C 36 6.66 1.86 -1.39
C LEU C 36 8.16 2.14 -1.52
N LEU C 37 8.52 3.08 -2.44
CA LEU C 37 9.96 3.45 -2.73
C LEU C 37 10.39 4.79 -2.07
N GLU C 38 9.49 5.56 -1.45
CA GLU C 38 9.87 6.84 -0.81
C GLU C 38 10.68 6.59 0.45
N LEU C 39 10.20 5.66 1.29
CA LEU C 39 10.83 5.43 2.60
C LEU C 39 12.30 5.12 2.42
N ASP C 40 12.61 4.34 1.42
CA ASP C 40 13.99 3.99 1.10
C ASP C 40 14.81 5.29 0.89
N LYS C 41 14.24 6.21 0.11
CA LYS C 41 14.87 7.51 -0.15
C LYS C 41 15.00 8.36 1.13
N TRP C 42 13.99 8.35 2.02
CA TRP C 42 14.02 9.21 3.21
C TRP C 42 15.23 8.92 4.03
N ALA C 43 15.57 7.66 4.09
CA ALA C 43 16.76 7.23 4.81
C ALA C 43 18.00 7.90 4.24
N SER C 44 18.07 8.00 2.92
CA SER C 44 19.22 8.63 2.30
C SER C 44 19.37 10.08 2.74
N LEU C 45 18.27 10.84 2.73
CA LEU C 45 18.28 12.22 3.19
C LEU C 45 18.61 12.29 4.69
N TRP C 46 18.00 11.39 5.48
CA TRP C 46 18.12 11.41 6.95
C TRP C 46 19.44 10.85 7.50
N ASN C 47 19.93 9.75 6.91
CA ASN C 47 21.13 9.06 7.44
C ASN C 47 22.41 9.88 7.30
N TRP C 48 22.63 10.51 6.13
CA TRP C 48 23.84 11.33 5.92
C TRP C 48 23.73 12.63 6.77
N PHE C 49 22.50 12.95 7.26
CA PHE C 49 22.26 14.20 8.03
C PHE C 49 22.83 14.05 9.42
N ASN C 50 23.40 12.87 9.68
CA ASN C 50 24.10 12.58 10.91
C ASN C 50 25.41 13.36 10.90
N ILE C 51 25.80 13.95 9.75
CA ILE C 51 27.07 14.70 9.69
C ILE C 51 27.09 15.78 10.78
N THR C 52 25.87 16.20 11.16
CA THR C 52 25.63 17.18 12.21
C THR C 52 25.52 16.48 13.58
N ASN C 53 25.19 15.18 13.59
CA ASN C 53 25.01 14.50 14.91
C ASN C 53 26.35 14.45 15.73
N TRP C 54 27.45 14.04 15.08
CA TRP C 54 28.79 13.82 15.71
C TRP C 54 29.52 15.14 15.98
N LEU C 55 29.03 16.16 15.32
CA LEU C 55 29.71 17.45 15.32
C LEU C 55 29.87 17.95 16.79
N TRP C 56 28.81 17.81 17.58
CA TRP C 56 28.81 18.22 19.01
C TRP C 56 29.86 17.46 19.89
N TYR C 57 30.13 16.22 19.49
CA TYR C 57 31.07 15.36 20.18
C TYR C 57 32.51 15.86 20.00
N ILE C 58 32.90 16.04 18.73
CA ILE C 58 34.28 16.45 18.37
C ILE C 58 34.37 17.96 18.21
N LYS C 59 33.20 18.65 18.22
CA LYS C 59 33.18 20.13 18.14
C LYS C 59 31.89 20.63 18.81
N GLY A 1 -7.04 -30.29 -21.53
CA GLY A 1 -8.51 -30.20 -21.80
C GLY A 1 -9.00 -28.76 -21.61
N TYR A 2 -9.16 -28.33 -20.34
CA TYR A 2 -9.63 -26.95 -19.98
C TYR A 2 -8.45 -26.03 -19.62
N ILE A 3 -8.45 -25.44 -18.39
CA ILE A 3 -7.40 -24.50 -17.92
C ILE A 3 -7.11 -24.70 -16.41
N PRO A 4 -8.10 -24.85 -15.55
CA PRO A 4 -7.83 -25.03 -14.09
C PRO A 4 -6.98 -26.28 -13.78
N GLU A 5 -6.03 -26.14 -12.83
CA GLU A 5 -5.13 -27.24 -12.37
C GLU A 5 -5.51 -27.56 -10.92
N ALA A 6 -6.11 -26.55 -10.25
CA ALA A 6 -6.60 -26.65 -8.86
C ALA A 6 -5.47 -26.58 -7.82
N PRO A 7 -4.73 -25.48 -7.76
CA PRO A 7 -3.62 -25.33 -6.77
C PRO A 7 -4.15 -24.84 -5.41
N ARG A 8 -4.02 -25.70 -4.39
CA ARG A 8 -4.48 -25.43 -3.02
C ARG A 8 -3.24 -25.52 -2.12
N ASP A 9 -2.77 -24.37 -1.58
CA ASP A 9 -1.53 -24.32 -0.73
C ASP A 9 -1.70 -23.26 0.33
N GLY A 10 -2.85 -22.62 0.29
CA GLY A 10 -3.18 -21.55 1.24
C GLY A 10 -2.50 -20.24 0.86
N GLN A 11 -1.63 -20.28 -0.15
CA GLN A 11 -0.93 -19.07 -0.63
C GLN A 11 -1.95 -18.28 -1.49
N ALA A 12 -1.79 -16.96 -1.57
CA ALA A 12 -2.68 -16.10 -2.39
C ALA A 12 -1.89 -15.71 -3.62
N TYR A 13 -2.57 -15.69 -4.79
CA TYR A 13 -1.98 -15.33 -6.07
C TYR A 13 -3.06 -14.66 -6.88
N VAL A 14 -2.63 -14.01 -7.95
CA VAL A 14 -3.51 -13.20 -8.86
C VAL A 14 -3.45 -13.86 -10.20
N ARG A 15 -4.23 -13.43 -11.23
CA ARG A 15 -4.15 -14.13 -12.58
C ARG A 15 -3.31 -13.20 -13.54
N LYS A 16 -2.16 -13.75 -14.02
CA LYS A 16 -1.24 -13.08 -14.99
C LYS A 16 -0.77 -14.09 -16.05
N ASP A 17 -0.94 -13.74 -17.36
CA ASP A 17 -0.55 -14.62 -18.48
C ASP A 17 -1.00 -16.08 -18.23
N GLY A 18 -2.24 -16.27 -17.80
CA GLY A 18 -2.72 -17.62 -17.57
C GLY A 18 -1.89 -18.37 -16.53
N GLU A 19 -1.36 -17.67 -15.48
CA GLU A 19 -0.55 -18.34 -14.42
C GLU A 19 -0.94 -17.77 -13.06
N TRP A 20 -0.74 -18.61 -12.04
CA TRP A 20 -1.02 -18.32 -10.67
C TRP A 20 0.27 -17.67 -10.13
N VAL A 21 0.27 -16.35 -9.80
CA VAL A 21 1.52 -15.66 -9.26
C VAL A 21 1.17 -14.97 -7.92
N LEU A 22 2.01 -15.21 -6.90
CA LEU A 22 1.87 -14.68 -5.55
C LEU A 22 1.74 -13.17 -5.65
N LEU A 23 0.55 -12.65 -5.32
CA LEU A 23 0.29 -11.22 -5.42
C LEU A 23 1.28 -10.46 -4.53
N SER A 24 1.77 -11.08 -3.44
CA SER A 24 2.74 -10.44 -2.55
C SER A 24 3.93 -9.86 -3.30
N THR A 25 4.26 -10.42 -4.44
CA THR A 25 5.39 -9.94 -5.21
C THR A 25 5.13 -8.53 -5.71
N PHE A 26 3.82 -8.19 -5.95
CA PHE A 26 3.36 -6.82 -6.38
C PHE A 26 2.86 -5.98 -5.21
N LEU A 27 2.38 -6.60 -4.07
CA LEU A 27 2.01 -5.81 -2.84
C LEU A 27 3.30 -5.52 -2.04
N GLY A 28 3.99 -6.65 -1.71
CA GLY A 28 5.17 -6.67 -0.83
C GLY A 28 4.68 -7.01 0.61
N SER A 29 4.53 -8.30 0.94
CA SER A 29 4.03 -8.73 2.28
C SER A 29 5.13 -8.61 3.34
N SER A 30 6.27 -8.14 2.88
CA SER A 30 7.47 -7.97 3.71
C SER A 30 8.33 -6.95 2.98
N GLY A 31 7.61 -5.95 2.42
CA GLY A 31 8.21 -4.84 1.67
C GLY A 31 7.22 -3.68 1.59
N ASN A 32 6.13 -3.80 2.35
CA ASN A 32 5.06 -2.79 2.38
C ASN A 32 4.22 -2.98 3.62
N GLU A 33 4.12 -4.24 4.11
CA GLU A 33 3.33 -4.56 5.33
C GLU A 33 3.94 -3.71 6.48
N GLN A 34 5.17 -3.34 6.25
CA GLN A 34 5.91 -2.56 7.22
C GLN A 34 5.24 -1.19 7.32
N GLU A 35 5.00 -0.58 6.15
CA GLU A 35 4.44 0.75 6.01
C GLU A 35 2.98 0.86 6.52
N LEU A 36 2.23 -0.24 6.41
CA LEU A 36 0.83 -0.25 6.86
C LEU A 36 0.81 -0.12 8.38
N LEU A 37 1.74 -0.86 9.02
CA LEU A 37 1.85 -0.93 10.49
C LEU A 37 2.84 0.10 11.09
N GLU A 38 3.57 0.91 10.29
CA GLU A 38 4.49 1.93 10.82
C GLU A 38 3.69 3.10 11.46
N LEU A 39 2.64 3.60 10.78
CA LEU A 39 1.93 4.79 11.25
C LEU A 39 1.41 4.54 12.67
N ASP A 40 0.92 3.33 12.91
CA ASP A 40 0.45 2.95 14.23
C ASP A 40 1.57 3.15 15.27
N LYS A 41 2.80 2.69 14.97
CA LYS A 41 3.95 2.90 15.88
C LYS A 41 4.27 4.41 16.04
N TRP A 42 4.19 5.19 14.96
CA TRP A 42 4.60 6.61 15.03
C TRP A 42 3.79 7.34 16.08
N ALA A 43 2.53 6.96 16.15
CA ALA A 43 1.63 7.51 17.15
C ALA A 43 2.16 7.24 18.55
N SER A 44 2.63 6.03 18.76
CA SER A 44 3.14 5.63 20.06
C SER A 44 4.32 6.50 20.49
N LEU A 45 5.28 6.72 19.58
CA LEU A 45 6.44 7.58 19.86
C LEU A 45 5.98 9.03 20.08
N TRP A 46 5.02 9.49 19.25
CA TRP A 46 4.52 10.89 19.24
C TRP A 46 3.49 11.26 20.37
N ASN A 47 2.54 10.35 20.67
CA ASN A 47 1.46 10.63 21.64
C ASN A 47 1.96 10.81 23.06
N TRP A 48 2.90 9.97 23.49
CA TRP A 48 3.45 10.08 24.85
C TRP A 48 4.33 11.36 24.90
N PHE A 49 4.71 11.92 23.73
CA PHE A 49 5.60 13.10 23.63
C PHE A 49 4.84 14.37 24.03
N ASN A 50 3.58 14.20 24.38
CA ASN A 50 2.75 15.27 24.81
C ASN A 50 3.24 15.76 26.13
N ILE A 51 4.13 15.00 26.82
CA ILE A 51 4.65 15.43 28.14
C ILE A 51 5.23 16.82 28.04
N THR A 52 5.76 17.12 26.85
CA THR A 52 6.37 18.39 26.49
C THR A 52 5.32 19.41 26.02
N ASN A 53 4.16 18.93 25.48
CA ASN A 53 3.17 19.92 24.96
C ASN A 53 2.55 20.80 26.11
N TRP A 54 2.02 20.15 27.16
CA TRP A 54 1.28 20.84 28.29
C TRP A 54 2.23 21.51 29.26
N LEU A 55 3.46 21.09 29.18
CA LEU A 55 4.50 21.51 30.13
C LEU A 55 4.58 23.07 30.16
N TRP A 56 4.71 23.64 28.96
CA TRP A 56 4.74 25.13 28.74
C TRP A 56 3.39 25.84 29.01
N TYR A 57 2.28 25.10 28.87
CA TYR A 57 0.96 25.69 29.10
C TYR A 57 0.78 26.07 30.57
N ILE A 58 1.02 25.09 31.48
CA ILE A 58 0.83 25.30 32.97
C ILE A 58 2.16 25.61 33.68
N LYS A 59 3.29 25.45 32.96
CA LYS A 59 4.62 25.81 33.48
C LYS A 59 5.53 26.01 32.26
N GLY B 1 -19.23 -31.11 -9.65
CA GLY B 1 -18.74 -31.41 -11.03
C GLY B 1 -17.38 -30.78 -11.26
N TYR B 2 -17.37 -29.45 -11.51
CA TYR B 2 -16.12 -28.65 -11.76
C TYR B 2 -15.64 -27.93 -10.48
N ILE B 3 -15.51 -26.57 -10.54
CA ILE B 3 -15.01 -25.74 -9.40
C ILE B 3 -15.77 -24.38 -9.35
N PRO B 4 -15.97 -23.70 -10.46
CA PRO B 4 -16.66 -22.37 -10.41
C PRO B 4 -18.10 -22.46 -9.86
N GLU B 5 -18.50 -21.47 -9.03
CA GLU B 5 -19.86 -21.36 -8.42
C GLU B 5 -20.54 -20.15 -9.03
N ALA B 6 -19.71 -19.21 -9.52
CA ALA B 6 -20.14 -17.97 -10.20
C ALA B 6 -20.66 -16.90 -9.22
N PRO B 7 -19.84 -16.42 -8.30
CA PRO B 7 -20.27 -15.37 -7.32
C PRO B 7 -20.15 -13.96 -7.91
N ARG B 8 -21.30 -13.30 -8.09
CA ARG B 8 -21.40 -11.94 -8.67
C ARG B 8 -22.04 -11.07 -7.58
N ASP B 9 -21.27 -10.14 -6.99
CA ASP B 9 -21.78 -9.25 -5.89
C ASP B 9 -21.11 -7.90 -5.99
N GLY B 10 -20.26 -7.77 -6.98
CA GLY B 10 -19.52 -6.54 -7.25
C GLY B 10 -18.34 -6.39 -6.29
N GLN B 11 -18.23 -7.30 -5.31
CA GLN B 11 -17.11 -7.30 -4.34
C GLN B 11 -15.89 -7.88 -5.08
N ALA B 12 -14.67 -7.50 -4.68
CA ALA B 12 -13.42 -8.01 -5.28
C ALA B 12 -12.84 -8.98 -4.29
N TYR B 13 -12.28 -10.11 -4.77
CA TYR B 13 -11.66 -11.14 -3.97
C TYR B 13 -10.55 -11.73 -4.79
N VAL B 14 -9.69 -12.48 -4.12
CA VAL B 14 -8.46 -13.09 -4.71
C VAL B 14 -8.64 -14.57 -4.59
N ARG B 15 -7.72 -15.44 -5.14
CA ARG B 15 -7.95 -16.95 -5.02
C ARG B 15 -6.97 -17.46 -3.91
N LYS B 16 -7.56 -18.04 -2.82
CA LYS B 16 -6.81 -18.66 -1.68
C LYS B 16 -7.51 -19.99 -1.27
N ASP B 17 -6.71 -21.08 -1.20
CA ASP B 17 -7.24 -22.42 -0.84
C ASP B 17 -8.57 -22.73 -1.57
N GLY B 18 -8.62 -22.46 -2.87
CA GLY B 18 -9.82 -22.75 -3.62
C GLY B 18 -11.04 -21.98 -3.09
N GLU B 19 -10.86 -20.72 -2.57
CA GLU B 19 -11.99 -19.92 -2.05
C GLU B 19 -11.84 -18.47 -2.51
N TRP B 20 -12.98 -17.80 -2.60
CA TRP B 20 -13.11 -16.43 -3.00
C TRP B 20 -12.97 -15.63 -1.68
N VAL B 21 -11.87 -14.85 -1.48
CA VAL B 21 -11.68 -14.03 -0.21
C VAL B 21 -11.41 -12.56 -0.60
N LEU B 22 -12.15 -11.64 0.04
CA LEU B 22 -12.07 -10.21 -0.17
C LEU B 22 -10.62 -9.78 -0.01
N LEU B 23 -10.00 -9.35 -1.12
CA LEU B 23 -8.60 -8.96 -1.09
C LEU B 23 -8.39 -7.81 -0.10
N SER B 24 -9.43 -6.98 0.12
CA SER B 24 -9.36 -5.86 1.06
C SER B 24 -8.82 -6.29 2.43
N THR B 25 -9.04 -7.54 2.80
CA THR B 25 -8.59 -8.02 4.09
C THR B 25 -7.07 -8.01 4.15
N PHE B 26 -6.40 -8.20 2.97
CA PHE B 26 -4.89 -8.16 2.84
C PHE B 26 -4.40 -6.79 2.35
N LEU B 27 -5.24 -5.97 1.62
CA LEU B 27 -4.84 -4.57 1.25
C LEU B 27 -5.12 -3.64 2.45
N GLY B 28 -6.41 -3.68 2.87
CA GLY B 28 -6.98 -2.79 3.91
C GLY B 28 -7.65 -1.61 3.18
N SER B 29 -8.92 -1.76 2.76
CA SER B 29 -9.63 -0.68 2.00
C SER B 29 -10.11 0.42 2.96
N SER B 30 -9.79 0.23 4.22
CA SER B 30 -10.15 1.13 5.32
C SER B 30 -9.16 0.85 6.44
N GLY B 31 -7.92 0.65 6.00
CA GLY B 31 -6.78 0.37 6.87
C GLY B 31 -5.47 0.63 6.14
N ASN B 32 -5.58 1.23 4.95
CA ASN B 32 -4.43 1.56 4.09
C ASN B 32 -4.84 2.59 3.06
N GLU B 33 -6.13 2.61 2.69
CA GLU B 33 -6.65 3.60 1.69
C GLU B 33 -6.39 5.00 2.29
N GLN B 34 -6.24 4.98 3.60
CA GLN B 34 -6.01 6.21 4.34
C GLN B 34 -4.63 6.74 3.92
N GLU B 35 -3.64 5.84 3.95
CA GLU B 35 -2.23 6.15 3.67
C GLU B 35 -1.99 6.57 2.19
N LEU B 36 -2.80 6.03 1.28
CA LEU B 36 -2.65 6.37 -0.15
C LEU B 36 -3.03 7.83 -0.34
N LEU B 37 -4.12 8.24 0.35
CA LEU B 37 -4.70 9.59 0.26
C LEU B 37 -4.16 10.58 1.34
N GLU B 38 -3.30 10.14 2.29
CA GLU B 38 -2.75 11.05 3.31
C GLU B 38 -1.71 12.01 2.66
N LEU B 39 -0.81 11.48 1.82
CA LEU B 39 0.30 12.30 1.27
C LEU B 39 -0.29 13.50 0.55
N ASP B 40 -1.38 13.28 -0.19
CA ASP B 40 -2.05 14.36 -0.88
C ASP B 40 -2.46 15.48 0.11
N LYS B 41 -3.05 15.11 1.26
CA LYS B 41 -3.39 16.10 2.30
C LYS B 41 -2.13 16.79 2.88
N TRP B 42 -1.04 16.05 3.08
CA TRP B 42 0.15 16.64 3.73
C TRP B 42 0.65 17.81 2.93
N ALA B 43 0.55 17.68 1.63
CA ALA B 43 0.93 18.74 0.72
C ALA B 43 0.11 19.99 1.01
N SER B 44 -1.19 19.80 1.22
CA SER B 44 -2.09 20.91 1.47
C SER B 44 -1.68 21.68 2.73
N LEU B 45 -1.39 20.96 3.83
CA LEU B 45 -0.95 21.59 5.06
C LEU B 45 0.41 22.28 4.86
N TRP B 46 1.31 21.60 4.12
CA TRP B 46 2.71 22.04 3.88
C TRP B 46 2.90 23.18 2.80
N ASN B 47 2.18 23.07 1.68
CA ASN B 47 2.36 24.03 0.55
C ASN B 47 1.94 25.45 0.89
N TRP B 48 0.82 25.62 1.58
CA TRP B 48 0.35 26.96 1.96
C TRP B 48 1.34 27.50 3.05
N PHE B 49 2.14 26.62 3.67
CA PHE B 49 3.07 27.00 4.78
C PHE B 49 4.29 27.76 4.22
N ASN B 50 4.27 27.97 2.92
CA ASN B 50 5.29 28.68 2.25
C ASN B 50 5.20 30.12 2.66
N ILE B 51 4.08 30.56 3.29
CA ILE B 51 3.94 31.97 3.69
C ILE B 51 5.13 32.39 4.54
N THR B 52 5.67 31.41 5.25
CA THR B 52 6.83 31.56 6.14
C THR B 52 8.14 31.40 5.36
N ASN B 53 8.14 30.67 4.21
CA ASN B 53 9.43 30.47 3.49
C ASN B 53 10.00 31.81 2.90
N TRP B 54 9.16 32.54 2.12
CA TRP B 54 9.59 33.80 1.38
C TRP B 54 9.69 34.99 2.31
N LEU B 55 9.06 34.83 3.44
CA LEU B 55 8.91 35.94 4.39
C LEU B 55 10.31 36.51 4.77
N TRP B 56 11.20 35.60 5.15
CA TRP B 56 12.64 35.91 5.48
C TRP B 56 13.49 36.34 4.26
N TYR B 57 13.10 35.88 3.08
CA TYR B 57 13.86 36.22 1.86
C TYR B 57 13.76 37.72 1.58
N ILE B 58 12.51 38.25 1.51
CA ILE B 58 12.26 39.69 1.16
C ILE B 58 12.02 40.54 2.42
N LYS B 59 11.87 39.89 3.59
CA LYS B 59 11.73 40.57 4.89
C LYS B 59 12.12 39.56 5.97
N GLY C 1 -21.18 -21.05 -23.22
CA GLY C 1 -21.12 -22.41 -22.63
C GLY C 1 -20.76 -22.32 -21.14
N TYR C 2 -19.46 -22.09 -20.85
CA TYR C 2 -18.92 -21.97 -19.46
C TYR C 2 -18.77 -20.49 -19.03
N ILE C 3 -17.54 -20.06 -18.64
CA ILE C 3 -17.25 -18.67 -18.16
C ILE C 3 -15.87 -18.21 -18.64
N PRO C 4 -14.83 -19.01 -18.57
CA PRO C 4 -13.47 -18.54 -19.00
C PRO C 4 -13.42 -18.15 -20.50
N GLU C 5 -12.69 -17.05 -20.80
CA GLU C 5 -12.50 -16.52 -22.19
C GLU C 5 -11.03 -16.71 -22.56
N ALA C 6 -10.19 -16.79 -21.50
CA ALA C 6 -8.73 -17.01 -21.61
C ALA C 6 -7.96 -15.76 -22.04
N PRO C 7 -8.00 -14.67 -21.28
CA PRO C 7 -7.27 -13.42 -21.63
C PRO C 7 -5.81 -13.48 -21.17
N ARG C 8 -4.89 -13.48 -22.14
CA ARG C 8 -3.43 -13.54 -21.91
C ARG C 8 -2.84 -12.27 -22.53
N ASP C 9 -2.36 -11.34 -21.68
CA ASP C 9 -1.79 -10.04 -22.15
C ASP C 9 -0.66 -9.61 -21.24
N GLY C 10 -0.41 -10.45 -20.26
CA GLY C 10 0.65 -10.22 -19.27
C GLY C 10 0.22 -9.20 -18.22
N GLN C 11 -0.97 -8.60 -18.41
CA GLN C 11 -1.52 -7.62 -17.45
C GLN C 11 -2.08 -8.45 -16.26
N ALA C 12 -2.14 -7.86 -15.06
CA ALA C 12 -2.68 -8.53 -13.86
C ALA C 12 -4.03 -7.90 -13.61
N TYR C 13 -5.03 -8.73 -13.22
CA TYR C 13 -6.38 -8.30 -12.90
C TYR C 13 -6.90 -9.20 -11.82
N VAL C 14 -8.00 -8.78 -11.21
CA VAL C 14 -8.63 -9.47 -10.04
C VAL C 14 -9.99 -9.89 -10.51
N ARG C 15 -10.80 -10.66 -9.70
CA ARG C 15 -12.18 -11.08 -10.23
C ARG C 15 -13.23 -10.16 -9.51
N LYS C 16 -13.99 -9.39 -10.34
CA LYS C 16 -15.10 -8.49 -9.88
C LYS C 16 -16.30 -8.62 -10.85
N ASP C 17 -17.50 -8.88 -10.29
CA ASP C 17 -18.74 -9.04 -11.09
C ASP C 17 -18.48 -9.92 -12.35
N GLY C 18 -17.80 -11.04 -12.18
CA GLY C 18 -17.55 -11.92 -13.31
C GLY C 18 -16.76 -11.23 -14.42
N GLU C 19 -15.81 -10.29 -14.08
CA GLU C 19 -15.00 -9.59 -15.10
C GLU C 19 -13.55 -9.49 -14.62
N TRP C 20 -12.65 -9.42 -15.60
CA TRP C 20 -11.24 -9.33 -15.42
C TRP C 20 -10.96 -7.80 -15.30
N VAL C 21 -10.56 -7.28 -14.12
CA VAL C 21 -10.27 -5.79 -13.96
C VAL C 21 -8.85 -5.62 -13.37
N LEU C 22 -8.05 -4.75 -14.00
CA LEU C 22 -6.68 -4.43 -13.63
C LEU C 22 -6.66 -4.05 -12.15
N LEU C 23 -6.04 -4.90 -11.33
CA LEU C 23 -6.00 -4.65 -9.90
C LEU C 23 -5.31 -3.31 -9.61
N SER C 24 -4.39 -2.89 -10.50
CA SER C 24 -3.69 -1.60 -10.34
C SER C 24 -4.65 -0.46 -10.08
N THR C 25 -5.87 -0.54 -10.57
CA THR C 25 -6.85 0.52 -10.39
C THR C 25 -7.18 0.67 -8.92
N PHE C 26 -7.12 -0.46 -8.15
CA PHE C 26 -7.36 -0.47 -6.66
C PHE C 26 -6.06 -0.43 -5.86
N LEU C 27 -4.87 -0.87 -6.43
CA LEU C 27 -3.56 -0.71 -5.73
C LEU C 27 -3.04 0.73 -5.99
N GLY C 28 -2.92 1.02 -7.31
CA GLY C 28 -2.33 2.27 -7.84
C GLY C 28 -0.86 1.96 -8.17
N SER C 29 -0.57 1.44 -9.39
CA SER C 29 0.82 1.07 -9.78
C SER C 29 1.62 2.33 -10.17
N SER C 30 0.95 3.46 -10.05
CA SER C 30 1.49 4.77 -10.39
C SER C 30 0.65 5.78 -9.62
N GLY C 31 0.34 5.36 -8.38
CA GLY C 31 -0.46 6.15 -7.44
C GLY C 31 -0.26 5.64 -6.02
N ASN C 32 0.71 4.73 -5.87
CA ASN C 32 1.04 4.12 -4.57
C ASN C 32 2.42 3.50 -4.64
N GLU C 33 2.84 3.07 -5.85
CA GLU C 33 4.19 2.46 -6.04
C GLU C 33 5.23 3.51 -5.60
N GLN C 34 4.75 4.74 -5.63
CA GLN C 34 5.58 5.88 -5.28
C GLN C 34 5.90 5.75 -3.78
N GLU C 35 4.85 5.53 -2.98
CA GLU C 35 4.91 5.46 -1.53
C GLU C 35 5.73 4.24 -1.02
N LEU C 36 5.72 3.15 -1.78
CA LEU C 36 6.47 1.94 -1.39
C LEU C 36 7.96 2.25 -1.46
N LEU C 37 8.33 2.98 -2.54
CA LEU C 37 9.74 3.32 -2.83
C LEU C 37 10.17 4.71 -2.26
N GLU C 38 9.27 5.51 -1.65
CA GLU C 38 9.66 6.80 -1.07
C GLU C 38 10.52 6.60 0.20
N LEU C 39 10.11 5.68 1.10
CA LEU C 39 10.80 5.53 2.40
C LEU C 39 12.27 5.23 2.14
N ASP C 40 12.55 4.40 1.15
CA ASP C 40 13.92 4.08 0.77
C ASP C 40 14.71 5.38 0.46
N LYS C 41 14.11 6.29 -0.34
CA LYS C 41 14.76 7.59 -0.64
C LYS C 41 14.92 8.44 0.65
N TRP C 42 13.94 8.44 1.55
CA TRP C 42 14.01 9.33 2.73
C TRP C 42 15.23 9.02 3.53
N ALA C 43 15.57 7.75 3.60
CA ALA C 43 16.77 7.30 4.27
C ALA C 43 18.00 7.96 3.66
N SER C 44 18.04 8.01 2.34
CA SER C 44 19.16 8.58 1.64
C SER C 44 19.37 10.05 2.01
N LEU C 45 18.29 10.83 2.02
CA LEU C 45 18.36 12.24 2.40
C LEU C 45 18.76 12.37 3.88
N TRP C 46 18.18 11.50 4.74
CA TRP C 46 18.37 11.52 6.22
C TRP C 46 19.71 10.92 6.75
N ASN C 47 20.15 9.79 6.18
CA ASN C 47 21.36 9.07 6.67
C ASN C 47 22.65 9.85 6.48
N TRP C 48 22.81 10.50 5.34
CA TRP C 48 24.02 11.30 5.08
C TRP C 48 23.95 12.57 5.99
N PHE C 49 22.76 12.89 6.53
CA PHE C 49 22.53 14.11 7.36
C PHE C 49 23.15 13.92 8.75
N ASN C 50 23.77 12.78 8.95
CA ASN C 50 24.43 12.46 10.16
C ASN C 50 25.64 13.33 10.30
N ILE C 51 26.07 14.02 9.20
CA ILE C 51 27.27 14.88 9.26
C ILE C 51 27.12 15.89 10.39
N THR C 52 25.86 16.25 10.65
CA THR C 52 25.45 17.20 11.69
C THR C 52 25.28 16.49 13.04
N ASN C 53 24.98 15.17 13.04
CA ASN C 53 24.75 14.50 14.37
C ASN C 53 26.06 14.45 15.24
N TRP C 54 27.16 13.92 14.67
CA TRP C 54 28.47 13.70 15.41
C TRP C 54 29.24 15.00 15.61
N LEU C 55 28.86 15.96 14.82
CA LEU C 55 29.59 17.23 14.76
C LEU C 55 29.69 17.86 16.18
N TRP C 56 28.52 17.95 16.82
CA TRP C 56 28.38 18.46 18.24
C TRP C 56 29.00 17.52 19.30
N TYR C 57 29.04 16.22 19.00
CA TYR C 57 29.60 15.25 19.95
C TYR C 57 31.09 15.49 20.18
N ILE C 58 31.87 15.55 19.07
CA ILE C 58 33.37 15.72 19.13
C ILE C 58 33.80 17.17 18.89
N LYS C 59 32.83 18.02 18.47
CA LYS C 59 33.07 19.48 18.30
C LYS C 59 31.69 20.16 18.34
N GLY A 1 -7.60 -29.18 -22.67
CA GLY A 1 -9.08 -29.37 -22.52
C GLY A 1 -9.75 -28.03 -22.25
N TYR A 2 -9.48 -27.43 -21.06
CA TYR A 2 -10.05 -26.13 -20.62
C TYR A 2 -8.92 -25.13 -20.31
N ILE A 3 -8.72 -24.77 -19.01
CA ILE A 3 -7.66 -23.79 -18.61
C ILE A 3 -7.16 -24.07 -17.17
N PRO A 4 -8.02 -24.33 -16.21
CA PRO A 4 -7.58 -24.58 -14.81
C PRO A 4 -6.67 -25.81 -14.73
N GLU A 5 -5.67 -25.73 -13.84
CA GLU A 5 -4.68 -26.80 -13.60
C GLU A 5 -4.86 -27.29 -12.17
N ALA A 6 -5.52 -26.44 -11.35
CA ALA A 6 -5.82 -26.75 -9.94
C ALA A 6 -4.58 -26.63 -9.04
N PRO A 7 -3.88 -25.50 -9.06
CA PRO A 7 -2.65 -25.30 -8.21
C PRO A 7 -2.97 -24.95 -6.72
N ARG A 8 -2.57 -25.85 -5.80
CA ARG A 8 -2.78 -25.69 -4.33
C ARG A 8 -1.40 -25.67 -3.66
N ASP A 9 -0.99 -24.53 -3.09
CA ASP A 9 0.33 -24.41 -2.41
C ASP A 9 0.22 -23.41 -1.27
N GLY A 10 -0.99 -22.90 -1.08
CA GLY A 10 -1.27 -21.90 -0.02
C GLY A 10 -0.83 -20.51 -0.46
N GLN A 11 -0.16 -20.48 -1.61
CA GLN A 11 0.32 -19.24 -2.23
C GLN A 11 -0.88 -18.56 -2.88
N ALA A 12 -0.90 -17.22 -2.88
CA ALA A 12 -2.00 -16.41 -3.48
C ALA A 12 -1.52 -15.95 -4.84
N TYR A 13 -2.39 -15.91 -5.89
CA TYR A 13 -2.00 -15.44 -7.23
C TYR A 13 -3.15 -14.74 -7.88
N VAL A 14 -2.82 -13.96 -8.93
CA VAL A 14 -3.78 -13.06 -9.64
C VAL A 14 -3.90 -13.52 -11.08
N ARG A 15 -4.94 -13.05 -11.76
CA ARG A 15 -5.24 -13.46 -13.13
C ARG A 15 -4.57 -12.50 -14.11
N LYS A 16 -3.48 -12.99 -14.76
CA LYS A 16 -2.70 -12.20 -15.77
C LYS A 16 -2.27 -13.12 -16.92
N ASP A 17 -2.47 -12.65 -18.17
CA ASP A 17 -2.11 -13.41 -19.39
C ASP A 17 -2.35 -14.92 -19.24
N GLY A 18 -3.46 -15.31 -18.62
CA GLY A 18 -3.75 -16.72 -18.47
C GLY A 18 -2.68 -17.44 -17.64
N GLU A 19 -2.09 -16.76 -16.61
CA GLU A 19 -1.05 -17.35 -15.76
C GLU A 19 -1.34 -16.95 -14.31
N TRP A 20 -0.94 -17.84 -13.41
CA TRP A 20 -1.08 -17.69 -11.98
C TRP A 20 0.20 -16.94 -11.57
N VAL A 21 0.08 -15.67 -11.10
CA VAL A 21 1.26 -14.86 -10.69
C VAL A 21 0.97 -14.31 -9.29
N LEU A 22 1.95 -14.45 -8.40
CA LEU A 22 1.87 -14.03 -7.05
C LEU A 22 1.59 -12.54 -6.96
N LEU A 23 0.51 -12.24 -6.28
CA LEU A 23 0.04 -10.90 -6.05
C LEU A 23 1.12 -10.12 -5.31
N SER A 24 1.81 -10.74 -4.38
CA SER A 24 2.80 -10.00 -3.58
C SER A 24 3.86 -9.30 -4.45
N THR A 25 4.13 -9.78 -5.66
CA THR A 25 5.12 -9.12 -6.51
C THR A 25 4.65 -7.74 -6.92
N PHE A 26 3.31 -7.55 -7.00
CA PHE A 26 2.69 -6.27 -7.38
C PHE A 26 2.35 -5.46 -6.12
N LEU A 27 2.22 -6.13 -4.95
CA LEU A 27 1.95 -5.41 -3.67
C LEU A 27 3.26 -4.69 -3.22
N GLY A 28 4.41 -5.40 -3.40
CA GLY A 28 5.78 -4.89 -3.03
C GLY A 28 6.30 -5.46 -1.68
N SER A 29 5.69 -6.56 -1.22
CA SER A 29 6.10 -7.26 0.01
C SER A 29 6.22 -6.37 1.27
N SER A 30 7.32 -6.59 2.04
CA SER A 30 7.56 -5.97 3.34
C SER A 30 6.50 -6.49 4.28
N GLY A 31 5.75 -7.50 3.80
CA GLY A 31 4.60 -8.02 4.52
C GLY A 31 3.45 -7.03 4.25
N ASN A 32 3.83 -5.89 3.60
CA ASN A 32 3.03 -4.72 3.36
C ASN A 32 3.19 -3.85 4.61
N GLU A 33 3.94 -4.41 5.62
CA GLU A 33 4.02 -3.81 6.93
C GLU A 33 4.53 -2.42 6.81
N GLN A 34 5.54 -2.31 6.03
CA GLN A 34 6.25 -0.97 5.93
C GLN A 34 5.43 0.12 5.22
N GLU A 35 4.33 -0.30 4.58
CA GLU A 35 3.32 0.63 3.99
C GLU A 35 2.32 1.17 5.03
N LEU A 36 1.69 0.18 5.67
CA LEU A 36 0.65 0.34 6.75
C LEU A 36 1.12 0.59 8.19
N LEU A 37 2.15 -0.16 8.67
CA LEU A 37 2.56 -0.11 10.12
C LEU A 37 3.51 1.03 10.45
N GLU A 38 4.04 1.79 9.49
CA GLU A 38 4.95 2.90 9.85
C GLU A 38 4.09 4.01 10.50
N LEU A 39 3.01 4.45 9.83
CA LEU A 39 2.19 5.57 10.34
C LEU A 39 1.67 5.26 11.75
N ASP A 40 1.23 4.06 12.00
CA ASP A 40 0.71 3.71 13.30
C ASP A 40 1.74 3.95 14.42
N LYS A 41 2.97 3.62 14.11
CA LYS A 41 4.11 3.75 15.03
C LYS A 41 4.40 5.23 15.48
N TRP A 42 4.23 6.15 14.54
CA TRP A 42 4.58 7.58 14.80
C TRP A 42 3.68 8.24 15.85
N ALA A 43 2.40 7.94 15.83
CA ALA A 43 1.46 8.53 16.76
C ALA A 43 1.78 8.25 18.20
N SER A 44 2.09 7.00 18.48
CA SER A 44 2.33 6.58 19.84
C SER A 44 3.47 7.36 20.46
N LEU A 45 4.66 7.35 19.84
CA LEU A 45 5.79 8.15 20.38
C LEU A 45 5.46 9.61 20.32
N TRP A 46 4.85 10.07 19.24
CA TRP A 46 4.55 11.51 19.06
C TRP A 46 3.53 12.00 20.10
N ASN A 47 2.57 11.14 20.43
CA ASN A 47 1.52 11.47 21.40
C ASN A 47 2.11 11.72 22.80
N TRP A 48 3.11 10.91 23.23
CA TRP A 48 3.70 11.07 24.57
C TRP A 48 4.37 12.47 24.68
N PHE A 49 4.59 13.18 23.55
CA PHE A 49 5.30 14.51 23.56
C PHE A 49 4.27 15.61 23.80
N ASN A 50 3.02 15.21 23.98
CA ASN A 50 1.95 16.14 24.25
C ASN A 50 2.23 16.79 25.61
N ILE A 51 2.80 16.05 26.59
CA ILE A 51 3.02 16.64 27.94
C ILE A 51 3.78 17.97 27.84
N THR A 52 4.69 18.06 26.86
CA THR A 52 5.43 19.31 26.60
C THR A 52 4.52 20.28 25.83
N ASN A 53 3.51 19.78 25.08
CA ASN A 53 2.64 20.75 24.33
C ASN A 53 1.83 21.66 25.30
N TRP A 54 1.12 21.06 26.29
CA TRP A 54 0.24 21.84 27.25
C TRP A 54 1.09 22.66 28.22
N LEU A 55 2.27 22.14 28.52
CA LEU A 55 3.12 22.77 29.54
C LEU A 55 3.40 24.24 29.18
N TRP A 56 3.75 24.51 27.92
CA TRP A 56 3.99 25.91 27.49
C TRP A 56 2.72 26.79 27.60
N TYR A 57 1.60 26.20 27.15
CA TYR A 57 0.33 26.93 27.13
C TYR A 57 -0.09 27.27 28.55
N ILE A 58 -0.11 26.26 29.44
CA ILE A 58 -0.53 26.47 30.84
C ILE A 58 0.51 27.28 31.61
N LYS A 59 1.80 27.24 31.22
CA LYS A 59 2.86 28.04 31.89
C LYS A 59 3.98 28.36 30.87
N GLY B 1 -17.72 -31.81 -9.87
CA GLY B 1 -17.64 -31.82 -11.36
C GLY B 1 -16.34 -31.15 -11.81
N TYR B 2 -16.26 -29.82 -11.58
CA TYR B 2 -15.07 -28.97 -11.95
C TYR B 2 -14.49 -28.28 -10.71
N ILE B 3 -14.64 -26.93 -10.61
CA ILE B 3 -14.09 -26.14 -9.45
C ILE B 3 -14.93 -24.86 -9.20
N PRO B 4 -15.29 -24.12 -10.22
CA PRO B 4 -16.09 -22.86 -10.01
C PRO B 4 -17.44 -23.16 -9.37
N GLU B 5 -17.87 -22.24 -8.49
CA GLU B 5 -19.15 -22.32 -7.74
C GLU B 5 -20.04 -21.16 -8.21
N ALA B 6 -19.38 -20.15 -8.79
CA ALA B 6 -20.05 -18.95 -9.33
C ALA B 6 -20.50 -18.00 -8.20
N PRO B 7 -19.62 -17.58 -7.31
CA PRO B 7 -19.97 -16.64 -6.18
C PRO B 7 -20.07 -15.16 -6.63
N ARG B 8 -21.29 -14.57 -6.52
CA ARG B 8 -21.58 -13.16 -6.88
C ARG B 8 -22.08 -12.45 -5.62
N ASP B 9 -21.31 -11.49 -5.09
CA ASP B 9 -21.70 -10.74 -3.87
C ASP B 9 -21.13 -9.33 -3.94
N GLY B 10 -20.47 -9.05 -5.05
CA GLY B 10 -19.83 -7.72 -5.27
C GLY B 10 -18.50 -7.63 -4.53
N GLN B 11 -18.25 -8.64 -3.72
CA GLN B 11 -17.01 -8.78 -2.94
C GLN B 11 -15.91 -9.22 -3.92
N ALA B 12 -14.67 -8.75 -3.67
CA ALA B 12 -13.50 -9.10 -4.52
C ALA B 12 -12.72 -10.18 -3.80
N TYR B 13 -12.15 -11.21 -4.50
CA TYR B 13 -11.38 -12.27 -3.86
C TYR B 13 -10.26 -12.70 -4.77
N VAL B 14 -9.27 -13.39 -4.17
CA VAL B 14 -8.01 -13.81 -4.85
C VAL B 14 -7.94 -15.32 -4.87
N ARG B 15 -7.05 -15.85 -5.71
CA ARG B 15 -6.92 -17.30 -5.90
C ARG B 15 -5.86 -17.85 -4.94
N LYS B 16 -6.33 -18.55 -3.89
CA LYS B 16 -5.45 -19.18 -2.85
C LYS B 16 -6.00 -20.55 -2.45
N ASP B 17 -5.13 -21.57 -2.40
CA ASP B 17 -5.50 -22.96 -2.04
C ASP B 17 -6.89 -23.36 -2.56
N GLY B 18 -7.21 -22.97 -3.79
CA GLY B 18 -8.49 -23.34 -4.36
C GLY B 18 -9.65 -22.75 -3.56
N GLU B 19 -9.50 -21.52 -3.00
CA GLU B 19 -10.54 -20.86 -2.19
C GLU B 19 -10.59 -19.38 -2.59
N TRP B 20 -11.79 -18.83 -2.48
CA TRP B 20 -12.08 -17.45 -2.77
C TRP B 20 -11.81 -16.72 -1.44
N VAL B 21 -10.78 -15.85 -1.39
CA VAL B 21 -10.41 -15.12 -0.13
C VAL B 21 -10.30 -13.63 -0.49
N LEU B 22 -10.93 -12.80 0.32
CA LEU B 22 -10.98 -11.40 0.14
C LEU B 22 -9.57 -10.81 0.14
N LEU B 23 -9.28 -10.12 -0.96
CA LEU B 23 -8.02 -9.47 -1.20
C LEU B 23 -7.79 -8.44 -0.10
N SER B 24 -8.81 -7.75 0.35
CA SER B 24 -8.61 -6.69 1.34
C SER B 24 -7.92 -7.19 2.62
N THR B 25 -8.02 -8.48 2.94
CA THR B 25 -7.35 -8.99 4.14
C THR B 25 -5.84 -8.93 3.99
N PHE B 26 -5.35 -9.01 2.73
CA PHE B 26 -3.91 -8.97 2.40
C PHE B 26 -3.50 -7.52 2.07
N LEU B 27 -4.47 -6.65 1.68
CA LEU B 27 -4.17 -5.23 1.38
C LEU B 27 -3.94 -4.48 2.73
N GLY B 28 -4.78 -4.83 3.75
CA GLY B 28 -4.74 -4.23 5.12
C GLY B 28 -5.81 -3.13 5.35
N SER B 29 -6.84 -3.11 4.49
CA SER B 29 -7.98 -2.20 4.61
C SER B 29 -7.60 -0.69 4.73
N SER B 30 -8.29 0.02 5.65
CA SER B 30 -8.19 1.46 5.84
C SER B 30 -8.75 2.10 4.58
N GLY B 31 -9.37 1.26 3.74
CA GLY B 31 -9.81 1.68 2.42
C GLY B 31 -8.58 1.71 1.52
N ASN B 32 -7.40 1.52 2.19
CA ASN B 32 -6.08 1.65 1.66
C ASN B 32 -5.72 3.13 1.80
N GLU B 33 -6.72 3.93 2.31
CA GLU B 33 -6.62 5.37 2.32
C GLU B 33 -5.42 5.76 3.10
N GLN B 34 -5.27 5.13 4.21
CA GLN B 34 -4.17 5.55 5.15
C GLN B 34 -2.75 5.21 4.64
N GLU B 35 -2.69 4.41 3.59
CA GLU B 35 -1.42 4.12 2.83
C GLU B 35 -1.05 5.21 1.83
N LEU B 36 -2.04 5.43 0.95
CA LEU B 36 -2.01 6.44 -0.17
C LEU B 36 -2.36 7.91 0.15
N LEU B 37 -3.43 8.16 0.95
CA LEU B 37 -3.95 9.55 1.18
C LEU B 37 -3.21 10.30 2.27
N GLU B 38 -2.31 9.72 3.05
CA GLU B 38 -1.61 10.47 4.09
C GLU B 38 -0.61 11.43 3.38
N LEU B 39 0.24 10.88 2.49
CA LEU B 39 1.29 11.70 1.83
C LEU B 39 0.66 12.89 1.09
N ASP B 40 -0.43 12.69 0.40
CA ASP B 40 -1.07 13.75 -0.34
C ASP B 40 -1.43 14.94 0.56
N LYS B 41 -1.90 14.60 1.74
CA LYS B 41 -2.34 15.58 2.77
C LYS B 41 -1.19 16.52 3.26
N TRP B 42 0.02 15.96 3.38
CA TRP B 42 1.16 16.72 3.95
C TRP B 42 1.61 17.89 3.08
N ALA B 43 1.62 17.68 1.77
CA ALA B 43 2.08 18.70 0.84
C ALA B 43 1.27 19.97 0.92
N SER B 44 -0.05 19.81 0.94
CA SER B 44 -0.92 20.96 0.94
C SER B 44 -0.66 21.88 2.11
N LEU B 45 -0.72 21.35 3.34
CA LEU B 45 -0.40 22.21 4.52
C LEU B 45 1.02 22.64 4.48
N TRP B 46 1.93 21.75 4.11
CA TRP B 46 3.37 22.07 4.10
C TRP B 46 3.71 23.16 3.07
N ASN B 47 3.02 23.11 1.93
CA ASN B 47 3.24 24.06 0.84
C ASN B 47 2.87 25.51 1.29
N TRP B 48 1.78 25.68 2.06
CA TRP B 48 1.36 27.02 2.49
C TRP B 48 2.46 27.66 3.38
N PHE B 49 3.45 26.86 3.87
CA PHE B 49 4.51 27.37 4.81
C PHE B 49 5.67 27.90 3.98
N ASN B 50 5.51 27.87 2.67
CA ASN B 50 6.50 28.38 1.76
C ASN B 50 6.60 29.90 1.98
N ILE B 51 5.47 30.60 2.27
CA ILE B 51 5.52 32.08 2.42
C ILE B 51 6.62 32.48 3.41
N THR B 52 6.83 31.65 4.44
CA THR B 52 7.90 31.88 5.42
C THR B 52 9.24 31.45 4.82
N ASN B 53 9.25 30.51 3.85
CA ASN B 53 10.57 30.10 3.28
C ASN B 53 11.26 31.27 2.52
N TRP B 54 10.55 31.95 1.60
CA TRP B 54 11.15 33.07 0.75
C TRP B 54 11.39 34.32 1.61
N LEU B 55 10.56 34.47 2.63
CA LEU B 55 10.62 35.70 3.45
C LEU B 55 12.03 35.89 4.03
N TRP B 56 12.61 34.83 4.58
CA TRP B 56 13.99 34.92 5.12
C TRP B 56 15.04 35.26 4.04
N TYR B 57 14.88 34.57 2.90
CA TYR B 57 15.85 34.72 1.80
C TYR B 57 15.78 36.15 1.26
N ILE B 58 14.57 36.63 0.95
CA ILE B 58 14.38 37.99 0.40
C ILE B 58 14.65 39.05 1.46
N LYS B 59 14.46 38.74 2.77
CA LYS B 59 14.76 39.71 3.86
C LYS B 59 15.14 38.94 5.13
N GLY C 1 -22.09 -21.40 -21.81
CA GLY C 1 -21.63 -22.78 -21.53
C GLY C 1 -21.14 -22.88 -20.09
N TYR C 2 -20.01 -22.21 -19.79
CA TYR C 2 -19.37 -22.19 -18.43
C TYR C 2 -19.26 -20.74 -17.91
N ILE C 3 -18.02 -20.19 -17.82
CA ILE C 3 -17.81 -18.80 -17.29
C ILE C 3 -16.53 -18.16 -17.90
N PRO C 4 -15.43 -18.87 -17.99
CA PRO C 4 -14.17 -18.29 -18.56
C PRO C 4 -14.37 -17.88 -20.02
N GLU C 5 -13.72 -16.76 -20.39
CA GLU C 5 -13.78 -16.16 -21.75
C GLU C 5 -12.36 -16.24 -22.33
N ALA C 6 -11.37 -16.40 -21.43
CA ALA C 6 -9.96 -16.51 -21.80
C ALA C 6 -9.35 -15.15 -22.22
N PRO C 7 -9.47 -14.12 -21.39
CA PRO C 7 -8.89 -12.76 -21.72
C PRO C 7 -7.36 -12.66 -21.47
N ARG C 8 -6.59 -12.42 -22.56
CA ARG C 8 -5.12 -12.28 -22.55
C ARG C 8 -4.77 -10.89 -23.07
N ASP C 9 -4.24 -10.00 -22.21
CA ASP C 9 -3.86 -8.62 -22.62
C ASP C 9 -2.67 -8.16 -21.79
N GLY C 10 -2.18 -9.06 -20.95
CA GLY C 10 -1.03 -8.76 -20.07
C GLY C 10 -1.48 -7.96 -18.85
N GLN C 11 -2.74 -7.55 -18.89
CA GLN C 11 -3.39 -6.79 -17.81
C GLN C 11 -3.71 -7.80 -16.68
N ALA C 12 -3.62 -7.34 -15.43
CA ALA C 12 -3.91 -8.18 -14.24
C ALA C 12 -5.31 -7.84 -13.77
N TYR C 13 -6.14 -8.81 -13.32
CA TYR C 13 -7.50 -8.54 -12.83
C TYR C 13 -7.84 -9.48 -11.70
N VAL C 14 -8.89 -9.10 -10.95
CA VAL C 14 -9.32 -9.82 -9.71
C VAL C 14 -10.72 -10.36 -9.91
N ARG C 15 -11.11 -11.28 -9.04
CA ARG C 15 -12.41 -11.96 -9.14
C ARG C 15 -13.47 -11.19 -8.33
N LYS C 16 -14.35 -10.48 -9.05
CA LYS C 16 -15.47 -9.68 -8.44
C LYS C 16 -16.73 -9.82 -9.29
N ASP C 17 -17.88 -10.08 -8.63
CA ASP C 17 -19.19 -10.26 -9.31
C ASP C 17 -19.08 -10.96 -10.65
N GLY C 18 -18.26 -12.00 -10.73
CA GLY C 18 -18.13 -12.73 -11.98
C GLY C 18 -17.60 -11.84 -13.11
N GLU C 19 -16.69 -10.87 -12.80
CA GLU C 19 -16.12 -9.95 -13.80
C GLU C 19 -14.63 -9.80 -13.53
N TRP C 20 -13.90 -9.59 -14.61
CA TRP C 20 -12.47 -9.38 -14.61
C TRP C 20 -12.31 -7.88 -14.37
N VAL C 21 -11.74 -7.46 -13.22
CA VAL C 21 -11.56 -6.01 -12.90
C VAL C 21 -10.11 -5.81 -12.48
N LEU C 22 -9.47 -4.80 -13.04
CA LEU C 22 -8.12 -4.47 -12.81
C LEU C 22 -7.88 -4.19 -11.32
N LEU C 23 -6.95 -4.95 -10.78
CA LEU C 23 -6.54 -4.88 -9.40
C LEU C 23 -6.02 -3.47 -9.13
N SER C 24 -5.30 -2.88 -10.06
CA SER C 24 -4.71 -1.56 -9.79
C SER C 24 -5.74 -0.51 -9.38
N THR C 25 -7.00 -0.66 -9.75
CA THR C 25 -8.02 0.32 -9.35
C THR C 25 -8.25 0.29 -7.85
N PHE C 26 -8.01 -0.89 -7.22
CA PHE C 26 -8.17 -1.09 -5.76
C PHE C 26 -6.81 -0.87 -5.07
N LEU C 27 -5.68 -1.01 -5.80
CA LEU C 27 -4.33 -0.75 -5.21
C LEU C 27 -4.14 0.79 -5.02
N GLY C 28 -4.62 1.55 -6.03
CA GLY C 28 -4.53 3.06 -6.06
C GLY C 28 -3.36 3.59 -6.94
N SER C 29 -2.85 2.73 -7.82
CA SER C 29 -1.79 3.10 -8.78
C SER C 29 -0.53 3.76 -8.15
N SER C 30 -0.03 4.84 -8.83
CA SER C 30 1.21 5.53 -8.48
C SER C 30 2.32 4.55 -8.75
N GLY C 31 1.97 3.42 -9.40
CA GLY C 31 2.89 2.31 -9.59
C GLY C 31 2.95 1.55 -8.25
N ASN C 32 2.29 2.18 -7.23
CA ASN C 32 2.31 1.80 -5.85
C ASN C 32 3.54 2.49 -5.24
N GLU C 33 4.32 3.17 -6.14
CA GLU C 33 5.62 3.69 -5.79
C GLU C 33 5.46 4.64 -4.63
N GLN C 34 4.49 5.46 -4.75
CA GLN C 34 4.32 6.56 -3.72
C GLN C 34 3.86 6.04 -2.34
N GLU C 35 3.47 4.77 -2.30
CA GLU C 35 3.17 4.05 -1.00
C GLU C 35 4.43 3.51 -0.31
N LEU C 36 5.15 2.71 -1.13
CA LEU C 36 6.43 2.02 -0.78
C LEU C 36 7.74 2.81 -0.88
N LEU C 37 7.94 3.58 -1.99
CA LEU C 37 9.26 4.26 -2.27
C LEU C 37 9.44 5.58 -1.55
N GLU C 38 8.44 6.17 -0.89
CA GLU C 38 8.64 7.44 -0.19
C GLU C 38 9.53 7.17 1.04
N LEU C 39 9.15 6.20 1.89
CA LEU C 39 9.89 5.93 3.14
C LEU C 39 11.36 5.62 2.84
N ASP C 40 11.64 4.84 1.84
CA ASP C 40 13.00 4.48 1.50
C ASP C 40 13.87 5.72 1.24
N LYS C 41 13.27 6.68 0.58
CA LYS C 41 13.92 7.95 0.20
C LYS C 41 14.37 8.81 1.42
N TRP C 42 13.56 8.80 2.48
CA TRP C 42 13.82 9.67 3.66
C TRP C 42 15.08 9.28 4.43
N ALA C 43 15.33 7.99 4.57
CA ALA C 43 16.47 7.50 5.31
C ALA C 43 17.78 7.98 4.76
N SER C 44 17.92 7.87 3.44
CA SER C 44 19.16 8.21 2.80
C SER C 44 19.56 9.65 3.07
N LEU C 45 18.68 10.62 2.76
CA LEU C 45 19.01 12.03 3.06
C LEU C 45 19.11 12.23 4.54
N TRP C 46 18.22 11.63 5.31
CA TRP C 46 18.20 11.82 6.78
C TRP C 46 19.47 11.24 7.43
N ASN C 47 19.95 10.13 6.91
CA ASN C 47 21.15 9.46 7.43
C ASN C 47 22.40 10.36 7.28
N TRP C 48 22.55 11.08 6.15
CA TRP C 48 23.73 11.92 5.92
C TRP C 48 23.77 13.05 7.01
N PHE C 49 22.66 13.29 7.74
CA PHE C 49 22.59 14.40 8.76
C PHE C 49 23.11 13.87 10.09
N ASN C 50 23.55 12.63 10.09
CA ASN C 50 24.10 12.03 11.28
C ASN C 50 25.40 12.77 11.62
N ILE C 51 26.19 13.22 10.61
CA ILE C 51 27.49 13.88 10.91
C ILE C 51 27.30 15.02 11.92
N THR C 52 26.15 15.70 11.84
CA THR C 52 25.80 16.77 12.81
C THR C 52 25.31 16.12 14.11
N ASN C 53 24.77 14.88 14.07
CA ASN C 53 24.29 14.29 15.35
C ASN C 53 25.47 14.03 16.35
N TRP C 54 26.56 13.37 15.89
CA TRP C 54 27.73 13.00 16.79
C TRP C 54 28.55 14.26 17.15
N LEU C 55 28.53 15.22 16.24
CA LEU C 55 29.38 16.41 16.41
C LEU C 55 29.05 17.11 17.74
N TRP C 56 27.77 17.29 18.04
CA TRP C 56 27.37 17.91 19.34
C TRP C 56 27.82 17.07 20.55
N TYR C 57 27.59 15.76 20.43
CA TYR C 57 27.89 14.84 21.54
C TYR C 57 29.40 14.83 21.81
N ILE C 58 30.21 14.64 20.75
CA ILE C 58 31.67 14.59 20.90
C ILE C 58 32.24 15.97 21.21
N LYS C 59 31.56 17.07 20.79
CA LYS C 59 32.03 18.46 21.12
C LYS C 59 30.82 19.39 21.18
N GLY A 1 -6.68 -28.70 -22.04
CA GLY A 1 -8.14 -28.88 -21.80
C GLY A 1 -8.80 -27.53 -21.58
N TYR A 2 -8.90 -27.10 -20.29
CA TYR A 2 -9.53 -25.81 -19.91
C TYR A 2 -8.44 -24.73 -19.65
N ILE A 3 -8.15 -24.44 -18.36
CA ILE A 3 -7.11 -23.45 -17.98
C ILE A 3 -6.64 -23.71 -16.53
N PRO A 4 -7.54 -23.89 -15.57
CA PRO A 4 -7.11 -24.14 -14.16
C PRO A 4 -6.22 -25.38 -14.02
N GLU A 5 -5.23 -25.25 -13.12
CA GLU A 5 -4.25 -26.30 -12.78
C GLU A 5 -4.55 -26.84 -11.39
N ALA A 6 -5.32 -26.05 -10.65
CA ALA A 6 -5.66 -26.37 -9.27
C ALA A 6 -4.36 -26.37 -8.40
N PRO A 7 -3.61 -25.26 -8.33
CA PRO A 7 -2.35 -25.19 -7.50
C PRO A 7 -2.66 -24.71 -6.08
N ARG A 8 -2.34 -25.52 -5.04
CA ARG A 8 -2.60 -25.18 -3.62
C ARG A 8 -1.26 -25.18 -2.88
N ASP A 9 -0.74 -24.01 -2.46
CA ASP A 9 0.55 -23.91 -1.72
C ASP A 9 0.42 -22.83 -0.65
N GLY A 10 -0.77 -22.24 -0.56
CA GLY A 10 -1.06 -21.16 0.44
C GLY A 10 -0.55 -19.83 -0.07
N GLN A 11 0.09 -19.87 -1.21
CA GLN A 11 0.68 -18.70 -1.85
C GLN A 11 -0.42 -17.82 -2.45
N ALA A 12 -0.25 -16.47 -2.53
CA ALA A 12 -1.27 -15.56 -3.12
C ALA A 12 -0.67 -14.95 -4.37
N TYR A 13 -1.51 -14.78 -5.42
CA TYR A 13 -1.11 -14.24 -6.72
C TYR A 13 -2.24 -13.40 -7.30
N VAL A 14 -2.23 -13.18 -8.58
CA VAL A 14 -3.28 -12.37 -9.28
C VAL A 14 -3.37 -12.86 -10.73
N ARG A 15 -4.37 -12.40 -11.60
CA ARG A 15 -4.47 -12.91 -13.02
C ARG A 15 -3.75 -11.88 -13.98
N LYS A 16 -2.64 -12.33 -14.64
CA LYS A 16 -1.86 -11.53 -15.64
C LYS A 16 -1.47 -12.47 -16.80
N ASP A 17 -1.74 -12.06 -18.03
CA ASP A 17 -1.41 -12.85 -19.25
C ASP A 17 -1.62 -14.36 -19.04
N GLY A 18 -2.70 -14.74 -18.35
CA GLY A 18 -2.99 -16.16 -18.17
C GLY A 18 -1.95 -16.88 -17.31
N GLU A 19 -1.31 -16.20 -16.32
CA GLU A 19 -0.31 -16.84 -15.44
C GLU A 19 -0.58 -16.33 -14.04
N TRP A 20 -0.29 -17.16 -13.08
CA TRP A 20 -0.44 -16.83 -11.70
C TRP A 20 0.82 -16.07 -11.34
N VAL A 21 0.68 -14.83 -10.83
CA VAL A 21 1.86 -14.00 -10.43
C VAL A 21 1.56 -13.43 -9.00
N LEU A 22 2.57 -13.58 -8.15
CA LEU A 22 2.65 -13.17 -6.76
C LEU A 22 2.20 -11.72 -6.69
N LEU A 23 1.10 -11.48 -6.02
CA LEU A 23 0.53 -10.15 -5.89
C LEU A 23 1.59 -9.28 -5.15
N SER A 24 2.30 -9.91 -4.23
CA SER A 24 3.33 -9.22 -3.46
C SER A 24 4.32 -8.43 -4.35
N THR A 25 4.60 -8.87 -5.59
CA THR A 25 5.52 -8.09 -6.45
C THR A 25 4.88 -6.76 -6.82
N PHE A 26 3.54 -6.72 -6.85
CA PHE A 26 2.75 -5.49 -7.16
C PHE A 26 2.36 -4.78 -5.85
N LEU A 27 2.26 -5.54 -4.71
CA LEU A 27 1.97 -4.91 -3.39
C LEU A 27 3.28 -4.19 -2.92
N GLY A 28 4.43 -4.87 -3.24
CA GLY A 28 5.80 -4.44 -2.87
C GLY A 28 6.33 -5.17 -1.63
N SER A 29 6.03 -6.46 -1.52
CA SER A 29 6.49 -7.32 -0.43
C SER A 29 6.38 -6.63 0.95
N SER A 30 7.25 -7.04 1.88
CA SER A 30 7.24 -6.57 3.27
C SER A 30 5.91 -6.92 3.86
N GLY A 31 5.15 -7.75 3.12
CA GLY A 31 3.81 -8.10 3.47
C GLY A 31 2.95 -6.87 3.28
N ASN A 32 3.62 -5.72 2.88
CA ASN A 32 3.04 -4.38 2.88
C ASN A 32 2.88 -4.04 4.34
N GLU A 33 3.37 -4.98 5.25
CA GLU A 33 3.27 -4.86 6.67
C GLU A 33 4.01 -3.66 7.03
N GLN A 34 4.99 -3.27 6.23
CA GLN A 34 5.72 -2.05 6.57
C GLN A 34 4.81 -0.85 6.40
N GLU A 35 4.39 -0.63 5.16
CA GLU A 35 3.68 0.64 4.80
C GLU A 35 2.31 0.81 5.47
N LEU A 36 1.57 -0.29 5.69
CA LEU A 36 0.28 -0.22 6.46
C LEU A 36 0.53 -0.08 7.98
N LEU A 37 1.56 -0.79 8.59
CA LEU A 37 1.82 -0.74 10.10
C LEU A 37 2.82 0.36 10.49
N GLU A 38 3.49 1.07 9.57
CA GLU A 38 4.40 2.12 9.98
C GLU A 38 3.58 3.24 10.57
N LEU A 39 2.46 3.59 9.92
CA LEU A 39 1.65 4.75 10.36
C LEU A 39 1.32 4.60 11.85
N ASP A 40 0.97 3.39 12.21
CA ASP A 40 0.66 3.02 13.57
C ASP A 40 1.91 3.13 14.51
N LYS A 41 3.06 2.68 14.00
CA LYS A 41 4.30 2.61 14.81
C LYS A 41 4.82 4.00 15.27
N TRP A 42 4.92 4.97 14.34
CA TRP A 42 5.43 6.36 14.67
C TRP A 42 4.34 7.24 15.30
N ALA A 43 3.05 7.03 15.02
CA ALA A 43 1.98 7.79 15.63
C ALA A 43 1.95 7.65 17.14
N SER A 44 2.01 6.39 17.61
CA SER A 44 1.88 6.12 19.04
C SER A 44 2.96 6.85 19.84
N LEU A 45 4.24 6.71 19.49
CA LEU A 45 5.29 7.46 20.20
C LEU A 45 5.06 8.95 19.94
N TRP A 46 4.65 9.33 18.73
CA TRP A 46 4.39 10.76 18.45
C TRP A 46 3.31 11.29 19.41
N ASN A 47 2.31 10.44 19.67
CA ASN A 47 1.18 10.77 20.55
C ASN A 47 1.65 10.98 22.01
N TRP A 48 2.62 10.18 22.51
CA TRP A 48 3.07 10.30 23.93
C TRP A 48 3.81 11.65 24.12
N PHE A 49 4.18 12.32 22.99
CA PHE A 49 4.98 13.60 23.03
C PHE A 49 4.05 14.82 23.08
N ASN A 50 2.73 14.60 23.12
CA ASN A 50 1.76 15.68 23.21
C ASN A 50 1.90 16.29 24.64
N ILE A 51 2.38 15.51 25.64
CA ILE A 51 2.49 16.07 27.01
C ILE A 51 3.36 17.35 26.97
N THR A 52 4.37 17.35 26.08
CA THR A 52 5.24 18.52 25.87
C THR A 52 4.47 19.59 25.08
N ASN A 53 3.49 19.17 24.24
CA ASN A 53 2.72 20.21 23.47
C ASN A 53 1.91 21.12 24.45
N TRP A 54 1.25 20.50 25.44
CA TRP A 54 0.37 21.23 26.37
C TRP A 54 1.22 22.14 27.28
N LEU A 55 2.42 21.66 27.54
CA LEU A 55 3.31 22.32 28.51
C LEU A 55 3.55 23.77 28.09
N TRP A 56 3.88 23.97 26.83
CA TRP A 56 4.12 25.33 26.32
C TRP A 56 2.85 26.19 26.47
N TYR A 57 1.71 25.56 26.19
CA TYR A 57 0.39 26.25 26.28
C TYR A 57 0.05 26.61 27.74
N ILE A 58 0.10 25.60 28.63
CA ILE A 58 -0.26 25.80 30.04
C ILE A 58 0.81 26.62 30.76
N LYS A 59 2.07 26.61 30.28
CA LYS A 59 3.16 27.42 30.89
C LYS A 59 4.18 27.76 29.79
N GLY B 1 -17.64 -31.02 -8.96
CA GLY B 1 -17.57 -30.95 -10.45
C GLY B 1 -16.25 -30.30 -10.87
N TYR B 2 -16.26 -28.95 -11.05
CA TYR B 2 -15.06 -28.19 -11.47
C TYR B 2 -14.39 -27.50 -10.25
N ILE B 3 -14.62 -26.18 -10.07
CA ILE B 3 -14.06 -25.43 -8.93
C ILE B 3 -14.88 -24.12 -8.72
N PRO B 4 -15.16 -23.35 -9.75
CA PRO B 4 -15.95 -22.08 -9.55
C PRO B 4 -17.34 -22.33 -8.94
N GLU B 5 -17.72 -21.40 -8.06
CA GLU B 5 -19.02 -21.39 -7.34
C GLU B 5 -19.91 -20.30 -7.93
N ALA B 6 -19.26 -19.37 -8.62
CA ALA B 6 -19.93 -18.20 -9.19
C ALA B 6 -20.50 -17.32 -8.04
N PRO B 7 -19.68 -16.83 -7.12
CA PRO B 7 -20.16 -15.96 -5.98
C PRO B 7 -20.12 -14.48 -6.38
N ARG B 8 -21.27 -13.77 -6.34
CA ARG B 8 -21.36 -12.34 -6.72
C ARG B 8 -21.92 -11.57 -5.51
N ASP B 9 -21.08 -10.74 -4.84
CA ASP B 9 -21.52 -9.92 -3.67
C ASP B 9 -20.85 -8.56 -3.73
N GLY B 10 -20.09 -8.34 -4.81
CA GLY B 10 -19.36 -7.05 -4.99
C GLY B 10 -18.08 -7.02 -4.19
N GLN B 11 -17.89 -8.07 -3.42
CA GLN B 11 -16.73 -8.22 -2.55
C GLN B 11 -15.47 -8.54 -3.39
N ALA B 12 -14.25 -8.13 -2.95
CA ALA B 12 -13.00 -8.43 -3.70
C ALA B 12 -12.15 -9.36 -2.85
N TYR B 13 -11.47 -10.32 -3.50
CA TYR B 13 -10.63 -11.32 -2.84
C TYR B 13 -9.43 -11.64 -3.70
N VAL B 14 -8.80 -12.76 -3.49
CA VAL B 14 -7.59 -13.19 -4.27
C VAL B 14 -7.55 -14.73 -4.27
N ARG B 15 -6.62 -15.42 -5.04
CA ARG B 15 -6.59 -16.94 -5.03
C ARG B 15 -5.49 -17.45 -4.03
N LYS B 16 -5.93 -18.15 -2.94
CA LYS B 16 -5.03 -18.75 -1.91
C LYS B 16 -5.61 -20.13 -1.55
N ASP B 17 -4.76 -21.18 -1.57
CA ASP B 17 -5.15 -22.57 -1.25
C ASP B 17 -6.57 -22.91 -1.76
N GLY B 18 -6.91 -22.47 -2.97
CA GLY B 18 -8.21 -22.81 -3.54
C GLY B 18 -9.38 -22.20 -2.77
N GLU B 19 -9.22 -21.00 -2.14
CA GLU B 19 -10.32 -20.34 -1.41
C GLU B 19 -10.25 -18.88 -1.77
N TRP B 20 -11.39 -18.25 -1.76
CA TRP B 20 -11.51 -16.84 -2.01
C TRP B 20 -11.21 -16.16 -0.70
N VAL B 21 -10.21 -15.27 -0.68
CA VAL B 21 -9.84 -14.53 0.57
C VAL B 21 -9.73 -13.02 0.21
N LEU B 22 -10.37 -12.22 1.05
CA LEU B 22 -10.46 -10.77 1.03
C LEU B 22 -9.05 -10.21 0.85
N LEU B 23 -8.81 -9.57 -0.27
CA LEU B 23 -7.51 -9.02 -0.58
C LEU B 23 -7.18 -7.97 0.50
N SER B 24 -8.22 -7.28 0.96
CA SER B 24 -8.06 -6.26 1.99
C SER B 24 -7.27 -6.75 3.22
N THR B 25 -7.31 -8.05 3.57
CA THR B 25 -6.52 -8.55 4.71
C THR B 25 -5.04 -8.45 4.40
N PHE B 26 -4.70 -8.54 3.10
CA PHE B 26 -3.29 -8.46 2.61
C PHE B 26 -2.99 -7.01 2.19
N LEU B 27 -4.03 -6.20 1.80
CA LEU B 27 -3.83 -4.76 1.46
C LEU B 27 -3.61 -4.01 2.81
N GLY B 28 -4.39 -4.48 3.84
CA GLY B 28 -4.41 -3.90 5.21
C GLY B 28 -5.60 -2.96 5.43
N SER B 29 -6.77 -3.34 4.89
CA SER B 29 -8.01 -2.57 5.02
C SER B 29 -7.80 -1.06 4.87
N SER B 30 -8.68 -0.28 5.52
CA SER B 30 -8.70 1.17 5.42
C SER B 30 -8.94 1.54 3.97
N GLY B 31 -9.28 0.51 3.19
CA GLY B 31 -9.42 0.64 1.77
C GLY B 31 -8.04 0.83 1.18
N ASN B 32 -7.00 0.91 2.11
CA ASN B 32 -5.65 1.34 1.79
C ASN B 32 -5.79 2.81 1.50
N GLU B 33 -7.06 3.36 1.68
CA GLU B 33 -7.38 4.72 1.43
C GLU B 33 -6.57 5.53 2.32
N GLN B 34 -6.17 4.97 3.45
CA GLN B 34 -5.32 5.76 4.35
C GLN B 34 -3.95 5.97 3.70
N GLU B 35 -3.24 4.87 3.50
CA GLU B 35 -1.82 4.93 3.09
C GLU B 35 -1.58 5.52 1.70
N LEU B 36 -2.49 5.31 0.75
CA LEU B 36 -2.41 5.97 -0.59
C LEU B 36 -2.82 7.47 -0.52
N LEU B 37 -3.91 7.85 0.27
CA LEU B 37 -4.42 9.29 0.35
C LEU B 37 -3.76 10.09 1.46
N GLU B 38 -2.94 9.53 2.36
CA GLU B 38 -2.31 10.33 3.40
C GLU B 38 -1.30 11.22 2.73
N LEU B 39 -0.52 10.68 1.78
CA LEU B 39 0.58 11.44 1.16
C LEU B 39 0.02 12.78 0.60
N ASP B 40 -1.13 12.66 0.00
CA ASP B 40 -1.86 13.79 -0.55
C ASP B 40 -2.33 14.77 0.58
N LYS B 41 -2.84 14.21 1.67
CA LYS B 41 -3.43 15.01 2.76
C LYS B 41 -2.42 15.96 3.47
N TRP B 42 -1.25 15.42 3.87
CA TRP B 42 -0.19 16.26 4.57
C TRP B 42 0.66 17.09 3.59
N ALA B 43 0.83 16.68 2.33
CA ALA B 43 1.57 17.45 1.35
C ALA B 43 0.94 18.82 1.10
N SER B 44 -0.38 18.82 0.87
CA SER B 44 -1.07 20.05 0.52
C SER B 44 -0.90 21.13 1.59
N LEU B 45 -1.20 20.81 2.85
CA LEU B 45 -0.96 21.81 3.93
C LEU B 45 0.53 22.08 4.02
N TRP B 46 1.37 21.05 3.84
CA TRP B 46 2.83 21.28 3.89
C TRP B 46 3.23 22.30 2.81
N ASN B 47 2.59 22.17 1.64
CA ASN B 47 2.85 23.04 0.49
C ASN B 47 2.45 24.52 0.80
N TRP B 48 1.34 24.76 1.53
CA TRP B 48 0.90 26.16 1.81
C TRP B 48 1.92 26.84 2.75
N PHE B 49 2.81 26.05 3.39
CA PHE B 49 3.80 26.58 4.39
C PHE B 49 5.11 27.00 3.71
N ASN B 50 5.19 26.87 2.37
CA ASN B 50 6.36 27.29 1.63
C ASN B 50 6.42 28.84 1.68
N ILE B 51 5.26 29.54 1.88
CA ILE B 51 5.31 31.02 1.91
C ILE B 51 6.30 31.48 3.01
N THR B 52 6.37 30.71 4.09
CA THR B 52 7.32 30.97 5.19
C THR B 52 8.73 30.55 4.75
N ASN B 53 8.84 29.57 3.82
CA ASN B 53 10.22 29.17 3.36
C ASN B 53 10.91 30.35 2.61
N TRP B 54 10.16 31.03 1.74
CA TRP B 54 10.71 32.10 0.88
C TRP B 54 11.06 33.32 1.77
N LEU B 55 10.27 33.47 2.81
CA LEU B 55 10.37 34.65 3.67
C LEU B 55 11.78 34.78 4.24
N TRP B 56 12.31 33.69 4.75
CA TRP B 56 13.67 33.70 5.30
C TRP B 56 14.70 34.07 4.22
N TYR B 57 14.46 33.52 3.02
CA TYR B 57 15.35 33.77 1.86
C TYR B 57 15.27 35.24 1.39
N ILE B 58 14.05 35.73 1.14
CA ILE B 58 13.85 37.10 0.64
C ILE B 58 14.13 38.11 1.74
N LYS B 59 13.99 37.73 3.03
CA LYS B 59 14.30 38.65 4.17
C LYS B 59 14.75 37.80 5.36
N GLY C 1 -21.70 -20.23 -21.76
CA GLY C 1 -21.15 -21.59 -21.48
C GLY C 1 -20.71 -21.69 -20.03
N TYR C 2 -19.41 -21.39 -19.77
CA TYR C 2 -18.83 -21.44 -18.40
C TYR C 2 -18.74 -20.03 -17.78
N ILE C 3 -17.53 -19.41 -17.78
CA ILE C 3 -17.34 -18.05 -17.24
C ILE C 3 -16.04 -17.44 -17.83
N PRO C 4 -14.92 -18.14 -17.82
CA PRO C 4 -13.66 -17.58 -18.38
C PRO C 4 -13.78 -17.16 -19.86
N GLU C 5 -13.13 -16.04 -20.19
CA GLU C 5 -13.08 -15.44 -21.53
C GLU C 5 -11.67 -15.66 -22.12
N ALA C 6 -10.75 -15.95 -21.23
CA ALA C 6 -9.34 -16.11 -21.59
C ALA C 6 -8.78 -14.76 -22.14
N PRO C 7 -8.82 -13.67 -21.35
CA PRO C 7 -8.28 -12.33 -21.81
C PRO C 7 -6.80 -12.19 -21.44
N ARG C 8 -5.91 -11.98 -22.45
CA ARG C 8 -4.45 -11.84 -22.22
C ARG C 8 -4.02 -10.47 -22.77
N ASP C 9 -3.66 -9.50 -21.90
CA ASP C 9 -3.20 -8.15 -22.33
C ASP C 9 -2.08 -7.69 -21.41
N GLY C 10 -1.69 -8.57 -20.48
CA GLY C 10 -0.59 -8.26 -19.52
C GLY C 10 -1.12 -7.43 -18.36
N GLN C 11 -2.37 -7.07 -18.47
CA GLN C 11 -3.05 -6.24 -17.48
C GLN C 11 -3.34 -7.05 -16.21
N ALA C 12 -3.37 -6.44 -15.00
CA ALA C 12 -3.67 -7.17 -13.74
C ALA C 12 -4.99 -6.64 -13.20
N TYR C 13 -5.82 -7.55 -12.63
CA TYR C 13 -7.13 -7.23 -12.08
C TYR C 13 -7.40 -8.09 -10.85
N VAL C 14 -8.65 -8.23 -10.48
CA VAL C 14 -9.04 -9.04 -9.28
C VAL C 14 -10.47 -9.58 -9.52
N ARG C 15 -11.06 -10.49 -8.64
CA ARG C 15 -12.46 -11.01 -8.90
C ARG C 15 -13.49 -10.18 -8.05
N LYS C 16 -14.40 -9.44 -8.75
CA LYS C 16 -15.49 -8.64 -8.12
C LYS C 16 -16.76 -8.81 -8.98
N ASP C 17 -17.88 -9.15 -8.34
CA ASP C 17 -19.20 -9.35 -9.03
C ASP C 17 -19.03 -10.02 -10.41
N GLY C 18 -18.14 -11.02 -10.50
CA GLY C 18 -17.98 -11.75 -11.76
C GLY C 18 -17.42 -10.89 -12.88
N GLU C 19 -16.56 -9.88 -12.58
CA GLU C 19 -15.96 -9.03 -13.63
C GLU C 19 -14.50 -8.84 -13.24
N TRP C 20 -13.69 -8.68 -14.25
CA TRP C 20 -12.28 -8.44 -14.07
C TRP C 20 -12.16 -6.95 -13.82
N VAL C 21 -11.55 -6.55 -12.68
CA VAL C 21 -11.37 -5.10 -12.34
C VAL C 21 -9.89 -4.91 -11.90
N LEU C 22 -9.29 -3.89 -12.50
CA LEU C 22 -7.94 -3.42 -12.31
C LEU C 22 -7.68 -3.31 -10.81
N LEU C 23 -6.76 -4.11 -10.32
CA LEU C 23 -6.45 -4.13 -8.90
C LEU C 23 -5.91 -2.74 -8.53
N SER C 24 -5.19 -2.13 -9.47
CA SER C 24 -4.63 -0.79 -9.27
C SER C 24 -5.66 0.22 -8.74
N THR C 25 -6.96 0.10 -9.06
CA THR C 25 -7.96 1.04 -8.53
C THR C 25 -8.10 0.87 -7.03
N PHE C 26 -7.83 -0.37 -6.55
CA PHE C 26 -7.89 -0.72 -5.11
C PHE C 26 -6.49 -0.58 -4.49
N LEU C 27 -5.40 -0.72 -5.30
CA LEU C 27 -4.00 -0.54 -4.80
C LEU C 27 -3.80 1.00 -4.62
N GLY C 28 -4.40 1.77 -5.60
CA GLY C 28 -4.32 3.25 -5.68
C GLY C 28 -3.26 3.71 -6.70
N SER C 29 -3.18 3.01 -7.83
CA SER C 29 -2.25 3.33 -8.92
C SER C 29 -0.85 3.73 -8.43
N SER C 30 -0.16 4.56 -9.22
CA SER C 30 1.21 4.96 -8.97
C SER C 30 2.07 3.72 -8.93
N GLY C 31 1.47 2.61 -9.35
CA GLY C 31 2.07 1.32 -9.28
C GLY C 31 2.15 0.92 -7.82
N ASN C 32 1.69 1.87 -6.92
CA ASN C 32 1.89 1.80 -5.48
C ASN C 32 3.37 2.04 -5.31
N GLU C 33 4.10 2.33 -6.46
CA GLU C 33 5.50 2.55 -6.50
C GLU C 33 5.77 3.71 -5.67
N GLN C 34 4.80 4.59 -5.53
CA GLN C 34 5.04 5.76 -4.67
C GLN C 34 5.14 5.31 -3.22
N GLU C 35 4.05 4.78 -2.71
CA GLU C 35 3.93 4.50 -1.25
C GLU C 35 4.88 3.42 -0.73
N LEU C 36 5.19 2.40 -1.54
CA LEU C 36 6.23 1.38 -1.17
C LEU C 36 7.67 1.95 -1.30
N LEU C 37 7.99 2.75 -2.39
CA LEU C 37 9.39 3.30 -2.63
C LEU C 37 9.65 4.66 -1.98
N GLU C 38 8.63 5.36 -1.40
CA GLU C 38 8.90 6.64 -0.78
C GLU C 38 9.72 6.39 0.46
N LEU C 39 9.35 5.35 1.24
CA LEU C 39 10.03 5.10 2.53
C LEU C 39 11.55 5.01 2.30
N ASP C 40 11.89 4.34 1.24
CA ASP C 40 13.26 4.18 0.81
C ASP C 40 13.92 5.54 0.39
N LYS C 41 13.14 6.34 -0.35
CA LYS C 41 13.65 7.61 -0.91
C LYS C 41 14.07 8.66 0.15
N TRP C 42 13.19 8.91 1.14
CA TRP C 42 13.49 9.92 2.23
C TRP C 42 14.40 9.35 3.34
N ALA C 43 14.40 8.03 3.59
CA ALA C 43 15.27 7.43 4.58
C ALA C 43 16.74 7.64 4.26
N SER C 44 17.10 7.34 3.00
CA SER C 44 18.50 7.39 2.60
C SER C 44 19.11 8.79 2.82
N LEU C 45 18.46 9.85 2.31
CA LEU C 45 18.97 11.21 2.58
C LEU C 45 18.86 11.48 4.09
N TRP C 46 17.80 11.00 4.73
CA TRP C 46 17.67 11.21 6.19
C TRP C 46 18.88 10.58 6.90
N ASN C 47 19.28 9.41 6.41
CA ASN C 47 20.41 8.65 6.98
C ASN C 47 21.75 9.43 6.83
N TRP C 48 21.97 10.14 5.70
CA TRP C 48 23.25 10.86 5.48
C TRP C 48 23.36 12.03 6.47
N PHE C 49 22.23 12.40 7.13
CA PHE C 49 22.16 13.60 8.06
C PHE C 49 22.49 13.17 9.49
N ASN C 50 22.80 11.89 9.72
CA ASN C 50 23.17 11.40 11.03
C ASN C 50 24.56 11.99 11.37
N ILE C 51 25.39 12.35 10.35
CA ILE C 51 26.73 12.91 10.66
C ILE C 51 26.58 14.14 11.57
N THR C 52 25.49 14.90 11.35
CA THR C 52 25.17 16.07 12.19
C THR C 52 24.63 15.60 13.55
N ASN C 53 24.01 14.38 13.60
CA ASN C 53 23.49 13.90 14.92
C ASN C 53 24.67 13.65 15.90
N TRP C 54 25.75 13.02 15.42
CA TRP C 54 26.88 12.63 16.26
C TRP C 54 27.64 13.91 16.71
N LEU C 55 27.61 14.89 15.83
CA LEU C 55 28.39 16.11 16.04
C LEU C 55 28.01 16.76 17.36
N TRP C 56 26.72 16.89 17.61
CA TRP C 56 26.26 17.49 18.87
C TRP C 56 26.73 16.66 20.08
N TYR C 57 26.67 15.33 19.90
CA TYR C 57 27.09 14.39 20.96
C TYR C 57 28.61 14.47 21.21
N ILE C 58 29.41 14.32 20.15
CA ILE C 58 30.87 14.33 20.27
C ILE C 58 31.39 15.73 20.60
N LYS C 59 30.64 16.79 20.22
CA LYS C 59 31.05 18.20 20.54
C LYS C 59 29.77 19.04 20.66
N GLY A 1 -6.83 -28.07 -23.10
CA GLY A 1 -7.89 -28.02 -22.04
C GLY A 1 -8.62 -26.68 -22.10
N TYR A 2 -9.59 -26.49 -21.20
CA TYR A 2 -10.35 -25.23 -21.21
C TYR A 2 -9.38 -24.05 -20.96
N ILE A 3 -8.95 -23.88 -19.67
CA ILE A 3 -7.97 -22.82 -19.27
C ILE A 3 -7.21 -23.28 -17.98
N PRO A 4 -7.89 -23.79 -16.96
CA PRO A 4 -7.24 -24.23 -15.67
C PRO A 4 -6.22 -25.38 -15.84
N GLU A 5 -5.15 -25.35 -15.02
CA GLU A 5 -4.05 -26.37 -15.03
C GLU A 5 -3.96 -27.10 -13.68
N ALA A 6 -4.56 -26.50 -12.64
CA ALA A 6 -4.54 -27.05 -11.26
C ALA A 6 -3.21 -26.64 -10.57
N PRO A 7 -2.84 -25.36 -10.64
CA PRO A 7 -1.54 -24.83 -10.03
C PRO A 7 -1.53 -24.73 -8.47
N ARG A 8 -0.72 -25.59 -7.80
CA ARG A 8 -0.58 -25.61 -6.32
C ARG A 8 0.89 -25.31 -5.98
N ASP A 9 1.17 -24.16 -5.31
CA ASP A 9 2.55 -23.76 -4.93
C ASP A 9 2.46 -22.98 -3.61
N GLY A 10 1.22 -22.64 -3.27
CA GLY A 10 0.93 -21.91 -2.00
C GLY A 10 1.21 -20.41 -2.09
N GLN A 11 1.52 -19.86 -3.30
CA GLN A 11 1.78 -18.39 -3.49
C GLN A 11 0.49 -17.72 -3.95
N ALA A 12 0.43 -16.35 -3.93
CA ALA A 12 -0.78 -15.57 -4.36
C ALA A 12 -0.49 -14.96 -5.73
N TYR A 13 -1.52 -14.85 -6.64
CA TYR A 13 -1.33 -14.28 -7.98
C TYR A 13 -2.59 -13.57 -8.46
N VAL A 14 -2.73 -13.30 -9.74
CA VAL A 14 -3.94 -12.55 -10.28
C VAL A 14 -4.21 -13.00 -11.70
N ARG A 15 -5.42 -12.70 -12.30
CA ARG A 15 -5.65 -13.07 -13.73
C ARG A 15 -5.27 -11.86 -14.60
N LYS A 16 -4.30 -12.09 -15.50
CA LYS A 16 -3.74 -11.09 -16.45
C LYS A 16 -3.63 -11.85 -17.78
N ASP A 17 -4.25 -11.34 -18.89
CA ASP A 17 -4.24 -12.00 -20.22
C ASP A 17 -4.18 -13.53 -20.14
N GLY A 18 -5.10 -14.11 -19.36
CA GLY A 18 -5.16 -15.56 -19.21
C GLY A 18 -3.86 -16.13 -18.66
N GLU A 19 -3.18 -15.46 -17.68
CA GLU A 19 -1.93 -15.95 -17.15
C GLU A 19 -1.99 -15.62 -15.69
N TRP A 20 -1.49 -16.49 -14.83
CA TRP A 20 -1.56 -16.25 -13.37
C TRP A 20 -0.33 -15.37 -13.14
N VAL A 21 -0.43 -14.25 -12.40
CA VAL A 21 0.74 -13.33 -12.18
C VAL A 21 0.78 -12.92 -10.69
N LEU A 22 1.96 -12.94 -10.11
CA LEU A 22 2.18 -12.63 -8.73
C LEU A 22 1.69 -11.21 -8.38
N LEU A 23 0.87 -11.16 -7.35
CA LEU A 23 0.39 -9.88 -6.80
C LEU A 23 1.61 -9.08 -6.36
N SER A 24 2.57 -9.74 -5.75
CA SER A 24 3.73 -9.04 -5.18
C SER A 24 4.33 -7.97 -6.11
N THR A 25 4.33 -8.19 -7.41
CA THR A 25 4.83 -7.16 -8.34
C THR A 25 3.89 -5.96 -8.36
N PHE A 26 2.59 -6.24 -8.16
CA PHE A 26 1.56 -5.17 -8.09
C PHE A 26 1.62 -4.41 -6.77
N LEU A 27 1.89 -5.07 -5.62
CA LEU A 27 1.99 -4.32 -4.34
C LEU A 27 3.34 -3.59 -4.27
N GLY A 28 4.44 -4.35 -4.52
CA GLY A 28 5.82 -3.82 -4.51
C GLY A 28 6.45 -3.97 -3.12
N SER A 29 5.67 -4.49 -2.16
CA SER A 29 6.13 -4.62 -0.76
C SER A 29 5.32 -5.67 -0.03
N SER A 30 5.64 -5.81 1.26
CA SER A 30 4.94 -6.76 2.13
C SER A 30 3.59 -6.21 2.49
N GLY A 31 2.91 -5.61 1.49
CA GLY A 31 1.59 -4.97 1.67
C GLY A 31 1.77 -3.60 2.24
N ASN A 32 3.06 -3.28 2.43
CA ASN A 32 3.49 -2.10 3.14
C ASN A 32 2.90 -2.23 4.56
N GLU A 33 2.88 -3.53 4.94
CA GLU A 33 2.47 -3.97 6.27
C GLU A 33 3.45 -3.32 7.26
N GLN A 34 4.53 -2.85 6.67
CA GLN A 34 5.56 -2.15 7.38
C GLN A 34 5.00 -0.77 7.85
N GLU A 35 4.64 0.11 6.89
CA GLU A 35 4.15 1.51 7.20
C GLU A 35 2.76 1.60 7.90
N LEU A 36 1.79 0.90 7.36
CA LEU A 36 0.39 1.08 7.84
C LEU A 36 0.33 0.67 9.30
N LEU A 37 1.02 -0.40 9.62
CA LEU A 37 1.11 -0.85 10.99
C LEU A 37 1.83 0.21 11.86
N GLU A 38 2.94 0.79 11.34
CA GLU A 38 3.75 1.77 12.08
C GLU A 38 3.02 3.11 12.23
N LEU A 39 2.33 3.58 11.19
CA LEU A 39 1.71 4.93 11.23
C LEU A 39 0.81 5.05 12.44
N ASP A 40 0.07 4.00 12.72
CA ASP A 40 -0.80 3.97 13.88
C ASP A 40 -0.02 4.35 15.17
N LYS A 41 1.20 3.81 15.30
CA LYS A 41 2.07 4.09 16.44
C LYS A 41 2.51 5.57 16.51
N TRP A 42 2.87 6.16 15.34
CA TRP A 42 3.45 7.52 15.32
C TRP A 42 2.48 8.50 15.94
N ALA A 43 1.20 8.31 15.64
CA ALA A 43 0.14 9.14 16.17
C ALA A 43 0.15 9.10 17.67
N SER A 44 0.24 7.88 18.21
CA SER A 44 0.25 7.70 19.65
C SER A 44 1.43 8.44 20.28
N LEU A 45 2.60 8.37 19.65
CA LEU A 45 3.77 9.09 20.16
C LEU A 45 3.47 10.59 20.09
N TRP A 46 2.84 11.01 19.02
CA TRP A 46 2.48 12.42 18.82
C TRP A 46 1.39 12.89 19.81
N ASN A 47 0.38 12.03 20.06
CA ASN A 47 -0.80 12.39 20.91
C ASN A 47 -0.46 12.67 22.40
N TRP A 48 0.42 11.88 23.08
CA TRP A 48 0.74 12.17 24.51
C TRP A 48 1.70 13.38 24.52
N PHE A 49 2.22 13.76 23.33
CA PHE A 49 3.17 14.89 23.19
C PHE A 49 2.36 16.22 23.28
N ASN A 50 1.02 16.13 23.36
CA ASN A 50 0.15 17.28 23.49
C ASN A 50 0.37 17.79 24.92
N ILE A 51 0.98 16.96 25.79
CA ILE A 51 1.25 17.39 27.17
C ILE A 51 2.15 18.63 27.13
N THR A 52 3.14 18.60 26.24
CA THR A 52 4.02 19.75 26.02
C THR A 52 3.25 20.86 25.31
N ASN A 53 2.20 20.48 24.53
CA ASN A 53 1.40 21.52 23.82
C ASN A 53 0.63 22.39 24.86
N TRP A 54 0.04 21.73 25.87
CA TRP A 54 -0.83 22.41 26.86
C TRP A 54 0.04 23.34 27.75
N LEU A 55 1.28 22.88 27.99
CA LEU A 55 2.25 23.61 28.85
C LEU A 55 2.26 25.12 28.49
N TRP A 56 2.40 25.39 27.21
CA TRP A 56 2.41 26.79 26.70
C TRP A 56 1.08 27.51 27.00
N TYR A 57 -0.02 26.78 26.79
CA TYR A 57 -1.37 27.33 26.97
C TYR A 57 -1.64 27.65 28.46
N ILE A 58 -1.48 26.63 29.31
CA ILE A 58 -1.76 26.78 30.76
C ILE A 58 -0.73 27.69 31.42
N LYS A 59 0.55 27.66 30.99
CA LYS A 59 1.59 28.52 31.59
C LYS A 59 2.74 28.67 30.59
N GLY B 1 -16.69 -31.80 -8.84
CA GLY B 1 -16.77 -30.85 -9.99
C GLY B 1 -15.36 -30.48 -10.46
N TYR B 2 -15.25 -29.64 -11.49
CA TYR B 2 -13.93 -29.24 -12.00
C TYR B 2 -13.15 -28.55 -10.86
N ILE B 3 -13.50 -27.26 -10.58
CA ILE B 3 -12.89 -26.45 -9.48
C ILE B 3 -13.89 -25.36 -8.99
N PRO B 4 -14.55 -24.62 -9.88
CA PRO B 4 -15.51 -23.52 -9.49
C PRO B 4 -16.74 -24.04 -8.69
N GLU B 5 -17.21 -23.20 -7.74
CA GLU B 5 -18.39 -23.50 -6.85
C GLU B 5 -19.53 -22.47 -7.08
N ALA B 6 -19.19 -21.33 -7.70
CA ALA B 6 -20.15 -20.24 -7.96
C ALA B 6 -20.28 -19.38 -6.67
N PRO B 7 -19.17 -18.97 -6.07
CA PRO B 7 -19.16 -18.13 -4.78
C PRO B 7 -19.59 -16.64 -4.96
N ARG B 8 -20.78 -16.26 -4.41
CA ARG B 8 -21.31 -14.88 -4.47
C ARG B 8 -21.48 -14.38 -3.03
N ASP B 9 -20.70 -13.33 -2.64
CA ASP B 9 -20.75 -12.75 -1.27
C ASP B 9 -20.46 -11.25 -1.39
N GLY B 10 -20.00 -10.88 -2.57
CA GLY B 10 -19.68 -9.47 -2.89
C GLY B 10 -18.32 -9.00 -2.33
N GLN B 11 -17.49 -9.92 -1.77
CA GLN B 11 -16.14 -9.58 -1.21
C GLN B 11 -15.07 -9.84 -2.29
N ALA B 12 -13.82 -9.35 -2.09
CA ALA B 12 -12.70 -9.56 -3.07
C ALA B 12 -11.74 -10.60 -2.51
N TYR B 13 -11.13 -11.48 -3.36
CA TYR B 13 -10.19 -12.52 -2.89
C TYR B 13 -9.11 -12.80 -3.94
N VAL B 14 -8.42 -13.90 -3.86
CA VAL B 14 -7.29 -14.22 -4.82
C VAL B 14 -7.17 -15.73 -4.98
N ARG B 15 -6.44 -16.24 -6.04
CA ARG B 15 -6.25 -17.73 -6.14
C ARG B 15 -4.94 -18.10 -5.43
N LYS B 16 -5.07 -18.96 -4.41
CA LYS B 16 -3.96 -19.47 -3.56
C LYS B 16 -4.24 -20.97 -3.42
N ASP B 17 -3.27 -21.86 -3.78
CA ASP B 17 -3.44 -23.35 -3.71
C ASP B 17 -4.89 -23.80 -3.96
N GLY B 18 -5.48 -23.33 -5.06
CA GLY B 18 -6.84 -23.69 -5.41
C GLY B 18 -7.83 -23.31 -4.31
N GLU B 19 -7.69 -22.12 -3.66
CA GLU B 19 -8.58 -21.71 -2.59
C GLU B 19 -8.75 -20.24 -2.79
N TRP B 20 -9.94 -19.71 -2.58
CA TRP B 20 -10.19 -18.27 -2.79
C TRP B 20 -9.71 -17.67 -1.45
N VAL B 21 -8.91 -16.59 -1.46
CA VAL B 21 -8.40 -16.00 -0.16
C VAL B 21 -8.52 -14.46 -0.24
N LEU B 22 -8.98 -13.86 0.82
CA LEU B 22 -9.20 -12.43 0.93
C LEU B 22 -7.91 -11.65 0.66
N LEU B 23 -8.03 -10.71 -0.26
CA LEU B 23 -6.92 -9.79 -0.57
C LEU B 23 -6.59 -9.01 0.71
N SER B 24 -7.61 -8.61 1.45
CA SER B 24 -7.41 -7.78 2.64
C SER B 24 -6.26 -8.23 3.54
N THR B 25 -6.03 -9.54 3.67
CA THR B 25 -4.89 -10.02 4.46
C THR B 25 -3.56 -9.67 3.77
N PHE B 26 -3.60 -9.65 2.43
CA PHE B 26 -2.42 -9.28 1.61
C PHE B 26 -2.17 -7.77 1.64
N LEU B 27 -3.22 -6.91 1.63
CA LEU B 27 -2.98 -5.44 1.70
C LEU B 27 -2.63 -5.05 3.15
N GLY B 28 -3.48 -5.49 4.10
CA GLY B 28 -3.30 -5.20 5.54
C GLY B 28 -4.03 -3.93 5.95
N SER B 29 -4.65 -3.24 4.98
CA SER B 29 -5.33 -1.96 5.21
C SER B 29 -6.35 -1.68 4.14
N SER B 30 -6.99 -0.51 4.24
CA SER B 30 -7.99 -0.07 3.28
C SER B 30 -7.31 0.37 2.02
N GLY B 31 -6.28 -0.39 1.59
CA GLY B 31 -5.46 -0.07 0.41
C GLY B 31 -4.43 0.95 0.77
N ASN B 32 -4.49 1.31 2.05
CA ASN B 32 -3.72 2.41 2.59
C ASN B 32 -4.18 3.66 1.81
N GLU B 33 -5.49 3.56 1.50
CA GLU B 33 -6.25 4.63 0.85
C GLU B 33 -6.19 5.83 1.80
N GLN B 34 -5.81 5.52 3.01
CA GLN B 34 -5.61 6.48 4.05
C GLN B 34 -4.38 7.37 3.69
N GLU B 35 -3.18 6.76 3.63
CA GLU B 35 -1.89 7.51 3.38
C GLU B 35 -1.73 8.12 1.96
N LEU B 36 -1.99 7.30 0.94
CA LEU B 36 -1.68 7.73 -0.45
C LEU B 36 -2.52 8.95 -0.77
N LEU B 37 -3.75 8.92 -0.33
CA LEU B 37 -4.64 10.05 -0.51
C LEU B 37 -4.10 11.28 0.27
N GLU B 38 -3.64 11.05 1.53
CA GLU B 38 -3.17 12.14 2.39
C GLU B 38 -1.83 12.71 1.91
N LEU B 39 -0.89 11.86 1.47
CA LEU B 39 0.46 12.32 1.10
C LEU B 39 0.38 13.45 0.10
N ASP B 40 -0.51 13.30 -0.86
CA ASP B 40 -0.75 14.33 -1.85
C ASP B 40 -1.00 15.71 -1.20
N LYS B 41 -1.79 15.71 -0.13
CA LYS B 41 -2.11 16.94 0.63
C LYS B 41 -0.86 17.54 1.32
N TRP B 42 -0.02 16.67 1.93
CA TRP B 42 1.11 17.16 2.75
C TRP B 42 2.01 18.03 1.90
N ALA B 43 2.22 17.59 0.67
CA ALA B 43 3.05 18.34 -0.28
C ALA B 43 2.51 19.72 -0.48
N SER B 44 1.20 19.81 -0.68
CA SER B 44 0.55 21.08 -0.90
C SER B 44 0.76 22.00 0.30
N LEU B 45 0.65 21.46 1.52
CA LEU B 45 0.90 22.25 2.72
C LEU B 45 2.36 22.70 2.71
N TRP B 46 3.24 21.80 2.32
CA TRP B 46 4.67 22.08 2.26
C TRP B 46 5.02 23.12 1.16
N ASN B 47 4.37 22.99 -0.02
CA ASN B 47 4.67 23.83 -1.22
C ASN B 47 4.35 25.35 -1.04
N TRP B 48 3.23 25.76 -0.41
CA TRP B 48 2.96 27.22 -0.23
C TRP B 48 3.86 27.71 0.93
N PHE B 49 4.48 26.76 1.66
CA PHE B 49 5.36 27.09 2.81
C PHE B 49 6.72 27.59 2.26
N ASN B 50 6.90 27.54 0.92
CA ASN B 50 8.10 28.01 0.27
C ASN B 50 8.05 29.55 0.40
N ILE B 51 6.88 30.10 0.72
CA ILE B 51 6.76 31.56 0.88
C ILE B 51 7.72 32.01 1.99
N THR B 52 7.77 31.22 3.06
CA THR B 52 8.70 31.48 4.17
C THR B 52 10.12 31.14 3.71
N ASN B 53 10.27 30.23 2.72
CA ASN B 53 11.63 29.88 2.23
C ASN B 53 12.25 31.11 1.50
N TRP B 54 11.45 31.78 0.68
CA TRP B 54 11.92 32.90 -0.17
C TRP B 54 12.30 34.11 0.73
N LEU B 55 11.53 34.24 1.82
CA LEU B 55 11.71 35.37 2.79
C LEU B 55 13.21 35.55 3.13
N TRP B 56 13.85 34.45 3.47
CA TRP B 56 15.29 34.47 3.80
C TRP B 56 16.15 34.92 2.61
N TYR B 57 15.78 34.41 1.44
CA TYR B 57 16.53 34.69 0.19
C TYR B 57 16.40 36.17 -0.21
N ILE B 58 15.14 36.63 -0.35
CA ILE B 58 14.86 38.02 -0.77
C ILE B 58 15.26 39.02 0.31
N LYS B 59 15.09 38.67 1.60
CA LYS B 59 15.46 39.60 2.69
C LYS B 59 15.67 38.79 3.98
N GLY C 1 -22.65 -20.35 -20.99
CA GLY C 1 -21.38 -21.11 -20.74
C GLY C 1 -21.21 -21.32 -19.24
N TYR C 2 -20.11 -21.98 -18.84
CA TYR C 2 -19.87 -22.24 -17.42
C TYR C 2 -19.77 -20.89 -16.68
N ILE C 3 -18.61 -20.20 -16.82
CA ILE C 3 -18.36 -18.86 -16.21
C ILE C 3 -17.30 -18.07 -17.05
N PRO C 4 -16.19 -18.70 -17.44
CA PRO C 4 -15.09 -18.00 -18.23
C PRO C 4 -15.56 -17.50 -19.62
N GLU C 5 -14.99 -16.35 -20.05
CA GLU C 5 -15.30 -15.69 -21.36
C GLU C 5 -14.04 -15.62 -22.26
N ALA C 6 -12.87 -15.78 -21.64
CA ALA C 6 -11.57 -15.70 -22.33
C ALA C 6 -11.16 -14.20 -22.48
N PRO C 7 -11.23 -13.42 -21.39
CA PRO C 7 -10.88 -11.93 -21.41
C PRO C 7 -9.37 -11.60 -21.51
N ARG C 8 -8.94 -11.03 -22.67
CA ARG C 8 -7.53 -10.63 -22.93
C ARG C 8 -7.50 -9.11 -23.19
N ASP C 9 -6.85 -8.34 -22.29
CA ASP C 9 -6.75 -6.85 -22.41
C ASP C 9 -5.40 -6.43 -21.83
N GLY C 10 -4.77 -7.38 -21.16
CA GLY C 10 -3.44 -7.16 -20.54
C GLY C 10 -3.49 -6.40 -19.20
N GLN C 11 -4.71 -6.15 -18.64
CA GLN C 11 -4.86 -5.42 -17.33
C GLN C 11 -4.98 -6.46 -16.21
N ALA C 12 -4.89 -6.04 -14.92
CA ALA C 12 -5.00 -6.96 -13.74
C ALA C 12 -6.35 -6.74 -13.07
N TYR C 13 -7.01 -7.80 -12.53
CA TYR C 13 -8.32 -7.68 -11.86
C TYR C 13 -8.47 -8.69 -10.73
N VAL C 14 -9.66 -8.95 -10.27
CA VAL C 14 -9.89 -9.90 -9.10
C VAL C 14 -11.24 -10.58 -9.24
N ARG C 15 -11.53 -11.69 -8.49
CA ARG C 15 -12.89 -12.30 -8.57
C ARG C 15 -13.76 -11.68 -7.45
N LYS C 16 -14.87 -11.03 -7.88
CA LYS C 16 -15.85 -10.36 -7.01
C LYS C 16 -17.22 -10.76 -7.57
N ASP C 17 -18.13 -11.36 -6.74
CA ASP C 17 -19.48 -11.83 -7.20
C ASP C 17 -19.50 -12.29 -8.66
N GLY C 18 -18.57 -13.20 -8.99
CA GLY C 18 -18.49 -13.72 -10.34
C GLY C 18 -18.28 -12.62 -11.38
N GLU C 19 -17.45 -11.60 -11.11
CA GLU C 19 -17.22 -10.50 -12.05
C GLU C 19 -15.76 -10.19 -11.91
N TRP C 20 -15.08 -9.87 -13.00
CA TRP C 20 -13.64 -9.58 -12.94
C TRP C 20 -13.63 -8.10 -12.55
N VAL C 21 -12.82 -7.68 -11.56
CA VAL C 21 -12.80 -6.23 -11.13
C VAL C 21 -11.34 -5.77 -10.95
N LEU C 22 -11.04 -4.59 -11.43
CA LEU C 22 -9.73 -4.01 -11.38
C LEU C 22 -9.19 -3.91 -9.95
N LEU C 23 -8.00 -4.46 -9.77
CA LEU C 23 -7.29 -4.36 -8.48
C LEU C 23 -7.07 -2.86 -8.18
N SER C 24 -6.73 -2.09 -9.20
CA SER C 24 -6.40 -0.69 -9.00
C SER C 24 -7.36 0.07 -8.09
N THR C 25 -8.65 -0.25 -8.12
CA THR C 25 -9.60 0.38 -7.20
C THR C 25 -9.35 -0.06 -5.76
N PHE C 26 -8.88 -1.31 -5.61
CA PHE C 26 -8.52 -1.88 -4.29
C PHE C 26 -7.20 -1.30 -3.77
N LEU C 27 -6.18 -1.08 -4.62
CA LEU C 27 -4.91 -0.49 -4.13
C LEU C 27 -5.10 1.03 -3.90
N GLY C 28 -5.63 1.72 -4.93
CA GLY C 28 -5.89 3.18 -4.89
C GLY C 28 -4.69 3.96 -5.42
N SER C 29 -3.61 3.25 -5.77
CA SER C 29 -2.35 3.89 -6.23
C SER C 29 -1.52 2.91 -7.03
N SER C 30 -0.34 3.38 -7.45
CA SER C 30 0.60 2.58 -8.22
C SER C 30 1.28 1.59 -7.30
N GLY C 31 0.49 0.98 -6.40
CA GLY C 31 0.99 0.04 -5.38
C GLY C 31 1.59 0.79 -4.23
N ASN C 32 1.51 2.11 -4.39
CA ASN C 32 2.18 3.05 -3.51
C ASN C 32 3.67 2.73 -3.62
N GLU C 33 3.97 2.32 -4.88
CA GLU C 33 5.33 2.05 -5.34
C GLU C 33 6.12 3.35 -5.18
N GLN C 34 5.35 4.40 -5.01
CA GLN C 34 5.84 5.72 -4.79
C GLN C 34 6.50 5.78 -3.38
N GLU C 35 5.71 5.57 -2.30
CA GLU C 35 6.19 5.67 -0.88
C GLU C 35 7.18 4.56 -0.43
N LEU C 36 6.83 3.32 -0.70
CA LEU C 36 7.61 2.18 -0.13
C LEU C 36 9.02 2.25 -0.69
N LEU C 37 9.12 2.58 -1.95
CA LEU C 37 10.42 2.77 -2.58
C LEU C 37 11.16 3.95 -1.93
N GLU C 38 10.44 5.08 -1.69
CA GLU C 38 11.06 6.29 -1.15
C GLU C 38 11.44 6.12 0.32
N LEU C 39 10.60 5.46 1.14
CA LEU C 39 10.86 5.37 2.59
C LEU C 39 12.23 4.81 2.84
N ASP C 40 12.61 3.82 2.08
CA ASP C 40 13.93 3.22 2.17
C ASP C 40 15.04 4.30 2.10
N LYS C 41 14.86 5.26 1.19
CA LYS C 41 15.81 6.37 1.01
C LYS C 41 15.85 7.31 2.25
N TRP C 42 14.68 7.63 2.82
CA TRP C 42 14.61 8.63 3.91
C TRP C 42 15.48 8.19 5.06
N ALA C 43 15.45 6.90 5.35
CA ALA C 43 16.26 6.32 6.41
C ALA C 43 17.72 6.59 6.17
N SER C 44 18.15 6.35 4.94
CA SER C 44 19.53 6.56 4.57
C SER C 44 19.94 8.01 4.80
N LEU C 45 19.06 8.95 4.42
CA LEU C 45 19.34 10.37 4.64
C LEU C 45 19.44 10.60 6.16
N TRP C 46 18.55 9.97 6.90
CA TRP C 46 18.51 10.09 8.36
C TRP C 46 19.75 9.45 9.03
N ASN C 47 20.15 8.26 8.52
CA ASN C 47 21.27 7.47 9.13
C ASN C 47 22.67 8.14 9.09
N TRP C 48 23.08 8.80 7.98
CA TRP C 48 24.43 9.46 7.97
C TRP C 48 24.29 10.77 8.78
N PHE C 49 23.04 11.17 9.11
CA PHE C 49 22.77 12.40 9.87
C PHE C 49 23.12 12.15 11.37
N ASN C 50 23.47 10.89 11.71
CA ASN C 50 23.87 10.51 13.05
C ASN C 50 25.23 11.16 13.28
N ILE C 51 25.91 11.58 12.19
CA ILE C 51 27.21 12.24 12.33
C ILE C 51 27.04 13.49 13.20
N THR C 52 25.96 14.23 12.95
CA THR C 52 25.62 15.41 13.77
C THR C 52 25.17 14.95 15.15
N ASN C 53 24.62 13.71 15.25
CA ASN C 53 24.17 13.21 16.58
C ASN C 53 25.38 13.00 17.51
N TRP C 54 26.46 12.41 16.96
CA TRP C 54 27.66 12.03 17.74
C TRP C 54 28.39 13.32 18.21
N LEU C 55 28.32 14.34 17.35
CA LEU C 55 29.00 15.65 17.60
C LEU C 55 28.72 16.12 19.05
N TRP C 56 27.46 16.10 19.44
CA TRP C 56 27.05 16.49 20.79
C TRP C 56 27.67 15.59 21.87
N TYR C 57 27.67 14.29 21.57
CA TYR C 57 28.17 13.27 22.51
C TYR C 57 29.69 13.40 22.70
N ILE C 58 30.44 13.36 21.59
CA ILE C 58 31.92 13.43 21.63
C ILE C 58 32.39 14.82 22.06
N LYS C 59 31.69 15.90 21.66
CA LYS C 59 32.09 17.26 22.05
C LYS C 59 30.88 18.18 21.95
N GLY A 1 -8.20 -30.25 -23.18
CA GLY A 1 -9.67 -30.48 -23.05
C GLY A 1 -10.33 -29.20 -22.54
N TYR A 2 -9.76 -28.64 -21.46
CA TYR A 2 -10.25 -27.38 -20.82
C TYR A 2 -9.04 -26.54 -20.42
N ILE A 3 -9.29 -25.46 -19.64
CA ILE A 3 -8.22 -24.51 -19.17
C ILE A 3 -7.75 -24.81 -17.73
N PRO A 4 -8.61 -25.17 -16.78
CA PRO A 4 -8.15 -25.44 -15.36
C PRO A 4 -7.15 -26.64 -15.28
N GLU A 5 -6.16 -26.53 -14.37
CA GLU A 5 -5.14 -27.61 -14.13
C GLU A 5 -5.24 -28.07 -12.68
N ALA A 6 -5.82 -27.19 -11.83
CA ALA A 6 -6.03 -27.46 -10.40
C ALA A 6 -4.72 -27.39 -9.60
N PRO A 7 -3.99 -26.30 -9.66
CA PRO A 7 -2.72 -26.13 -8.87
C PRO A 7 -3.03 -25.77 -7.41
N ARG A 8 -2.64 -26.65 -6.48
CA ARG A 8 -2.89 -26.48 -5.03
C ARG A 8 -1.53 -26.53 -4.32
N ASP A 9 -1.18 -25.46 -3.61
CA ASP A 9 0.10 -25.37 -2.88
C ASP A 9 -0.06 -24.41 -1.71
N GLY A 10 -1.28 -23.89 -1.59
CA GLY A 10 -1.62 -22.96 -0.49
C GLY A 10 -1.17 -21.52 -0.75
N GLN A 11 -0.54 -21.25 -1.91
CA GLN A 11 -0.08 -19.88 -2.31
C GLN A 11 -1.21 -19.24 -3.13
N ALA A 12 -1.13 -17.91 -3.38
CA ALA A 12 -2.19 -17.15 -4.11
C ALA A 12 -1.63 -16.58 -5.39
N TYR A 13 -2.50 -16.40 -6.43
CA TYR A 13 -2.11 -15.87 -7.75
C TYR A 13 -3.21 -14.99 -8.33
N VAL A 14 -3.16 -14.71 -9.62
CA VAL A 14 -4.19 -13.86 -10.33
C VAL A 14 -4.39 -14.40 -11.73
N ARG A 15 -5.51 -14.00 -12.43
CA ARG A 15 -5.75 -14.49 -13.81
C ARG A 15 -5.15 -13.50 -14.80
N LYS A 16 -4.11 -13.96 -15.53
CA LYS A 16 -3.42 -13.13 -16.54
C LYS A 16 -2.93 -14.02 -17.67
N ASP A 17 -3.07 -13.55 -18.93
CA ASP A 17 -2.63 -14.31 -20.13
C ASP A 17 -2.85 -15.82 -20.00
N GLY A 18 -4.00 -16.20 -19.44
CA GLY A 18 -4.31 -17.62 -19.29
C GLY A 18 -3.29 -18.36 -18.45
N GLU A 19 -2.73 -17.76 -17.37
CA GLU A 19 -1.72 -18.42 -16.53
C GLU A 19 -1.92 -17.98 -15.10
N TRP A 20 -1.50 -18.85 -14.20
CA TRP A 20 -1.57 -18.60 -12.77
C TRP A 20 -0.37 -17.71 -12.46
N VAL A 21 -0.56 -16.48 -11.93
CA VAL A 21 0.59 -15.56 -11.62
C VAL A 21 0.45 -15.08 -10.18
N LEU A 22 1.55 -15.16 -9.43
CA LEU A 22 1.64 -14.75 -8.06
C LEU A 22 1.22 -13.29 -7.94
N LEU A 23 0.15 -13.09 -7.17
CA LEU A 23 -0.45 -11.79 -6.93
C LEU A 23 0.64 -10.94 -6.26
N SER A 24 1.42 -11.53 -5.38
CA SER A 24 2.46 -10.79 -4.67
C SER A 24 3.31 -9.89 -5.56
N THR A 25 3.45 -10.17 -6.86
CA THR A 25 4.25 -9.31 -7.74
C THR A 25 3.57 -7.95 -7.88
N PHE A 26 2.25 -7.94 -7.62
CA PHE A 26 1.40 -6.73 -7.65
C PHE A 26 1.42 -6.06 -6.26
N LEU A 27 1.73 -6.79 -5.15
CA LEU A 27 1.85 -6.06 -3.84
C LEU A 27 3.11 -5.18 -3.86
N GLY A 28 4.23 -5.72 -4.37
CA GLY A 28 5.50 -4.97 -4.46
C GLY A 28 6.36 -5.15 -3.22
N SER A 29 7.23 -6.18 -3.21
CA SER A 29 8.17 -6.42 -2.08
C SER A 29 7.47 -7.14 -0.95
N SER A 30 7.74 -6.72 0.27
CA SER A 30 7.04 -7.22 1.46
C SER A 30 5.67 -6.57 1.48
N GLY A 31 5.37 -5.86 0.36
CA GLY A 31 4.21 -5.03 0.20
C GLY A 31 4.55 -3.73 0.80
N ASN A 32 5.91 -3.51 1.00
CA ASN A 32 6.46 -2.34 1.72
C ASN A 32 5.65 -2.14 2.98
N GLU A 33 5.25 -3.34 3.45
CA GLU A 33 4.47 -3.49 4.68
C GLU A 33 5.30 -2.93 5.82
N GLN A 34 6.56 -2.77 5.50
CA GLN A 34 7.49 -2.21 6.46
C GLN A 34 7.09 -0.73 6.70
N GLU A 35 6.95 0.11 5.65
CA GLU A 35 6.58 1.55 5.84
C GLU A 35 5.15 1.73 6.37
N LEU A 36 4.29 0.82 5.97
CA LEU A 36 2.88 0.91 6.37
C LEU A 36 2.78 0.72 7.89
N LEU A 37 3.52 -0.26 8.42
CA LEU A 37 3.57 -0.56 9.87
C LEU A 37 4.49 0.42 10.67
N GLU A 38 5.67 0.83 10.12
CA GLU A 38 6.63 1.68 10.84
C GLU A 38 6.13 3.13 11.04
N LEU A 39 5.57 3.80 9.99
CA LEU A 39 5.18 5.23 10.08
C LEU A 39 4.40 5.50 11.34
N ASP A 40 3.68 4.52 11.75
CA ASP A 40 2.88 4.56 12.93
C ASP A 40 3.71 4.92 14.19
N LYS A 41 4.86 4.24 14.34
CA LYS A 41 5.71 4.44 15.52
C LYS A 41 6.31 5.85 15.69
N TRP A 42 6.86 6.36 14.61
CA TRP A 42 7.59 7.65 14.66
C TRP A 42 6.66 8.84 15.01
N ALA A 43 5.44 8.84 14.47
CA ALA A 43 4.49 9.89 14.76
C ALA A 43 4.16 9.98 16.23
N SER A 44 3.96 8.81 16.87
CA SER A 44 3.58 8.78 18.27
C SER A 44 4.64 9.45 19.16
N LEU A 45 5.91 9.06 19.03
CA LEU A 45 6.96 9.66 19.85
C LEU A 45 7.05 11.15 19.50
N TRP A 46 7.00 11.45 18.20
CA TRP A 46 7.10 12.83 17.77
C TRP A 46 5.94 13.64 18.32
N ASN A 47 4.77 13.00 18.30
CA ASN A 47 3.54 13.63 18.78
C ASN A 47 3.59 13.94 20.29
N TRP A 48 4.08 13.02 21.14
CA TRP A 48 4.15 13.30 22.60
C TRP A 48 5.25 14.36 22.85
N PHE A 49 6.34 14.35 22.05
CA PHE A 49 7.45 15.31 22.24
C PHE A 49 6.99 16.76 21.94
N ASN A 50 5.70 16.93 21.67
CA ASN A 50 5.13 18.24 21.45
C ASN A 50 5.07 19.01 22.76
N ILE A 51 5.20 18.35 23.93
CA ILE A 51 5.08 19.11 25.22
C ILE A 51 6.05 20.27 25.24
N THR A 52 7.15 20.12 24.52
CA THR A 52 8.17 21.17 24.37
C THR A 52 7.75 22.09 23.24
N ASN A 53 6.94 21.59 22.27
CA ASN A 53 6.59 22.49 21.14
C ASN A 53 5.71 23.69 21.61
N TRP A 54 4.59 23.44 22.33
CA TRP A 54 3.64 24.55 22.75
C TRP A 54 4.28 25.41 23.86
N LEU A 55 5.13 24.78 24.66
CA LEU A 55 5.69 25.48 25.84
C LEU A 55 6.39 26.78 25.38
N TRP A 56 7.20 26.70 24.33
CA TRP A 56 7.87 27.90 23.80
C TRP A 56 6.89 28.95 23.30
N TYR A 57 5.84 28.46 22.63
CA TYR A 57 4.85 29.38 22.04
C TYR A 57 4.10 30.14 23.14
N ILE A 58 3.52 29.41 24.12
CA ILE A 58 2.74 30.04 25.21
C ILE A 58 3.68 30.73 26.21
N LYS A 59 4.98 30.38 26.18
CA LYS A 59 5.96 30.96 27.11
C LYS A 59 5.52 30.68 28.56
N GLY B 1 -18.39 -32.71 -10.55
CA GLY B 1 -18.32 -32.76 -12.04
C GLY B 1 -17.17 -31.88 -12.52
N TYR B 2 -17.13 -30.63 -12.00
CA TYR B 2 -16.08 -29.63 -12.34
C TYR B 2 -15.70 -28.89 -11.05
N ILE B 3 -14.90 -27.80 -11.19
CA ILE B 3 -14.42 -26.96 -10.04
C ILE B 3 -15.28 -25.68 -9.83
N PRO B 4 -15.73 -24.98 -10.85
CA PRO B 4 -16.55 -23.73 -10.63
C PRO B 4 -17.88 -24.00 -9.90
N GLU B 5 -18.31 -23.05 -9.03
CA GLU B 5 -19.60 -23.14 -8.26
C GLU B 5 -20.48 -21.94 -8.64
N ALA B 6 -19.82 -20.89 -9.16
CA ALA B 6 -20.49 -19.66 -9.59
C ALA B 6 -20.98 -18.79 -8.41
N PRO B 7 -20.11 -18.43 -7.49
CA PRO B 7 -20.49 -17.56 -6.33
C PRO B 7 -20.58 -16.09 -6.75
N ARG B 8 -21.78 -15.50 -6.67
CA ARG B 8 -22.04 -14.10 -7.07
C ARG B 8 -22.61 -13.38 -5.85
N ASP B 9 -21.93 -12.31 -5.39
CA ASP B 9 -22.38 -11.52 -4.22
C ASP B 9 -21.84 -10.11 -4.35
N GLY B 10 -21.13 -9.89 -5.45
CA GLY B 10 -20.56 -8.56 -5.77
C GLY B 10 -19.26 -8.27 -5.03
N GLN B 11 -18.77 -9.23 -4.21
CA GLN B 11 -17.48 -9.09 -3.46
C GLN B 11 -16.37 -9.70 -4.33
N ALA B 12 -15.09 -9.47 -3.98
CA ALA B 12 -13.92 -9.96 -4.78
C ALA B 12 -13.10 -10.92 -3.96
N TYR B 13 -12.40 -11.89 -4.64
CA TYR B 13 -11.56 -12.91 -3.98
C TYR B 13 -10.33 -13.20 -4.82
N VAL B 14 -9.66 -14.32 -4.55
CA VAL B 14 -8.41 -14.74 -5.29
C VAL B 14 -8.41 -16.26 -5.42
N ARG B 15 -7.56 -16.84 -6.33
CA ARG B 15 -7.51 -18.31 -6.49
C ARG B 15 -6.41 -18.86 -5.58
N LYS B 16 -6.81 -19.64 -4.56
CA LYS B 16 -5.87 -20.26 -3.60
C LYS B 16 -6.43 -21.59 -3.14
N ASP B 17 -5.55 -22.63 -3.02
CA ASP B 17 -5.96 -23.98 -2.58
C ASP B 17 -7.34 -24.40 -3.09
N GLY B 18 -7.63 -24.07 -4.35
CA GLY B 18 -8.90 -24.44 -4.94
C GLY B 18 -10.08 -23.86 -4.19
N GLU B 19 -9.99 -22.60 -3.68
CA GLU B 19 -11.11 -21.99 -2.93
C GLU B 19 -11.14 -20.51 -3.23
N TRP B 20 -12.32 -19.94 -3.10
CA TRP B 20 -12.55 -18.52 -3.31
C TRP B 20 -12.08 -17.86 -2.01
N VAL B 21 -11.10 -16.94 -2.05
CA VAL B 21 -10.60 -16.26 -0.79
C VAL B 21 -10.60 -14.75 -1.03
N LEU B 22 -11.15 -14.02 -0.07
CA LEU B 22 -11.25 -12.58 -0.08
C LEU B 22 -9.86 -11.99 -0.25
N LEU B 23 -9.69 -11.26 -1.34
CA LEU B 23 -8.45 -10.63 -1.72
C LEU B 23 -8.11 -9.63 -0.60
N SER B 24 -9.13 -8.97 -0.06
CA SER B 24 -8.91 -7.98 1.00
C SER B 24 -7.97 -8.46 2.12
N THR B 25 -7.83 -9.77 2.37
CA THR B 25 -6.92 -10.24 3.42
C THR B 25 -5.48 -9.93 3.03
N PHE B 26 -5.27 -9.75 1.71
CA PHE B 26 -3.97 -9.42 1.11
C PHE B 26 -3.81 -7.89 1.08
N LEU B 27 -4.90 -7.08 1.10
CA LEU B 27 -4.69 -5.59 1.17
C LEU B 27 -4.16 -5.23 2.57
N GLY B 28 -4.73 -5.83 3.62
CA GLY B 28 -4.29 -5.58 5.01
C GLY B 28 -5.06 -4.42 5.66
N SER B 29 -6.18 -4.73 6.31
CA SER B 29 -6.99 -3.69 7.03
C SER B 29 -7.87 -2.94 6.06
N SER B 30 -7.94 -1.63 6.25
CA SER B 30 -8.64 -0.73 5.33
C SER B 30 -7.74 -0.58 4.11
N GLY B 31 -6.66 -1.38 4.09
CA GLY B 31 -5.60 -1.32 3.14
C GLY B 31 -4.66 -0.28 3.62
N ASN B 32 -4.82 0.07 4.96
CA ASN B 32 -4.10 1.17 5.63
C ASN B 32 -4.16 2.37 4.70
N GLU B 33 -5.33 2.37 4.03
CA GLU B 33 -5.71 3.42 3.09
C GLU B 33 -5.74 4.73 3.84
N GLN B 34 -5.77 4.57 5.14
CA GLN B 34 -5.77 5.73 6.03
C GLN B 34 -4.40 6.43 5.89
N GLU B 35 -3.25 5.73 6.04
CA GLU B 35 -1.91 6.39 5.92
C GLU B 35 -1.61 6.87 4.49
N LEU B 36 -2.13 6.11 3.55
CA LEU B 36 -1.87 6.44 2.12
C LEU B 36 -2.52 7.79 1.80
N LEU B 37 -3.75 7.99 2.27
CA LEU B 37 -4.50 9.25 2.08
C LEU B 37 -4.08 10.39 3.05
N GLU B 38 -3.77 10.09 4.34
CA GLU B 38 -3.44 11.11 5.34
C GLU B 38 -2.07 11.77 5.10
N LEU B 39 -1.00 10.99 4.81
CA LEU B 39 0.40 11.55 4.69
C LEU B 39 0.39 12.79 3.81
N ASP B 40 -0.50 12.78 2.88
CA ASP B 40 -0.66 13.86 1.95
C ASP B 40 -0.93 15.19 2.66
N LYS B 41 -1.85 15.18 3.63
CA LYS B 41 -2.25 16.39 4.34
C LYS B 41 -1.13 17.08 5.16
N TRP B 42 -0.43 16.29 5.95
CA TRP B 42 0.59 16.83 6.87
C TRP B 42 1.75 17.51 6.15
N ALA B 43 2.20 16.94 5.03
CA ALA B 43 3.29 17.52 4.26
C ALA B 43 2.95 18.91 3.76
N SER B 44 1.72 19.07 3.27
CA SER B 44 1.31 20.35 2.71
C SER B 44 1.41 21.48 3.76
N LEU B 45 0.81 21.29 4.94
CA LEU B 45 0.87 22.34 5.96
C LEU B 45 2.33 22.54 6.38
N TRP B 46 3.03 21.43 6.55
CA TRP B 46 4.43 21.50 6.96
C TRP B 46 5.24 22.24 5.90
N ASN B 47 4.92 21.94 4.64
CA ASN B 47 5.62 22.52 3.50
C ASN B 47 5.39 24.04 3.41
N TRP B 48 4.15 24.56 3.62
CA TRP B 48 3.92 26.02 3.53
C TRP B 48 4.58 26.68 4.77
N PHE B 49 4.59 26.00 5.93
CA PHE B 49 5.17 26.58 7.18
C PHE B 49 6.69 26.78 7.03
N ASN B 50 7.22 26.50 5.85
CA ASN B 50 8.62 26.72 5.55
C ASN B 50 8.93 28.21 5.47
N ILE B 51 7.90 29.08 5.32
CA ILE B 51 8.19 30.53 5.18
C ILE B 51 9.04 31.02 6.33
N THR B 52 8.89 30.36 7.48
CA THR B 52 9.69 30.65 8.67
C THR B 52 10.99 29.90 8.58
N ASN B 53 11.03 28.76 7.82
CA ASN B 53 12.31 27.99 7.80
C ASN B 53 13.45 28.80 7.11
N TRP B 54 13.23 29.32 5.88
CA TRP B 54 14.31 30.04 5.10
C TRP B 54 14.60 31.41 5.73
N LEU B 55 13.58 32.00 6.34
CA LEU B 55 13.71 33.38 6.86
C LEU B 55 14.91 33.45 7.85
N TRP B 56 14.99 32.48 8.75
CA TRP B 56 16.13 32.44 9.71
C TRP B 56 17.47 32.29 9.00
N TYR B 57 17.47 31.43 7.98
CA TYR B 57 18.72 31.13 7.25
C TYR B 57 19.22 32.38 6.53
N ILE B 58 18.36 33.01 5.70
CA ILE B 58 18.75 34.21 4.92
C ILE B 58 18.85 35.43 5.83
N LYS B 59 18.26 35.36 7.03
CA LYS B 59 18.28 36.50 7.97
C LYS B 59 17.64 37.72 7.30
N GLY C 1 -22.55 -22.39 -22.59
CA GLY C 1 -22.11 -23.80 -22.33
C GLY C 1 -21.40 -23.87 -20.99
N TYR C 2 -20.44 -22.95 -20.80
CA TYR C 2 -19.63 -22.85 -19.54
C TYR C 2 -19.46 -21.36 -19.19
N ILE C 3 -18.58 -21.07 -18.21
CA ILE C 3 -18.30 -19.67 -17.72
C ILE C 3 -17.01 -19.08 -18.36
N PRO C 4 -15.93 -19.81 -18.54
CA PRO C 4 -14.66 -19.22 -19.13
C PRO C 4 -14.88 -18.70 -20.57
N GLU C 5 -14.20 -17.58 -20.93
CA GLU C 5 -14.25 -16.97 -22.29
C GLU C 5 -12.84 -16.96 -22.88
N ALA C 6 -11.84 -17.04 -21.98
CA ALA C 6 -10.41 -17.05 -22.36
C ALA C 6 -9.91 -15.67 -22.82
N PRO C 7 -10.07 -14.63 -22.03
CA PRO C 7 -9.57 -13.26 -22.39
C PRO C 7 -8.06 -13.14 -22.14
N ARG C 8 -7.29 -12.92 -23.21
CA ARG C 8 -5.81 -12.83 -23.16
C ARG C 8 -5.43 -11.47 -23.74
N ASP C 9 -4.74 -10.63 -22.94
CA ASP C 9 -4.31 -9.28 -23.38
C ASP C 9 -3.09 -8.89 -22.58
N GLY C 10 -2.67 -9.79 -21.71
CA GLY C 10 -1.47 -9.59 -20.87
C GLY C 10 -1.74 -8.73 -19.64
N GLN C 11 -2.99 -8.26 -19.44
CA GLN C 11 -3.40 -7.44 -18.26
C GLN C 11 -3.91 -8.39 -17.19
N ALA C 12 -4.10 -7.91 -15.94
CA ALA C 12 -4.54 -8.76 -14.78
C ALA C 12 -5.87 -8.29 -14.27
N TYR C 13 -6.69 -9.22 -13.67
CA TYR C 13 -8.02 -8.91 -13.13
C TYR C 13 -8.29 -9.73 -11.87
N VAL C 14 -9.54 -9.82 -11.47
CA VAL C 14 -9.96 -10.59 -10.24
C VAL C 14 -11.32 -11.25 -10.49
N ARG C 15 -11.74 -12.26 -9.67
CA ARG C 15 -13.04 -12.91 -9.87
C ARG C 15 -14.08 -12.19 -9.01
N LYS C 16 -15.05 -11.54 -9.68
CA LYS C 16 -16.14 -10.79 -9.00
C LYS C 16 -17.40 -10.87 -9.85
N ASP C 17 -18.57 -11.07 -9.20
CA ASP C 17 -19.87 -11.15 -9.90
C ASP C 17 -19.79 -11.86 -11.25
N GLY C 18 -19.00 -12.94 -11.32
CA GLY C 18 -18.88 -13.69 -12.55
C GLY C 18 -18.33 -12.86 -13.69
N GLU C 19 -17.37 -11.93 -13.44
CA GLU C 19 -16.81 -11.08 -14.51
C GLU C 19 -15.34 -10.84 -14.23
N TRP C 20 -14.61 -10.59 -15.29
CA TRP C 20 -13.18 -10.31 -15.22
C TRP C 20 -13.10 -8.83 -14.81
N VAL C 21 -12.46 -8.48 -13.68
CA VAL C 21 -12.37 -7.05 -13.23
C VAL C 21 -10.91 -6.74 -12.92
N LEU C 22 -10.42 -5.62 -13.45
CA LEU C 22 -9.08 -5.13 -13.28
C LEU C 22 -8.79 -5.00 -11.79
N LEU C 23 -7.79 -5.75 -11.36
CA LEU C 23 -7.35 -5.81 -9.97
C LEU C 23 -6.88 -4.39 -9.62
N SER C 24 -6.24 -3.71 -10.55
CA SER C 24 -5.73 -2.37 -10.29
C SER C 24 -6.73 -1.44 -9.61
N THR C 25 -8.05 -1.66 -9.75
CA THR C 25 -9.02 -0.78 -9.09
C THR C 25 -8.93 -0.96 -7.57
N PHE C 26 -8.39 -2.11 -7.16
CA PHE C 26 -8.15 -2.48 -5.76
C PHE C 26 -6.79 -1.98 -5.31
N LEU C 27 -5.80 -1.73 -6.24
CA LEU C 27 -4.51 -1.14 -5.76
C LEU C 27 -4.76 0.34 -5.35
N GLY C 28 -5.54 1.07 -6.17
CA GLY C 28 -5.86 2.49 -5.88
C GLY C 28 -4.84 3.45 -6.48
N SER C 29 -5.08 3.89 -7.73
CA SER C 29 -4.20 4.88 -8.41
C SER C 29 -2.99 4.18 -9.01
N SER C 30 -1.84 4.83 -8.86
CA SER C 30 -0.56 4.23 -9.26
C SER C 30 -0.20 3.20 -8.20
N GLY C 31 -1.18 2.95 -7.29
CA GLY C 31 -1.04 2.15 -6.11
C GLY C 31 -0.46 3.03 -5.07
N ASN C 32 -0.54 4.39 -5.33
CA ASN C 32 0.10 5.44 -4.52
C ASN C 32 1.52 5.00 -4.24
N GLU C 33 1.99 4.30 -5.28
CA GLU C 33 3.36 3.76 -5.32
C GLU C 33 4.31 4.93 -5.22
N GLN C 34 3.75 6.08 -5.45
CA GLN C 34 4.51 7.32 -5.35
C GLN C 34 4.92 7.50 -3.87
N GLU C 35 3.97 7.47 -2.90
CA GLU C 35 4.31 7.68 -1.46
C GLU C 35 5.16 6.52 -0.90
N LEU C 36 4.89 5.34 -1.42
CA LEU C 36 5.61 4.14 -0.92
C LEU C 36 7.10 4.28 -1.25
N LEU C 37 7.39 4.71 -2.48
CA LEU C 37 8.78 4.92 -2.96
C LEU C 37 9.42 6.26 -2.46
N GLU C 38 8.64 7.38 -2.39
CA GLU C 38 9.18 8.69 -2.00
C GLU C 38 9.56 8.78 -0.51
N LEU C 39 8.70 8.30 0.43
CA LEU C 39 8.96 8.46 1.90
C LEU C 39 10.38 8.07 2.24
N ASP C 40 10.88 7.14 1.50
CA ASP C 40 12.22 6.65 1.66
C ASP C 40 13.27 7.76 1.54
N LYS C 41 13.12 8.61 0.53
CA LYS C 41 14.10 9.68 0.27
C LYS C 41 14.22 10.75 1.37
N TRP C 42 13.07 11.25 1.82
CA TRP C 42 13.04 12.36 2.78
C TRP C 42 13.65 11.99 4.14
N ALA C 43 13.40 10.77 4.62
CA ALA C 43 13.95 10.33 5.88
C ALA C 43 15.46 10.32 5.87
N SER C 44 16.04 9.84 4.77
CA SER C 44 17.50 9.76 4.68
C SER C 44 18.17 11.12 4.84
N LEU C 45 17.73 12.13 4.07
CA LEU C 45 18.34 13.46 4.19
C LEU C 45 18.06 14.00 5.59
N TRP C 46 16.84 13.81 6.06
CA TRP C 46 16.47 14.31 7.37
C TRP C 46 17.31 13.62 8.44
N ASN C 47 17.52 12.32 8.23
CA ASN C 47 18.29 11.50 9.17
C ASN C 47 19.76 11.93 9.24
N TRP C 48 20.44 12.23 8.11
CA TRP C 48 21.86 12.66 8.17
C TRP C 48 21.91 14.09 8.76
N PHE C 49 20.90 14.94 8.49
CA PHE C 49 20.89 16.33 9.00
C PHE C 49 20.79 16.35 10.54
N ASN C 50 20.81 15.18 11.16
CA ASN C 50 20.80 15.07 12.61
C ASN C 50 22.13 15.53 13.19
N ILE C 51 23.21 15.64 12.37
CA ILE C 51 24.53 16.03 12.94
C ILE C 51 24.41 17.32 13.71
N THR C 52 23.46 18.15 13.29
CA THR C 52 23.15 19.42 13.97
C THR C 52 22.21 19.15 15.11
N ASN C 53 21.40 18.05 15.03
CA ASN C 53 20.43 17.83 16.14
C ASN C 53 21.15 17.53 17.49
N TRP C 54 22.08 16.55 17.53
CA TRP C 54 22.75 16.15 18.82
C TRP C 54 23.75 17.23 19.27
N LEU C 55 24.31 17.94 18.30
CA LEU C 55 25.37 18.93 18.62
C LEU C 55 24.85 19.94 19.67
N TRP C 56 23.65 20.45 19.46
CA TRP C 56 23.05 21.40 20.44
C TRP C 56 22.84 20.76 21.81
N TYR C 57 22.39 19.50 21.79
CA TYR C 57 22.09 18.80 23.03
C TYR C 57 23.36 18.58 23.86
N ILE C 58 24.40 17.98 23.24
CA ILE C 58 25.68 17.69 23.94
C ILE C 58 26.48 18.98 24.15
N LYS C 59 26.14 20.04 23.39
CA LYS C 59 26.87 21.32 23.51
C LYS C 59 28.36 21.09 23.19
N GLY A 1 -7.82 -30.35 -22.40
CA GLY A 1 -9.32 -30.39 -22.48
C GLY A 1 -9.89 -29.04 -22.04
N TYR A 2 -9.49 -28.57 -20.83
CA TYR A 2 -9.95 -27.27 -20.25
C TYR A 2 -8.73 -26.47 -19.77
N ILE A 3 -8.97 -25.36 -19.05
CA ILE A 3 -7.91 -24.43 -18.52
C ILE A 3 -7.55 -24.72 -17.04
N PRO A 4 -8.47 -25.03 -16.15
CA PRO A 4 -8.11 -25.28 -14.71
C PRO A 4 -7.18 -26.50 -14.53
N GLU A 5 -6.25 -26.41 -13.54
CA GLU A 5 -5.27 -27.49 -13.22
C GLU A 5 -5.47 -27.91 -11.76
N ALA A 6 -6.05 -27.00 -10.97
CA ALA A 6 -6.33 -27.21 -9.54
C ALA A 6 -5.06 -27.10 -8.68
N PRO A 7 -4.34 -26.00 -8.75
CA PRO A 7 -3.10 -25.81 -7.91
C PRO A 7 -3.50 -25.44 -6.46
N ARG A 8 -3.18 -26.33 -5.50
CA ARG A 8 -3.51 -26.14 -4.07
C ARG A 8 -2.20 -26.21 -3.28
N ASP A 9 -1.85 -25.13 -2.58
CA ASP A 9 -0.61 -25.05 -1.78
C ASP A 9 -0.82 -24.05 -0.66
N GLY A 10 -2.03 -23.49 -0.62
CA GLY A 10 -2.43 -22.53 0.43
C GLY A 10 -1.90 -21.11 0.18
N GLN A 11 -1.17 -20.91 -0.93
CA GLN A 11 -0.62 -19.58 -1.33
C GLN A 11 -1.67 -18.92 -2.25
N ALA A 12 -1.53 -17.61 -2.55
CA ALA A 12 -2.51 -16.85 -3.40
C ALA A 12 -1.83 -16.34 -4.65
N TYR A 13 -2.62 -16.18 -5.75
CA TYR A 13 -2.10 -15.72 -7.07
C TYR A 13 -3.10 -14.80 -7.76
N VAL A 14 -2.96 -14.60 -9.06
CA VAL A 14 -3.89 -13.70 -9.85
C VAL A 14 -4.03 -14.23 -11.28
N ARG A 15 -5.07 -13.78 -12.04
CA ARG A 15 -5.27 -14.27 -13.44
C ARG A 15 -4.54 -13.34 -14.43
N LYS A 16 -3.47 -13.88 -15.06
CA LYS A 16 -2.65 -13.16 -16.06
C LYS A 16 -2.13 -14.12 -17.11
N ASP A 17 -2.21 -13.72 -18.40
CA ASP A 17 -1.72 -14.56 -19.53
C ASP A 17 -2.07 -16.05 -19.36
N GLY A 18 -3.28 -16.36 -18.87
CA GLY A 18 -3.68 -17.75 -18.71
C GLY A 18 -2.74 -18.52 -17.80
N GLU A 19 -2.24 -17.92 -16.69
CA GLU A 19 -1.34 -18.62 -15.77
C GLU A 19 -1.61 -18.11 -14.38
N TRP A 20 -1.27 -18.93 -13.42
CA TRP A 20 -1.42 -18.63 -12.00
C TRP A 20 -0.20 -17.78 -11.65
N VAL A 21 -0.37 -16.53 -11.15
CA VAL A 21 0.80 -15.66 -10.79
C VAL A 21 0.61 -15.15 -9.37
N LEU A 22 1.65 -15.30 -8.55
CA LEU A 22 1.70 -14.85 -7.17
C LEU A 22 1.35 -13.37 -7.12
N LEU A 23 0.27 -13.06 -6.43
CA LEU A 23 -0.23 -11.68 -6.28
C LEU A 23 0.91 -10.89 -5.60
N SER A 24 1.66 -11.55 -4.71
CA SER A 24 2.74 -10.92 -3.97
C SER A 24 3.63 -10.01 -4.84
N THR A 25 3.80 -10.36 -6.12
CA THR A 25 4.60 -9.53 -7.05
C THR A 25 3.94 -8.19 -7.32
N PHE A 26 2.61 -8.18 -7.26
CA PHE A 26 1.78 -6.97 -7.46
C PHE A 26 1.66 -6.21 -6.14
N LEU A 27 1.90 -6.85 -4.97
CA LEU A 27 1.80 -6.12 -3.66
C LEU A 27 3.01 -5.16 -3.56
N GLY A 28 4.19 -5.66 -4.00
CA GLY A 28 5.47 -4.88 -4.00
C GLY A 28 6.36 -5.19 -2.78
N SER A 29 7.23 -6.20 -2.94
CA SER A 29 8.21 -6.62 -1.89
C SER A 29 7.51 -7.34 -0.79
N SER A 30 7.70 -6.88 0.44
CA SER A 30 6.95 -7.39 1.58
C SER A 30 5.58 -6.75 1.49
N GLY A 31 5.29 -6.09 0.33
CA GLY A 31 4.10 -5.30 0.08
C GLY A 31 4.40 -3.91 0.59
N ASN A 32 5.71 -3.70 0.90
CA ASN A 32 6.19 -2.47 1.55
C ASN A 32 5.34 -2.34 2.85
N GLU A 33 5.01 -3.56 3.33
CA GLU A 33 4.23 -3.74 4.56
C GLU A 33 5.07 -3.17 5.68
N GLN A 34 6.35 -3.06 5.37
CA GLN A 34 7.34 -2.56 6.32
C GLN A 34 7.07 -1.05 6.57
N GLU A 35 6.94 -0.21 5.53
CA GLU A 35 6.74 1.25 5.76
C GLU A 35 5.41 1.53 6.47
N LEU A 36 4.33 1.03 5.88
CA LEU A 36 2.97 1.42 6.36
C LEU A 36 2.86 0.96 7.86
N LEU A 37 3.50 -0.15 8.23
CA LEU A 37 3.56 -0.58 9.66
C LEU A 37 4.52 0.31 10.48
N GLU A 38 5.66 0.78 9.90
CA GLU A 38 6.65 1.57 10.63
C GLU A 38 6.10 2.98 10.91
N LEU A 39 5.47 3.64 9.90
CA LEU A 39 4.99 5.04 10.04
C LEU A 39 4.25 5.23 11.34
N ASP A 40 3.58 4.19 11.75
CA ASP A 40 2.85 4.19 12.98
C ASP A 40 3.78 4.48 14.17
N LYS A 41 4.96 3.83 14.19
CA LYS A 41 5.93 4.03 15.30
C LYS A 41 6.52 5.46 15.37
N TRP A 42 7.00 6.01 14.24
CA TRP A 42 7.66 7.34 14.27
C TRP A 42 6.69 8.45 14.67
N ALA A 43 5.45 8.40 14.18
CA ALA A 43 4.46 9.38 14.53
C ALA A 43 4.21 9.39 16.02
N SER A 44 4.07 8.20 16.59
CA SER A 44 3.77 8.09 18.01
C SER A 44 4.87 8.75 18.85
N LEU A 45 6.12 8.40 18.59
CA LEU A 45 7.22 9.00 19.34
C LEU A 45 7.25 10.51 19.04
N TRP A 46 7.08 10.87 17.78
CA TRP A 46 7.08 12.28 17.41
C TRP A 46 5.96 13.03 18.12
N ASN A 47 4.82 12.36 18.19
CA ASN A 47 3.62 12.94 18.81
C ASN A 47 3.79 13.17 20.32
N TRP A 48 4.40 12.21 21.07
CA TRP A 48 4.62 12.39 22.53
C TRP A 48 5.73 13.44 22.73
N PHE A 49 6.68 13.57 21.79
CA PHE A 49 7.77 14.56 21.92
C PHE A 49 7.22 16.00 21.76
N ASN A 50 5.90 16.13 21.63
CA ASN A 50 5.26 17.42 21.52
C ASN A 50 5.33 18.13 22.85
N ILE A 51 5.65 17.43 23.97
CA ILE A 51 5.65 18.10 25.29
C ILE A 51 6.56 19.32 25.25
N THR A 52 7.55 19.27 24.37
CA THR A 52 8.47 20.39 24.11
C THR A 52 7.88 21.33 23.07
N ASN A 53 6.97 20.83 22.18
CA ASN A 53 6.46 21.74 21.12
C ASN A 53 5.63 22.90 21.73
N TRP A 54 4.63 22.58 22.55
CA TRP A 54 3.72 23.62 23.14
C TRP A 54 4.49 24.42 24.20
N LEU A 55 5.52 23.82 24.75
CA LEU A 55 6.28 24.49 25.82
C LEU A 55 6.83 25.84 25.30
N TRP A 56 7.45 25.81 24.13
CA TRP A 56 8.00 27.03 23.52
C TRP A 56 6.92 28.06 23.21
N TYR A 57 5.79 27.54 22.73
CA TYR A 57 4.67 28.40 22.32
C TYR A 57 4.09 29.11 23.54
N ILE A 58 3.71 28.32 24.58
CA ILE A 58 3.10 28.87 25.82
C ILE A 58 4.17 29.54 26.70
N LYS A 59 5.46 29.24 26.46
CA LYS A 59 6.54 29.83 27.25
C LYS A 59 6.32 29.56 28.73
N GLY B 1 -18.81 -31.99 -10.31
CA GLY B 1 -18.48 -32.17 -11.75
C GLY B 1 -17.26 -31.32 -12.12
N TYR B 2 -17.32 -30.00 -11.80
CA TYR B 2 -16.22 -29.03 -12.09
C TYR B 2 -15.90 -28.24 -10.81
N ILE B 3 -15.07 -27.19 -10.95
CA ILE B 3 -14.63 -26.31 -9.80
C ILE B 3 -15.46 -25.00 -9.70
N PRO B 4 -15.83 -24.33 -10.78
CA PRO B 4 -16.61 -23.05 -10.65
C PRO B 4 -17.99 -23.25 -9.99
N GLU B 5 -18.44 -22.25 -9.21
CA GLU B 5 -19.75 -22.26 -8.50
C GLU B 5 -20.58 -21.06 -8.95
N ALA B 6 -19.87 -20.03 -9.46
CA ALA B 6 -20.47 -18.78 -9.96
C ALA B 6 -20.93 -17.86 -8.82
N PRO B 7 -20.06 -17.50 -7.90
CA PRO B 7 -20.43 -16.57 -6.78
C PRO B 7 -20.47 -15.11 -7.28
N ARG B 8 -21.68 -14.50 -7.26
CA ARG B 8 -21.90 -13.11 -7.74
C ARG B 8 -22.51 -12.33 -6.57
N ASP B 9 -21.82 -11.27 -6.12
CA ASP B 9 -22.29 -10.43 -5.00
C ASP B 9 -21.69 -9.04 -5.17
N GLY B 10 -20.92 -8.88 -6.25
CA GLY B 10 -20.28 -7.59 -6.60
C GLY B 10 -19.03 -7.30 -5.79
N GLN B 11 -18.64 -8.22 -4.90
CA GLN B 11 -17.40 -8.10 -4.06
C GLN B 11 -16.28 -8.80 -4.84
N ALA B 12 -15.00 -8.61 -4.42
CA ALA B 12 -13.81 -9.20 -5.12
C ALA B 12 -13.08 -10.15 -4.20
N TYR B 13 -12.40 -11.18 -4.79
CA TYR B 13 -11.66 -12.21 -4.04
C TYR B 13 -10.36 -12.59 -4.75
N VAL B 14 -9.78 -13.74 -4.41
CA VAL B 14 -8.49 -14.22 -5.03
C VAL B 14 -8.48 -15.74 -5.08
N ARG B 15 -7.58 -16.37 -5.90
CA ARG B 15 -7.54 -17.85 -6.01
C ARG B 15 -6.52 -18.41 -5.00
N LYS B 16 -7.04 -19.13 -3.98
CA LYS B 16 -6.22 -19.76 -2.91
C LYS B 16 -6.88 -21.06 -2.44
N ASP B 17 -6.07 -22.12 -2.27
CA ASP B 17 -6.57 -23.44 -1.82
C ASP B 17 -7.93 -23.81 -2.45
N GLY B 18 -8.10 -23.55 -3.75
CA GLY B 18 -9.34 -23.90 -4.41
C GLY B 18 -10.56 -23.27 -3.77
N GLU B 19 -10.48 -21.99 -3.32
CA GLU B 19 -11.63 -21.32 -2.69
C GLU B 19 -11.55 -19.84 -3.03
N TRP B 20 -12.70 -19.22 -2.99
CA TRP B 20 -12.85 -17.80 -3.26
C TRP B 20 -12.46 -17.10 -1.95
N VAL B 21 -11.45 -16.21 -1.96
CA VAL B 21 -11.00 -15.50 -0.70
C VAL B 21 -10.97 -14.01 -0.99
N LEU B 22 -11.60 -13.23 -0.11
CA LEU B 22 -11.65 -11.78 -0.15
C LEU B 22 -10.23 -11.23 -0.22
N LEU B 23 -9.94 -10.53 -1.32
CA LEU B 23 -8.61 -9.96 -1.56
C LEU B 23 -8.35 -8.98 -0.40
N SER B 24 -9.42 -8.32 0.09
CA SER B 24 -9.33 -7.35 1.17
C SER B 24 -8.39 -7.80 2.32
N THR B 25 -8.32 -9.10 2.59
CA THR B 25 -7.44 -9.64 3.63
C THR B 25 -5.97 -9.46 3.29
N PHE B 26 -5.70 -9.48 1.98
CA PHE B 26 -4.34 -9.29 1.42
C PHE B 26 -4.04 -7.80 1.28
N LEU B 27 -5.07 -6.91 1.23
CA LEU B 27 -4.80 -5.44 1.10
C LEU B 27 -4.22 -4.94 2.44
N GLY B 28 -4.79 -5.46 3.56
CA GLY B 28 -4.37 -5.12 4.95
C GLY B 28 -5.24 -4.03 5.61
N SER B 29 -6.30 -4.47 6.29
CA SER B 29 -7.25 -3.59 7.02
C SER B 29 -8.12 -2.83 6.06
N SER B 30 -8.14 -1.52 6.16
CA SER B 30 -8.83 -0.68 5.20
C SER B 30 -7.91 -0.62 3.99
N GLY B 31 -6.86 -1.50 3.98
CA GLY B 31 -5.78 -1.51 3.01
C GLY B 31 -4.74 -0.54 3.49
N ASN B 32 -4.94 -0.10 4.76
CA ASN B 32 -4.13 0.97 5.36
C ASN B 32 -4.25 2.18 4.39
N GLU B 33 -5.45 2.18 3.78
CA GLU B 33 -5.86 3.22 2.83
C GLU B 33 -5.89 4.53 3.61
N GLN B 34 -5.97 4.34 4.92
CA GLN B 34 -6.02 5.47 5.85
C GLN B 34 -4.67 6.20 5.83
N GLU B 35 -3.51 5.52 6.00
CA GLU B 35 -2.22 6.23 6.05
C GLU B 35 -1.90 6.91 4.71
N LEU B 36 -1.93 6.13 3.64
CA LEU B 36 -1.44 6.63 2.32
C LEU B 36 -2.31 7.87 1.94
N LEU B 37 -3.60 7.87 2.31
CA LEU B 37 -4.47 9.05 2.09
C LEU B 37 -4.14 10.19 3.09
N GLU B 38 -3.78 9.87 4.37
CA GLU B 38 -3.49 10.90 5.39
C GLU B 38 -2.18 11.61 5.07
N LEU B 39 -1.10 10.86 4.71
CA LEU B 39 0.26 11.45 4.48
C LEU B 39 0.16 12.69 3.63
N ASP B 40 -0.79 12.67 2.73
CA ASP B 40 -1.03 13.78 1.85
C ASP B 40 -1.36 15.05 2.67
N LYS B 41 -2.22 14.92 3.69
CA LYS B 41 -2.60 16.07 4.51
C LYS B 41 -1.45 16.68 5.34
N TRP B 42 -0.68 15.84 6.07
CA TRP B 42 0.38 16.37 6.95
C TRP B 42 1.49 17.07 6.16
N ALA B 43 1.88 16.51 5.01
CA ALA B 43 2.88 17.13 4.18
C ALA B 43 2.46 18.52 3.75
N SER B 44 1.21 18.62 3.31
CA SER B 44 0.70 19.89 2.82
C SER B 44 0.78 20.98 3.90
N LEU B 45 0.27 20.69 5.10
CA LEU B 45 0.34 21.67 6.17
C LEU B 45 1.82 21.92 6.51
N TRP B 46 2.60 20.85 6.58
CA TRP B 46 4.02 20.99 6.90
C TRP B 46 4.72 21.85 5.85
N ASN B 47 4.35 21.62 4.60
CA ASN B 47 4.92 22.33 3.46
C ASN B 47 4.60 23.83 3.47
N TRP B 48 3.34 24.23 3.80
CA TRP B 48 2.98 25.67 3.84
C TRP B 48 3.64 26.29 5.10
N PHE B 49 3.85 25.51 6.18
CA PHE B 49 4.48 26.06 7.40
C PHE B 49 5.97 26.38 7.16
N ASN B 50 6.44 26.22 5.91
CA ASN B 50 7.79 26.52 5.54
C ASN B 50 8.00 28.02 5.57
N ILE B 51 6.90 28.84 5.60
CA ILE B 51 7.08 30.32 5.55
C ILE B 51 8.03 30.76 6.66
N THR B 52 8.05 29.96 7.74
CA THR B 52 8.97 30.17 8.88
C THR B 52 10.30 29.49 8.61
N ASN B 53 10.33 28.43 7.75
CA ASN B 53 11.63 27.72 7.57
C ASN B 53 12.67 28.64 6.89
N TRP B 54 12.32 29.25 5.75
CA TRP B 54 13.29 30.11 4.98
C TRP B 54 13.51 31.42 5.73
N LEU B 55 12.56 31.79 6.55
CA LEU B 55 12.64 33.07 7.29
C LEU B 55 13.94 33.09 8.13
N TRP B 56 14.16 32.02 8.89
CA TRP B 56 15.36 31.92 9.73
C TRP B 56 16.65 31.91 8.90
N TYR B 57 16.57 31.21 7.77
CA TYR B 57 17.75 31.06 6.90
C TYR B 57 18.13 32.42 6.31
N ILE B 58 17.14 33.09 5.65
CA ILE B 58 17.37 34.41 5.00
C ILE B 58 17.46 35.52 6.05
N LYS B 59 16.99 35.26 7.28
CA LYS B 59 17.03 36.29 8.33
C LYS B 59 16.33 37.56 7.88
N GLY C 1 -21.87 -21.93 -22.89
CA GLY C 1 -21.62 -23.33 -22.43
C GLY C 1 -20.99 -23.31 -21.03
N TYR C 2 -19.89 -22.56 -20.88
CA TYR C 2 -19.14 -22.42 -19.60
C TYR C 2 -18.90 -20.92 -19.31
N ILE C 3 -18.07 -20.63 -18.28
CA ILE C 3 -17.74 -19.22 -17.85
C ILE C 3 -16.39 -18.72 -18.42
N PRO C 4 -15.34 -19.52 -18.52
CA PRO C 4 -14.02 -19.00 -19.06
C PRO C 4 -14.13 -18.54 -20.53
N GLU C 5 -13.37 -17.48 -20.88
CA GLU C 5 -13.33 -16.89 -22.25
C GLU C 5 -11.89 -16.95 -22.78
N ALA C 6 -10.94 -17.02 -21.83
CA ALA C 6 -9.50 -17.08 -22.12
C ALA C 6 -8.93 -15.72 -22.55
N PRO C 7 -9.10 -14.69 -21.75
CA PRO C 7 -8.53 -13.33 -22.08
C PRO C 7 -7.01 -13.30 -21.80
N ARG C 8 -6.20 -13.14 -22.86
CA ARG C 8 -4.71 -13.11 -22.76
C ARG C 8 -4.25 -11.78 -23.36
N ASP C 9 -3.58 -10.95 -22.55
CA ASP C 9 -3.06 -9.63 -22.99
C ASP C 9 -1.86 -9.27 -22.14
N GLY C 10 -1.53 -10.18 -21.21
CA GLY C 10 -0.37 -10.01 -20.31
C GLY C 10 -0.64 -9.09 -19.13
N GLN C 11 -1.87 -8.55 -19.05
CA GLN C 11 -2.31 -7.66 -17.93
C GLN C 11 -2.93 -8.56 -16.85
N ALA C 12 -3.18 -8.03 -15.62
CA ALA C 12 -3.75 -8.82 -14.48
C ALA C 12 -5.08 -8.25 -14.07
N TYR C 13 -5.98 -9.11 -13.52
CA TYR C 13 -7.34 -8.73 -13.09
C TYR C 13 -7.74 -9.46 -11.82
N VAL C 14 -9.04 -9.51 -11.49
CA VAL C 14 -9.56 -10.19 -10.25
C VAL C 14 -10.94 -10.76 -10.50
N ARG C 15 -11.44 -11.70 -9.64
CA ARG C 15 -12.78 -12.31 -9.86
C ARG C 15 -13.84 -11.51 -9.11
N LYS C 16 -14.73 -10.83 -9.89
CA LYS C 16 -15.83 -10.00 -9.34
C LYS C 16 -17.04 -10.06 -10.29
N ASP C 17 -18.25 -10.23 -9.71
CA ASP C 17 -19.50 -10.30 -10.51
C ASP C 17 -19.34 -11.09 -11.81
N GLY C 18 -18.62 -12.21 -11.76
CA GLY C 18 -18.47 -13.04 -12.95
C GLY C 18 -17.82 -12.28 -14.11
N GLU C 19 -16.81 -11.41 -13.85
CA GLU C 19 -16.15 -10.66 -14.92
C GLU C 19 -14.71 -10.46 -14.53
N TRP C 20 -13.90 -10.26 -15.55
CA TRP C 20 -12.47 -10.04 -15.40
C TRP C 20 -12.35 -8.55 -15.05
N VAL C 21 -11.74 -8.18 -13.89
CA VAL C 21 -11.61 -6.73 -13.49
C VAL C 21 -10.15 -6.47 -13.15
N LEU C 22 -9.59 -5.40 -13.74
CA LEU C 22 -8.23 -4.95 -13.51
C LEU C 22 -8.01 -4.74 -12.02
N LEU C 23 -7.08 -5.51 -11.46
CA LEU C 23 -6.76 -5.45 -10.03
C LEU C 23 -6.29 -4.01 -9.75
N SER C 24 -5.62 -3.39 -10.73
CA SER C 24 -5.11 -2.03 -10.60
C SER C 24 -6.10 -1.06 -9.92
N THR C 25 -7.40 -1.26 -10.13
CA THR C 25 -8.43 -0.42 -9.51
C THR C 25 -8.47 -0.60 -8.00
N PHE C 26 -8.12 -1.81 -7.56
CA PHE C 26 -8.06 -2.18 -6.14
C PHE C 26 -6.70 -1.78 -5.54
N LEU C 27 -5.65 -1.57 -6.38
CA LEU C 27 -4.32 -1.16 -5.83
C LEU C 27 -4.43 0.30 -5.35
N GLY C 28 -5.15 1.14 -6.14
CA GLY C 28 -5.39 2.57 -5.85
C GLY C 28 -4.41 3.52 -6.58
N SER C 29 -4.81 3.94 -7.79
CA SER C 29 -4.03 4.88 -8.64
C SER C 29 -2.84 4.19 -9.23
N SER C 30 -1.66 4.76 -9.01
CA SER C 30 -0.42 4.10 -9.40
C SER C 30 -0.16 3.04 -8.34
N GLY C 31 -1.20 2.79 -7.48
CA GLY C 31 -1.14 1.93 -6.31
C GLY C 31 -0.63 2.78 -5.18
N ASN C 32 -0.59 4.12 -5.45
CA ASN C 32 0.02 5.11 -4.55
C ASN C 32 1.47 4.62 -4.31
N GLU C 33 1.93 3.98 -5.40
CA GLU C 33 3.29 3.43 -5.48
C GLU C 33 4.24 4.60 -5.37
N GLN C 34 3.66 5.76 -5.65
CA GLN C 34 4.39 7.03 -5.61
C GLN C 34 4.79 7.35 -4.16
N GLU C 35 3.85 7.32 -3.19
CA GLU C 35 4.20 7.70 -1.80
C GLU C 35 5.20 6.70 -1.19
N LEU C 36 4.84 5.42 -1.23
CA LEU C 36 5.62 4.40 -0.48
C LEU C 36 7.07 4.42 -1.05
N LEU C 37 7.24 4.69 -2.35
CA LEU C 37 8.58 4.85 -2.96
C LEU C 37 9.23 6.22 -2.55
N GLU C 38 8.45 7.31 -2.42
CA GLU C 38 8.99 8.64 -2.09
C GLU C 38 9.46 8.67 -0.63
N LEU C 39 8.66 8.13 0.32
CA LEU C 39 8.97 8.22 1.77
C LEU C 39 10.42 7.83 2.03
N ASP C 40 10.90 6.93 1.22
CA ASP C 40 12.26 6.48 1.30
C ASP C 40 13.23 7.67 1.11
N LYS C 41 12.96 8.52 0.12
CA LYS C 41 13.83 9.68 -0.16
C LYS C 41 13.87 10.75 0.97
N TRP C 42 12.68 11.16 1.47
CA TRP C 42 12.64 12.24 2.49
C TRP C 42 13.31 11.81 3.80
N ALA C 43 13.10 10.57 4.22
CA ALA C 43 13.72 10.06 5.43
C ALA C 43 15.22 10.13 5.32
N SER C 44 15.74 9.67 4.19
CA SER C 44 17.18 9.63 3.99
C SER C 44 17.80 11.02 4.14
N LEU C 45 17.25 12.01 3.43
CA LEU C 45 17.78 13.36 3.53
C LEU C 45 17.57 13.86 4.97
N TRP C 46 16.40 13.59 5.54
CA TRP C 46 16.11 14.03 6.90
C TRP C 46 17.10 13.39 7.87
N ASN C 47 17.37 12.11 7.62
CA ASN C 47 18.28 11.33 8.47
C ASN C 47 19.73 11.84 8.44
N TRP C 48 20.26 12.22 7.24
CA TRP C 48 21.64 12.74 7.15
C TRP C 48 21.66 14.17 7.74
N PHE C 49 20.55 14.92 7.66
CA PHE C 49 20.50 16.29 8.22
C PHE C 49 20.55 16.26 9.77
N ASN C 50 20.71 15.07 10.35
CA ASN C 50 20.82 14.91 11.77
C ASN C 50 22.14 15.47 12.25
N ILE C 51 23.12 15.72 11.32
CA ILE C 51 24.45 16.21 11.79
C ILE C 51 24.29 17.44 12.63
N THR C 52 23.21 18.19 12.37
CA THR C 52 22.81 19.38 13.15
C THR C 52 21.99 18.96 14.37
N ASN C 53 21.28 17.79 14.30
CA ASN C 53 20.42 17.44 15.47
C ASN C 53 21.25 17.20 16.74
N TRP C 54 22.27 16.32 16.66
CA TRP C 54 23.09 15.96 17.86
C TRP C 54 24.01 17.13 18.23
N LEU C 55 24.29 17.98 17.25
CA LEU C 55 25.20 19.12 17.48
C LEU C 55 24.65 19.99 18.63
N TRP C 56 23.37 20.34 18.54
CA TRP C 56 22.74 21.16 19.60
C TRP C 56 22.72 20.44 20.95
N TYR C 57 22.47 19.15 20.90
CA TYR C 57 22.37 18.35 22.14
C TYR C 57 23.72 18.29 22.83
N ILE C 58 24.77 17.85 22.08
CA ILE C 58 26.15 17.72 22.63
C ILE C 58 26.81 19.10 22.79
N LYS C 59 26.27 20.14 22.12
CA LYS C 59 26.84 21.47 22.21
C LYS C 59 28.32 21.46 21.84
N GLY A 1 -8.03 -30.08 -22.82
CA GLY A 1 -9.51 -30.18 -22.78
C GLY A 1 -10.12 -28.87 -22.28
N TYR A 2 -9.57 -28.34 -21.16
CA TYR A 2 -10.04 -27.07 -20.53
C TYR A 2 -8.83 -26.24 -20.12
N ILE A 3 -9.07 -25.19 -19.28
CA ILE A 3 -7.98 -24.24 -18.80
C ILE A 3 -7.54 -24.55 -17.36
N PRO A 4 -8.42 -24.89 -16.42
CA PRO A 4 -7.99 -25.19 -15.01
C PRO A 4 -7.02 -26.40 -14.93
N GLU A 5 -6.05 -26.31 -14.00
CA GLU A 5 -5.04 -27.37 -13.76
C GLU A 5 -5.14 -27.84 -12.30
N ALA A 6 -5.70 -26.97 -11.44
CA ALA A 6 -5.90 -27.22 -9.99
C ALA A 6 -4.57 -27.07 -9.20
N PRO A 7 -3.92 -25.93 -9.27
CA PRO A 7 -2.65 -25.69 -8.50
C PRO A 7 -2.97 -25.36 -7.05
N ARG A 8 -2.56 -26.26 -6.14
CA ARG A 8 -2.81 -26.14 -4.69
C ARG A 8 -1.45 -26.17 -4.01
N ASP A 9 -1.09 -25.07 -3.32
CA ASP A 9 0.21 -24.95 -2.62
C ASP A 9 0.04 -24.02 -1.43
N GLY A 10 -1.18 -23.52 -1.28
CA GLY A 10 -1.55 -22.64 -0.16
C GLY A 10 -1.12 -21.20 -0.38
N GLN A 11 -0.48 -20.91 -1.54
CA GLN A 11 -0.01 -19.56 -1.93
C GLN A 11 -1.15 -18.90 -2.74
N ALA A 12 -1.09 -17.58 -2.95
CA ALA A 12 -2.15 -16.82 -3.69
C ALA A 12 -1.55 -16.26 -4.98
N TYR A 13 -2.38 -16.14 -6.06
CA TYR A 13 -1.97 -15.62 -7.38
C TYR A 13 -3.05 -14.69 -7.95
N VAL A 14 -2.93 -14.37 -9.24
CA VAL A 14 -3.90 -13.47 -9.99
C VAL A 14 -4.09 -13.97 -11.43
N ARG A 15 -5.16 -13.52 -12.13
CA ARG A 15 -5.44 -13.98 -13.51
C ARG A 15 -4.79 -13.02 -14.52
N LYS A 16 -3.75 -13.53 -15.24
CA LYS A 16 -3.01 -12.75 -16.28
C LYS A 16 -2.53 -13.72 -17.38
N ASP A 17 -2.75 -13.32 -18.66
CA ASP A 17 -2.36 -14.12 -19.82
C ASP A 17 -2.65 -15.62 -19.64
N GLY A 18 -3.79 -15.95 -19.07
CA GLY A 18 -4.14 -17.35 -18.92
C GLY A 18 -3.13 -18.13 -18.09
N GLU A 19 -2.58 -17.54 -16.99
CA GLU A 19 -1.59 -18.22 -16.14
C GLU A 19 -1.79 -17.76 -14.70
N TRP A 20 -1.35 -18.60 -13.79
CA TRP A 20 -1.42 -18.36 -12.34
C TRP A 20 -0.20 -17.48 -12.01
N VAL A 21 -0.36 -16.22 -11.51
CA VAL A 21 0.82 -15.34 -11.20
C VAL A 21 0.67 -14.80 -9.77
N LEU A 22 1.75 -14.93 -8.99
CA LEU A 22 1.84 -14.50 -7.63
C LEU A 22 1.40 -13.03 -7.51
N LEU A 23 0.35 -12.82 -6.72
CA LEU A 23 -0.20 -11.50 -6.48
C LEU A 23 0.89 -10.66 -5.84
N SER A 24 1.72 -11.31 -5.02
CA SER A 24 2.81 -10.65 -4.31
C SER A 24 3.61 -9.68 -5.18
N THR A 25 3.73 -9.96 -6.48
CA THR A 25 4.45 -9.07 -7.41
C THR A 25 3.77 -7.73 -7.60
N PHE A 26 2.44 -7.70 -7.40
CA PHE A 26 1.61 -6.49 -7.51
C PHE A 26 1.45 -5.83 -6.14
N LEU A 27 1.75 -6.57 -5.03
CA LEU A 27 1.64 -5.97 -3.67
C LEU A 27 2.85 -5.01 -3.50
N GLY A 28 4.02 -5.47 -4.00
CA GLY A 28 5.30 -4.69 -4.00
C GLY A 28 6.23 -4.98 -2.80
N SER A 29 7.05 -6.04 -2.93
CA SER A 29 8.03 -6.46 -1.90
C SER A 29 7.34 -7.18 -0.77
N SER A 30 7.55 -6.73 0.47
CA SER A 30 6.84 -7.25 1.63
C SER A 30 5.47 -6.61 1.62
N GLY A 31 5.11 -6.01 0.43
CA GLY A 31 3.92 -5.24 0.23
C GLY A 31 4.17 -3.87 0.75
N ASN A 32 5.51 -3.59 0.93
CA ASN A 32 6.03 -2.36 1.55
C ASN A 32 5.28 -2.20 2.87
N GLU A 33 4.90 -3.39 3.37
CA GLU A 33 4.16 -3.52 4.64
C GLU A 33 5.04 -2.97 5.73
N GLN A 34 6.28 -2.82 5.38
CA GLN A 34 7.28 -2.30 6.33
C GLN A 34 6.89 -0.82 6.61
N GLU A 35 6.69 0.03 5.59
CA GLU A 35 6.29 1.46 5.86
C GLU A 35 4.87 1.57 6.46
N LEU A 36 4.03 0.65 6.01
CA LEU A 36 2.61 0.64 6.40
C LEU A 36 2.49 0.33 7.90
N LEU A 37 3.53 -0.31 8.49
CA LEU A 37 3.55 -0.67 9.94
C LEU A 37 4.49 0.25 10.75
N GLU A 38 5.56 0.79 10.10
CA GLU A 38 6.51 1.67 10.77
C GLU A 38 5.93 3.06 11.03
N LEU A 39 5.34 3.70 9.98
CA LEU A 39 4.84 5.10 10.08
C LEU A 39 4.05 5.30 11.34
N ASP A 40 3.31 4.28 11.71
CA ASP A 40 2.53 4.30 12.92
C ASP A 40 3.44 4.60 14.15
N LYS A 41 4.59 3.90 14.23
CA LYS A 41 5.52 4.11 15.35
C LYS A 41 6.17 5.51 15.42
N TRP A 42 6.69 6.03 14.30
CA TRP A 42 7.38 7.35 14.33
C TRP A 42 6.44 8.50 14.69
N ALA A 43 5.21 8.48 14.16
CA ALA A 43 4.24 9.50 14.46
C ALA A 43 3.96 9.57 15.92
N SER A 44 3.74 8.39 16.51
CA SER A 44 3.39 8.28 17.91
C SER A 44 4.46 8.90 18.81
N LEU A 45 5.71 8.52 18.61
CA LEU A 45 6.81 9.07 19.42
C LEU A 45 6.90 10.57 19.13
N TRP A 46 6.77 10.94 17.86
CA TRP A 46 6.84 12.37 17.50
C TRP A 46 5.68 13.16 18.12
N ASN A 47 4.50 12.55 18.08
CA ASN A 47 3.27 13.18 18.60
C ASN A 47 3.33 13.40 20.13
N TRP A 48 3.88 12.43 20.92
CA TRP A 48 3.98 12.59 22.40
C TRP A 48 5.11 13.63 22.71
N PHE A 49 6.16 13.71 21.87
CA PHE A 49 7.28 14.68 22.08
C PHE A 49 6.81 16.13 21.85
N ASN A 50 5.51 16.33 21.60
CA ASN A 50 4.96 17.64 21.37
C ASN A 50 4.97 18.42 22.66
N ILE A 51 5.13 17.76 23.84
CA ILE A 51 5.07 18.51 25.12
C ILE A 51 6.04 19.66 25.09
N THR A 52 7.10 19.53 24.31
CA THR A 52 8.10 20.58 24.06
C THR A 52 7.67 21.49 22.91
N ASN A 53 6.81 21.01 21.96
CA ASN A 53 6.49 21.89 20.81
C ASN A 53 5.73 23.15 21.26
N TRP A 54 4.62 22.95 22.00
CA TRP A 54 3.72 24.08 22.44
C TRP A 54 4.40 24.90 23.55
N LEU A 55 5.31 24.26 24.25
CA LEU A 55 5.96 24.94 25.39
C LEU A 55 6.70 26.20 24.88
N TRP A 56 7.46 26.06 23.82
CA TRP A 56 8.18 27.23 23.25
C TRP A 56 7.23 28.32 22.75
N TYR A 57 6.13 27.85 22.13
CA TYR A 57 5.13 28.77 21.56
C TYR A 57 4.41 29.56 22.66
N ILE A 58 3.83 28.84 23.65
CA ILE A 58 3.08 29.50 24.75
C ILE A 58 4.04 30.15 25.74
N LYS A 59 5.32 29.76 25.69
CA LYS A 59 6.32 30.32 26.61
C LYS A 59 5.87 30.12 28.06
N GLY B 1 -18.38 -32.30 -10.41
CA GLY B 1 -18.15 -32.40 -11.88
C GLY B 1 -16.97 -31.49 -12.29
N TYR B 2 -16.98 -30.24 -11.80
CA TYR B 2 -15.91 -29.23 -12.11
C TYR B 2 -15.55 -28.48 -10.84
N ILE B 3 -14.80 -27.35 -10.97
CA ILE B 3 -14.34 -26.51 -9.80
C ILE B 3 -15.18 -25.23 -9.62
N PRO B 4 -15.60 -24.53 -10.67
CA PRO B 4 -16.44 -23.29 -10.48
C PRO B 4 -17.79 -23.58 -9.78
N GLU B 5 -18.23 -22.62 -8.95
CA GLU B 5 -19.51 -22.70 -8.20
C GLU B 5 -20.39 -21.50 -8.58
N ALA B 6 -19.75 -20.43 -9.06
CA ALA B 6 -20.42 -19.18 -9.49
C ALA B 6 -20.83 -18.31 -8.30
N PRO B 7 -19.90 -17.94 -7.42
CA PRO B 7 -20.22 -17.06 -6.25
C PRO B 7 -20.33 -15.59 -6.69
N ARG B 8 -21.54 -15.04 -6.59
CA ARG B 8 -21.85 -13.66 -7.00
C ARG B 8 -22.39 -12.95 -5.76
N ASP B 9 -21.69 -11.90 -5.31
CA ASP B 9 -22.09 -11.12 -4.11
C ASP B 9 -21.58 -9.70 -4.25
N GLY B 10 -20.92 -9.45 -5.37
CA GLY B 10 -20.39 -8.12 -5.72
C GLY B 10 -19.08 -7.80 -4.99
N GLN B 11 -18.60 -8.75 -4.16
CA GLN B 11 -17.32 -8.62 -3.40
C GLN B 11 -16.21 -9.21 -4.28
N ALA B 12 -14.92 -8.94 -3.94
CA ALA B 12 -13.76 -9.44 -4.74
C ALA B 12 -12.94 -10.41 -3.87
N TYR B 13 -12.31 -11.43 -4.52
CA TYR B 13 -11.49 -12.46 -3.85
C TYR B 13 -10.21 -12.73 -4.64
N VAL B 14 -9.51 -13.83 -4.30
CA VAL B 14 -8.23 -14.27 -4.98
C VAL B 14 -8.17 -15.80 -5.05
N ARG B 15 -7.30 -16.37 -5.94
CA ARG B 15 -7.21 -17.83 -6.11
C ARG B 15 -6.14 -18.41 -5.15
N LYS B 16 -6.60 -19.19 -4.15
CA LYS B 16 -5.70 -19.86 -3.14
C LYS B 16 -6.34 -21.19 -2.71
N ASP B 17 -5.50 -22.25 -2.67
CA ASP B 17 -5.94 -23.60 -2.30
C ASP B 17 -7.31 -23.97 -2.89
N GLY B 18 -7.56 -23.62 -4.14
CA GLY B 18 -8.82 -23.99 -4.76
C GLY B 18 -10.02 -23.42 -4.03
N GLU B 19 -9.96 -22.16 -3.53
CA GLU B 19 -11.09 -21.54 -2.81
C GLU B 19 -11.09 -20.04 -3.11
N TRP B 20 -12.25 -19.46 -2.96
CA TRP B 20 -12.50 -18.02 -3.17
C TRP B 20 -12.07 -17.34 -1.86
N VAL B 21 -11.04 -16.43 -1.85
CA VAL B 21 -10.60 -15.76 -0.58
C VAL B 21 -10.54 -14.25 -0.80
N LEU B 22 -11.15 -13.51 0.12
CA LEU B 22 -11.22 -12.08 0.10
C LEU B 22 -9.82 -11.47 -0.06
N LEU B 23 -9.64 -10.73 -1.15
CA LEU B 23 -8.38 -10.08 -1.48
C LEU B 23 -8.07 -9.11 -0.33
N SER B 24 -9.12 -8.53 0.24
CA SER B 24 -8.99 -7.57 1.33
C SER B 24 -7.98 -8.00 2.40
N THR B 25 -7.84 -9.30 2.64
CA THR B 25 -6.88 -9.82 3.63
C THR B 25 -5.43 -9.57 3.24
N PHE B 26 -5.19 -9.45 1.93
CA PHE B 26 -3.84 -9.19 1.36
C PHE B 26 -3.67 -7.68 1.16
N LEU B 27 -4.77 -6.89 1.15
CA LEU B 27 -4.64 -5.41 0.98
C LEU B 27 -4.08 -4.84 2.32
N GLY B 28 -4.60 -5.40 3.44
CA GLY B 28 -4.16 -5.06 4.82
C GLY B 28 -5.02 -3.98 5.52
N SER B 29 -6.15 -4.42 6.14
CA SER B 29 -7.08 -3.53 6.87
C SER B 29 -7.96 -2.77 5.92
N SER B 30 -8.00 -1.45 6.05
CA SER B 30 -8.71 -0.58 5.10
C SER B 30 -7.80 -0.46 3.89
N GLY B 31 -6.79 -1.38 3.81
CA GLY B 31 -5.75 -1.38 2.82
C GLY B 31 -4.72 -0.40 3.26
N ASN B 32 -4.82 -0.06 4.59
CA ASN B 32 -4.01 0.99 5.24
C ASN B 32 -4.14 2.25 4.38
N GLU B 33 -5.29 2.27 3.71
CA GLU B 33 -5.67 3.37 2.80
C GLU B 33 -5.72 4.63 3.61
N GLN B 34 -5.74 4.42 4.90
CA GLN B 34 -5.79 5.55 5.83
C GLN B 34 -4.44 6.32 5.70
N GLU B 35 -3.28 5.65 5.79
CA GLU B 35 -1.97 6.37 5.65
C GLU B 35 -1.75 6.89 4.20
N LEU B 36 -2.26 6.10 3.27
CA LEU B 36 -2.08 6.37 1.83
C LEU B 36 -2.82 7.66 1.46
N LEU B 37 -3.85 8.05 2.27
CA LEU B 37 -4.65 9.28 2.03
C LEU B 37 -4.27 10.40 3.01
N GLU B 38 -3.80 10.06 4.24
CA GLU B 38 -3.43 11.04 5.25
C GLU B 38 -2.10 11.74 4.90
N LEU B 39 -1.05 10.95 4.59
CA LEU B 39 0.32 11.49 4.36
C LEU B 39 0.27 12.70 3.44
N ASP B 40 -0.63 12.64 2.50
CA ASP B 40 -0.84 13.73 1.58
C ASP B 40 -1.17 15.04 2.36
N LYS B 41 -2.08 14.94 3.33
CA LYS B 41 -2.47 16.13 4.13
C LYS B 41 -1.34 16.72 5.01
N TRP B 42 -0.62 15.87 5.77
CA TRP B 42 0.43 16.41 6.68
C TRP B 42 1.58 17.09 5.93
N ALA B 43 2.01 16.51 4.81
CA ALA B 43 3.07 17.09 4.02
C ALA B 43 2.70 18.47 3.55
N SER B 44 1.48 18.58 3.05
CA SER B 44 1.00 19.84 2.51
C SER B 44 1.04 20.96 3.54
N LEU B 45 0.47 20.71 4.72
CA LEU B 45 0.46 21.73 5.77
C LEU B 45 1.92 21.98 6.18
N TRP B 46 2.71 20.93 6.30
CA TRP B 46 4.11 21.08 6.68
C TRP B 46 4.90 21.87 5.62
N ASN B 47 4.62 21.56 4.36
CA ASN B 47 5.30 22.19 3.22
C ASN B 47 4.98 23.70 3.11
N TRP B 48 3.70 24.13 3.36
CA TRP B 48 3.35 25.58 3.30
C TRP B 48 3.97 26.30 4.55
N PHE B 49 4.07 25.61 5.69
CA PHE B 49 4.64 26.21 6.94
C PHE B 49 6.17 26.46 6.78
N ASN B 50 6.71 26.22 5.59
CA ASN B 50 8.11 26.43 5.33
C ASN B 50 8.40 27.91 5.31
N ILE B 51 7.38 28.79 5.19
CA ILE B 51 7.66 30.25 5.11
C ILE B 51 8.51 30.69 6.27
N THR B 52 8.41 29.95 7.38
CA THR B 52 9.24 30.16 8.58
C THR B 52 10.55 29.37 8.48
N ASN B 53 10.59 28.27 7.69
CA ASN B 53 11.86 27.48 7.69
C ASN B 53 13.05 28.29 7.12
N TRP B 54 12.85 28.85 5.91
CA TRP B 54 13.95 29.60 5.20
C TRP B 54 14.19 30.96 5.86
N LEU B 55 13.18 31.45 6.52
CA LEU B 55 13.27 32.79 7.14
C LEU B 55 14.45 32.80 8.16
N TRP B 56 14.50 31.80 9.02
CA TRP B 56 15.60 31.72 10.02
C TRP B 56 16.96 31.57 9.35
N TYR B 57 16.98 30.77 8.28
CA TYR B 57 18.24 30.49 7.56
C TYR B 57 18.75 31.74 6.87
N ILE B 58 17.91 32.39 6.03
CA ILE B 58 18.32 33.61 5.27
C ILE B 58 18.38 34.82 6.20
N LYS B 59 17.75 34.71 7.38
CA LYS B 59 17.74 35.82 8.33
C LYS B 59 17.18 37.09 7.67
N GLY C 1 -22.23 -22.11 -22.50
CA GLY C 1 -21.88 -23.50 -22.10
C GLY C 1 -21.18 -23.50 -20.75
N TYR C 2 -20.18 -22.60 -20.58
CA TYR C 2 -19.40 -22.48 -19.31
C TYR C 2 -19.20 -21.00 -18.99
N ILE C 3 -18.28 -20.69 -18.03
CA ILE C 3 -17.99 -19.27 -17.58
C ILE C 3 -16.70 -18.70 -18.19
N PRO C 4 -15.62 -19.46 -18.35
CA PRO C 4 -14.35 -18.92 -18.95
C PRO C 4 -14.55 -18.44 -20.40
N GLU C 5 -13.85 -17.35 -20.77
CA GLU C 5 -13.90 -16.74 -22.13
C GLU C 5 -12.48 -16.74 -22.72
N ALA C 6 -11.48 -16.78 -21.83
CA ALA C 6 -10.04 -16.79 -22.20
C ALA C 6 -9.54 -15.37 -22.60
N PRO C 7 -9.69 -14.38 -21.74
CA PRO C 7 -9.21 -12.99 -22.03
C PRO C 7 -7.69 -12.91 -21.81
N ARG C 8 -6.95 -12.68 -22.90
CA ARG C 8 -5.48 -12.61 -22.90
C ARG C 8 -5.11 -11.24 -23.46
N ASP C 9 -4.45 -10.40 -22.64
CA ASP C 9 -4.05 -9.03 -23.05
C ASP C 9 -2.80 -8.63 -22.27
N GLY C 10 -2.36 -9.56 -21.43
CA GLY C 10 -1.13 -9.38 -20.62
C GLY C 10 -1.36 -8.52 -19.39
N GLN C 11 -2.60 -8.05 -19.19
CA GLN C 11 -3.02 -7.21 -18.03
C GLN C 11 -3.51 -8.17 -16.93
N ALA C 12 -3.66 -7.69 -15.67
CA ALA C 12 -4.11 -8.54 -14.52
C ALA C 12 -5.46 -8.03 -14.03
N TYR C 13 -6.34 -8.94 -13.51
CA TYR C 13 -7.67 -8.62 -12.99
C TYR C 13 -7.94 -9.40 -11.69
N VAL C 14 -9.21 -9.42 -11.26
CA VAL C 14 -9.67 -10.12 -10.00
C VAL C 14 -11.06 -10.73 -10.22
N ARG C 15 -11.49 -11.70 -9.35
CA ARG C 15 -12.79 -12.37 -9.52
C ARG C 15 -13.86 -11.62 -8.71
N LYS C 16 -14.82 -10.97 -9.42
CA LYS C 16 -15.96 -10.21 -8.81
C LYS C 16 -17.18 -10.32 -9.73
N ASP C 17 -18.35 -10.61 -9.12
CA ASP C 17 -19.63 -10.75 -9.85
C ASP C 17 -19.47 -11.50 -11.18
N GLY C 18 -18.69 -12.58 -11.18
CA GLY C 18 -18.55 -13.36 -12.40
C GLY C 18 -18.00 -12.55 -13.57
N GLU C 19 -17.01 -11.63 -13.34
CA GLU C 19 -16.43 -10.81 -14.41
C GLU C 19 -14.96 -10.56 -14.10
N TRP C 20 -14.23 -10.29 -15.15
CA TRP C 20 -12.78 -9.99 -15.09
C TRP C 20 -12.67 -8.51 -14.72
N VAL C 21 -12.08 -8.13 -13.55
CA VAL C 21 -11.98 -6.67 -13.16
C VAL C 21 -10.53 -6.35 -12.80
N LEU C 22 -10.01 -5.27 -13.37
CA LEU C 22 -8.67 -4.79 -13.17
C LEU C 22 -8.38 -4.65 -11.67
N LEU C 23 -7.38 -5.40 -11.23
CA LEU C 23 -6.94 -5.39 -9.83
C LEU C 23 -6.50 -3.97 -9.50
N SER C 24 -5.92 -3.30 -10.49
CA SER C 24 -5.43 -1.93 -10.33
C SER C 24 -6.40 -1.02 -9.57
N THR C 25 -7.71 -1.25 -9.70
CA THR C 25 -8.71 -0.44 -8.99
C THR C 25 -8.67 -0.64 -7.48
N PHE C 26 -8.19 -1.80 -7.05
CA PHE C 26 -8.06 -2.16 -5.62
C PHE C 26 -6.63 -1.82 -5.14
N LEU C 27 -5.66 -1.61 -6.07
CA LEU C 27 -4.28 -1.24 -5.64
C LEU C 27 -4.33 0.23 -5.18
N GLY C 28 -5.09 1.05 -5.93
CA GLY C 28 -5.33 2.50 -5.61
C GLY C 28 -4.38 3.48 -6.35
N SER C 29 -4.74 3.83 -7.60
CA SER C 29 -3.97 4.77 -8.44
C SER C 29 -2.76 4.10 -9.04
N SER C 30 -1.58 4.68 -8.84
CA SER C 30 -0.32 4.05 -9.25
C SER C 30 -0.01 3.02 -8.20
N GLY C 31 -1.04 2.68 -7.37
CA GLY C 31 -0.94 1.82 -6.22
C GLY C 31 -0.41 2.63 -5.09
N ASN C 32 -0.50 3.99 -5.30
CA ASN C 32 0.05 5.01 -4.41
C ASN C 32 1.52 4.63 -4.19
N GLU C 33 2.01 3.95 -5.23
CA GLU C 33 3.41 3.46 -5.27
C GLU C 33 4.31 4.66 -5.19
N GLN C 34 3.71 5.78 -5.42
CA GLN C 34 4.44 7.05 -5.38
C GLN C 34 4.89 7.28 -3.91
N GLU C 35 4.00 7.19 -2.91
CA GLU C 35 4.42 7.39 -1.49
C GLU C 35 5.33 6.23 -0.99
N LEU C 36 5.02 5.06 -1.51
CA LEU C 36 5.71 3.81 -1.09
C LEU C 36 7.18 3.87 -1.53
N LEU C 37 7.48 4.71 -2.56
CA LEU C 37 8.87 4.87 -3.09
C LEU C 37 9.50 6.20 -2.64
N GLU C 38 8.68 7.25 -2.40
CA GLU C 38 9.17 8.57 -1.99
C GLU C 38 9.64 8.56 -0.53
N LEU C 39 8.78 8.05 0.40
CA LEU C 39 9.05 8.11 1.86
C LEU C 39 10.48 7.68 2.15
N ASP C 40 10.93 6.72 1.38
CA ASP C 40 12.28 6.23 1.51
C ASP C 40 13.30 7.39 1.32
N LYS C 41 13.08 8.22 0.29
CA LYS C 41 13.99 9.36 0.03
C LYS C 41 14.00 10.45 1.12
N TRP C 42 12.82 10.90 1.57
CA TRP C 42 12.79 12.01 2.57
C TRP C 42 13.40 11.61 3.91
N ALA C 43 13.15 10.39 4.37
CA ALA C 43 13.71 9.91 5.62
C ALA C 43 15.21 9.94 5.57
N SER C 44 15.75 9.44 4.46
CA SER C 44 17.19 9.34 4.30
C SER C 44 17.87 10.70 4.41
N LEU C 45 17.38 11.67 3.66
CA LEU C 45 17.96 13.02 3.71
C LEU C 45 17.74 13.58 5.12
N TRP C 46 16.57 13.36 5.67
CA TRP C 46 16.28 13.86 7.03
C TRP C 46 17.18 13.19 8.08
N ASN C 47 17.37 11.89 7.91
CA ASN C 47 18.18 11.08 8.83
C ASN C 47 19.66 11.49 8.81
N TRP C 48 20.25 11.79 7.63
CA TRP C 48 21.68 12.22 7.54
C TRP C 48 21.80 13.67 8.13
N PHE C 49 20.76 14.51 7.95
CA PHE C 49 20.78 15.91 8.45
C PHE C 49 20.73 15.94 10.00
N ASN C 50 20.78 14.78 10.64
CA ASN C 50 20.76 14.70 12.08
C ASN C 50 22.05 15.21 12.64
N ILE C 51 23.13 15.35 11.82
CA ILE C 51 24.44 15.80 12.37
C ILE C 51 24.28 17.09 13.13
N THR C 52 23.26 17.87 12.75
CA THR C 52 22.87 19.10 13.44
C THR C 52 21.90 18.82 14.58
N ASN C 53 21.13 17.69 14.53
CA ASN C 53 20.12 17.49 15.62
C ASN C 53 20.81 17.31 16.99
N TRP C 54 21.75 16.36 17.08
CA TRP C 54 22.44 16.02 18.38
C TRP C 54 23.42 17.13 18.77
N LEU C 55 23.88 17.86 17.78
CA LEU C 55 24.88 18.92 18.04
C LEU C 55 24.30 19.94 19.06
N TRP C 56 23.09 20.40 18.81
CA TRP C 56 22.44 21.36 19.74
C TRP C 56 22.23 20.78 21.13
N TYR C 57 21.84 19.50 21.13
CA TYR C 57 21.55 18.79 22.39
C TYR C 57 22.81 18.61 23.23
N ILE C 58 23.87 18.01 22.63
CA ILE C 58 25.15 17.75 23.35
C ILE C 58 25.94 19.04 23.51
N LYS C 59 25.60 20.08 22.73
CA LYS C 59 26.30 21.36 22.80
C LYS C 59 27.80 21.14 22.57
N GLY A 1 -8.28 -28.21 -23.24
CA GLY A 1 -9.47 -27.42 -23.67
C GLY A 1 -9.74 -26.29 -22.68
N TYR A 2 -9.95 -26.66 -21.40
CA TYR A 2 -10.26 -25.67 -20.34
C TYR A 2 -8.97 -25.05 -19.78
N ILE A 3 -9.02 -23.74 -19.55
CA ILE A 3 -7.87 -22.96 -19.06
C ILE A 3 -7.26 -23.40 -17.70
N PRO A 4 -8.02 -23.78 -16.68
CA PRO A 4 -7.43 -24.11 -15.34
C PRO A 4 -6.42 -25.29 -15.29
N GLU A 5 -5.38 -25.11 -14.42
CA GLU A 5 -4.32 -26.12 -14.16
C GLU A 5 -4.46 -26.61 -12.71
N ALA A 6 -5.01 -25.69 -11.89
CA ALA A 6 -5.26 -25.86 -10.44
C ALA A 6 -3.97 -25.88 -9.57
N PRO A 7 -3.10 -24.87 -9.60
CA PRO A 7 -1.85 -24.87 -8.76
C PRO A 7 -2.13 -24.62 -7.26
N ARG A 8 -1.59 -25.52 -6.41
CA ARG A 8 -1.70 -25.44 -4.94
C ARG A 8 -0.28 -25.25 -4.42
N ASP A 9 0.11 -24.02 -4.00
CA ASP A 9 1.50 -23.75 -3.50
C ASP A 9 1.42 -22.94 -2.22
N GLY A 10 0.20 -22.59 -1.85
CA GLY A 10 -0.05 -21.81 -0.62
C GLY A 10 0.25 -20.32 -0.84
N GLN A 11 0.78 -19.97 -2.04
CA GLN A 11 1.08 -18.55 -2.42
C GLN A 11 -0.14 -17.95 -3.10
N ALA A 12 -0.18 -16.61 -3.06
CA ALA A 12 -1.28 -15.81 -3.65
C ALA A 12 -0.86 -15.31 -5.00
N TYR A 13 -1.78 -15.33 -5.99
CA TYR A 13 -1.50 -14.86 -7.34
C TYR A 13 -2.77 -14.34 -7.92
N VAL A 14 -2.63 -13.58 -8.98
CA VAL A 14 -3.74 -12.84 -9.63
C VAL A 14 -3.81 -13.29 -11.05
N ARG A 15 -4.85 -12.88 -11.82
CA ARG A 15 -4.93 -13.28 -13.26
C ARG A 15 -4.48 -12.10 -14.13
N LYS A 16 -3.41 -12.34 -14.92
CA LYS A 16 -2.85 -11.38 -15.91
C LYS A 16 -2.46 -12.19 -17.15
N ASP A 17 -2.85 -11.68 -18.34
CA ASP A 17 -2.49 -12.36 -19.60
C ASP A 17 -2.71 -13.88 -19.55
N GLY A 18 -3.75 -14.38 -18.86
CA GLY A 18 -4.02 -15.82 -18.82
C GLY A 18 -2.96 -16.63 -18.02
N GLU A 19 -2.40 -16.07 -16.89
CA GLU A 19 -1.39 -16.81 -16.06
C GLU A 19 -1.57 -16.47 -14.57
N TRP A 20 -1.05 -17.39 -13.75
CA TRP A 20 -1.03 -17.31 -12.31
C TRP A 20 0.21 -16.45 -12.02
N VAL A 21 0.04 -15.22 -11.51
CA VAL A 21 1.18 -14.27 -11.25
C VAL A 21 1.05 -13.79 -9.83
N LEU A 22 2.15 -13.85 -9.07
CA LEU A 22 2.19 -13.47 -7.68
C LEU A 22 1.61 -12.05 -7.49
N LEU A 23 0.57 -11.99 -6.68
CA LEU A 23 -0.08 -10.75 -6.34
C LEU A 23 0.91 -9.84 -5.64
N SER A 24 1.75 -10.43 -4.81
CA SER A 24 2.71 -9.68 -4.00
C SER A 24 3.77 -8.91 -4.80
N THR A 25 4.10 -9.33 -6.01
CA THR A 25 5.11 -8.59 -6.78
C THR A 25 4.59 -7.22 -7.15
N PHE A 26 3.23 -7.10 -7.17
CA PHE A 26 2.53 -5.83 -7.49
C PHE A 26 2.12 -5.11 -6.21
N LEU A 27 2.02 -5.83 -5.04
CA LEU A 27 1.67 -5.14 -3.77
C LEU A 27 2.94 -4.35 -3.34
N GLY A 28 4.07 -5.12 -3.27
CA GLY A 28 5.42 -4.59 -2.96
C GLY A 28 5.93 -4.68 -1.49
N SER A 29 6.68 -5.75 -1.19
CA SER A 29 7.39 -5.95 0.12
C SER A 29 6.49 -6.20 1.35
N SER A 30 6.40 -7.48 1.79
CA SER A 30 5.61 -7.92 2.96
C SER A 30 4.12 -7.69 2.75
N GLY A 31 3.82 -7.05 1.64
CA GLY A 31 2.51 -6.59 1.21
C GLY A 31 2.34 -5.16 1.69
N ASN A 32 3.54 -4.53 1.71
CA ASN A 32 3.81 -3.17 2.23
C ASN A 32 3.19 -3.09 3.62
N GLU A 33 3.10 -4.30 4.16
CA GLU A 33 2.60 -4.62 5.41
C GLU A 33 3.50 -4.03 6.43
N GLN A 34 4.77 -3.88 6.00
CA GLN A 34 5.79 -3.30 6.94
C GLN A 34 5.45 -1.82 7.20
N GLU A 35 5.23 -0.98 6.17
CA GLU A 35 4.95 0.46 6.41
C GLU A 35 3.64 0.69 7.16
N LEU A 36 2.58 0.13 6.62
CA LEU A 36 1.21 0.43 7.16
C LEU A 36 1.18 -0.03 8.62
N LEU A 37 1.87 -1.11 8.92
CA LEU A 37 2.01 -1.57 10.31
C LEU A 37 2.83 -0.57 11.13
N GLU A 38 3.90 0.02 10.53
CA GLU A 38 4.81 0.94 11.23
C GLU A 38 4.11 2.26 11.52
N LEU A 39 3.35 2.85 10.55
CA LEU A 39 2.75 4.21 10.72
C LEU A 39 2.09 4.33 12.09
N ASP A 40 1.51 3.25 12.52
CA ASP A 40 0.84 3.16 13.79
C ASP A 40 1.78 3.56 14.95
N LYS A 41 2.99 3.02 14.95
CA LYS A 41 3.99 3.28 16.02
C LYS A 41 4.47 4.73 16.15
N TRP A 42 4.74 5.39 15.04
CA TRP A 42 5.29 6.77 15.11
C TRP A 42 4.29 7.75 15.74
N ALA A 43 3.01 7.61 15.43
CA ALA A 43 2.00 8.46 15.97
C ALA A 43 1.96 8.38 17.49
N SER A 44 1.99 7.17 18.04
CA SER A 44 1.91 7.00 19.49
C SER A 44 3.06 7.69 20.22
N LEU A 45 4.29 7.53 19.76
CA LEU A 45 5.41 8.20 20.44
C LEU A 45 5.21 9.72 20.33
N TRP A 46 4.86 10.13 19.12
CA TRP A 46 4.64 11.55 18.76
C TRP A 46 3.43 12.16 19.47
N ASN A 47 2.35 11.39 19.64
CA ASN A 47 1.11 11.93 20.21
C ASN A 47 1.31 12.44 21.62
N TRP A 48 2.10 11.76 22.47
CA TRP A 48 2.33 12.25 23.85
C TRP A 48 3.35 13.37 23.83
N PHE A 49 4.40 13.29 22.98
CA PHE A 49 5.41 14.38 22.98
C PHE A 49 4.76 15.74 22.67
N ASN A 50 3.44 15.83 22.46
CA ASN A 50 2.81 17.11 22.24
C ASN A 50 2.88 17.88 23.57
N ILE A 51 3.23 17.17 24.71
CA ILE A 51 3.38 17.88 26.03
C ILE A 51 4.43 18.97 25.81
N THR A 52 5.49 18.59 25.08
CA THR A 52 6.54 19.54 24.71
C THR A 52 6.00 20.59 23.73
N ASN A 53 5.06 20.19 22.82
CA ASN A 53 4.50 21.20 21.87
C ASN A 53 3.67 22.29 22.58
N TRP A 54 2.79 21.87 23.49
CA TRP A 54 1.89 22.80 24.19
C TRP A 54 2.71 23.65 25.16
N LEU A 55 3.90 23.13 25.47
CA LEU A 55 4.81 23.82 26.42
C LEU A 55 5.11 25.23 25.84
N TRP A 56 5.48 25.26 24.57
CA TRP A 56 5.77 26.51 23.87
C TRP A 56 4.54 27.43 23.84
N TYR A 57 3.36 26.81 23.61
CA TYR A 57 2.12 27.57 23.51
C TYR A 57 1.71 28.18 24.86
N ILE A 58 1.63 27.32 25.89
CA ILE A 58 1.20 27.74 27.25
C ILE A 58 2.32 28.39 28.04
N LYS A 59 3.60 28.22 27.60
CA LYS A 59 4.78 28.82 28.28
C LYS A 59 4.61 29.09 29.78
N GLY B 1 -16.46 -32.07 -10.25
CA GLY B 1 -15.34 -32.27 -11.20
C GLY B 1 -14.58 -30.95 -11.38
N TYR B 2 -15.28 -29.90 -11.83
CA TYR B 2 -14.66 -28.58 -12.10
C TYR B 2 -14.55 -27.77 -10.79
N ILE B 3 -13.42 -27.10 -10.63
CA ILE B 3 -13.11 -26.31 -9.43
C ILE B 3 -14.10 -25.15 -9.10
N PRO B 4 -14.61 -24.38 -10.03
CA PRO B 4 -15.49 -23.19 -9.70
C PRO B 4 -16.80 -23.49 -8.93
N GLU B 5 -17.16 -22.56 -8.02
CA GLU B 5 -18.39 -22.61 -7.19
C GLU B 5 -19.29 -21.42 -7.62
N ALA B 6 -18.60 -20.38 -8.09
CA ALA B 6 -19.17 -19.10 -8.55
C ALA B 6 -19.75 -18.21 -7.41
N PRO B 7 -19.01 -17.83 -6.37
CA PRO B 7 -19.55 -16.97 -5.26
C PRO B 7 -19.77 -15.50 -5.68
N ARG B 8 -20.99 -14.99 -5.44
CA ARG B 8 -21.37 -13.58 -5.72
C ARG B 8 -21.67 -12.96 -4.36
N ASP B 9 -20.77 -12.11 -3.82
CA ASP B 9 -20.99 -11.47 -2.48
C ASP B 9 -20.64 -9.98 -2.58
N GLY B 10 -20.19 -9.59 -3.75
CA GLY B 10 -19.80 -8.19 -4.01
C GLY B 10 -18.43 -7.85 -3.41
N GLN B 11 -17.84 -8.81 -2.68
CA GLN B 11 -16.48 -8.67 -2.07
C GLN B 11 -15.42 -9.17 -3.05
N ALA B 12 -14.21 -8.66 -2.85
CA ALA B 12 -13.04 -9.00 -3.70
C ALA B 12 -12.24 -10.06 -3.01
N TYR B 13 -11.72 -11.06 -3.78
CA TYR B 13 -10.91 -12.15 -3.25
C TYR B 13 -9.96 -12.57 -4.31
N VAL B 14 -8.94 -13.29 -3.90
CA VAL B 14 -7.81 -13.71 -4.77
C VAL B 14 -7.74 -15.20 -4.73
N ARG B 15 -6.88 -15.84 -5.56
CA ARG B 15 -6.77 -17.33 -5.53
C ARG B 15 -5.49 -17.71 -4.76
N LYS B 16 -5.69 -18.46 -3.66
CA LYS B 16 -4.61 -19.02 -2.80
C LYS B 16 -5.01 -20.43 -2.41
N ASP B 17 -4.09 -21.41 -2.55
CA ASP B 17 -4.36 -22.79 -2.15
C ASP B 17 -5.75 -23.29 -2.66
N GLY B 18 -6.18 -22.88 -3.85
CA GLY B 18 -7.47 -23.35 -4.38
C GLY B 18 -8.70 -22.82 -3.61
N GLU B 19 -8.69 -21.55 -3.11
CA GLU B 19 -9.86 -20.96 -2.37
C GLU B 19 -10.00 -19.46 -2.68
N TRP B 20 -11.23 -18.99 -2.44
CA TRP B 20 -11.63 -17.60 -2.61
C TRP B 20 -11.20 -16.96 -1.27
N VAL B 21 -10.20 -16.07 -1.29
CA VAL B 21 -9.67 -15.43 -0.04
C VAL B 21 -9.66 -13.94 -0.24
N LEU B 22 -10.21 -13.20 0.72
CA LEU B 22 -10.33 -11.76 0.64
C LEU B 22 -8.96 -11.11 0.31
N LEU B 23 -8.93 -10.40 -0.79
CA LEU B 23 -7.76 -9.68 -1.25
C LEU B 23 -7.38 -8.66 -0.20
N SER B 24 -8.38 -8.04 0.40
CA SER B 24 -8.17 -6.95 1.37
C SER B 24 -7.43 -7.37 2.64
N THR B 25 -7.48 -8.64 3.05
CA THR B 25 -6.77 -9.04 4.27
C THR B 25 -5.28 -8.94 4.06
N PHE B 26 -4.87 -9.00 2.78
CA PHE B 26 -3.44 -8.90 2.36
C PHE B 26 -3.11 -7.46 1.93
N LEU B 27 -4.12 -6.63 1.54
CA LEU B 27 -3.84 -5.22 1.17
C LEU B 27 -3.53 -4.48 2.50
N GLY B 28 -4.51 -4.61 3.45
CA GLY B 28 -4.42 -4.05 4.82
C GLY B 28 -5.09 -2.68 5.09
N SER B 29 -6.34 -2.73 5.59
CA SER B 29 -7.12 -1.52 6.07
C SER B 29 -7.55 -0.52 4.99
N SER B 30 -8.85 -0.57 4.62
CA SER B 30 -9.46 0.34 3.61
C SER B 30 -8.86 0.13 2.22
N GLY B 31 -7.84 -0.70 2.20
CA GLY B 31 -6.99 -1.02 1.06
C GLY B 31 -5.79 -0.09 1.10
N ASN B 32 -5.49 0.22 2.39
CA ASN B 32 -4.46 1.21 2.83
C ASN B 32 -4.72 2.49 2.06
N GLU B 33 -5.98 2.58 1.68
CA GLU B 33 -6.58 3.59 0.96
C GLU B 33 -6.57 4.80 1.82
N GLN B 34 -6.57 4.54 3.14
CA GLN B 34 -6.57 5.68 4.12
C GLN B 34 -5.21 6.42 4.02
N GLU B 35 -4.06 5.73 4.09
CA GLU B 35 -2.75 6.45 4.07
C GLU B 35 -2.50 7.15 2.73
N LEU B 36 -2.61 6.39 1.66
CA LEU B 36 -2.21 6.92 0.32
C LEU B 36 -3.11 8.12 0.00
N LEU B 37 -4.35 8.07 0.45
CA LEU B 37 -5.26 9.21 0.31
C LEU B 37 -4.79 10.38 1.20
N GLU B 38 -4.28 10.08 2.42
CA GLU B 38 -3.86 11.11 3.39
C GLU B 38 -2.59 11.80 2.92
N LEU B 39 -1.56 11.06 2.40
CA LEU B 39 -0.25 11.66 2.05
C LEU B 39 -0.43 12.94 1.26
N ASP B 40 -1.44 12.93 0.43
CA ASP B 40 -1.80 14.04 -0.39
C ASP B 40 -2.01 15.32 0.43
N LYS B 41 -2.78 15.21 1.51
CA LYS B 41 -3.11 16.36 2.39
C LYS B 41 -1.91 17.01 3.11
N TRP B 42 -1.01 16.22 3.65
CA TRP B 42 0.13 16.79 4.43
C TRP B 42 1.03 17.67 3.56
N ALA B 43 1.28 17.25 2.32
CA ALA B 43 2.10 18.00 1.42
C ALA B 43 1.55 19.40 1.17
N SER B 44 0.24 19.48 0.90
CA SER B 44 -0.36 20.77 0.60
C SER B 44 -0.23 21.78 1.75
N LEU B 45 -0.48 21.36 2.99
CA LEU B 45 -0.35 22.29 4.11
C LEU B 45 1.14 22.71 4.22
N TRP B 46 1.99 21.69 4.09
CA TRP B 46 3.45 21.84 4.20
C TRP B 46 4.05 22.66 3.05
N ASN B 47 3.52 22.48 1.83
CA ASN B 47 4.10 23.12 0.64
C ASN B 47 4.07 24.63 0.75
N TRP B 48 2.98 25.24 1.28
CA TRP B 48 2.93 26.71 1.41
C TRP B 48 3.75 27.14 2.62
N PHE B 49 3.72 26.39 3.74
CA PHE B 49 4.50 26.82 4.92
C PHE B 49 5.99 26.96 4.59
N ASN B 50 6.44 26.72 3.33
CA ASN B 50 7.83 26.92 3.00
C ASN B 50 8.07 28.44 3.03
N ILE B 51 6.98 29.29 3.09
CA ILE B 51 7.16 30.77 3.19
C ILE B 51 8.01 31.01 4.45
N THR B 52 7.67 30.25 5.51
CA THR B 52 8.42 30.30 6.76
C THR B 52 9.83 29.72 6.55
N ASN B 53 9.97 28.68 5.67
CA ASN B 53 11.33 28.10 5.45
C ASN B 53 12.27 29.10 4.75
N TRP B 54 11.78 29.76 3.70
CA TRP B 54 12.61 30.69 2.89
C TRP B 54 12.89 31.92 3.74
N LEU B 55 12.05 32.11 4.76
CA LEU B 55 12.18 33.29 5.64
C LEU B 55 13.60 33.26 6.27
N TRP B 56 13.96 32.10 6.80
CA TRP B 56 15.28 31.90 7.40
C TRP B 56 16.39 32.12 6.37
N TYR B 57 16.16 31.62 5.16
CA TYR B 57 17.17 31.71 4.09
C TYR B 57 17.37 33.17 3.64
N ILE B 58 16.27 33.82 3.25
CA ILE B 58 16.30 35.22 2.74
C ILE B 58 16.39 36.26 3.84
N LYS B 59 16.10 35.86 5.12
CA LYS B 59 16.17 36.76 6.30
C LYS B 59 15.96 38.26 5.99
N GLY C 1 -22.46 -21.76 -20.63
CA GLY C 1 -22.59 -22.66 -19.45
C GLY C 1 -21.49 -22.33 -18.43
N TYR C 2 -20.21 -22.42 -18.87
CA TYR C 2 -19.06 -22.16 -17.98
C TYR C 2 -18.75 -20.64 -17.90
N ILE C 3 -18.45 -20.20 -16.69
CA ILE C 3 -18.19 -18.77 -16.41
C ILE C 3 -17.01 -18.12 -17.20
N PRO C 4 -15.88 -18.76 -17.44
CA PRO C 4 -14.71 -18.07 -18.11
C PRO C 4 -14.97 -17.55 -19.54
N GLU C 5 -14.33 -16.39 -19.83
CA GLU C 5 -14.38 -15.71 -21.17
C GLU C 5 -12.95 -15.74 -21.76
N ALA C 6 -11.99 -15.77 -20.83
CA ALA C 6 -10.53 -15.79 -21.10
C ALA C 6 -9.97 -14.45 -21.64
N PRO C 7 -10.13 -13.30 -20.98
CA PRO C 7 -9.59 -11.99 -21.50
C PRO C 7 -8.04 -11.88 -21.38
N ARG C 8 -7.39 -11.55 -22.50
CA ARG C 8 -5.92 -11.34 -22.58
C ARG C 8 -5.72 -9.87 -22.94
N ASP C 9 -5.33 -9.01 -21.98
CA ASP C 9 -5.14 -7.54 -22.24
C ASP C 9 -3.82 -7.10 -21.62
N GLY C 10 -3.16 -8.04 -20.95
CA GLY C 10 -1.87 -7.76 -20.28
C GLY C 10 -2.06 -7.00 -18.96
N GLN C 11 -3.32 -6.62 -18.65
CA GLN C 11 -3.68 -5.92 -17.39
C GLN C 11 -4.05 -6.95 -16.33
N ALA C 12 -3.92 -6.52 -15.07
CA ALA C 12 -4.21 -7.36 -13.88
C ALA C 12 -5.58 -7.05 -13.39
N TYR C 13 -6.35 -8.08 -12.97
CA TYR C 13 -7.70 -7.92 -12.45
C TYR C 13 -7.95 -9.01 -11.47
N VAL C 14 -8.97 -8.82 -10.65
CA VAL C 14 -9.32 -9.70 -9.52
C VAL C 14 -10.71 -10.18 -9.72
N ARG C 15 -11.21 -11.14 -8.90
CA ARG C 15 -12.61 -11.62 -9.08
C ARG C 15 -13.49 -10.96 -8.00
N LYS C 16 -14.50 -10.20 -8.48
CA LYS C 16 -15.53 -9.54 -7.64
C LYS C 16 -16.89 -9.69 -8.34
N ASP C 17 -17.93 -10.11 -7.60
CA ASP C 17 -19.27 -10.24 -8.19
C ASP C 17 -19.26 -10.97 -9.55
N GLY C 18 -18.39 -11.96 -9.75
CA GLY C 18 -18.38 -12.70 -11.02
C GLY C 18 -17.87 -11.87 -12.23
N GLU C 19 -16.87 -10.95 -12.04
CA GLU C 19 -16.32 -10.12 -13.17
C GLU C 19 -14.81 -9.90 -12.98
N TRP C 20 -14.18 -9.58 -14.13
CA TRP C 20 -12.78 -9.27 -14.25
C TRP C 20 -12.72 -7.77 -13.88
N VAL C 21 -12.11 -7.42 -12.75
CA VAL C 21 -12.05 -5.99 -12.27
C VAL C 21 -10.62 -5.66 -11.96
N LEU C 22 -10.13 -4.54 -12.47
CA LEU C 22 -8.76 -4.11 -12.31
C LEU C 22 -8.35 -4.12 -10.82
N LEU C 23 -7.34 -4.89 -10.52
CA LEU C 23 -6.79 -5.00 -9.19
C LEU C 23 -6.28 -3.64 -8.76
N SER C 24 -5.70 -2.92 -9.70
CA SER C 24 -5.06 -1.63 -9.42
C SER C 24 -6.03 -0.54 -8.95
N THR C 25 -7.31 -0.60 -9.28
CA THR C 25 -8.24 0.44 -8.82
C THR C 25 -8.39 0.37 -7.33
N PHE C 26 -8.12 -0.82 -6.77
CA PHE C 26 -8.21 -1.10 -5.30
C PHE C 26 -6.82 -0.99 -4.66
N LEU C 27 -5.70 -1.10 -5.45
CA LEU C 27 -4.35 -0.95 -4.86
C LEU C 27 -4.16 0.57 -4.60
N GLY C 28 -4.38 1.35 -5.69
CA GLY C 28 -4.35 2.85 -5.68
C GLY C 28 -3.03 3.54 -6.12
N SER C 29 -2.97 3.92 -7.42
CA SER C 29 -1.85 4.73 -8.00
C SER C 29 -0.48 4.06 -8.10
N SER C 30 -0.11 3.62 -9.33
CA SER C 30 1.17 2.94 -9.62
C SER C 30 1.31 1.62 -8.89
N GLY C 31 0.34 1.35 -8.05
CA GLY C 31 0.24 0.24 -7.14
C GLY C 31 0.81 0.67 -5.81
N ASN C 32 0.61 2.00 -5.61
CA ASN C 32 1.13 2.82 -4.50
C ASN C 32 2.63 2.53 -4.41
N GLU C 33 3.11 2.13 -5.58
CA GLU C 33 4.42 1.79 -5.87
C GLU C 33 5.24 3.01 -5.74
N GLN C 34 4.57 4.16 -5.98
CA GLN C 34 5.29 5.46 -5.89
C GLN C 34 5.70 5.72 -4.42
N GLU C 35 4.79 5.62 -3.43
CA GLU C 35 5.17 5.91 -2.02
C GLU C 35 6.20 4.92 -1.47
N LEU C 36 5.88 3.65 -1.58
CA LEU C 36 6.73 2.61 -0.93
C LEU C 36 8.13 2.68 -1.53
N LEU C 37 8.21 3.00 -2.81
CA LEU C 37 9.50 3.22 -3.47
C LEU C 37 10.18 4.49 -2.90
N GLU C 38 9.39 5.56 -2.63
CA GLU C 38 9.93 6.84 -2.15
C GLU C 38 10.44 6.72 -0.72
N LEU C 39 9.69 6.04 0.20
CA LEU C 39 10.08 5.99 1.65
C LEU C 39 11.56 5.68 1.80
N ASP C 40 12.03 4.86 0.92
CA ASP C 40 13.41 4.45 0.89
C ASP C 40 14.37 5.67 0.81
N LYS C 41 14.07 6.59 -0.09
CA LYS C 41 14.91 7.80 -0.32
C LYS C 41 15.01 8.77 0.87
N TRP C 42 13.90 9.05 1.54
CA TRP C 42 13.93 10.03 2.64
C TRP C 42 14.83 9.59 3.80
N ALA C 43 14.79 8.29 4.14
CA ALA C 43 15.60 7.77 5.19
C ALA C 43 17.08 7.99 4.93
N SER C 44 17.53 7.69 3.71
CA SER C 44 18.96 7.84 3.40
C SER C 44 19.46 9.26 3.57
N LEU C 45 18.73 10.26 3.08
CA LEU C 45 19.18 11.64 3.24
C LEU C 45 19.21 11.97 4.75
N TRP C 46 18.13 11.56 5.41
CA TRP C 46 17.91 11.79 6.84
C TRP C 46 18.91 11.03 7.73
N ASN C 47 19.27 9.80 7.33
CA ASN C 47 20.12 8.94 8.19
C ASN C 47 21.48 9.57 8.40
N TRP C 48 22.10 10.22 7.40
CA TRP C 48 23.42 10.86 7.60
C TRP C 48 23.24 12.18 8.32
N PHE C 49 22.18 12.97 8.01
CA PHE C 49 22.02 14.27 8.69
C PHE C 49 21.94 14.09 10.21
N ASN C 50 22.03 12.86 10.76
CA ASN C 50 22.03 12.70 12.20
C ASN C 50 23.35 13.28 12.72
N ILE C 51 24.34 13.57 11.79
CA ILE C 51 25.63 14.19 12.24
C ILE C 51 25.26 15.51 12.94
N THR C 52 24.29 16.20 12.33
CA THR C 52 23.76 17.44 12.91
C THR C 52 22.98 17.11 14.21
N ASN C 53 22.28 15.95 14.27
CA ASN C 53 21.53 15.61 15.51
C ASN C 53 22.48 15.36 16.71
N TRP C 54 23.54 14.57 16.49
CA TRP C 54 24.48 14.20 17.57
C TRP C 54 25.27 15.44 17.97
N LEU C 55 25.28 16.39 17.05
CA LEU C 55 26.05 17.65 17.28
C LEU C 55 25.50 18.31 18.57
N TRP C 56 24.18 18.43 18.64
CA TRP C 56 23.51 19.00 19.81
C TRP C 56 23.81 18.17 21.06
N TYR C 57 23.80 16.84 20.91
CA TYR C 57 24.02 15.94 22.05
C TYR C 57 25.46 16.04 22.57
N ILE C 58 26.44 15.85 21.66
CA ILE C 58 27.88 15.85 22.02
C ILE C 58 28.45 17.26 22.15
N LYS C 59 27.73 18.29 21.63
CA LYS C 59 28.16 19.72 21.72
C LYS C 59 29.67 19.93 21.83
N GLY A 1 -8.00 -29.93 -22.64
CA GLY A 1 -9.48 -29.95 -22.70
C GLY A 1 -10.09 -28.76 -21.94
N TYR A 2 -9.40 -28.29 -20.88
CA TYR A 2 -9.88 -27.16 -20.03
C TYR A 2 -8.72 -26.21 -19.72
N ILE A 3 -8.76 -25.52 -18.54
CA ILE A 3 -7.66 -24.57 -18.08
C ILE A 3 -7.27 -24.85 -16.62
N PRO A 4 -8.18 -25.10 -15.69
CA PRO A 4 -7.79 -25.38 -14.26
C PRO A 4 -6.96 -26.67 -14.08
N GLU A 5 -6.02 -26.62 -13.11
CA GLU A 5 -5.16 -27.74 -12.68
C GLU A 5 -5.55 -28.11 -11.26
N ALA A 6 -6.24 -27.18 -10.60
CA ALA A 6 -6.69 -27.34 -9.21
C ALA A 6 -5.49 -27.20 -8.26
N PRO A 7 -4.85 -26.03 -8.14
CA PRO A 7 -3.67 -25.84 -7.22
C PRO A 7 -4.14 -25.43 -5.81
N ARG A 8 -3.89 -26.31 -4.83
CA ARG A 8 -4.25 -26.08 -3.42
C ARG A 8 -2.95 -26.04 -2.61
N ASP A 9 -2.58 -24.88 -2.03
CA ASP A 9 -1.32 -24.77 -1.21
C ASP A 9 -1.61 -23.74 -0.09
N GLY A 10 -2.80 -23.15 -0.17
CA GLY A 10 -3.29 -22.17 0.80
C GLY A 10 -2.65 -20.77 0.63
N GLN A 11 -1.80 -20.62 -0.40
CA GLN A 11 -1.10 -19.33 -0.74
C GLN A 11 -2.06 -18.54 -1.68
N ALA A 12 -1.84 -17.21 -1.97
CA ALA A 12 -2.75 -16.45 -2.89
C ALA A 12 -1.98 -16.14 -4.16
N TYR A 13 -2.68 -16.15 -5.30
CA TYR A 13 -2.17 -15.86 -6.63
C TYR A 13 -3.32 -15.30 -7.48
N VAL A 14 -2.99 -14.63 -8.61
CA VAL A 14 -3.95 -13.89 -9.51
C VAL A 14 -3.83 -14.43 -10.91
N ARG A 15 -4.63 -13.95 -11.94
CA ARG A 15 -4.49 -14.53 -13.35
C ARG A 15 -3.64 -13.55 -14.25
N LYS A 16 -2.48 -14.08 -14.72
CA LYS A 16 -1.57 -13.44 -15.70
C LYS A 16 -1.25 -14.54 -16.74
N ASP A 17 -1.39 -14.22 -18.05
CA ASP A 17 -1.15 -15.17 -19.17
C ASP A 17 -1.47 -16.64 -18.82
N GLY A 18 -2.67 -16.88 -18.29
CA GLY A 18 -3.09 -18.24 -17.98
C GLY A 18 -2.21 -18.93 -16.95
N GLU A 19 -1.66 -18.21 -15.95
CA GLU A 19 -0.80 -18.84 -14.92
C GLU A 19 -1.19 -18.23 -13.61
N TRP A 20 -1.06 -19.02 -12.55
CA TRP A 20 -1.38 -18.62 -11.18
C TRP A 20 -0.08 -18.00 -10.69
N VAL A 21 -0.04 -16.70 -10.35
CA VAL A 21 1.21 -16.04 -9.83
C VAL A 21 0.86 -15.25 -8.55
N LEU A 22 1.71 -15.42 -7.55
CA LEU A 22 1.62 -14.84 -6.25
C LEU A 22 1.41 -13.31 -6.34
N LEU A 23 0.28 -12.88 -5.82
CA LEU A 23 -0.10 -11.47 -5.69
C LEU A 23 1.09 -10.64 -5.17
N SER A 24 1.83 -11.26 -4.26
CA SER A 24 2.95 -10.63 -3.61
C SER A 24 3.89 -9.89 -4.59
N THR A 25 4.04 -10.33 -5.87
CA THR A 25 4.95 -9.59 -6.79
C THR A 25 4.38 -8.21 -7.11
N PHE A 26 3.04 -8.13 -7.06
CA PHE A 26 2.25 -6.91 -7.40
C PHE A 26 1.97 -6.10 -6.13
N LEU A 27 2.08 -6.72 -4.91
CA LEU A 27 1.79 -5.96 -3.68
C LEU A 27 2.92 -4.91 -3.54
N GLY A 28 4.19 -5.35 -3.77
CA GLY A 28 5.40 -4.47 -3.75
C GLY A 28 6.24 -4.48 -2.45
N SER A 29 7.20 -5.45 -2.40
CA SER A 29 8.24 -5.65 -1.32
C SER A 29 7.72 -5.48 0.15
N SER A 30 8.02 -6.54 1.02
CA SER A 30 7.58 -6.69 2.43
C SER A 30 6.15 -7.18 2.45
N GLY A 31 5.50 -6.84 1.38
CA GLY A 31 4.09 -6.98 1.13
C GLY A 31 3.50 -5.61 1.43
N ASN A 32 4.41 -4.57 1.52
CA ASN A 32 4.04 -3.20 1.92
C ASN A 32 3.66 -3.23 3.40
N GLU A 33 3.96 -4.38 3.98
CA GLU A 33 3.74 -4.75 5.33
C GLU A 33 4.55 -3.88 6.20
N GLN A 34 5.72 -3.52 5.69
CA GLN A 34 6.65 -2.70 6.53
C GLN A 34 6.01 -1.30 6.76
N GLU A 35 5.64 -0.60 5.70
CA GLU A 35 5.10 0.79 5.80
C GLU A 35 3.69 0.93 6.50
N LEU A 36 2.81 -0.02 6.23
CA LEU A 36 1.42 -0.01 6.80
C LEU A 36 1.47 -0.31 8.28
N LEU A 37 2.65 -0.81 8.71
CA LEU A 37 2.92 -1.19 10.13
C LEU A 37 3.87 -0.19 10.81
N GLU A 38 4.76 0.50 10.05
CA GLU A 38 5.71 1.49 10.64
C GLU A 38 4.95 2.76 11.08
N LEU A 39 4.01 3.32 10.25
CA LEU A 39 3.37 4.64 10.57
C LEU A 39 2.94 4.67 12.05
N ASP A 40 2.56 3.51 12.51
CA ASP A 40 2.13 3.28 13.86
C ASP A 40 3.23 3.58 14.89
N LYS A 41 4.46 3.13 14.60
CA LYS A 41 5.59 3.30 15.53
C LYS A 41 6.01 4.78 15.82
N TRP A 42 6.07 5.61 14.80
CA TRP A 42 6.56 7.02 14.96
C TRP A 42 5.61 7.89 15.81
N ALA A 43 4.29 7.71 15.66
CA ALA A 43 3.32 8.48 16.41
C ALA A 43 3.49 8.30 17.90
N SER A 44 3.63 7.04 18.28
CA SER A 44 3.70 6.69 19.70
C SER A 44 4.86 7.37 20.41
N LEU A 45 6.06 7.33 19.83
CA LEU A 45 7.21 7.98 20.47
C LEU A 45 6.94 9.48 20.55
N TRP A 46 6.35 10.01 19.46
CA TRP A 46 6.04 11.44 19.31
C TRP A 46 4.81 11.89 20.12
N ASN A 47 3.82 11.00 20.38
CA ASN A 47 2.58 11.48 21.03
C ASN A 47 2.92 12.05 22.39
N TRP A 48 3.84 11.42 23.18
CA TRP A 48 4.25 12.02 24.48
C TRP A 48 5.20 13.20 24.25
N PHE A 49 6.15 13.16 23.25
CA PHE A 49 7.11 14.32 23.09
C PHE A 49 6.39 15.69 22.96
N ASN A 50 5.06 15.67 23.03
CA ASN A 50 4.25 16.80 23.04
C ASN A 50 4.53 17.59 24.33
N ILE A 51 4.88 16.93 25.48
CA ILE A 51 5.13 17.68 26.74
C ILE A 51 6.17 18.78 26.50
N THR A 52 7.20 18.51 25.68
CA THR A 52 8.18 19.56 25.34
C THR A 52 7.55 20.62 24.40
N ASN A 53 6.59 20.23 23.53
CA ASN A 53 5.99 21.26 22.60
C ASN A 53 5.16 22.34 23.41
N TRP A 54 4.32 21.88 24.33
CA TRP A 54 3.42 22.75 25.11
C TRP A 54 4.19 23.58 26.11
N LEU A 55 5.31 23.01 26.55
CA LEU A 55 6.12 23.63 27.64
C LEU A 55 6.30 25.16 27.34
N TRP A 56 6.61 25.48 26.08
CA TRP A 56 6.70 26.88 25.64
C TRP A 56 5.34 27.61 25.74
N TYR A 57 4.25 26.90 25.36
CA TYR A 57 2.92 27.54 25.41
C TYR A 57 2.53 27.84 26.86
N ILE A 58 2.56 26.81 27.75
CA ILE A 58 2.20 26.96 29.19
C ILE A 58 3.35 27.56 30.00
N LYS A 59 4.50 27.78 29.33
CA LYS A 59 5.71 28.41 29.95
C LYS A 59 6.45 27.45 30.89
N GLY B 1 -18.30 -32.09 -10.40
CA GLY B 1 -17.98 -32.23 -11.83
C GLY B 1 -17.00 -31.15 -12.30
N TYR B 2 -17.07 -29.95 -11.67
CA TYR B 2 -16.20 -28.80 -12.05
C TYR B 2 -15.69 -28.10 -10.78
N ILE B 3 -15.44 -26.76 -10.85
CA ILE B 3 -14.96 -25.94 -9.66
C ILE B 3 -15.78 -24.64 -9.52
N PRO B 4 -16.12 -23.92 -10.58
CA PRO B 4 -16.93 -22.65 -10.43
C PRO B 4 -18.36 -22.89 -9.88
N GLU B 5 -18.83 -21.90 -9.09
CA GLU B 5 -20.20 -21.84 -8.52
C GLU B 5 -20.91 -20.67 -9.16
N ALA B 6 -20.12 -19.76 -9.75
CA ALA B 6 -20.62 -18.54 -10.39
C ALA B 6 -21.06 -17.54 -9.32
N PRO B 7 -20.17 -16.97 -8.49
CA PRO B 7 -20.56 -15.99 -7.43
C PRO B 7 -20.55 -14.56 -7.99
N ARG B 8 -21.73 -13.92 -8.04
CA ARG B 8 -21.90 -12.54 -8.55
C ARG B 8 -22.41 -11.69 -7.36
N ASP B 9 -21.64 -10.73 -6.86
CA ASP B 9 -22.06 -9.85 -5.73
C ASP B 9 -21.43 -8.46 -5.97
N GLY B 10 -20.59 -8.41 -7.00
CA GLY B 10 -19.90 -7.17 -7.43
C GLY B 10 -18.71 -6.82 -6.51
N GLN B 11 -18.41 -7.67 -5.53
CA GLN B 11 -17.27 -7.50 -4.56
C GLN B 11 -16.02 -8.16 -5.23
N ALA B 12 -14.76 -7.95 -4.73
CA ALA B 12 -13.55 -8.61 -5.36
C ALA B 12 -13.02 -9.64 -4.38
N TYR B 13 -12.50 -10.76 -4.92
CA TYR B 13 -11.91 -11.87 -4.19
C TYR B 13 -10.87 -12.53 -5.10
N VAL B 14 -9.96 -13.33 -4.50
CA VAL B 14 -8.76 -13.97 -5.18
C VAL B 14 -8.84 -15.48 -4.98
N ARG B 15 -7.88 -16.31 -5.55
CA ARG B 15 -7.98 -17.83 -5.32
C ARG B 15 -6.96 -18.28 -4.20
N LYS B 16 -7.55 -18.83 -3.10
CA LYS B 16 -6.85 -19.47 -1.97
C LYS B 16 -7.58 -20.82 -1.74
N ASP B 17 -6.83 -21.93 -1.65
CA ASP B 17 -7.39 -23.30 -1.44
C ASP B 17 -8.79 -23.51 -2.06
N GLY B 18 -8.92 -23.16 -3.34
CA GLY B 18 -10.17 -23.37 -4.05
C GLY B 18 -11.34 -22.60 -3.46
N GLU B 19 -11.13 -21.38 -2.92
CA GLU B 19 -12.23 -20.59 -2.33
C GLU B 19 -12.02 -19.15 -2.76
N TRP B 20 -13.12 -18.44 -2.92
CA TRP B 20 -13.13 -17.04 -3.34
C TRP B 20 -13.01 -16.28 -2.02
N VAL B 21 -11.92 -15.51 -1.79
CA VAL B 21 -11.77 -14.71 -0.52
C VAL B 21 -11.39 -13.27 -0.89
N LEU B 22 -12.06 -12.35 -0.21
CA LEU B 22 -11.94 -10.93 -0.36
C LEU B 22 -10.46 -10.49 -0.27
N LEU B 23 -9.97 -9.93 -1.36
CA LEU B 23 -8.65 -9.32 -1.48
C LEU B 23 -8.32 -8.48 -0.23
N SER B 24 -9.35 -7.81 0.25
CA SER B 24 -9.22 -6.92 1.37
C SER B 24 -8.43 -7.52 2.55
N THR B 25 -8.44 -8.86 2.78
CA THR B 25 -7.65 -9.41 3.93
C THR B 25 -6.16 -9.27 3.67
N PHE B 26 -5.80 -9.27 2.38
CA PHE B 26 -4.41 -9.21 1.88
C PHE B 26 -4.02 -7.75 1.58
N LEU B 27 -5.01 -6.83 1.42
CA LEU B 27 -4.65 -5.42 1.12
C LEU B 27 -3.98 -4.85 2.39
N GLY B 28 -4.59 -5.15 3.58
CA GLY B 28 -4.05 -4.76 4.91
C GLY B 28 -4.67 -3.48 5.57
N SER B 29 -5.79 -3.73 6.31
CA SER B 29 -6.56 -2.73 7.13
C SER B 29 -6.77 -1.33 6.48
N SER B 30 -8.09 -0.87 6.47
CA SER B 30 -8.61 0.38 5.82
C SER B 30 -8.75 0.14 4.34
N GLY B 31 -7.94 -0.77 3.91
CA GLY B 31 -7.67 -1.15 2.54
C GLY B 31 -6.39 -0.42 2.18
N ASN B 32 -5.65 0.08 3.24
CA ASN B 32 -4.45 0.91 3.10
C ASN B 32 -4.88 2.25 2.52
N GLU B 33 -6.19 2.42 2.53
CA GLU B 33 -6.92 3.54 2.07
C GLU B 33 -6.58 4.71 2.90
N GLN B 34 -6.35 4.42 4.18
CA GLN B 34 -6.08 5.55 5.13
C GLN B 34 -4.72 6.21 4.73
N GLU B 35 -3.65 5.44 4.64
CA GLU B 35 -2.29 6.00 4.36
C GLU B 35 -2.07 6.61 2.92
N LEU B 36 -2.67 5.97 1.92
CA LEU B 36 -2.54 6.43 0.50
C LEU B 36 -3.33 7.71 0.30
N LEU B 37 -4.18 8.02 1.29
CA LEU B 37 -5.06 9.23 1.31
C LEU B 37 -4.57 10.26 2.32
N GLU B 38 -3.88 9.85 3.43
CA GLU B 38 -3.37 10.80 4.44
C GLU B 38 -2.18 11.61 3.88
N LEU B 39 -1.18 10.97 3.19
CA LEU B 39 0.06 11.70 2.76
C LEU B 39 -0.30 13.06 2.16
N ASP B 40 -1.44 13.07 1.51
CA ASP B 40 -2.00 14.22 0.88
C ASP B 40 -2.30 15.36 1.87
N LYS B 41 -2.89 15.00 3.02
CA LYS B 41 -3.29 16.00 4.03
C LYS B 41 -2.11 16.81 4.68
N TRP B 42 -1.04 16.14 5.03
CA TRP B 42 0.11 16.82 5.74
C TRP B 42 0.84 17.86 4.87
N ALA B 43 1.01 17.58 3.57
CA ALA B 43 1.68 18.50 2.68
C ALA B 43 1.00 19.82 2.60
N SER B 44 -0.32 19.76 2.46
CA SER B 44 -1.12 20.96 2.28
C SER B 44 -0.99 21.94 3.45
N LEU B 45 -1.10 21.45 4.69
CA LEU B 45 -0.96 22.34 5.84
C LEU B 45 0.46 22.93 5.84
N TRP B 46 1.42 22.05 5.51
CA TRP B 46 2.85 22.39 5.49
C TRP B 46 3.27 23.23 4.26
N ASN B 47 2.59 23.11 3.10
CA ASN B 47 3.09 23.82 1.91
C ASN B 47 3.09 25.31 2.16
N TRP B 48 2.05 25.87 2.84
CA TRP B 48 2.09 27.32 3.17
C TRP B 48 3.04 27.57 4.36
N PHE B 49 3.12 26.69 5.40
CA PHE B 49 4.03 27.00 6.57
C PHE B 49 5.48 27.32 6.14
N ASN B 50 5.74 27.29 4.84
CA ASN B 50 6.95 27.65 4.24
C ASN B 50 7.20 29.15 4.51
N ILE B 51 6.12 30.01 4.57
CA ILE B 51 6.34 31.46 4.79
C ILE B 51 7.21 31.68 6.04
N THR B 52 7.02 30.88 7.10
CA THR B 52 7.87 30.98 8.30
C THR B 52 9.29 30.45 8.00
N ASN B 53 9.43 29.43 7.11
CA ASN B 53 10.81 28.89 6.84
C ASN B 53 11.72 29.98 6.13
N TRP B 54 11.17 30.63 5.10
CA TRP B 54 11.91 31.60 4.28
C TRP B 54 12.18 32.87 5.05
N LEU B 55 11.26 33.16 5.98
CA LEU B 55 11.30 34.44 6.75
C LEU B 55 12.76 34.70 7.25
N TRP B 56 13.40 33.65 7.77
CA TRP B 56 14.81 33.73 8.18
C TRP B 56 15.75 34.00 6.97
N TYR B 57 15.47 33.34 5.83
CA TYR B 57 16.33 33.52 4.65
C TYR B 57 16.21 34.97 4.13
N ILE B 58 14.96 35.43 3.86
CA ILE B 58 14.71 36.82 3.34
C ILE B 58 14.75 37.85 4.47
N LYS B 59 14.92 37.37 5.72
CA LYS B 59 15.03 38.24 6.93
C LYS B 59 13.68 38.83 7.35
N GLY C 1 -22.05 -22.01 -22.40
CA GLY C 1 -21.79 -23.39 -21.92
C GLY C 1 -20.84 -23.38 -20.71
N TYR C 2 -19.94 -22.38 -20.64
CA TYR C 2 -18.93 -22.29 -19.53
C TYR C 2 -18.83 -20.82 -19.06
N ILE C 3 -17.64 -20.39 -18.56
CA ILE C 3 -17.37 -18.98 -18.09
C ILE C 3 -16.05 -18.44 -18.68
N PRO C 4 -14.97 -19.19 -18.74
CA PRO C 4 -13.67 -18.66 -19.31
C PRO C 4 -13.76 -18.32 -20.82
N GLU C 5 -13.01 -17.26 -21.21
CA GLU C 5 -12.85 -16.78 -22.60
C GLU C 5 -11.41 -17.01 -23.00
N ALA C 6 -10.55 -17.19 -21.98
CA ALA C 6 -9.11 -17.40 -22.16
C ALA C 6 -8.44 -16.07 -22.55
N PRO C 7 -8.39 -15.05 -21.67
CA PRO C 7 -7.75 -13.73 -22.01
C PRO C 7 -6.26 -13.76 -21.66
N ARG C 8 -5.40 -13.64 -22.69
CA ARG C 8 -3.93 -13.65 -22.54
C ARG C 8 -3.43 -12.28 -23.05
N ASP C 9 -2.88 -11.42 -22.16
CA ASP C 9 -2.34 -10.08 -22.57
C ASP C 9 -1.13 -9.78 -21.67
N GLY C 10 -0.92 -10.69 -20.71
CA GLY C 10 0.19 -10.60 -19.75
C GLY C 10 -0.03 -9.57 -18.64
N GLN C 11 -1.22 -8.92 -18.64
CA GLN C 11 -1.62 -7.89 -17.62
C GLN C 11 -2.28 -8.68 -16.43
N ALA C 12 -2.53 -8.06 -15.24
CA ALA C 12 -3.19 -8.80 -14.09
C ALA C 12 -4.57 -8.22 -13.90
N TYR C 13 -5.54 -9.09 -13.52
CA TYR C 13 -6.92 -8.76 -13.25
C TYR C 13 -7.46 -9.78 -12.24
N VAL C 14 -8.58 -9.45 -11.58
CA VAL C 14 -9.21 -10.25 -10.44
C VAL C 14 -10.64 -10.58 -10.82
N ARG C 15 -11.43 -11.35 -9.96
CA ARG C 15 -12.87 -11.68 -10.37
C ARG C 15 -13.88 -10.72 -9.61
N LYS C 16 -14.62 -9.92 -10.43
CA LYS C 16 -15.74 -9.05 -10.00
C LYS C 16 -16.89 -9.34 -11.00
N ASP C 17 -18.11 -9.60 -10.48
CA ASP C 17 -19.31 -9.92 -11.31
C ASP C 17 -18.98 -10.65 -12.62
N GLY C 18 -18.23 -11.74 -12.52
CA GLY C 18 -17.91 -12.55 -13.69
C GLY C 18 -17.15 -11.79 -14.77
N GLU C 19 -16.24 -10.84 -14.40
CA GLU C 19 -15.47 -10.09 -15.41
C GLU C 19 -14.07 -9.98 -14.88
N TRP C 20 -13.11 -9.94 -15.80
CA TRP C 20 -11.68 -9.85 -15.49
C TRP C 20 -11.46 -8.34 -15.40
N VAL C 21 -11.05 -7.79 -14.25
CA VAL C 21 -10.78 -6.32 -14.10
C VAL C 21 -9.41 -6.13 -13.43
N LEU C 22 -8.65 -5.20 -14.00
CA LEU C 22 -7.32 -4.86 -13.59
C LEU C 22 -7.27 -4.52 -12.09
N LEU C 23 -6.50 -5.32 -11.37
CA LEU C 23 -6.21 -5.15 -9.95
C LEU C 23 -5.90 -3.67 -9.64
N SER C 24 -5.22 -3.04 -10.58
CA SER C 24 -4.80 -1.67 -10.44
C SER C 24 -5.91 -0.73 -9.93
N THR C 25 -7.21 -0.99 -10.22
CA THR C 25 -8.27 -0.05 -9.71
C THR C 25 -8.37 -0.16 -8.18
N PHE C 26 -8.03 -1.36 -7.68
CA PHE C 26 -8.12 -1.71 -6.24
C PHE C 26 -6.76 -1.45 -5.54
N LEU C 27 -5.65 -1.34 -6.32
CA LEU C 27 -4.34 -1.12 -5.68
C LEU C 27 -4.38 0.31 -5.09
N GLY C 28 -4.91 1.28 -5.89
CA GLY C 28 -5.10 2.70 -5.47
C GLY C 28 -4.02 3.72 -5.93
N SER C 29 -4.24 4.27 -7.15
CA SER C 29 -3.42 5.34 -7.82
C SER C 29 -1.88 5.21 -7.68
N SER C 30 -1.16 5.27 -8.88
CA SER C 30 0.30 5.08 -9.07
C SER C 30 0.61 3.61 -9.06
N GLY C 31 -0.27 2.93 -8.39
CA GLY C 31 -0.21 1.53 -8.02
C GLY C 31 0.30 1.53 -6.58
N ASN C 32 0.24 2.73 -5.92
CA ASN C 32 0.79 2.96 -4.56
C ASN C 32 2.30 2.86 -4.67
N GLU C 33 2.74 2.86 -5.91
CA GLU C 33 4.07 2.77 -6.37
C GLU C 33 4.80 3.98 -5.93
N GLN C 34 4.06 5.09 -5.92
CA GLN C 34 4.74 6.39 -5.56
C GLN C 34 5.18 6.33 -4.07
N GLU C 35 4.26 6.03 -3.16
CA GLU C 35 4.57 6.04 -1.70
C GLU C 35 5.57 4.94 -1.18
N LEU C 36 5.44 3.74 -1.76
CA LEU C 36 6.31 2.58 -1.36
C LEU C 36 7.72 2.79 -1.86
N LEU C 37 7.85 3.78 -2.76
CA LEU C 37 9.15 4.16 -3.40
C LEU C 37 9.66 5.51 -2.86
N GLU C 38 8.76 6.43 -2.41
CA GLU C 38 9.19 7.74 -1.88
C GLU C 38 9.87 7.57 -0.50
N LEU C 39 9.29 6.75 0.45
CA LEU C 39 9.82 6.69 1.86
C LEU C 39 11.35 6.58 1.83
N ASP C 40 11.82 5.91 0.80
CA ASP C 40 13.21 5.69 0.56
C ASP C 40 14.00 6.99 0.34
N LYS C 41 13.42 7.91 -0.44
CA LYS C 41 14.09 9.18 -0.78
C LYS C 41 14.36 10.14 0.42
N TRP C 42 13.40 10.30 1.32
CA TRP C 42 13.53 11.27 2.46
C TRP C 42 14.62 10.86 3.47
N ALA C 43 14.75 9.55 3.76
CA ALA C 43 15.75 9.08 4.70
C ALA C 43 17.14 9.43 4.28
N SER C 44 17.41 9.20 3.00
CA SER C 44 18.75 9.40 2.47
C SER C 44 19.23 10.84 2.63
N LEU C 45 18.39 11.82 2.28
CA LEU C 45 18.81 13.22 2.42
C LEU C 45 19.04 13.51 3.90
N TRP C 46 18.13 12.96 4.73
CA TRP C 46 18.15 13.14 6.19
C TRP C 46 19.23 12.31 6.90
N ASN C 47 19.65 11.14 6.38
CA ASN C 47 20.58 10.30 7.14
C ASN C 47 21.86 11.06 7.38
N TRP C 48 22.39 11.83 6.39
CA TRP C 48 23.60 12.65 6.65
C TRP C 48 23.23 13.90 7.47
N PHE C 49 22.05 14.58 7.25
CA PHE C 49 21.76 15.84 8.04
C PHE C 49 21.87 15.62 9.58
N ASN C 50 22.22 14.42 9.99
CA ASN C 50 22.49 14.05 11.31
C ASN C 50 23.73 14.84 11.79
N ILE C 51 24.73 15.14 10.91
CA ILE C 51 25.94 15.87 11.35
C ILE C 51 25.54 17.16 12.08
N THR C 52 24.50 17.85 11.60
CA THR C 52 24.01 19.06 12.30
C THR C 52 23.31 18.67 13.62
N ASN C 53 22.65 17.50 13.68
CA ASN C 53 21.94 17.13 14.96
C ASN C 53 22.97 16.90 16.14
N TRP C 54 24.03 16.14 15.87
CA TRP C 54 25.03 15.75 16.87
C TRP C 54 25.88 16.94 17.26
N LEU C 55 26.04 17.86 16.30
CA LEU C 55 26.96 19.02 16.48
C LEU C 55 26.71 19.67 17.89
N TRP C 56 25.44 19.82 18.25
CA TRP C 56 25.07 20.32 19.58
C TRP C 56 25.51 19.34 20.70
N TYR C 57 25.34 18.03 20.46
CA TYR C 57 25.71 17.03 21.48
C TYR C 57 27.24 17.04 21.70
N ILE C 58 28.03 16.88 20.60
CA ILE C 58 29.52 16.86 20.69
C ILE C 58 30.09 18.28 20.75
N LYS C 59 29.19 19.31 20.68
CA LYS C 59 29.58 20.74 20.78
C LYS C 59 30.27 21.27 19.52
N GLY A 1 -7.72 -29.06 -22.58
CA GLY A 1 -9.19 -29.11 -22.40
C GLY A 1 -9.74 -27.71 -22.18
N TYR A 2 -9.44 -27.11 -21.00
CA TYR A 2 -9.91 -25.73 -20.62
C TYR A 2 -8.70 -24.82 -20.28
N ILE A 3 -8.57 -24.40 -18.99
CA ILE A 3 -7.46 -23.51 -18.52
C ILE A 3 -6.97 -23.89 -17.10
N PRO A 4 -7.85 -24.16 -16.16
CA PRO A 4 -7.43 -24.48 -14.75
C PRO A 4 -6.54 -25.74 -14.64
N GLU A 5 -5.55 -25.66 -13.70
CA GLU A 5 -4.63 -26.78 -13.38
C GLU A 5 -4.83 -27.13 -11.90
N ALA A 6 -5.39 -26.14 -11.16
CA ALA A 6 -5.66 -26.27 -9.71
C ALA A 6 -4.37 -26.26 -8.88
N PRO A 7 -3.55 -25.22 -8.97
CA PRO A 7 -2.30 -25.13 -8.18
C PRO A 7 -2.60 -24.73 -6.72
N ARG A 8 -2.23 -25.60 -5.76
CA ARG A 8 -2.48 -25.39 -4.31
C ARG A 8 -1.13 -25.39 -3.59
N ASP A 9 -0.63 -24.19 -3.19
CA ASP A 9 0.68 -24.06 -2.47
C ASP A 9 0.48 -23.19 -1.26
N GLY A 10 -0.75 -22.74 -1.07
CA GLY A 10 -1.11 -21.87 0.06
C GLY A 10 -0.65 -20.45 -0.21
N GLN A 11 -0.05 -20.21 -1.40
CA GLN A 11 0.48 -18.88 -1.79
C GLN A 11 -0.60 -18.09 -2.55
N ALA A 12 -0.52 -16.74 -2.51
CA ALA A 12 -1.52 -15.85 -3.19
C ALA A 12 -1.03 -15.44 -4.56
N TYR A 13 -1.92 -15.46 -5.59
CA TYR A 13 -1.59 -15.06 -6.96
C TYR A 13 -2.82 -14.50 -7.62
N VAL A 14 -2.64 -13.72 -8.71
CA VAL A 14 -3.74 -12.97 -9.38
C VAL A 14 -3.90 -13.50 -10.77
N ARG A 15 -4.92 -13.04 -11.55
CA ARG A 15 -5.14 -13.59 -12.92
C ARG A 15 -4.67 -12.49 -13.90
N LYS A 16 -3.56 -12.83 -14.63
CA LYS A 16 -2.93 -11.96 -15.65
C LYS A 16 -2.45 -12.87 -16.78
N ASP A 17 -2.65 -12.44 -18.05
CA ASP A 17 -2.25 -13.26 -19.22
C ASP A 17 -2.49 -14.77 -19.03
N GLY A 18 -3.61 -15.13 -18.43
CA GLY A 18 -3.93 -16.55 -18.26
C GLY A 18 -2.89 -17.29 -17.42
N GLU A 19 -2.28 -16.63 -16.41
CA GLU A 19 -1.24 -17.27 -15.56
C GLU A 19 -1.44 -16.85 -14.11
N TRP A 20 -0.99 -17.71 -13.20
CA TRP A 20 -1.04 -17.51 -11.76
C TRP A 20 0.21 -16.68 -11.47
N VAL A 21 0.05 -15.42 -11.03
CA VAL A 21 1.23 -14.53 -10.73
C VAL A 21 1.07 -14.04 -9.32
N LEU A 22 2.14 -14.15 -8.51
CA LEU A 22 2.15 -13.73 -7.15
C LEU A 22 1.69 -12.25 -7.05
N LEU A 23 0.65 -12.08 -6.29
CA LEU A 23 0.05 -10.81 -6.02
C LEU A 23 1.10 -9.90 -5.36
N SER A 24 1.85 -10.48 -4.45
CA SER A 24 2.82 -9.74 -3.68
C SER A 24 3.90 -9.02 -4.49
N THR A 25 4.24 -9.50 -5.68
CA THR A 25 5.23 -8.82 -6.51
C THR A 25 4.72 -7.50 -7.03
N PHE A 26 3.36 -7.36 -7.15
CA PHE A 26 2.71 -6.13 -7.67
C PHE A 26 2.37 -5.21 -6.50
N LEU A 27 2.23 -5.75 -5.26
CA LEU A 27 2.00 -4.86 -4.10
C LEU A 27 3.29 -4.07 -3.83
N GLY A 28 4.43 -4.76 -3.95
CA GLY A 28 5.75 -4.17 -3.70
C GLY A 28 6.16 -4.43 -2.25
N SER A 29 7.03 -5.43 -2.08
CA SER A 29 7.57 -5.83 -0.76
C SER A 29 6.66 -6.83 -0.06
N SER A 30 6.79 -6.86 1.26
CA SER A 30 6.04 -7.80 2.10
C SER A 30 4.63 -7.32 2.18
N GLY A 31 4.01 -7.17 1.03
CA GLY A 31 2.63 -6.65 0.96
C GLY A 31 2.66 -5.17 1.28
N ASN A 32 3.91 -4.68 1.43
CA ASN A 32 4.18 -3.31 1.91
C ASN A 32 3.49 -3.22 3.30
N GLU A 33 3.32 -4.44 3.86
CA GLU A 33 2.66 -4.68 5.11
C GLU A 33 3.52 -4.06 6.15
N GLN A 34 4.80 -3.92 5.83
CA GLN A 34 5.75 -3.37 6.87
C GLN A 34 5.40 -1.91 7.16
N GLU A 35 5.22 -1.06 6.14
CA GLU A 35 4.99 0.38 6.43
C GLU A 35 3.66 0.60 7.19
N LEU A 36 2.60 0.03 6.62
CA LEU A 36 1.24 0.31 7.15
C LEU A 36 1.12 -0.21 8.59
N LEU A 37 2.18 -0.92 9.08
CA LEU A 37 2.24 -1.42 10.50
C LEU A 37 3.21 -0.51 11.32
N GLU A 38 4.24 0.07 10.65
CA GLU A 38 5.21 0.95 11.33
C GLU A 38 4.54 2.28 11.66
N LEU A 39 3.73 2.83 10.71
CA LEU A 39 3.08 4.15 10.84
C LEU A 39 2.42 4.27 12.20
N ASP A 40 1.84 3.20 12.62
CA ASP A 40 1.18 3.09 13.90
C ASP A 40 2.15 3.36 15.07
N LYS A 41 3.38 2.82 14.97
CA LYS A 41 4.44 2.99 16.00
C LYS A 41 4.97 4.44 16.21
N TRP A 42 5.23 5.17 15.13
CA TRP A 42 5.80 6.55 15.28
C TRP A 42 4.82 7.48 15.99
N ALA A 43 3.52 7.29 15.75
CA ALA A 43 2.51 8.10 16.36
C ALA A 43 2.58 8.00 17.87
N SER A 44 2.82 6.81 18.37
CA SER A 44 2.83 6.62 19.81
C SER A 44 3.86 7.52 20.50
N LEU A 45 5.11 7.52 20.03
CA LEU A 45 6.12 8.41 20.67
C LEU A 45 5.74 9.88 20.48
N TRP A 46 5.29 10.19 19.27
CA TRP A 46 4.91 11.56 18.92
C TRP A 46 3.69 12.05 19.70
N ASN A 47 2.64 11.22 19.78
CA ASN A 47 1.39 11.64 20.41
C ASN A 47 1.55 11.96 21.88
N TRP A 48 2.36 11.20 22.68
CA TRP A 48 2.54 11.58 24.11
C TRP A 48 3.47 12.77 24.17
N PHE A 49 4.54 12.78 23.35
CA PHE A 49 5.50 13.91 23.37
C PHE A 49 4.80 15.27 23.14
N ASN A 50 3.46 15.31 23.04
CA ASN A 50 2.73 16.51 22.89
C ASN A 50 2.88 17.26 24.20
N ILE A 51 3.06 16.56 25.37
CA ILE A 51 3.15 17.29 26.66
C ILE A 51 4.26 18.36 26.57
N THR A 52 5.36 18.06 25.86
CA THR A 52 6.49 18.99 25.67
C THR A 52 6.31 19.94 24.49
N ASN A 53 5.54 19.58 23.41
CA ASN A 53 5.40 20.58 22.25
C ASN A 53 4.57 21.83 22.63
N TRP A 54 3.37 21.64 23.22
CA TRP A 54 2.46 22.81 23.58
C TRP A 54 2.97 23.60 24.78
N LEU A 55 3.85 22.96 25.56
CA LEU A 55 4.37 23.59 26.79
C LEU A 55 5.04 24.94 26.40
N TRP A 56 5.82 24.89 25.34
CA TRP A 56 6.47 26.10 24.82
C TRP A 56 5.45 27.16 24.42
N TYR A 57 4.30 26.70 23.92
CA TYR A 57 3.26 27.63 23.44
C TYR A 57 2.73 28.45 24.63
N ILE A 58 2.36 27.77 25.74
CA ILE A 58 1.82 28.43 26.98
C ILE A 58 2.91 28.68 28.02
N LYS A 59 4.15 28.28 27.73
CA LYS A 59 5.28 28.52 28.66
C LYS A 59 5.05 27.74 29.98
N GLY B 1 -17.59 -31.70 -9.94
CA GLY B 1 -17.38 -31.65 -11.41
C GLY B 1 -16.04 -30.98 -11.72
N TYR B 2 -15.94 -29.65 -11.47
CA TYR B 2 -14.71 -28.84 -11.72
C TYR B 2 -14.23 -28.13 -10.43
N ILE B 3 -14.30 -26.78 -10.39
CA ILE B 3 -13.87 -25.96 -9.19
C ILE B 3 -14.80 -24.74 -8.98
N PRO B 4 -15.16 -24.00 -10.02
CA PRO B 4 -16.02 -22.77 -9.84
C PRO B 4 -17.40 -23.05 -9.21
N GLU B 5 -17.86 -22.10 -8.37
CA GLU B 5 -19.19 -22.12 -7.73
C GLU B 5 -19.95 -20.87 -8.17
N ALA B 6 -19.17 -19.87 -8.64
CA ALA B 6 -19.70 -18.57 -9.11
C ALA B 6 -20.24 -17.72 -7.96
N PRO B 7 -19.44 -17.40 -6.97
CA PRO B 7 -19.90 -16.54 -5.83
C PRO B 7 -19.93 -15.06 -6.24
N ARG B 8 -21.14 -14.45 -6.17
CA ARG B 8 -21.37 -13.03 -6.55
C ARG B 8 -21.89 -12.27 -5.33
N ASP B 9 -21.04 -11.45 -4.68
CA ASP B 9 -21.44 -10.66 -3.47
C ASP B 9 -20.99 -9.23 -3.66
N GLY B 10 -20.38 -8.97 -4.80
CA GLY B 10 -19.87 -7.64 -5.13
C GLY B 10 -18.57 -7.37 -4.39
N GLN B 11 -18.09 -8.36 -3.61
CA GLN B 11 -16.85 -8.23 -2.80
C GLN B 11 -15.64 -8.73 -3.61
N ALA B 12 -14.43 -8.22 -3.29
CA ALA B 12 -13.17 -8.60 -4.00
C ALA B 12 -12.45 -9.71 -3.26
N TYR B 13 -11.93 -10.74 -4.01
CA TYR B 13 -11.20 -11.87 -3.43
C TYR B 13 -10.20 -12.35 -4.44
N VAL B 14 -9.17 -13.08 -3.98
CA VAL B 14 -8.01 -13.51 -4.82
C VAL B 14 -8.01 -15.00 -4.90
N ARG B 15 -7.10 -15.64 -5.70
CA ARG B 15 -7.11 -17.14 -5.84
C ARG B 15 -5.88 -17.63 -5.05
N LYS B 16 -6.19 -18.36 -3.94
CA LYS B 16 -5.20 -18.98 -3.03
C LYS B 16 -5.77 -20.33 -2.59
N ASP B 17 -4.92 -21.38 -2.53
CA ASP B 17 -5.37 -22.74 -2.13
C ASP B 17 -6.77 -23.10 -2.67
N GLY B 18 -7.06 -22.73 -3.92
CA GLY B 18 -8.34 -23.08 -4.51
C GLY B 18 -9.52 -22.50 -3.75
N GLU B 19 -9.39 -21.28 -3.15
CA GLU B 19 -10.48 -20.65 -2.38
C GLU B 19 -10.52 -19.16 -2.69
N TRP B 20 -11.72 -18.58 -2.52
CA TRP B 20 -11.99 -17.17 -2.72
C TRP B 20 -11.59 -16.53 -1.39
N VAL B 21 -10.54 -15.68 -1.37
CA VAL B 21 -10.08 -15.04 -0.09
C VAL B 21 -10.06 -13.56 -0.34
N LEU B 22 -10.66 -12.77 0.57
CA LEU B 22 -10.72 -11.34 0.48
C LEU B 22 -9.30 -10.77 0.30
N LEU B 23 -9.16 -10.06 -0.78
CA LEU B 23 -7.96 -9.40 -1.17
C LEU B 23 -7.57 -8.41 -0.07
N SER B 24 -8.56 -7.71 0.44
CA SER B 24 -8.34 -6.67 1.43
C SER B 24 -7.65 -7.12 2.70
N THR B 25 -7.78 -8.37 3.11
CA THR B 25 -7.10 -8.85 4.31
C THR B 25 -5.60 -8.92 4.12
N PHE B 26 -5.15 -9.05 2.84
CA PHE B 26 -3.71 -9.16 2.50
C PHE B 26 -3.15 -7.77 2.18
N LEU B 27 -4.03 -6.80 1.80
CA LEU B 27 -3.54 -5.41 1.58
C LEU B 27 -3.19 -4.81 2.93
N GLY B 28 -4.03 -5.10 3.94
CA GLY B 28 -3.86 -4.57 5.31
C GLY B 28 -4.68 -3.29 5.47
N SER B 29 -5.83 -3.41 6.12
CA SER B 29 -6.76 -2.30 6.39
C SER B 29 -7.70 -2.05 5.22
N SER B 30 -8.20 -0.82 5.17
CA SER B 30 -9.16 -0.40 4.16
C SER B 30 -8.44 -0.24 2.86
N GLY B 31 -7.79 -1.30 2.43
CA GLY B 31 -6.99 -1.26 1.21
C GLY B 31 -5.74 -0.45 1.46
N ASN B 32 -5.62 -0.05 2.75
CA ASN B 32 -4.57 0.88 3.20
C ASN B 32 -4.79 2.17 2.36
N GLU B 33 -6.06 2.25 1.90
CA GLU B 33 -6.54 3.31 1.06
C GLU B 33 -6.51 4.54 1.87
N GLN B 34 -6.55 4.38 3.19
CA GLN B 34 -6.60 5.60 4.07
C GLN B 34 -5.27 6.34 3.97
N GLU B 35 -4.13 5.68 4.08
CA GLU B 35 -2.84 6.44 4.08
C GLU B 35 -2.60 7.15 2.73
N LEU B 36 -2.70 6.36 1.67
CA LEU B 36 -2.32 6.86 0.33
C LEU B 36 -3.25 8.01 -0.08
N LEU B 37 -4.29 8.31 0.76
CA LEU B 37 -5.23 9.46 0.54
C LEU B 37 -4.87 10.60 1.55
N GLU B 38 -4.34 10.24 2.74
CA GLU B 38 -3.97 11.23 3.77
C GLU B 38 -2.71 11.97 3.31
N LEU B 39 -1.72 11.22 2.76
CA LEU B 39 -0.40 11.76 2.35
C LEU B 39 -0.59 13.05 1.55
N ASP B 40 -1.60 13.03 0.73
CA ASP B 40 -1.96 14.15 -0.10
C ASP B 40 -2.32 15.40 0.75
N LYS B 41 -3.05 15.18 1.85
CA LYS B 41 -3.47 16.27 2.79
C LYS B 41 -2.31 17.00 3.54
N TRP B 42 -1.34 16.26 4.08
CA TRP B 42 -0.25 16.92 4.86
C TRP B 42 0.58 17.85 3.99
N ALA B 43 0.77 17.48 2.73
CA ALA B 43 1.53 18.27 1.80
C ALA B 43 0.94 19.64 1.65
N SER B 44 -0.39 19.72 1.61
CA SER B 44 -1.03 21.00 1.38
C SER B 44 -0.65 22.03 2.47
N LEU B 45 -0.77 21.66 3.75
CA LEU B 45 -0.38 22.62 4.82
C LEU B 45 1.10 22.93 4.74
N TRP B 46 1.89 21.88 4.52
CA TRP B 46 3.35 22.02 4.45
C TRP B 46 3.80 22.84 3.25
N ASN B 47 3.25 22.57 2.07
CA ASN B 47 3.70 23.23 0.83
C ASN B 47 3.47 24.72 0.87
N TRP B 48 2.34 25.26 1.40
CA TRP B 48 2.17 26.73 1.47
C TRP B 48 3.05 27.26 2.59
N PHE B 49 3.10 26.55 3.73
CA PHE B 49 3.93 27.03 4.88
C PHE B 49 5.40 27.25 4.48
N ASN B 50 5.75 27.08 3.19
CA ASN B 50 7.06 27.32 2.72
C ASN B 50 7.30 28.82 2.83
N ILE B 51 6.23 29.68 2.73
CA ILE B 51 6.46 31.14 2.79
C ILE B 51 7.22 31.50 4.07
N THR B 52 6.94 30.80 5.17
CA THR B 52 7.61 31.01 6.47
C THR B 52 8.92 30.22 6.65
N ASN B 53 9.11 29.05 5.96
CA ASN B 53 10.43 28.31 6.16
C ASN B 53 11.64 29.04 5.54
N TRP B 54 11.54 29.47 4.25
CA TRP B 54 12.70 30.15 3.54
C TRP B 54 12.91 31.58 4.03
N LEU B 55 11.88 32.13 4.66
CA LEU B 55 11.93 33.54 5.12
C LEU B 55 13.16 33.69 6.07
N TRP B 56 13.30 32.72 6.96
CA TRP B 56 14.43 32.69 7.89
C TRP B 56 15.76 32.63 7.14
N TYR B 57 15.75 31.92 6.00
CA TYR B 57 16.99 31.75 5.22
C TYR B 57 17.47 33.11 4.71
N ILE B 58 16.55 33.89 4.07
CA ILE B 58 16.88 35.25 3.51
C ILE B 58 16.52 36.37 4.47
N LYS B 59 15.99 36.03 5.65
CA LYS B 59 15.65 37.05 6.67
C LYS B 59 14.56 38.01 6.13
N GLY C 1 -22.00 -21.41 -21.70
CA GLY C 1 -21.50 -22.76 -21.30
C GLY C 1 -21.08 -22.74 -19.82
N TYR C 2 -19.98 -22.02 -19.51
CA TYR C 2 -19.42 -21.91 -18.12
C TYR C 2 -19.30 -20.43 -17.71
N ILE C 3 -18.05 -19.91 -17.53
CA ILE C 3 -17.78 -18.49 -17.12
C ILE C 3 -16.53 -17.92 -17.82
N PRO C 4 -15.43 -18.65 -17.91
CA PRO C 4 -14.17 -18.10 -18.53
C PRO C 4 -14.32 -17.69 -20.01
N GLU C 5 -13.63 -16.60 -20.38
CA GLU C 5 -13.59 -16.08 -21.78
C GLU C 5 -12.12 -16.10 -22.23
N ALA C 6 -11.22 -16.14 -21.23
CA ALA C 6 -9.75 -16.16 -21.44
C ALA C 6 -9.24 -14.82 -21.97
N PRO C 7 -9.44 -13.73 -21.24
CA PRO C 7 -8.93 -12.39 -21.68
C PRO C 7 -7.42 -12.26 -21.39
N ARG C 8 -6.62 -12.05 -22.45
CA ARG C 8 -5.14 -11.94 -22.37
C ARG C 8 -4.74 -10.56 -22.90
N ASP C 9 -4.39 -9.61 -22.00
CA ASP C 9 -3.97 -8.24 -22.40
C ASP C 9 -2.68 -7.87 -21.68
N GLY C 10 -2.21 -8.82 -20.88
CA GLY C 10 -0.98 -8.63 -20.10
C GLY C 10 -1.26 -7.77 -18.88
N GLN C 11 -2.54 -7.36 -18.70
CA GLN C 11 -2.96 -6.48 -17.57
C GLN C 11 -3.41 -7.35 -16.39
N ALA C 12 -3.32 -6.79 -15.16
CA ALA C 12 -3.71 -7.51 -13.91
C ALA C 12 -5.13 -7.18 -13.50
N TYR C 13 -5.94 -8.20 -13.09
CA TYR C 13 -7.33 -8.00 -12.65
C TYR C 13 -7.65 -9.07 -11.64
N VAL C 14 -8.71 -8.83 -10.83
CA VAL C 14 -9.07 -9.70 -9.67
C VAL C 14 -10.43 -10.29 -9.95
N ARG C 15 -10.94 -11.21 -9.08
CA ARG C 15 -12.26 -11.87 -9.33
C ARG C 15 -13.26 -11.22 -8.33
N LYS C 16 -14.22 -10.46 -8.92
CA LYS C 16 -15.30 -9.77 -8.19
C LYS C 16 -16.56 -9.85 -9.05
N ASP C 17 -17.73 -10.12 -8.41
CA ASP C 17 -19.02 -10.25 -9.16
C ASP C 17 -18.86 -10.97 -10.52
N GLY C 18 -18.05 -12.02 -10.57
CA GLY C 18 -17.89 -12.77 -11.81
C GLY C 18 -17.35 -11.92 -12.95
N GLU C 19 -16.46 -10.94 -12.67
CA GLU C 19 -15.89 -10.05 -13.72
C GLU C 19 -14.41 -9.83 -13.44
N TRP C 20 -13.68 -9.54 -14.52
CA TRP C 20 -12.25 -9.25 -14.50
C TRP C 20 -12.19 -7.76 -14.16
N VAL C 21 -11.65 -7.38 -13.00
CA VAL C 21 -11.58 -5.93 -12.59
C VAL C 21 -10.15 -5.64 -12.26
N LEU C 22 -9.59 -4.55 -12.82
CA LEU C 22 -8.24 -4.15 -12.61
C LEU C 22 -7.97 -4.03 -11.09
N LEU C 23 -6.97 -4.78 -10.68
CA LEU C 23 -6.51 -4.84 -9.34
C LEU C 23 -6.05 -3.44 -8.93
N SER C 24 -5.36 -2.78 -9.83
CA SER C 24 -4.78 -1.49 -9.55
C SER C 24 -5.76 -0.41 -9.12
N THR C 25 -7.02 -0.48 -9.53
CA THR C 25 -8.00 0.52 -9.12
C THR C 25 -8.33 0.40 -7.64
N PHE C 26 -8.14 -0.81 -7.06
CA PHE C 26 -8.43 -1.07 -5.64
C PHE C 26 -7.16 -0.85 -4.80
N LEU C 27 -5.96 -0.93 -5.42
CA LEU C 27 -4.72 -0.62 -4.65
C LEU C 27 -4.70 0.88 -4.38
N GLY C 28 -5.10 1.67 -5.38
CA GLY C 28 -5.11 3.14 -5.31
C GLY C 28 -3.82 3.70 -5.88
N SER C 29 -3.89 4.19 -7.11
CA SER C 29 -2.75 4.78 -7.84
C SER C 29 -1.92 3.72 -8.57
N SER C 30 -0.67 4.08 -8.81
CA SER C 30 0.26 3.22 -9.54
C SER C 30 0.68 2.10 -8.64
N GLY C 31 -0.30 1.36 -8.15
CA GLY C 31 -0.04 0.28 -7.20
C GLY C 31 0.34 0.88 -5.87
N ASN C 32 0.26 2.23 -5.84
CA ASN C 32 0.75 3.04 -4.71
C ASN C 32 2.25 2.70 -4.57
N GLU C 33 2.76 2.21 -5.74
CA GLU C 33 4.11 1.77 -5.91
C GLU C 33 4.97 2.96 -5.75
N GLN C 34 4.39 4.14 -6.00
CA GLN C 34 5.23 5.38 -5.92
C GLN C 34 5.66 5.64 -4.49
N GLU C 35 4.77 5.57 -3.49
CA GLU C 35 5.18 5.91 -2.11
C GLU C 35 6.22 4.91 -1.57
N LEU C 36 5.87 3.63 -1.67
CA LEU C 36 6.70 2.58 -1.04
C LEU C 36 8.09 2.55 -1.68
N LEU C 37 8.31 3.38 -2.74
CA LEU C 37 9.64 3.52 -3.42
C LEU C 37 10.28 4.88 -2.99
N GLU C 38 9.44 5.90 -2.70
CA GLU C 38 9.93 7.23 -2.28
C GLU C 38 10.48 7.13 -0.86
N LEU C 39 9.77 6.41 0.04
CA LEU C 39 10.11 6.30 1.48
C LEU C 39 11.60 5.99 1.63
N ASP C 40 12.06 5.15 0.75
CA ASP C 40 13.45 4.75 0.70
C ASP C 40 14.39 5.96 0.49
N LYS C 41 13.99 6.87 -0.41
CA LYS C 41 14.77 8.10 -0.73
C LYS C 41 14.94 9.13 0.42
N TRP C 42 13.88 9.43 1.16
CA TRP C 42 13.97 10.46 2.24
C TRP C 42 14.95 10.01 3.33
N ALA C 43 14.98 8.72 3.62
CA ALA C 43 15.85 8.18 4.64
C ALA C 43 17.29 8.49 4.32
N SER C 44 17.66 8.39 3.06
CA SER C 44 19.06 8.59 2.70
C SER C 44 19.56 9.98 3.11
N LEU C 45 18.82 11.05 2.75
CA LEU C 45 19.26 12.40 3.17
C LEU C 45 19.25 12.53 4.69
N TRP C 46 18.19 12.01 5.29
CA TRP C 46 18.01 12.07 6.74
C TRP C 46 19.06 11.26 7.50
N ASN C 47 19.33 10.03 7.06
CA ASN C 47 20.24 9.13 7.78
C ASN C 47 21.66 9.67 7.84
N TRP C 48 22.22 10.29 6.76
CA TRP C 48 23.59 10.87 6.87
C TRP C 48 23.51 12.15 7.67
N PHE C 49 22.47 12.97 7.44
CA PHE C 49 22.35 14.26 8.17
C PHE C 49 22.37 14.04 9.71
N ASN C 50 22.55 12.80 10.19
CA ASN C 50 22.65 12.52 11.58
C ASN C 50 23.94 13.17 12.06
N ILE C 51 24.98 13.31 11.19
CA ILE C 51 26.27 13.89 11.69
C ILE C 51 26.01 15.26 12.33
N THR C 52 25.06 16.03 11.77
CA THR C 52 24.67 17.36 12.30
C THR C 52 23.61 17.32 13.39
N ASN C 53 22.71 16.28 13.46
CA ASN C 53 21.68 16.28 14.59
C ASN C 53 22.29 16.03 15.98
N TRP C 54 23.13 14.97 16.12
CA TRP C 54 23.74 14.61 17.47
C TRP C 54 24.85 15.58 17.88
N LEU C 55 25.37 16.31 16.91
CA LEU C 55 26.49 17.24 17.15
C LEU C 55 26.06 18.25 18.24
N TRP C 56 24.84 18.74 18.08
CA TRP C 56 24.27 19.67 19.06
C TRP C 56 24.16 19.03 20.45
N TYR C 57 23.90 17.72 20.46
CA TYR C 57 23.71 17.00 21.73
C TYR C 57 25.03 17.02 22.52
N ILE C 58 26.16 16.65 21.85
CA ILE C 58 27.52 16.61 22.50
C ILE C 58 28.31 17.89 22.23
N LYS C 59 27.73 18.84 21.49
CA LYS C 59 28.40 20.12 21.23
C LYS C 59 29.70 19.89 20.40
N GLY A 1 -7.62 -28.07 -23.57
CA GLY A 1 -8.93 -28.28 -22.88
C GLY A 1 -9.46 -26.96 -22.35
N TYR A 2 -9.50 -26.83 -21.01
CA TYR A 2 -9.98 -25.63 -20.31
C TYR A 2 -8.80 -24.65 -20.08
N ILE A 3 -8.73 -24.07 -18.85
CA ILE A 3 -7.65 -23.10 -18.44
C ILE A 3 -7.13 -23.44 -17.02
N PRO A 4 -7.98 -23.77 -16.06
CA PRO A 4 -7.48 -24.08 -14.67
C PRO A 4 -6.51 -25.27 -14.67
N GLU A 5 -5.48 -25.18 -13.81
CA GLU A 5 -4.44 -26.23 -13.64
C GLU A 5 -4.54 -26.81 -12.24
N ALA A 6 -5.22 -26.05 -11.36
CA ALA A 6 -5.43 -26.40 -9.94
C ALA A 6 -4.10 -26.34 -9.15
N PRO A 7 -3.40 -25.22 -9.13
CA PRO A 7 -2.13 -25.09 -8.35
C PRO A 7 -2.41 -24.74 -6.87
N ARG A 8 -2.02 -25.63 -5.93
CA ARG A 8 -2.21 -25.43 -4.46
C ARG A 8 -0.83 -25.40 -3.80
N ASP A 9 -0.34 -24.21 -3.39
CA ASP A 9 1.00 -24.08 -2.72
C ASP A 9 0.86 -23.20 -1.49
N GLY A 10 -0.38 -22.81 -1.21
CA GLY A 10 -0.69 -21.96 -0.05
C GLY A 10 -0.37 -20.50 -0.32
N GLN A 11 0.14 -20.20 -1.53
CA GLN A 11 0.49 -18.80 -1.93
C GLN A 11 -0.71 -18.20 -2.65
N ALA A 12 -0.68 -16.87 -2.80
CA ALA A 12 -1.73 -16.10 -3.49
C ALA A 12 -1.16 -15.59 -4.80
N TYR A 13 -1.99 -15.59 -5.87
CA TYR A 13 -1.61 -15.13 -7.20
C TYR A 13 -2.88 -14.62 -7.85
N VAL A 14 -2.74 -13.87 -8.95
CA VAL A 14 -3.88 -13.16 -9.65
C VAL A 14 -3.91 -13.52 -11.12
N ARG A 15 -4.93 -13.02 -11.90
CA ARG A 15 -5.05 -13.42 -13.34
C ARG A 15 -4.38 -12.34 -14.24
N LYS A 16 -3.26 -12.71 -14.90
CA LYS A 16 -2.57 -11.82 -15.89
C LYS A 16 -2.23 -12.66 -17.12
N ASP A 17 -2.65 -12.21 -18.32
CA ASP A 17 -2.33 -12.95 -19.56
C ASP A 17 -2.55 -14.47 -19.40
N GLY A 18 -3.59 -14.88 -18.66
CA GLY A 18 -3.84 -16.30 -18.46
C GLY A 18 -2.72 -16.97 -17.67
N GLU A 19 -2.08 -16.27 -16.67
CA GLU A 19 -0.97 -16.87 -15.87
C GLU A 19 -1.21 -16.56 -14.39
N TRP A 20 -0.77 -17.48 -13.54
CA TRP A 20 -0.85 -17.35 -12.10
C TRP A 20 0.39 -16.56 -11.70
N VAL A 21 0.24 -15.30 -11.22
CA VAL A 21 1.41 -14.45 -10.80
C VAL A 21 1.11 -13.95 -9.39
N LEU A 22 2.11 -14.08 -8.52
CA LEU A 22 2.08 -13.72 -7.16
C LEU A 22 1.72 -12.23 -7.06
N LEU A 23 0.65 -12.01 -6.36
CA LEU A 23 0.10 -10.71 -6.13
C LEU A 23 1.13 -9.85 -5.41
N SER A 24 1.81 -10.46 -4.47
CA SER A 24 2.78 -9.76 -3.66
C SER A 24 3.84 -9.04 -4.49
N THR A 25 4.13 -9.51 -5.69
CA THR A 25 5.09 -8.82 -6.54
C THR A 25 4.52 -7.49 -6.98
N PHE A 26 3.17 -7.43 -7.09
CA PHE A 26 2.44 -6.20 -7.48
C PHE A 26 2.34 -5.27 -6.26
N LEU A 27 2.32 -5.81 -5.00
CA LEU A 27 2.35 -4.92 -3.79
C LEU A 27 3.77 -4.33 -3.68
N GLY A 28 4.82 -5.12 -4.00
CA GLY A 28 6.23 -4.61 -4.01
C GLY A 28 7.04 -4.78 -2.72
N SER A 29 6.51 -5.42 -1.67
CA SER A 29 7.29 -5.60 -0.41
C SER A 29 6.70 -6.70 0.41
N SER A 30 6.63 -6.56 1.75
CA SER A 30 6.00 -7.57 2.60
C SER A 30 4.52 -7.40 2.45
N GLY A 31 4.07 -7.21 1.22
CA GLY A 31 2.68 -7.01 0.92
C GLY A 31 2.33 -5.61 1.21
N ASN A 32 3.34 -4.72 1.50
CA ASN A 32 3.09 -3.35 1.93
C ASN A 32 2.60 -3.41 3.35
N GLU A 33 2.68 -4.63 3.94
CA GLU A 33 2.27 -4.91 5.32
C GLU A 33 3.26 -4.23 6.22
N GLN A 34 4.41 -3.93 5.65
CA GLN A 34 5.49 -3.33 6.44
C GLN A 34 5.09 -1.91 6.92
N GLU A 35 4.76 -1.01 6.00
CA GLU A 35 4.48 0.40 6.38
C GLU A 35 3.21 0.54 7.23
N LEU A 36 2.16 -0.07 6.72
CA LEU A 36 0.83 0.13 7.33
C LEU A 36 0.84 -0.35 8.77
N LEU A 37 1.94 -1.03 9.20
CA LEU A 37 2.13 -1.50 10.61
C LEU A 37 3.07 -0.49 11.30
N GLU A 38 4.06 0.08 10.57
CA GLU A 38 4.99 1.04 11.15
C GLU A 38 4.29 2.36 11.40
N LEU A 39 3.52 2.87 10.39
CA LEU A 39 2.88 4.21 10.46
C LEU A 39 2.18 4.38 11.79
N ASP A 40 1.55 3.32 12.23
CA ASP A 40 0.85 3.31 13.49
C ASP A 40 1.78 3.63 14.69
N LYS A 41 2.94 2.96 14.76
CA LYS A 41 3.86 3.14 15.92
C LYS A 41 4.46 4.56 16.06
N TRP A 42 4.83 5.23 14.95
CA TRP A 42 5.49 6.57 15.09
C TRP A 42 4.57 7.53 15.84
N ALA A 43 3.28 7.40 15.61
CA ALA A 43 2.29 8.24 16.24
C ALA A 43 2.37 8.13 17.74
N SER A 44 2.56 6.92 18.27
CA SER A 44 2.56 6.76 19.72
C SER A 44 3.63 7.61 20.38
N LEU A 45 4.86 7.58 19.89
CA LEU A 45 5.92 8.44 20.48
C LEU A 45 5.60 9.91 20.30
N TRP A 46 5.18 10.23 19.09
CA TRP A 46 4.88 11.60 18.70
C TRP A 46 3.68 12.17 19.45
N ASN A 47 2.64 11.35 19.61
CA ASN A 47 1.39 11.83 20.20
C ASN A 47 1.59 12.25 21.63
N TRP A 48 2.61 11.69 22.37
CA TRP A 48 2.90 12.17 23.77
C TRP A 48 3.88 13.33 23.65
N PHE A 49 4.83 13.33 22.68
CA PHE A 49 5.79 14.49 22.61
C PHE A 49 5.04 15.84 22.43
N ASN A 50 3.72 15.80 22.41
CA ASN A 50 2.87 16.90 22.37
C ASN A 50 3.06 17.66 23.70
N ILE A 51 3.44 16.95 24.84
CA ILE A 51 3.67 17.65 26.14
C ILE A 51 4.80 18.70 25.96
N THR A 52 5.90 18.37 25.24
CA THR A 52 6.97 19.38 24.98
C THR A 52 6.43 20.46 24.03
N ASN A 53 5.54 20.09 23.09
CA ASN A 53 5.04 21.11 22.12
C ASN A 53 4.18 22.20 22.82
N TRP A 54 3.24 21.77 23.69
CA TRP A 54 2.28 22.71 24.33
C TRP A 54 3.03 23.53 25.37
N LEU A 55 4.20 23.01 25.77
CA LEU A 55 5.02 23.64 26.83
C LEU A 55 5.33 25.08 26.38
N TRP A 56 5.72 25.20 25.12
CA TRP A 56 5.96 26.50 24.50
C TRP A 56 4.67 27.36 24.46
N TYR A 57 3.52 26.73 24.18
CA TYR A 57 2.25 27.46 24.08
C TYR A 57 1.84 28.01 25.46
N ILE A 58 1.78 27.13 26.47
CA ILE A 58 1.36 27.51 27.84
C ILE A 58 2.53 28.09 28.61
N LYS A 59 3.73 28.08 28.01
CA LYS A 59 4.94 28.62 28.65
C LYS A 59 5.31 27.79 29.89
N GLY B 1 -16.40 -32.27 -9.54
CA GLY B 1 -16.54 -31.79 -10.93
C GLY B 1 -15.37 -30.86 -11.27
N TYR B 2 -15.69 -29.57 -11.46
CA TYR B 2 -14.70 -28.52 -11.80
C TYR B 2 -14.15 -27.89 -10.51
N ILE B 3 -14.02 -26.53 -10.50
CA ILE B 3 -13.51 -25.75 -9.31
C ILE B 3 -14.39 -24.50 -9.06
N PRO B 4 -14.82 -23.77 -10.07
CA PRO B 4 -15.67 -22.56 -9.82
C PRO B 4 -16.98 -22.91 -9.10
N GLU B 5 -17.40 -22.02 -8.19
CA GLU B 5 -18.65 -22.16 -7.38
C GLU B 5 -19.63 -21.05 -7.79
N ALA B 6 -19.06 -20.01 -8.42
CA ALA B 6 -19.80 -18.81 -8.88
C ALA B 6 -20.30 -17.97 -7.67
N PRO B 7 -19.42 -17.52 -6.79
CA PRO B 7 -19.84 -16.66 -5.62
C PRO B 7 -19.94 -15.18 -6.03
N ARG B 8 -21.15 -14.58 -5.93
CA ARG B 8 -21.40 -13.15 -6.28
C ARG B 8 -21.90 -12.44 -5.01
N ASP B 9 -21.05 -11.61 -4.37
CA ASP B 9 -21.43 -10.87 -3.12
C ASP B 9 -21.01 -9.42 -3.27
N GLY B 10 -20.46 -9.10 -4.44
CA GLY B 10 -19.99 -7.72 -4.73
C GLY B 10 -18.64 -7.45 -4.12
N GLN B 11 -18.07 -8.45 -3.40
CA GLN B 11 -16.73 -8.33 -2.75
C GLN B 11 -15.68 -8.85 -3.71
N ALA B 12 -14.42 -8.53 -3.43
CA ALA B 12 -13.25 -8.98 -4.22
C ALA B 12 -12.49 -10.00 -3.39
N TYR B 13 -11.95 -11.05 -4.05
CA TYR B 13 -11.17 -12.11 -3.43
C TYR B 13 -10.21 -12.61 -4.49
N VAL B 14 -9.19 -13.37 -4.07
CA VAL B 14 -8.07 -13.84 -4.95
C VAL B 14 -7.91 -15.36 -4.86
N ARG B 15 -6.97 -15.97 -5.65
CA ARG B 15 -6.83 -17.47 -5.66
C ARG B 15 -5.70 -17.89 -4.69
N LYS B 16 -6.07 -18.58 -3.58
CA LYS B 16 -5.08 -19.15 -2.61
C LYS B 16 -5.52 -20.57 -2.28
N ASP B 17 -4.62 -21.56 -2.44
CA ASP B 17 -4.96 -22.96 -2.11
C ASP B 17 -6.37 -23.36 -2.62
N GLY B 18 -6.77 -22.87 -3.80
CA GLY B 18 -8.08 -23.19 -4.34
C GLY B 18 -9.20 -22.61 -3.48
N GLU B 19 -9.02 -21.39 -2.86
CA GLU B 19 -10.08 -20.79 -2.00
C GLU B 19 -10.23 -19.31 -2.36
N TRP B 20 -11.45 -18.80 -2.22
CA TRP B 20 -11.78 -17.41 -2.45
C TRP B 20 -11.45 -16.70 -1.15
N VAL B 21 -10.43 -15.81 -1.14
CA VAL B 21 -10.04 -15.05 0.11
C VAL B 21 -9.98 -13.58 -0.28
N LEU B 22 -10.59 -12.75 0.55
CA LEU B 22 -10.70 -11.35 0.42
C LEU B 22 -9.29 -10.77 0.33
N LEU B 23 -9.07 -10.10 -0.76
CA LEU B 23 -7.83 -9.47 -1.08
C LEU B 23 -7.50 -8.44 -0.02
N SER B 24 -8.52 -7.72 0.42
CA SER B 24 -8.35 -6.66 1.39
C SER B 24 -7.65 -7.12 2.64
N THR B 25 -7.75 -8.39 3.01
CA THR B 25 -7.05 -8.90 4.18
C THR B 25 -5.56 -8.88 3.93
N PHE B 26 -5.17 -9.04 2.64
CA PHE B 26 -3.75 -9.02 2.21
C PHE B 26 -3.28 -7.57 2.13
N LEU B 27 -4.18 -6.57 1.83
CA LEU B 27 -3.77 -5.13 1.87
C LEU B 27 -3.57 -4.73 3.34
N GLY B 28 -4.42 -5.25 4.26
CA GLY B 28 -4.27 -5.00 5.73
C GLY B 28 -5.02 -3.80 6.33
N SER B 29 -5.84 -3.07 5.55
CA SER B 29 -6.57 -1.90 6.11
C SER B 29 -7.74 -1.55 5.21
N SER B 30 -8.02 -0.25 5.00
CA SER B 30 -9.10 0.15 4.09
C SER B 30 -8.57 -0.02 2.69
N GLY B 31 -7.89 -1.13 2.46
CA GLY B 31 -7.30 -1.43 1.19
C GLY B 31 -6.02 -0.69 1.06
N ASN B 32 -5.54 -0.05 2.17
CA ASN B 32 -4.36 0.82 2.14
C ASN B 32 -4.78 2.10 1.45
N GLU B 33 -6.11 2.22 1.23
CA GLU B 33 -6.72 3.39 0.61
C GLU B 33 -6.61 4.53 1.56
N GLN B 34 -6.39 4.18 2.81
CA GLN B 34 -6.34 5.19 3.88
C GLN B 34 -5.10 6.10 3.69
N GLU B 35 -3.90 5.54 3.66
CA GLU B 35 -2.67 6.37 3.59
C GLU B 35 -2.55 7.12 2.26
N LEU B 36 -2.71 6.39 1.20
CA LEU B 36 -2.42 6.94 -0.13
C LEU B 36 -3.34 8.12 -0.41
N LEU B 37 -4.34 8.35 0.49
CA LEU B 37 -5.28 9.53 0.40
C LEU B 37 -4.79 10.58 1.41
N GLU B 38 -4.24 10.14 2.58
CA GLU B 38 -3.75 11.08 3.59
C GLU B 38 -2.47 11.73 3.11
N LEU B 39 -1.50 10.91 2.59
CA LEU B 39 -0.15 11.40 2.20
C LEU B 39 -0.27 12.67 1.38
N ASP B 40 -1.25 12.68 0.52
CA ASP B 40 -1.53 13.81 -0.33
C ASP B 40 -1.83 15.10 0.47
N LYS B 41 -2.72 15.01 1.47
CA LYS B 41 -3.14 16.20 2.24
C LYS B 41 -2.00 16.87 3.08
N TRP B 42 -1.11 16.08 3.70
CA TRP B 42 -0.07 16.72 4.57
C TRP B 42 0.76 17.70 3.76
N ALA B 43 1.00 17.36 2.51
CA ALA B 43 1.78 18.18 1.62
C ALA B 43 1.17 19.56 1.48
N SER B 44 -0.14 19.64 1.38
CA SER B 44 -0.76 20.94 1.15
C SER B 44 -0.42 21.93 2.26
N LEU B 45 -0.57 21.52 3.53
CA LEU B 45 -0.21 22.45 4.63
C LEU B 45 1.27 22.76 4.63
N TRP B 46 2.06 21.71 4.42
CA TRP B 46 3.50 21.81 4.44
C TRP B 46 4.05 22.63 3.28
N ASN B 47 3.48 22.44 2.09
CA ASN B 47 4.00 23.08 0.88
C ASN B 47 3.87 24.58 0.98
N TRP B 48 2.89 25.14 1.76
CA TRP B 48 2.81 26.62 1.94
C TRP B 48 3.70 26.97 3.13
N PHE B 49 3.81 26.14 4.19
CA PHE B 49 4.70 26.51 5.34
C PHE B 49 6.15 26.78 4.89
N ASN B 50 6.41 26.66 3.60
CA ASN B 50 7.61 26.96 2.99
C ASN B 50 7.84 28.49 3.12
N ILE B 51 6.73 29.31 3.23
CA ILE B 51 6.90 30.80 3.41
C ILE B 51 7.68 31.06 4.73
N THR B 52 7.36 30.34 5.82
CA THR B 52 8.14 30.51 7.10
C THR B 52 9.57 29.96 6.89
N ASN B 53 9.73 28.90 6.08
CA ASN B 53 11.09 28.32 5.91
C ASN B 53 12.06 29.30 5.18
N TRP B 54 11.59 29.91 4.07
CA TRP B 54 12.45 30.77 3.23
C TRP B 54 12.70 32.09 3.98
N LEU B 55 11.83 32.34 4.96
CA LEU B 55 11.89 33.60 5.74
C LEU B 55 13.29 33.70 6.36
N TRP B 56 13.73 32.59 6.93
CA TRP B 56 15.08 32.47 7.49
C TRP B 56 16.17 32.66 6.40
N TYR B 57 15.92 32.10 5.20
CA TYR B 57 16.91 32.20 4.11
C TYR B 57 17.05 33.65 3.64
N ILE B 58 15.92 34.28 3.29
CA ILE B 58 15.91 35.67 2.76
C ILE B 58 15.94 36.67 3.91
N LYS B 59 15.87 36.17 5.16
CA LYS B 59 15.89 37.04 6.35
C LYS B 59 14.65 37.93 6.39
N GLY C 1 -22.91 -21.18 -20.69
CA GLY C 1 -21.96 -22.33 -20.55
C GLY C 1 -21.26 -22.25 -19.20
N TYR C 2 -19.93 -22.00 -19.25
CA TYR C 2 -19.08 -21.89 -18.04
C TYR C 2 -19.05 -20.42 -17.55
N ILE C 3 -17.85 -19.92 -17.19
CA ILE C 3 -17.63 -18.51 -16.69
C ILE C 3 -16.37 -17.89 -17.36
N PRO C 4 -15.27 -18.59 -17.52
CA PRO C 4 -14.06 -17.99 -18.14
C PRO C 4 -14.33 -17.52 -19.59
N GLU C 5 -13.72 -16.38 -19.95
CA GLU C 5 -13.84 -15.75 -21.30
C GLU C 5 -12.48 -15.80 -22.00
N ALA C 6 -11.43 -15.99 -21.17
CA ALA C 6 -10.02 -16.05 -21.61
C ALA C 6 -9.54 -14.65 -22.10
N PRO C 7 -9.61 -13.61 -21.27
CA PRO C 7 -9.12 -12.25 -21.67
C PRO C 7 -7.60 -12.11 -21.44
N ARG C 8 -6.83 -11.88 -22.53
CA ARG C 8 -5.34 -11.72 -22.47
C ARG C 8 -5.00 -10.32 -22.98
N ASP C 9 -4.64 -9.37 -22.09
CA ASP C 9 -4.28 -7.97 -22.49
C ASP C 9 -2.99 -7.57 -21.78
N GLY C 10 -2.43 -8.52 -21.05
CA GLY C 10 -1.18 -8.29 -20.30
C GLY C 10 -1.43 -7.55 -19.00
N GLN C 11 -2.70 -7.19 -18.73
CA GLN C 11 -3.09 -6.46 -17.48
C GLN C 11 -3.49 -7.49 -16.43
N ALA C 12 -3.57 -7.02 -15.17
CA ALA C 12 -3.97 -7.85 -14.02
C ALA C 12 -5.35 -7.39 -13.57
N TYR C 13 -6.21 -8.34 -13.16
CA TYR C 13 -7.56 -8.09 -12.68
C TYR C 13 -7.88 -9.21 -11.70
N VAL C 14 -8.93 -9.01 -10.90
CA VAL C 14 -9.33 -9.94 -9.77
C VAL C 14 -10.78 -10.38 -9.91
N ARG C 15 -11.29 -11.28 -9.01
CA ARG C 15 -12.68 -11.80 -9.15
C ARG C 15 -13.64 -10.97 -8.25
N LYS C 16 -14.54 -10.21 -8.88
CA LYS C 16 -15.63 -9.43 -8.14
C LYS C 16 -16.94 -9.65 -8.88
N ASP C 17 -17.99 -10.10 -8.17
CA ASP C 17 -19.31 -10.29 -8.80
C ASP C 17 -19.20 -11.00 -10.18
N GLY C 18 -18.26 -11.95 -10.32
CA GLY C 18 -18.10 -12.65 -11.58
C GLY C 18 -17.61 -11.71 -12.68
N GLU C 19 -16.73 -10.69 -12.37
CA GLU C 19 -16.23 -9.73 -13.39
C GLU C 19 -14.72 -9.57 -13.22
N TRP C 20 -14.05 -9.33 -14.34
CA TRP C 20 -12.61 -9.07 -14.37
C TRP C 20 -12.45 -7.59 -14.09
N VAL C 21 -11.87 -7.20 -12.93
CA VAL C 21 -11.68 -5.74 -12.57
C VAL C 21 -10.20 -5.59 -12.19
N LEU C 22 -9.59 -4.56 -12.75
CA LEU C 22 -8.23 -4.21 -12.58
C LEU C 22 -7.98 -4.00 -11.09
N LEU C 23 -7.05 -4.76 -10.61
CA LEU C 23 -6.63 -4.77 -9.24
C LEU C 23 -6.11 -3.39 -8.87
N SER C 24 -5.38 -2.80 -9.78
CA SER C 24 -4.76 -1.52 -9.55
C SER C 24 -5.75 -0.46 -9.12
N THR C 25 -7.02 -0.57 -9.50
CA THR C 25 -8.03 0.39 -9.06
C THR C 25 -8.25 0.25 -7.57
N PHE C 26 -8.05 -0.98 -7.06
CA PHE C 26 -8.20 -1.29 -5.62
C PHE C 26 -6.94 -0.84 -4.86
N LEU C 27 -5.74 -0.81 -5.53
CA LEU C 27 -4.51 -0.25 -4.87
C LEU C 27 -4.69 1.28 -4.80
N GLY C 28 -5.28 1.91 -5.85
CA GLY C 28 -5.57 3.38 -5.84
C GLY C 28 -4.51 4.31 -6.43
N SER C 29 -3.40 3.79 -6.98
CA SER C 29 -2.35 4.68 -7.57
C SER C 29 -1.48 3.90 -8.51
N SER C 30 -0.16 4.14 -8.52
CA SER C 30 0.76 3.36 -9.37
C SER C 30 0.95 2.04 -8.72
N GLY C 31 -0.15 1.46 -8.23
CA GLY C 31 -0.13 0.21 -7.55
C GLY C 31 0.32 0.42 -6.15
N ASN C 32 0.43 1.71 -5.69
CA ASN C 32 0.98 2.06 -4.38
C ASN C 32 2.48 1.84 -4.47
N GLU C 33 2.95 1.59 -5.71
CA GLU C 33 4.37 1.39 -6.01
C GLU C 33 5.07 2.68 -5.82
N GLN C 34 4.29 3.75 -5.84
CA GLN C 34 4.85 5.10 -5.74
C GLN C 34 5.48 5.31 -4.35
N GLU C 35 4.72 5.16 -3.27
CA GLU C 35 5.23 5.45 -1.90
C GLU C 35 6.33 4.50 -1.47
N LEU C 36 6.04 3.23 -1.63
CA LEU C 36 6.93 2.20 -1.07
C LEU C 36 8.31 2.30 -1.72
N LEU C 37 8.44 3.16 -2.77
CA LEU C 37 9.75 3.43 -3.45
C LEU C 37 10.28 4.77 -2.91
N GLU C 38 9.37 5.74 -2.62
CA GLU C 38 9.79 7.04 -2.10
C GLU C 38 10.26 6.91 -0.66
N LEU C 39 9.47 6.18 0.20
CA LEU C 39 9.76 6.07 1.66
C LEU C 39 11.23 5.75 1.87
N ASP C 40 11.73 4.89 1.04
CA ASP C 40 13.11 4.47 1.08
C ASP C 40 14.10 5.65 0.92
N LYS C 41 13.87 6.51 -0.09
CA LYS C 41 14.81 7.63 -0.38
C LYS C 41 14.89 8.71 0.74
N TRP C 42 13.77 9.07 1.39
CA TRP C 42 13.84 10.16 2.40
C TRP C 42 14.82 9.80 3.51
N ALA C 43 14.87 8.52 3.84
CA ALA C 43 15.76 8.03 4.86
C ALA C 43 17.20 8.35 4.55
N SER C 44 17.60 8.20 3.29
CA SER C 44 19.00 8.40 2.95
C SER C 44 19.46 9.81 3.32
N LEU C 45 18.70 10.84 2.94
CA LEU C 45 19.11 12.22 3.31
C LEU C 45 19.08 12.41 4.82
N TRP C 46 18.00 11.90 5.41
CA TRP C 46 17.78 12.04 6.84
C TRP C 46 18.80 11.28 7.67
N ASN C 47 19.14 10.05 7.23
CA ASN C 47 20.01 9.19 8.01
C ASN C 47 21.38 9.79 8.16
N TRP C 48 21.86 10.67 7.20
CA TRP C 48 23.17 11.36 7.37
C TRP C 48 22.91 12.63 8.15
N PHE C 49 21.76 13.34 7.97
CA PHE C 49 21.54 14.61 8.75
C PHE C 49 21.62 14.36 10.28
N ASN C 50 21.88 13.13 10.67
CA ASN C 50 22.09 12.72 11.99
C ASN C 50 23.40 13.40 12.47
N ILE C 51 24.36 13.73 11.52
CA ILE C 51 25.63 14.43 11.93
C ILE C 51 25.27 15.80 12.57
N THR C 52 24.30 16.56 11.99
CA THR C 52 23.87 17.85 12.61
C THR C 52 23.13 17.55 13.93
N ASN C 53 22.39 16.43 13.99
CA ASN C 53 21.61 16.14 15.24
C ASN C 53 22.54 15.87 16.45
N TRP C 54 23.57 15.01 16.25
CA TRP C 54 24.46 14.58 17.36
C TRP C 54 25.36 15.75 17.76
N LEU C 55 25.46 16.71 16.82
CA LEU C 55 26.34 17.89 17.01
C LEU C 55 25.92 18.58 18.32
N TRP C 56 24.62 18.75 18.47
CA TRP C 56 24.03 19.31 19.68
C TRP C 56 24.33 18.43 20.91
N TYR C 57 24.27 17.10 20.73
CA TYR C 57 24.50 16.16 21.85
C TYR C 57 25.96 16.24 22.32
N ILE C 58 26.91 16.07 21.38
CA ILE C 58 28.36 16.06 21.70
C ILE C 58 28.88 17.49 21.77
N LYS C 59 28.03 18.47 21.43
CA LYS C 59 28.42 19.89 21.46
C LYS C 59 29.50 20.17 20.41
#